data_7PVC
#
_entry.id   7PVC
#
loop_
_entity.id
_entity.type
_entity.pdbx_description
1 polymer 'Potassium binding protein Kbp'
2 non-polymer 'POTASSIUM ION'
#
_entity_poly.entity_id   1
_entity_poly.type   'polypeptide(L)'
_entity_poly.pdbx_seq_one_letter_code
;MGLFNFVKDAGEKLWDAVTGQHDKDDQAKKVQEHLNKTGIPDADKVNIQIADGKATVTGDGLSQEAKEKILVAVGNISGI
ASVDDQVKTATPATASQFYTVKSGDTLSAISKQVYGNANLYNKIFEANKPMLKSPDKIYPGQVLRIPEELEHHHHHH
;
_entity_poly.pdbx_strand_id   A
#
loop_
_chem_comp.id
_chem_comp.type
_chem_comp.name
_chem_comp.formula
K non-polymer 'POTASSIUM ION' 'K 1'
#
# COMPACT_ATOMS: atom_id res chain seq x y z
N MET A 1 -13.95 7.05 -3.01
CA MET A 1 -14.90 5.90 -2.95
C MET A 1 -14.67 4.94 -4.11
N GLY A 2 -13.56 5.11 -4.82
CA GLY A 2 -13.27 4.25 -5.95
C GLY A 2 -11.79 4.13 -6.23
N LEU A 3 -11.25 5.12 -6.92
CA LEU A 3 -9.85 5.08 -7.31
C LEU A 3 -8.96 5.72 -6.25
N PHE A 4 -7.80 5.14 -6.08
CA PHE A 4 -6.77 5.68 -5.20
C PHE A 4 -5.54 6.00 -6.04
N ASN A 5 -4.88 7.11 -5.75
CA ASN A 5 -3.74 7.55 -6.55
C ASN A 5 -2.46 7.25 -5.81
N PHE A 6 -1.47 6.78 -6.55
CA PHE A 6 -0.20 6.39 -5.96
C PHE A 6 0.93 7.02 -6.75
N VAL A 7 2.16 6.70 -6.40
CA VAL A 7 3.29 7.00 -7.25
C VAL A 7 3.29 5.97 -8.37
N LYS A 8 4.06 6.16 -9.41
CA LYS A 8 4.16 5.16 -10.47
C LYS A 8 5.53 4.50 -10.47
N ASP A 9 6.54 5.33 -10.65
CA ASP A 9 7.94 4.88 -10.70
C ASP A 9 8.36 4.19 -9.41
N ALA A 10 7.64 4.46 -8.35
CA ALA A 10 8.08 4.05 -7.02
C ALA A 10 7.38 2.78 -6.58
N GLY A 11 8.11 1.90 -5.94
CA GLY A 11 7.55 0.67 -5.48
C GLY A 11 8.38 -0.52 -5.88
N GLU A 12 7.82 -1.70 -5.77
CA GLU A 12 8.53 -2.92 -6.12
C GLU A 12 8.77 -2.99 -7.61
N LYS A 13 10.01 -3.21 -7.99
CA LYS A 13 10.35 -3.35 -9.39
C LYS A 13 10.08 -4.75 -9.86
N LEU A 14 8.82 -5.00 -10.14
CA LEU A 14 8.36 -6.30 -10.54
C LEU A 14 8.70 -6.56 -12.00
N TRP A 15 8.55 -5.53 -12.81
CA TRP A 15 8.74 -5.67 -14.24
C TRP A 15 9.45 -4.45 -14.80
N ASP A 16 9.64 -4.44 -16.11
CA ASP A 16 10.21 -3.29 -16.79
C ASP A 16 9.15 -2.21 -16.94
N ALA A 17 9.06 -1.35 -15.92
CA ALA A 17 8.06 -0.30 -15.84
C ALA A 17 8.26 0.75 -16.91
N VAL A 18 9.37 0.62 -17.58
CA VAL A 18 9.73 1.50 -18.68
C VAL A 18 8.71 1.40 -19.83
N THR A 19 8.06 0.25 -19.95
CA THR A 19 7.11 0.04 -21.05
C THR A 19 5.86 -0.71 -20.58
N GLY A 20 5.97 -1.52 -19.53
CA GLY A 20 4.84 -2.31 -19.09
C GLY A 20 5.12 -3.79 -19.26
N GLN A 21 6.37 -4.10 -19.58
CA GLN A 21 6.85 -5.47 -19.70
C GLN A 21 6.25 -6.20 -20.90
N HIS A 22 5.05 -6.75 -20.73
CA HIS A 22 4.48 -7.61 -21.76
C HIS A 22 3.02 -7.29 -22.02
N ASP A 23 2.16 -7.67 -21.08
CA ASP A 23 0.73 -7.52 -21.27
C ASP A 23 0.03 -7.21 -19.95
N LYS A 24 -1.27 -6.93 -20.02
CA LYS A 24 -2.05 -6.47 -18.88
C LYS A 24 -2.04 -7.45 -17.72
N ASP A 25 -2.54 -8.67 -17.95
CA ASP A 25 -2.70 -9.63 -16.86
C ASP A 25 -1.35 -10.20 -16.43
N ASP A 26 -0.33 -10.06 -17.27
CA ASP A 26 1.02 -10.45 -16.88
C ASP A 26 1.57 -9.45 -15.88
N GLN A 27 1.29 -8.17 -16.09
CA GLN A 27 1.65 -7.14 -15.13
C GLN A 27 0.97 -7.45 -13.81
N ALA A 28 -0.31 -7.77 -13.88
CA ALA A 28 -1.06 -8.15 -12.70
C ALA A 28 -0.46 -9.39 -12.05
N LYS A 29 -0.07 -10.35 -12.88
CA LYS A 29 0.52 -11.58 -12.39
C LYS A 29 1.67 -11.29 -11.42
N LYS A 30 2.57 -10.42 -11.82
CA LYS A 30 3.67 -10.00 -10.96
C LYS A 30 3.16 -9.42 -9.68
N VAL A 31 2.13 -8.61 -9.78
CA VAL A 31 1.55 -7.99 -8.61
C VAL A 31 0.97 -9.05 -7.68
N GLN A 32 0.14 -9.95 -8.21
CA GLN A 32 -0.40 -11.05 -7.39
C GLN A 32 0.74 -11.82 -6.73
N GLU A 33 1.77 -12.16 -7.51
CA GLU A 33 2.89 -12.91 -6.98
C GLU A 33 3.61 -12.10 -5.91
N HIS A 34 3.81 -10.83 -6.22
CA HIS A 34 4.42 -9.89 -5.29
C HIS A 34 3.73 -9.92 -3.92
N LEU A 35 2.42 -9.74 -3.89
CA LEU A 35 1.65 -9.82 -2.66
C LEU A 35 1.79 -11.19 -1.97
N ASN A 36 1.96 -12.24 -2.75
CA ASN A 36 2.11 -13.58 -2.17
C ASN A 36 3.53 -13.76 -1.62
N LYS A 37 4.50 -13.17 -2.30
CA LYS A 37 5.88 -13.19 -1.87
C LYS A 37 6.04 -12.42 -0.57
N THR A 38 5.55 -11.19 -0.57
CA THR A 38 5.61 -10.32 0.60
C THR A 38 4.86 -10.93 1.77
N GLY A 39 3.76 -11.60 1.46
CA GLY A 39 2.94 -12.22 2.48
C GLY A 39 1.79 -11.33 2.91
N ILE A 40 1.35 -10.47 1.99
CA ILE A 40 0.24 -9.58 2.25
C ILE A 40 -1.00 -10.38 2.58
N PRO A 41 -1.58 -10.19 3.77
CA PRO A 41 -2.77 -10.91 4.18
C PRO A 41 -3.96 -10.62 3.30
N ASP A 42 -4.73 -11.66 3.05
CA ASP A 42 -5.95 -11.58 2.26
C ASP A 42 -5.68 -11.18 0.81
N ALA A 43 -4.43 -11.34 0.37
CA ALA A 43 -4.05 -11.01 -1.00
C ALA A 43 -4.62 -12.02 -1.97
N ASP A 44 -4.97 -13.19 -1.45
CA ASP A 44 -5.61 -14.23 -2.25
C ASP A 44 -7.12 -14.04 -2.27
N LYS A 45 -7.63 -13.22 -1.35
CA LYS A 45 -9.05 -12.98 -1.23
C LYS A 45 -9.50 -12.02 -2.32
N VAL A 46 -8.55 -11.27 -2.82
CA VAL A 46 -8.81 -10.24 -3.79
C VAL A 46 -8.39 -10.66 -5.19
N ASN A 47 -8.40 -9.69 -6.08
CA ASN A 47 -8.00 -9.87 -7.45
C ASN A 47 -7.45 -8.57 -7.97
N ILE A 48 -6.43 -8.65 -8.78
CA ILE A 48 -5.76 -7.47 -9.27
C ILE A 48 -5.72 -7.40 -10.79
N GLN A 49 -6.06 -6.24 -11.30
CA GLN A 49 -5.98 -5.95 -12.72
C GLN A 49 -5.03 -4.81 -12.94
N ILE A 50 -4.42 -4.78 -14.11
CA ILE A 50 -3.46 -3.75 -14.43
C ILE A 50 -3.73 -3.15 -15.79
N ALA A 51 -3.82 -1.85 -15.81
CA ALA A 51 -3.99 -1.10 -17.04
C ALA A 51 -2.81 -0.19 -17.25
N ASP A 52 -1.72 -0.76 -17.77
CA ASP A 52 -0.46 -0.03 -17.95
C ASP A 52 0.16 0.31 -16.61
N GLY A 53 -0.45 1.26 -15.91
CA GLY A 53 -0.02 1.60 -14.57
C GLY A 53 -1.20 1.75 -13.63
N LYS A 54 -2.41 1.73 -14.16
CA LYS A 54 -3.58 1.84 -13.32
C LYS A 54 -4.06 0.45 -12.95
N ALA A 55 -3.73 0.04 -11.74
CA ALA A 55 -4.14 -1.24 -11.21
C ALA A 55 -5.57 -1.16 -10.72
N THR A 56 -6.24 -2.28 -10.66
CA THR A 56 -7.56 -2.35 -10.06
C THR A 56 -7.63 -3.56 -9.13
N VAL A 57 -8.03 -3.33 -7.90
CA VAL A 57 -8.22 -4.43 -6.99
C VAL A 57 -9.68 -4.73 -6.88
N THR A 58 -9.98 -5.98 -6.71
CA THR A 58 -11.33 -6.40 -6.47
C THR A 58 -11.32 -7.56 -5.51
N GLY A 59 -12.48 -7.90 -5.01
CA GLY A 59 -12.61 -9.05 -4.13
C GLY A 59 -13.81 -8.88 -3.25
N ASP A 60 -13.99 -9.76 -2.28
CA ASP A 60 -15.11 -9.62 -1.37
C ASP A 60 -14.99 -10.53 -0.18
N GLY A 61 -15.48 -10.03 0.93
CA GLY A 61 -15.68 -10.84 2.08
C GLY A 61 -14.63 -10.62 3.13
N LEU A 62 -13.71 -9.72 2.85
CA LEU A 62 -12.64 -9.46 3.78
C LEU A 62 -12.96 -8.24 4.63
N SER A 63 -12.01 -7.83 5.42
CA SER A 63 -12.15 -6.63 6.22
C SER A 63 -11.68 -5.45 5.42
N GLN A 64 -12.02 -4.24 5.83
CA GLN A 64 -11.56 -3.08 5.10
C GLN A 64 -10.05 -2.97 5.23
N GLU A 65 -9.54 -3.46 6.36
CA GLU A 65 -8.11 -3.47 6.61
C GLU A 65 -7.41 -4.34 5.59
N ALA A 66 -8.04 -5.46 5.25
CA ALA A 66 -7.49 -6.34 4.26
C ALA A 66 -7.55 -5.69 2.89
N LYS A 67 -8.66 -5.03 2.60
CA LYS A 67 -8.84 -4.41 1.30
C LYS A 67 -7.72 -3.40 1.03
N GLU A 68 -7.57 -2.42 1.93
CA GLU A 68 -6.55 -1.38 1.75
C GLU A 68 -5.16 -2.00 1.77
N LYS A 69 -5.01 -3.02 2.61
CA LYS A 69 -3.79 -3.79 2.70
C LYS A 69 -3.28 -4.18 1.31
N ILE A 70 -4.16 -4.77 0.51
CA ILE A 70 -3.84 -5.13 -0.86
C ILE A 70 -3.51 -3.89 -1.69
N LEU A 71 -4.41 -2.88 -1.66
CA LEU A 71 -4.17 -1.59 -2.30
C LEU A 71 -2.74 -1.10 -2.13
N VAL A 72 -2.23 -1.09 -0.91
CA VAL A 72 -0.87 -0.61 -0.64
C VAL A 72 0.15 -1.40 -1.45
N ALA A 73 0.06 -2.71 -1.36
CA ALA A 73 1.02 -3.59 -2.00
C ALA A 73 0.94 -3.48 -3.53
N VAL A 74 -0.27 -3.28 -4.04
CA VAL A 74 -0.53 -3.16 -5.46
C VAL A 74 -0.21 -1.75 -5.95
N GLY A 75 -0.46 -0.77 -5.11
CA GLY A 75 -0.22 0.60 -5.50
C GLY A 75 1.24 0.99 -5.31
N ASN A 76 2.00 0.10 -4.70
CA ASN A 76 3.43 0.34 -4.51
C ASN A 76 4.23 -0.56 -5.43
N ILE A 77 3.82 -0.61 -6.68
CA ILE A 77 4.57 -1.29 -7.73
C ILE A 77 5.29 -0.27 -8.58
N SER A 78 6.51 -0.57 -8.98
CA SER A 78 7.20 0.25 -9.94
C SER A 78 6.59 -0.01 -11.31
N GLY A 79 5.73 0.91 -11.73
CA GLY A 79 4.98 0.74 -12.96
C GLY A 79 3.52 1.06 -12.75
N ILE A 80 3.07 0.91 -11.52
CA ILE A 80 1.71 1.18 -11.15
C ILE A 80 1.60 2.56 -10.56
N ALA A 81 0.67 3.35 -11.06
CA ALA A 81 0.52 4.73 -10.61
C ALA A 81 -0.72 4.90 -9.75
N SER A 82 -1.66 3.99 -9.86
CA SER A 82 -2.89 4.10 -9.10
C SER A 82 -3.57 2.75 -8.95
N VAL A 83 -4.49 2.67 -8.00
CA VAL A 83 -5.24 1.44 -7.75
C VAL A 83 -6.72 1.73 -7.65
N ASP A 84 -7.50 1.05 -8.48
CA ASP A 84 -8.94 1.19 -8.47
C ASP A 84 -9.52 0.13 -7.55
N ASP A 85 -9.98 0.55 -6.38
CA ASP A 85 -10.52 -0.39 -5.41
C ASP A 85 -11.95 -0.80 -5.77
N GLN A 86 -12.11 -2.08 -6.03
CA GLN A 86 -13.41 -2.67 -6.35
C GLN A 86 -13.72 -3.85 -5.44
N VAL A 87 -12.98 -3.99 -4.35
CA VAL A 87 -13.17 -5.13 -3.48
C VAL A 87 -14.12 -4.78 -2.34
N LYS A 88 -14.89 -5.77 -1.92
CA LYS A 88 -15.93 -5.57 -0.95
C LYS A 88 -15.56 -6.16 0.40
N THR A 89 -16.16 -5.62 1.43
CA THR A 89 -15.86 -6.01 2.79
C THR A 89 -17.05 -6.65 3.47
N ALA A 90 -16.80 -7.68 4.27
CA ALA A 90 -17.87 -8.39 4.96
C ALA A 90 -17.93 -8.01 6.42
N THR A 91 -16.81 -7.52 6.96
CA THR A 91 -16.73 -7.19 8.38
C THR A 91 -16.22 -5.77 8.59
N PRO A 92 -16.63 -5.14 9.70
CA PRO A 92 -16.27 -3.76 10.01
C PRO A 92 -14.84 -3.64 10.51
N ALA A 93 -14.12 -2.66 9.99
CA ALA A 93 -12.73 -2.45 10.34
C ALA A 93 -12.39 -0.96 10.25
N THR A 94 -11.28 -0.57 10.87
CA THR A 94 -10.91 0.84 10.95
C THR A 94 -10.19 1.29 9.69
N ALA A 95 -10.65 2.40 9.13
CA ALA A 95 -10.13 2.93 7.89
C ALA A 95 -8.83 3.67 8.14
N SER A 96 -7.97 3.71 7.13
CA SER A 96 -6.67 4.33 7.27
C SER A 96 -6.42 5.38 6.19
N GLN A 97 -5.40 6.20 6.41
CA GLN A 97 -4.97 7.21 5.47
C GLN A 97 -3.81 6.68 4.65
N PHE A 98 -3.60 7.26 3.50
CA PHE A 98 -2.48 6.90 2.64
C PHE A 98 -1.54 8.09 2.48
N TYR A 99 -0.29 7.92 2.93
CA TYR A 99 0.70 8.98 2.84
C TYR A 99 1.86 8.55 1.93
N THR A 100 2.19 9.36 0.95
CA THR A 100 3.29 9.07 0.06
C THR A 100 4.59 9.70 0.56
N VAL A 101 5.56 8.83 0.85
CA VAL A 101 6.87 9.24 1.31
C VAL A 101 7.54 10.18 0.32
N LYS A 102 8.04 11.29 0.83
CA LYS A 102 8.74 12.27 0.02
C LYS A 102 10.24 12.16 0.24
N SER A 103 11.00 12.65 -0.72
CA SER A 103 12.46 12.55 -0.70
C SER A 103 13.05 13.34 0.47
N GLY A 104 13.42 12.62 1.52
CA GLY A 104 14.02 13.25 2.68
C GLY A 104 13.34 12.87 3.97
N ASP A 105 12.16 12.29 3.86
CA ASP A 105 11.38 11.90 5.03
C ASP A 105 11.76 10.51 5.51
N THR A 106 11.61 10.30 6.80
CA THR A 106 11.80 8.99 7.40
C THR A 106 10.49 8.56 8.06
N LEU A 107 10.35 7.29 8.40
CA LEU A 107 9.12 6.78 9.01
C LEU A 107 8.72 7.66 10.19
N SER A 108 9.70 8.00 11.02
CA SER A 108 9.49 8.88 12.15
C SER A 108 8.94 10.24 11.71
N ALA A 109 9.62 10.86 10.75
CA ALA A 109 9.24 12.17 10.26
C ALA A 109 7.82 12.17 9.71
N ILE A 110 7.44 11.11 9.02
CA ILE A 110 6.12 11.03 8.42
C ILE A 110 5.09 10.65 9.47
N SER A 111 5.47 9.82 10.44
CA SER A 111 4.61 9.53 11.57
C SER A 111 4.26 10.80 12.32
N LYS A 112 5.26 11.65 12.51
CA LYS A 112 5.06 12.91 13.17
C LYS A 112 4.13 13.82 12.38
N GLN A 113 4.05 13.53 11.10
CA GLN A 113 3.30 14.30 10.15
C GLN A 113 1.84 13.86 10.16
N VAL A 114 1.66 12.56 10.19
CA VAL A 114 0.35 11.94 10.04
C VAL A 114 -0.34 11.72 11.38
N TYR A 115 0.46 11.49 12.41
CA TYR A 115 -0.03 11.20 13.74
C TYR A 115 0.16 12.39 14.66
N GLY A 116 1.12 13.23 14.30
CA GLY A 116 1.50 14.34 15.15
C GLY A 116 2.61 13.95 16.11
N ASN A 117 3.00 12.68 16.03
CA ASN A 117 4.06 12.14 16.88
C ASN A 117 4.88 11.12 16.11
N ALA A 118 6.20 11.30 16.12
CA ALA A 118 7.10 10.46 15.33
C ALA A 118 7.25 9.08 15.94
N ASN A 119 6.91 8.97 17.21
CA ASN A 119 7.09 7.71 17.95
C ASN A 119 6.12 6.65 17.43
N LEU A 120 5.18 7.08 16.61
CA LEU A 120 4.14 6.21 16.09
C LEU A 120 4.56 5.66 14.74
N TYR A 121 5.84 5.82 14.46
CA TYR A 121 6.41 5.37 13.19
C TYR A 121 6.22 3.87 13.05
N ASN A 122 6.17 3.18 14.17
CA ASN A 122 6.00 1.75 14.16
C ASN A 122 4.58 1.39 13.72
N LYS A 123 3.59 2.12 14.23
CA LYS A 123 2.20 1.78 13.92
C LYS A 123 2.00 1.82 12.42
N ILE A 124 2.67 2.76 11.78
CA ILE A 124 2.63 2.85 10.34
C ILE A 124 3.42 1.72 9.71
N PHE A 125 4.73 1.69 9.98
CA PHE A 125 5.61 0.74 9.31
C PHE A 125 5.08 -0.69 9.39
N GLU A 126 4.66 -1.10 10.59
CA GLU A 126 4.16 -2.45 10.81
C GLU A 126 2.84 -2.67 10.09
N ALA A 127 2.17 -1.59 9.77
CA ALA A 127 0.89 -1.63 9.09
C ALA A 127 1.13 -1.68 7.59
N ASN A 128 2.24 -1.08 7.19
CA ASN A 128 2.67 -1.08 5.81
C ASN A 128 3.25 -2.44 5.47
N LYS A 129 3.60 -3.18 6.51
CA LYS A 129 4.06 -4.56 6.38
C LYS A 129 2.96 -5.44 5.81
N PRO A 130 3.34 -6.60 5.27
CA PRO A 130 4.74 -6.95 5.05
C PRO A 130 5.28 -6.37 3.74
N MET A 131 4.59 -5.35 3.25
CA MET A 131 5.00 -4.64 2.05
C MET A 131 6.25 -3.81 2.32
N LEU A 132 6.28 -3.12 3.46
CA LEU A 132 7.40 -2.25 3.77
C LEU A 132 8.58 -3.05 4.29
N LYS A 133 9.76 -2.69 3.80
CA LYS A 133 11.01 -3.34 4.20
C LYS A 133 11.35 -3.03 5.65
N SER A 134 11.69 -1.78 5.92
CA SER A 134 11.97 -1.32 7.28
C SER A 134 11.70 0.18 7.38
N PRO A 135 11.49 0.67 8.60
CA PRO A 135 11.05 2.06 8.86
C PRO A 135 11.90 3.10 8.14
N ASP A 136 13.22 3.01 8.33
CA ASP A 136 14.13 3.96 7.70
C ASP A 136 14.53 3.49 6.31
N LYS A 137 13.94 2.39 5.89
CA LYS A 137 14.20 1.82 4.58
C LYS A 137 13.07 2.14 3.62
N ILE A 138 12.31 3.19 3.91
CA ILE A 138 11.31 3.69 2.98
C ILE A 138 11.98 4.32 1.78
N TYR A 139 11.17 4.78 0.85
CA TYR A 139 11.67 5.38 -0.37
C TYR A 139 10.65 6.33 -0.95
N PRO A 140 11.12 7.38 -1.61
CA PRO A 140 10.27 8.40 -2.23
C PRO A 140 9.23 7.78 -3.16
N GLY A 141 7.99 7.80 -2.72
CA GLY A 141 6.91 7.18 -3.46
C GLY A 141 6.21 6.11 -2.64
N GLN A 142 6.78 5.79 -1.49
CA GLN A 142 6.21 4.79 -0.60
C GLN A 142 4.96 5.35 0.03
N VAL A 143 3.83 5.07 -0.57
CA VAL A 143 2.58 5.48 0.03
C VAL A 143 2.20 4.51 1.14
N LEU A 144 2.66 4.89 2.31
CA LEU A 144 2.50 4.15 3.53
C LEU A 144 1.05 4.19 4.00
N ARG A 145 0.59 3.09 4.57
CA ARG A 145 -0.76 3.05 5.09
C ARG A 145 -0.77 3.58 6.51
N ILE A 146 -1.52 4.64 6.72
CA ILE A 146 -1.59 5.31 8.00
C ILE A 146 -2.85 4.89 8.75
N PRO A 147 -2.75 3.91 9.66
CA PRO A 147 -3.90 3.47 10.46
C PRO A 147 -4.47 4.61 11.28
N GLU A 148 -5.74 4.50 11.59
CA GLU A 148 -6.43 5.55 12.28
C GLU A 148 -6.00 5.61 13.74
N GLU A 149 -5.50 6.77 14.11
CA GLU A 149 -5.02 7.03 15.47
C GLU A 149 -6.22 7.18 16.42
N LEU A 150 -6.76 6.05 16.89
CA LEU A 150 -7.91 6.05 17.76
C LEU A 150 -7.59 6.68 19.12
N GLU A 151 -8.44 7.62 19.54
CA GLU A 151 -8.26 8.34 20.79
C GLU A 151 -6.89 8.98 20.87
N HIS A 152 -6.81 10.20 20.37
CA HIS A 152 -5.57 10.96 20.38
C HIS A 152 -5.06 11.19 21.79
N HIS A 153 -6.00 11.29 22.74
CA HIS A 153 -5.62 11.44 24.14
C HIS A 153 -4.97 10.16 24.64
N HIS A 154 -3.75 10.29 25.15
CA HIS A 154 -2.92 9.16 25.56
C HIS A 154 -2.61 8.30 24.33
N HIS A 155 -2.32 7.01 24.54
CA HIS A 155 -1.91 6.10 23.45
C HIS A 155 -0.54 6.48 22.90
N HIS A 156 -0.49 7.60 22.19
CA HIS A 156 0.73 8.07 21.57
C HIS A 156 1.79 8.34 22.63
N HIS A 157 3.01 7.87 22.38
CA HIS A 157 4.10 8.01 23.33
C HIS A 157 4.84 9.31 23.07
K K B . 3.60 2.69 -7.33
N MET A 1 -15.28 1.61 -2.21
CA MET A 1 -14.79 1.61 -3.61
C MET A 1 -14.28 2.99 -4.00
N GLY A 2 -13.46 3.05 -5.04
CA GLY A 2 -12.93 4.32 -5.49
C GLY A 2 -11.64 4.16 -6.28
N LEU A 3 -10.82 5.20 -6.27
CA LEU A 3 -9.54 5.16 -6.96
C LEU A 3 -8.49 5.85 -6.11
N PHE A 4 -7.28 5.34 -6.15
CA PHE A 4 -6.21 5.86 -5.33
C PHE A 4 -5.00 6.19 -6.19
N ASN A 5 -4.44 7.37 -6.01
CA ASN A 5 -3.33 7.84 -6.83
C ASN A 5 -2.00 7.51 -6.20
N PHE A 6 -1.13 6.91 -7.01
CA PHE A 6 0.21 6.56 -6.58
C PHE A 6 1.25 7.16 -7.53
N VAL A 7 2.51 6.93 -7.23
CA VAL A 7 3.61 7.27 -8.11
C VAL A 7 4.06 6.01 -8.84
N LYS A 8 3.91 5.99 -10.16
CA LYS A 8 4.20 4.76 -10.90
C LYS A 8 5.69 4.44 -10.89
N ASP A 9 6.51 5.46 -10.99
CA ASP A 9 7.96 5.26 -11.00
C ASP A 9 8.47 4.79 -9.63
N ALA A 10 7.61 4.85 -8.61
CA ALA A 10 8.03 4.49 -7.27
C ALA A 10 7.22 3.34 -6.73
N GLY A 11 7.90 2.23 -6.53
CA GLY A 11 7.27 1.05 -5.99
C GLY A 11 8.08 -0.20 -6.27
N GLU A 12 7.53 -1.36 -5.93
CA GLU A 12 8.19 -2.62 -6.15
C GLU A 12 8.35 -2.91 -7.64
N LYS A 13 9.49 -3.45 -8.00
CA LYS A 13 9.74 -3.80 -9.39
C LYS A 13 9.51 -5.27 -9.60
N LEU A 14 8.30 -5.60 -9.99
CA LEU A 14 7.96 -6.96 -10.33
C LEU A 14 8.31 -7.23 -11.78
N TRP A 15 7.98 -6.27 -12.64
CA TRP A 15 8.17 -6.46 -14.08
C TRP A 15 9.12 -5.43 -14.66
N ASP A 16 9.40 -4.37 -13.90
CA ASP A 16 10.16 -3.22 -14.39
C ASP A 16 9.41 -2.52 -15.51
N ALA A 17 8.82 -1.37 -15.17
CA ALA A 17 7.95 -0.64 -16.10
C ALA A 17 8.73 -0.02 -17.25
N VAL A 18 10.03 -0.22 -17.22
CA VAL A 18 10.92 0.20 -18.28
C VAL A 18 10.47 -0.36 -19.63
N THR A 19 9.96 -1.58 -19.60
CA THR A 19 9.47 -2.24 -20.80
C THR A 19 8.00 -2.62 -20.65
N GLY A 20 7.64 -3.08 -19.46
CA GLY A 20 6.28 -3.51 -19.22
C GLY A 20 6.16 -5.01 -19.33
N GLN A 21 7.32 -5.67 -19.46
CA GLN A 21 7.40 -7.13 -19.56
C GLN A 21 6.92 -7.62 -20.92
N HIS A 22 5.60 -7.65 -21.11
CA HIS A 22 5.02 -8.18 -22.33
C HIS A 22 3.52 -7.98 -22.35
N ASP A 23 2.89 -8.20 -21.21
CA ASP A 23 1.43 -8.18 -21.13
C ASP A 23 0.97 -7.47 -19.86
N LYS A 24 0.02 -6.57 -20.02
CA LYS A 24 -0.49 -5.76 -18.92
C LYS A 24 -1.28 -6.61 -17.93
N ASP A 25 -1.85 -7.70 -18.42
CA ASP A 25 -2.65 -8.59 -17.58
C ASP A 25 -1.73 -9.56 -16.86
N ASP A 26 -0.52 -9.69 -17.37
CA ASP A 26 0.54 -10.46 -16.70
C ASP A 26 1.12 -9.63 -15.57
N GLN A 27 1.08 -8.31 -15.74
CA GLN A 27 1.49 -7.39 -14.68
C GLN A 27 0.58 -7.54 -13.47
N ALA A 28 -0.69 -7.82 -13.73
CA ALA A 28 -1.64 -8.11 -12.65
C ALA A 28 -1.19 -9.33 -11.88
N LYS A 29 -0.68 -10.31 -12.62
CA LYS A 29 -0.09 -11.50 -12.04
C LYS A 29 1.16 -11.15 -11.24
N LYS A 30 1.98 -10.27 -11.80
CA LYS A 30 3.22 -9.84 -11.19
C LYS A 30 2.97 -9.20 -9.84
N VAL A 31 1.94 -8.39 -9.77
CA VAL A 31 1.56 -7.75 -8.54
C VAL A 31 1.03 -8.78 -7.55
N GLN A 32 0.20 -9.71 -8.05
CA GLN A 32 -0.26 -10.82 -7.23
C GLN A 32 0.92 -11.55 -6.62
N GLU A 33 1.95 -11.78 -7.43
CA GLU A 33 3.19 -12.38 -6.94
C GLU A 33 3.74 -11.56 -5.79
N HIS A 34 3.87 -10.26 -6.00
CA HIS A 34 4.40 -9.36 -5.00
C HIS A 34 3.70 -9.52 -3.65
N LEU A 35 2.37 -9.41 -3.65
CA LEU A 35 1.59 -9.58 -2.45
C LEU A 35 1.76 -10.97 -1.84
N ASN A 36 1.85 -12.00 -2.67
CA ASN A 36 2.01 -13.36 -2.17
C ASN A 36 3.41 -13.57 -1.60
N LYS A 37 4.40 -12.94 -2.23
CA LYS A 37 5.77 -12.96 -1.76
C LYS A 37 5.88 -12.28 -0.41
N THR A 38 5.45 -11.03 -0.37
CA THR A 38 5.48 -10.24 0.85
C THR A 38 4.69 -10.93 1.97
N GLY A 39 3.53 -11.46 1.59
CA GLY A 39 2.68 -12.13 2.54
C GLY A 39 1.52 -11.27 2.98
N ILE A 40 1.13 -10.35 2.11
CA ILE A 40 0.05 -9.43 2.40
C ILE A 40 -1.22 -10.22 2.71
N PRO A 41 -1.82 -9.98 3.88
CA PRO A 41 -3.01 -10.71 4.31
C PRO A 41 -4.18 -10.54 3.35
N ASP A 42 -4.85 -11.64 3.12
CA ASP A 42 -6.01 -11.72 2.22
C ASP A 42 -5.68 -11.20 0.83
N ALA A 43 -4.42 -11.31 0.42
CA ALA A 43 -4.01 -10.89 -0.91
C ALA A 43 -4.53 -11.85 -1.96
N ASP A 44 -4.92 -13.04 -1.51
CA ASP A 44 -5.47 -14.05 -2.38
C ASP A 44 -6.97 -13.88 -2.49
N LYS A 45 -7.53 -13.03 -1.65
CA LYS A 45 -8.97 -12.81 -1.63
C LYS A 45 -9.34 -11.77 -2.67
N VAL A 46 -8.34 -11.07 -3.15
CA VAL A 46 -8.53 -10.03 -4.14
C VAL A 46 -8.00 -10.44 -5.50
N ASN A 47 -8.17 -9.56 -6.46
CA ASN A 47 -7.67 -9.74 -7.80
C ASN A 47 -7.21 -8.41 -8.35
N ILE A 48 -6.09 -8.43 -9.04
CA ILE A 48 -5.54 -7.22 -9.62
C ILE A 48 -5.75 -7.17 -11.12
N GLN A 49 -5.88 -5.98 -11.65
CA GLN A 49 -5.91 -5.75 -13.08
C GLN A 49 -5.11 -4.52 -13.40
N ILE A 50 -4.17 -4.65 -14.30
CA ILE A 50 -3.25 -3.59 -14.57
C ILE A 50 -3.54 -2.90 -15.89
N ALA A 51 -3.73 -1.62 -15.79
CA ALA A 51 -3.88 -0.77 -16.94
C ALA A 51 -2.67 0.14 -17.05
N ASP A 52 -1.53 -0.46 -17.38
CA ASP A 52 -0.25 0.25 -17.44
C ASP A 52 0.20 0.67 -16.05
N GLY A 53 -0.49 1.64 -15.48
CA GLY A 53 -0.17 2.09 -14.14
C GLY A 53 -1.38 2.12 -13.24
N LYS A 54 -2.55 1.86 -13.80
CA LYS A 54 -3.72 1.77 -12.96
C LYS A 54 -4.00 0.31 -12.62
N ALA A 55 -3.67 -0.04 -11.38
CA ALA A 55 -3.87 -1.38 -10.89
C ALA A 55 -5.18 -1.48 -10.16
N THR A 56 -6.11 -2.18 -10.75
CA THR A 56 -7.41 -2.34 -10.14
C THR A 56 -7.40 -3.49 -9.17
N VAL A 57 -7.95 -3.26 -8.00
CA VAL A 57 -8.13 -4.32 -7.04
C VAL A 57 -9.60 -4.69 -7.03
N THR A 58 -9.88 -5.94 -6.82
CA THR A 58 -11.23 -6.40 -6.70
C THR A 58 -11.25 -7.59 -5.77
N GLY A 59 -12.40 -7.91 -5.25
CA GLY A 59 -12.54 -9.07 -4.42
C GLY A 59 -13.66 -8.91 -3.42
N ASP A 60 -13.82 -9.90 -2.56
CA ASP A 60 -14.85 -9.84 -1.53
C ASP A 60 -14.52 -10.74 -0.37
N GLY A 61 -15.00 -10.35 0.78
CA GLY A 61 -14.96 -11.22 1.91
C GLY A 61 -13.77 -10.98 2.80
N LEU A 62 -13.08 -9.88 2.60
CA LEU A 62 -11.96 -9.54 3.45
C LEU A 62 -12.35 -8.42 4.40
N SER A 63 -11.39 -8.03 5.22
CA SER A 63 -11.61 -7.00 6.22
C SER A 63 -11.08 -5.67 5.72
N GLN A 64 -11.46 -4.59 6.39
CA GLN A 64 -11.12 -3.24 5.94
C GLN A 64 -9.60 -3.06 5.87
N GLU A 65 -8.89 -3.34 6.96
CA GLU A 65 -7.44 -3.17 6.99
C GLU A 65 -6.79 -3.96 5.87
N ALA A 66 -7.28 -5.18 5.66
CA ALA A 66 -6.77 -6.06 4.63
C ALA A 66 -6.92 -5.41 3.26
N LYS A 67 -8.07 -4.80 3.03
CA LYS A 67 -8.33 -4.14 1.76
C LYS A 67 -7.30 -3.05 1.49
N GLU A 68 -7.01 -2.26 2.53
CA GLU A 68 -6.01 -1.20 2.42
C GLU A 68 -4.63 -1.81 2.26
N LYS A 69 -4.44 -2.97 2.89
CA LYS A 69 -3.17 -3.70 2.80
C LYS A 69 -2.92 -4.17 1.37
N ILE A 70 -3.96 -4.68 0.72
CA ILE A 70 -3.89 -4.98 -0.69
C ILE A 70 -3.70 -3.70 -1.50
N LEU A 71 -4.56 -2.70 -1.25
CA LEU A 71 -4.48 -1.41 -1.95
C LEU A 71 -3.05 -0.85 -1.94
N VAL A 72 -2.41 -0.89 -0.78
CA VAL A 72 -1.09 -0.31 -0.63
C VAL A 72 0.00 -1.17 -1.29
N ALA A 73 -0.22 -2.48 -1.32
CA ALA A 73 0.77 -3.39 -1.89
C ALA A 73 0.65 -3.44 -3.40
N VAL A 74 -0.58 -3.38 -3.89
CA VAL A 74 -0.87 -3.33 -5.31
C VAL A 74 -0.53 -1.95 -5.87
N GLY A 75 -0.63 -0.96 -5.01
CA GLY A 75 -0.30 0.39 -5.40
C GLY A 75 1.19 0.64 -5.48
N ASN A 76 1.94 0.15 -4.49
CA ASN A 76 3.37 0.38 -4.42
C ASN A 76 4.14 -0.49 -5.40
N ILE A 77 3.89 -0.28 -6.68
CA ILE A 77 4.61 -0.95 -7.75
C ILE A 77 5.36 0.07 -8.59
N SER A 78 6.46 -0.35 -9.18
CA SER A 78 7.16 0.45 -10.16
C SER A 78 6.49 0.21 -11.50
N GLY A 79 5.48 1.01 -11.75
CA GLY A 79 4.63 0.85 -12.90
C GLY A 79 3.25 1.38 -12.58
N ILE A 80 2.84 1.19 -11.33
CA ILE A 80 1.52 1.54 -10.88
C ILE A 80 1.44 2.94 -10.26
N ALA A 81 0.57 3.76 -10.81
CA ALA A 81 0.36 5.11 -10.30
C ALA A 81 -1.06 5.29 -9.84
N SER A 82 -1.82 4.21 -9.82
CA SER A 82 -3.17 4.27 -9.31
C SER A 82 -3.68 2.89 -8.98
N VAL A 83 -4.54 2.81 -7.98
CA VAL A 83 -5.23 1.58 -7.64
C VAL A 83 -6.73 1.82 -7.64
N ASP A 84 -7.44 1.06 -8.46
CA ASP A 84 -8.87 1.22 -8.57
C ASP A 84 -9.55 0.22 -7.64
N ASP A 85 -10.07 0.73 -6.53
CA ASP A 85 -10.57 -0.13 -5.48
C ASP A 85 -11.95 -0.69 -5.81
N GLN A 86 -11.97 -1.99 -6.09
CA GLN A 86 -13.20 -2.69 -6.41
C GLN A 86 -13.36 -3.94 -5.55
N VAL A 87 -12.77 -3.93 -4.37
CA VAL A 87 -12.85 -5.06 -3.48
C VAL A 87 -13.72 -4.74 -2.27
N LYS A 88 -14.49 -5.71 -1.83
CA LYS A 88 -15.45 -5.52 -0.76
C LYS A 88 -14.90 -5.97 0.57
N THR A 89 -15.68 -5.75 1.61
CA THR A 89 -15.33 -6.15 2.95
C THR A 89 -16.51 -6.82 3.65
N ALA A 90 -16.33 -8.07 4.05
CA ALA A 90 -17.40 -8.83 4.68
C ALA A 90 -17.59 -8.40 6.12
N THR A 91 -16.50 -8.03 6.76
CA THR A 91 -16.55 -7.56 8.13
C THR A 91 -15.85 -6.22 8.30
N PRO A 92 -16.36 -5.41 9.23
CA PRO A 92 -15.82 -4.09 9.53
C PRO A 92 -14.49 -4.17 10.27
N ALA A 93 -13.61 -3.23 9.99
CA ALA A 93 -12.30 -3.21 10.61
C ALA A 93 -11.72 -1.80 10.59
N THR A 94 -10.50 -1.68 11.07
CA THR A 94 -9.81 -0.39 11.05
C THR A 94 -9.57 0.09 9.62
N ALA A 95 -9.63 1.38 9.43
CA ALA A 95 -9.37 1.98 8.14
C ALA A 95 -8.00 2.64 8.15
N SER A 96 -7.56 3.17 7.02
CA SER A 96 -6.24 3.76 6.95
C SER A 96 -6.16 4.94 5.99
N GLN A 97 -5.20 5.78 6.26
CA GLN A 97 -4.80 6.85 5.39
C GLN A 97 -3.62 6.38 4.57
N PHE A 98 -3.44 6.97 3.42
CA PHE A 98 -2.36 6.60 2.54
C PHE A 98 -1.42 7.78 2.33
N TYR A 99 -0.25 7.70 2.96
CA TYR A 99 0.73 8.76 2.88
C TYR A 99 1.87 8.33 1.96
N THR A 100 2.29 9.21 1.07
CA THR A 100 3.37 8.90 0.16
C THR A 100 4.68 9.50 0.64
N VAL A 101 5.64 8.62 0.89
CA VAL A 101 6.96 9.00 1.35
C VAL A 101 7.66 9.92 0.35
N LYS A 102 8.26 10.99 0.86
CA LYS A 102 9.03 11.90 0.02
C LYS A 102 10.51 11.67 0.27
N SER A 103 11.35 12.18 -0.62
CA SER A 103 12.79 12.00 -0.48
C SER A 103 13.31 12.83 0.68
N GLY A 104 13.88 12.15 1.67
CA GLY A 104 14.37 12.83 2.84
C GLY A 104 13.48 12.58 4.05
N ASP A 105 12.44 11.78 3.84
CA ASP A 105 11.52 11.44 4.91
C ASP A 105 11.96 10.19 5.64
N THR A 106 11.65 10.15 6.91
CA THR A 106 11.79 8.95 7.70
C THR A 106 10.43 8.52 8.19
N LEU A 107 10.30 7.28 8.62
CA LEU A 107 9.01 6.79 9.09
C LEU A 107 8.52 7.68 10.24
N SER A 108 9.45 8.09 11.09
CA SER A 108 9.14 9.00 12.18
C SER A 108 8.65 10.34 11.64
N ALA A 109 9.41 10.89 10.69
CA ALA A 109 9.09 12.17 10.09
C ALA A 109 7.68 12.17 9.49
N ILE A 110 7.28 11.04 8.91
CA ILE A 110 6.00 10.94 8.25
C ILE A 110 4.90 10.63 9.25
N SER A 111 5.21 9.84 10.27
CA SER A 111 4.30 9.63 11.37
C SER A 111 3.94 10.95 12.03
N LYS A 112 4.92 11.84 12.15
CA LYS A 112 4.71 13.18 12.68
C LYS A 112 3.63 13.94 11.86
N GLN A 113 3.56 13.64 10.58
CA GLN A 113 2.58 14.28 9.70
C GLN A 113 1.21 13.71 9.97
N VAL A 114 1.15 12.42 9.70
CA VAL A 114 -0.08 11.69 9.62
C VAL A 114 -0.73 11.49 10.99
N TYR A 115 0.09 11.38 12.01
CA TYR A 115 -0.38 11.10 13.35
C TYR A 115 -0.26 12.32 14.24
N GLY A 116 0.70 13.17 13.92
CA GLY A 116 1.02 14.30 14.78
C GLY A 116 2.13 13.94 15.75
N ASN A 117 2.49 12.66 15.76
CA ASN A 117 3.53 12.15 16.64
C ASN A 117 4.44 11.22 15.87
N ALA A 118 5.73 11.52 15.89
CA ALA A 118 6.70 10.77 15.11
C ALA A 118 6.92 9.37 15.66
N ASN A 119 6.65 9.20 16.95
CA ASN A 119 6.89 7.93 17.62
C ASN A 119 5.85 6.89 17.25
N LEU A 120 4.88 7.28 16.43
CA LEU A 120 3.86 6.37 15.98
C LEU A 120 4.26 5.73 14.67
N TYR A 121 5.52 5.95 14.33
CA TYR A 121 6.12 5.39 13.12
C TYR A 121 6.02 3.87 13.16
N ASN A 122 6.05 3.32 14.37
CA ASN A 122 5.97 1.88 14.58
C ASN A 122 4.64 1.33 14.14
N LYS A 123 3.56 2.06 14.45
CA LYS A 123 2.23 1.63 14.05
C LYS A 123 2.14 1.57 12.54
N ILE A 124 2.70 2.58 11.88
CA ILE A 124 2.74 2.62 10.44
C ILE A 124 3.56 1.45 9.93
N PHE A 125 4.80 1.33 10.42
CA PHE A 125 5.71 0.27 9.99
C PHE A 125 5.00 -1.07 9.89
N GLU A 126 4.45 -1.51 11.01
CA GLU A 126 3.84 -2.85 11.08
C GLU A 126 2.60 -2.94 10.21
N ALA A 127 2.02 -1.79 9.92
CA ALA A 127 0.81 -1.72 9.12
C ALA A 127 1.17 -1.74 7.66
N ASN A 128 2.38 -1.29 7.39
CA ASN A 128 2.91 -1.32 6.05
C ASN A 128 3.38 -2.73 5.75
N LYS A 129 3.91 -3.40 6.78
CA LYS A 129 4.30 -4.79 6.66
C LYS A 129 3.11 -5.67 6.29
N PRO A 130 3.39 -6.80 5.65
CA PRO A 130 4.76 -7.20 5.32
C PRO A 130 5.25 -6.61 4.00
N MET A 131 4.55 -5.58 3.53
CA MET A 131 4.96 -4.84 2.34
C MET A 131 6.21 -4.02 2.65
N LEU A 132 6.25 -3.43 3.85
CA LEU A 132 7.43 -2.68 4.28
C LEU A 132 8.36 -3.59 5.07
N LYS A 133 9.64 -3.54 4.72
CA LYS A 133 10.63 -4.40 5.33
C LYS A 133 11.32 -3.71 6.51
N SER A 134 11.65 -2.45 6.36
CA SER A 134 12.29 -1.70 7.44
C SER A 134 11.87 -0.24 7.37
N PRO A 135 11.88 0.43 8.54
CA PRO A 135 11.41 1.82 8.67
C PRO A 135 12.26 2.78 7.87
N ASP A 136 13.53 2.43 7.74
CA ASP A 136 14.48 3.25 6.99
C ASP A 136 14.57 2.78 5.54
N LYS A 137 14.14 1.55 5.30
CA LYS A 137 14.13 0.99 3.94
C LYS A 137 12.96 1.54 3.11
N ILE A 138 12.24 2.52 3.64
CA ILE A 138 11.27 3.25 2.84
C ILE A 138 11.94 3.94 1.66
N TYR A 139 11.15 4.51 0.79
CA TYR A 139 11.67 5.14 -0.41
C TYR A 139 10.71 6.19 -0.95
N PRO A 140 11.27 7.21 -1.62
CA PRO A 140 10.50 8.28 -2.25
C PRO A 140 9.43 7.75 -3.19
N GLY A 141 8.18 7.90 -2.78
CA GLY A 141 7.07 7.40 -3.56
C GLY A 141 6.52 6.09 -3.01
N GLN A 142 6.84 5.80 -1.76
CA GLN A 142 6.28 4.64 -1.12
C GLN A 142 5.08 5.07 -0.32
N VAL A 143 3.92 4.69 -0.78
CA VAL A 143 2.72 4.95 -0.05
C VAL A 143 2.64 4.03 1.15
N LEU A 144 2.69 4.62 2.32
CA LEU A 144 2.65 3.88 3.56
C LEU A 144 1.22 3.79 4.07
N ARG A 145 0.88 2.61 4.57
CA ARG A 145 -0.47 2.38 5.08
C ARG A 145 -0.57 2.97 6.48
N ILE A 146 -1.28 4.07 6.60
CA ILE A 146 -1.41 4.79 7.85
C ILE A 146 -2.68 4.38 8.55
N PRO A 147 -2.61 3.50 9.55
CA PRO A 147 -3.79 3.07 10.29
C PRO A 147 -4.47 4.24 10.96
N GLU A 148 -5.73 4.07 11.26
CA GLU A 148 -6.51 5.14 11.82
C GLU A 148 -6.44 5.08 13.34
N GLU A 149 -5.98 6.17 13.91
CA GLU A 149 -5.92 6.29 15.35
C GLU A 149 -7.27 6.69 15.91
N LEU A 150 -8.02 5.69 16.34
CA LEU A 150 -9.34 5.91 16.93
C LEU A 150 -9.21 6.35 18.38
N GLU A 151 -7.98 6.56 18.79
CA GLU A 151 -7.69 7.02 20.13
C GLU A 151 -7.24 8.46 20.06
N HIS A 152 -8.19 9.36 20.26
CA HIS A 152 -7.94 10.78 20.14
C HIS A 152 -7.36 11.34 21.43
N HIS A 153 -7.27 10.48 22.45
CA HIS A 153 -6.66 10.86 23.72
C HIS A 153 -5.26 10.26 23.83
N HIS A 154 -4.68 9.93 22.68
CA HIS A 154 -3.33 9.38 22.64
C HIS A 154 -2.32 10.51 22.77
N HIS A 155 -2.10 11.23 21.67
CA HIS A 155 -1.21 12.39 21.65
C HIS A 155 0.22 12.04 22.09
N HIS A 156 1.03 13.09 22.21
CA HIS A 156 2.38 12.98 22.74
C HIS A 156 2.92 14.38 23.02
N HIS A 157 2.45 15.34 22.22
CA HIS A 157 2.77 16.74 22.44
C HIS A 157 1.53 17.50 22.85
K K B . 3.51 3.00 -6.92
N MET A 1 -14.36 1.62 -2.46
CA MET A 1 -14.17 3.04 -2.09
C MET A 1 -14.06 3.92 -3.33
N GLY A 2 -13.04 3.67 -4.14
CA GLY A 2 -12.85 4.46 -5.34
C GLY A 2 -11.44 4.33 -5.89
N LEU A 3 -11.01 5.32 -6.64
CA LEU A 3 -9.69 5.30 -7.23
C LEU A 3 -8.70 6.04 -6.33
N PHE A 4 -7.49 5.50 -6.26
CA PHE A 4 -6.45 6.07 -5.43
C PHE A 4 -5.18 6.27 -6.24
N ASN A 5 -4.50 7.39 -6.02
CA ASN A 5 -3.31 7.72 -6.78
C ASN A 5 -2.05 7.29 -6.04
N PHE A 6 -1.14 6.66 -6.77
CA PHE A 6 0.13 6.19 -6.22
C PHE A 6 1.28 6.69 -7.11
N VAL A 7 2.50 6.67 -6.59
CA VAL A 7 3.64 7.11 -7.38
C VAL A 7 4.14 5.99 -8.28
N LYS A 8 3.78 6.09 -9.55
CA LYS A 8 4.00 5.04 -10.53
C LYS A 8 5.36 4.38 -10.43
N ASP A 9 6.40 5.19 -10.60
CA ASP A 9 7.79 4.70 -10.66
C ASP A 9 8.26 4.11 -9.33
N ALA A 10 7.48 4.30 -8.28
CA ALA A 10 7.91 3.91 -6.94
C ALA A 10 7.34 2.56 -6.54
N GLY A 11 8.12 1.80 -5.80
CA GLY A 11 7.65 0.53 -5.30
C GLY A 11 8.49 -0.62 -5.80
N GLU A 12 7.91 -1.82 -5.76
CA GLU A 12 8.60 -3.01 -6.20
C GLU A 12 8.77 -3.02 -7.71
N LYS A 13 9.98 -3.28 -8.16
CA LYS A 13 10.23 -3.41 -9.59
C LYS A 13 9.90 -4.81 -10.05
N LEU A 14 8.62 -5.07 -10.12
CA LEU A 14 8.10 -6.35 -10.58
C LEU A 14 8.37 -6.52 -12.06
N TRP A 15 8.24 -5.40 -12.76
CA TRP A 15 8.44 -5.36 -14.18
C TRP A 15 8.94 -3.96 -14.55
N ASP A 16 9.62 -3.86 -15.66
CA ASP A 16 10.03 -2.55 -16.17
C ASP A 16 9.01 -2.04 -17.17
N ALA A 17 8.24 -2.98 -17.75
CA ALA A 17 7.33 -2.70 -18.87
C ALA A 17 8.15 -2.39 -20.12
N VAL A 18 9.45 -2.49 -19.96
CA VAL A 18 10.41 -2.23 -21.01
C VAL A 18 11.27 -3.46 -21.18
N THR A 19 11.93 -3.82 -20.08
CA THR A 19 12.65 -5.07 -20.00
C THR A 19 11.98 -5.97 -18.97
N GLY A 20 10.65 -5.92 -18.96
CA GLY A 20 9.88 -6.63 -17.96
C GLY A 20 8.42 -6.69 -18.34
N GLN A 21 7.71 -7.67 -17.80
CA GLN A 21 6.28 -7.83 -18.02
C GLN A 21 5.98 -8.33 -19.43
N HIS A 22 5.12 -9.34 -19.50
CA HIS A 22 4.73 -9.91 -20.79
C HIS A 22 3.46 -9.24 -21.31
N ASP A 23 2.61 -8.80 -20.40
CA ASP A 23 1.31 -8.23 -20.76
C ASP A 23 0.61 -7.65 -19.54
N LYS A 24 -0.56 -7.07 -19.73
CA LYS A 24 -1.28 -6.39 -18.66
C LYS A 24 -1.74 -7.36 -17.58
N ASP A 25 -2.25 -8.51 -17.99
CA ASP A 25 -2.67 -9.54 -17.04
C ASP A 25 -1.45 -10.14 -16.36
N ASP A 26 -0.32 -10.13 -17.06
CA ASP A 26 0.95 -10.56 -16.50
C ASP A 26 1.38 -9.58 -15.41
N GLN A 27 1.09 -8.30 -15.60
CA GLN A 27 1.33 -7.29 -14.58
C GLN A 27 0.54 -7.63 -13.32
N ALA A 28 -0.74 -7.93 -13.50
CA ALA A 28 -1.59 -8.35 -12.40
C ALA A 28 -1.03 -9.62 -11.75
N LYS A 29 -0.51 -10.50 -12.59
CA LYS A 29 0.14 -11.72 -12.12
C LYS A 29 1.36 -11.40 -11.28
N LYS A 30 2.15 -10.43 -11.72
CA LYS A 30 3.33 -9.99 -10.99
C LYS A 30 2.95 -9.45 -9.65
N VAL A 31 1.87 -8.72 -9.63
CA VAL A 31 1.37 -8.12 -8.43
C VAL A 31 0.82 -9.20 -7.50
N GLN A 32 0.13 -10.17 -8.07
CA GLN A 32 -0.33 -11.32 -7.31
C GLN A 32 0.86 -12.04 -6.69
N GLU A 33 1.90 -12.28 -7.50
CA GLU A 33 3.12 -12.87 -6.98
C GLU A 33 3.67 -12.03 -5.86
N HIS A 34 3.84 -10.75 -6.15
CA HIS A 34 4.34 -9.78 -5.19
C HIS A 34 3.58 -9.84 -3.87
N LEU A 35 2.26 -9.83 -3.94
CA LEU A 35 1.41 -9.96 -2.77
C LEU A 35 1.71 -11.24 -1.99
N ASN A 36 1.80 -12.36 -2.70
CA ASN A 36 2.00 -13.65 -2.05
C ASN A 36 3.44 -13.78 -1.53
N LYS A 37 4.38 -13.16 -2.24
CA LYS A 37 5.78 -13.13 -1.83
C LYS A 37 5.94 -12.39 -0.52
N THR A 38 5.47 -11.14 -0.51
CA THR A 38 5.52 -10.32 0.69
C THR A 38 4.75 -10.97 1.84
N GLY A 39 3.65 -11.61 1.48
CA GLY A 39 2.82 -12.25 2.48
C GLY A 39 1.67 -11.36 2.88
N ILE A 40 1.22 -10.52 1.95
CA ILE A 40 0.10 -9.63 2.19
C ILE A 40 -1.15 -10.44 2.52
N PRO A 41 -1.75 -10.22 3.68
CA PRO A 41 -2.95 -10.92 4.09
C PRO A 41 -4.14 -10.60 3.22
N ASP A 42 -4.90 -11.64 2.94
CA ASP A 42 -6.08 -11.56 2.08
C ASP A 42 -5.76 -11.02 0.69
N ALA A 43 -4.49 -11.06 0.31
CA ALA A 43 -4.08 -10.67 -1.02
C ALA A 43 -4.46 -11.75 -2.00
N ASP A 44 -4.69 -12.94 -1.49
CA ASP A 44 -5.18 -14.04 -2.29
C ASP A 44 -6.67 -13.93 -2.48
N LYS A 45 -7.30 -13.10 -1.64
CA LYS A 45 -8.76 -12.98 -1.66
C LYS A 45 -9.17 -11.83 -2.57
N VAL A 46 -8.18 -11.22 -3.19
CA VAL A 46 -8.42 -10.14 -4.12
C VAL A 46 -7.98 -10.52 -5.52
N ASN A 47 -8.32 -9.68 -6.48
CA ASN A 47 -7.95 -9.87 -7.87
C ASN A 47 -7.46 -8.55 -8.44
N ILE A 48 -6.28 -8.59 -9.05
CA ILE A 48 -5.69 -7.38 -9.61
C ILE A 48 -5.91 -7.30 -11.11
N GLN A 49 -6.05 -6.07 -11.60
CA GLN A 49 -6.13 -5.79 -13.02
C GLN A 49 -5.25 -4.61 -13.34
N ILE A 50 -4.55 -4.71 -14.44
CA ILE A 50 -3.58 -3.69 -14.77
C ILE A 50 -3.77 -3.13 -16.16
N ALA A 51 -3.58 -1.85 -16.26
CA ALA A 51 -3.62 -1.13 -17.51
C ALA A 51 -2.44 -0.18 -17.57
N ASP A 52 -1.23 -0.75 -17.67
CA ASP A 52 0.01 0.02 -17.73
C ASP A 52 0.32 0.67 -16.37
N GLY A 53 -0.50 1.62 -15.96
CA GLY A 53 -0.32 2.31 -14.71
C GLY A 53 -1.50 2.11 -13.79
N LYS A 54 -2.65 1.88 -14.38
CA LYS A 54 -3.87 1.68 -13.63
C LYS A 54 -3.97 0.25 -13.14
N ALA A 55 -4.10 0.09 -11.85
CA ALA A 55 -4.28 -1.22 -11.26
C ALA A 55 -5.61 -1.27 -10.51
N THR A 56 -6.51 -2.11 -10.95
CA THR A 56 -7.76 -2.27 -10.24
C THR A 56 -7.65 -3.44 -9.28
N VAL A 57 -8.09 -3.22 -8.06
CA VAL A 57 -8.15 -4.29 -7.10
C VAL A 57 -9.60 -4.65 -6.88
N THR A 58 -9.89 -5.91 -6.71
CA THR A 58 -11.24 -6.34 -6.43
C THR A 58 -11.20 -7.51 -5.48
N GLY A 59 -12.32 -7.78 -4.86
CA GLY A 59 -12.39 -8.84 -3.88
C GLY A 59 -13.65 -8.72 -3.06
N ASP A 60 -13.88 -9.66 -2.15
CA ASP A 60 -15.10 -9.65 -1.36
C ASP A 60 -14.94 -10.38 -0.06
N GLY A 61 -15.66 -9.87 0.93
CA GLY A 61 -15.69 -10.49 2.23
C GLY A 61 -14.41 -10.28 3.00
N LEU A 62 -13.63 -9.29 2.59
CA LEU A 62 -12.40 -8.94 3.28
C LEU A 62 -12.69 -8.05 4.47
N SER A 63 -11.67 -7.37 4.92
CA SER A 63 -11.85 -6.27 5.85
C SER A 63 -11.10 -5.07 5.34
N GLN A 64 -11.44 -3.89 5.83
CA GLN A 64 -10.76 -2.69 5.37
C GLN A 64 -9.28 -2.79 5.71
N GLU A 65 -9.00 -3.40 6.86
CA GLU A 65 -7.65 -3.56 7.37
C GLU A 65 -6.77 -4.31 6.36
N ALA A 66 -7.40 -5.21 5.63
CA ALA A 66 -6.68 -6.02 4.66
C ALA A 66 -6.63 -5.34 3.30
N LYS A 67 -7.79 -4.90 2.82
CA LYS A 67 -7.91 -4.32 1.49
C LYS A 67 -6.91 -3.18 1.27
N GLU A 68 -6.80 -2.31 2.27
CA GLU A 68 -5.89 -1.16 2.18
C GLU A 68 -4.47 -1.63 2.00
N LYS A 69 -4.12 -2.71 2.67
CA LYS A 69 -2.79 -3.25 2.59
C LYS A 69 -2.54 -3.81 1.19
N ILE A 70 -3.56 -4.42 0.60
CA ILE A 70 -3.51 -4.80 -0.80
C ILE A 70 -3.36 -3.56 -1.68
N LEU A 71 -4.29 -2.60 -1.55
CA LEU A 71 -4.18 -1.30 -2.20
C LEU A 71 -2.76 -0.77 -2.24
N VAL A 72 -2.11 -0.70 -1.07
CA VAL A 72 -0.72 -0.25 -1.01
C VAL A 72 0.17 -1.19 -1.77
N ALA A 73 0.10 -2.47 -1.45
CA ALA A 73 0.96 -3.48 -2.06
C ALA A 73 0.94 -3.42 -3.60
N VAL A 74 -0.26 -3.32 -4.17
CA VAL A 74 -0.40 -3.23 -5.62
C VAL A 74 -0.11 -1.82 -6.12
N GLY A 75 -0.50 -0.86 -5.32
CA GLY A 75 -0.22 0.52 -5.65
C GLY A 75 1.25 0.87 -5.47
N ASN A 76 2.00 -0.06 -4.89
CA ASN A 76 3.42 0.15 -4.64
C ASN A 76 4.26 -0.68 -5.60
N ILE A 77 3.85 -0.71 -6.85
CA ILE A 77 4.63 -1.35 -7.89
C ILE A 77 5.30 -0.28 -8.73
N SER A 78 6.53 -0.53 -9.14
CA SER A 78 7.19 0.37 -10.05
C SER A 78 6.63 0.17 -11.45
N GLY A 79 5.55 0.90 -11.70
CA GLY A 79 4.79 0.74 -12.91
C GLY A 79 3.34 1.10 -12.68
N ILE A 80 2.89 0.88 -11.45
CA ILE A 80 1.52 1.17 -11.09
C ILE A 80 1.38 2.56 -10.51
N ALA A 81 0.45 3.32 -11.07
CA ALA A 81 0.28 4.71 -10.69
C ALA A 81 -1.04 4.92 -9.99
N SER A 82 -1.94 3.98 -10.09
CA SER A 82 -3.23 4.11 -9.46
C SER A 82 -3.82 2.77 -9.11
N VAL A 83 -4.64 2.74 -8.08
CA VAL A 83 -5.37 1.54 -7.70
C VAL A 83 -6.85 1.84 -7.61
N ASP A 84 -7.63 1.11 -8.40
CA ASP A 84 -9.07 1.24 -8.39
C ASP A 84 -9.64 0.24 -7.41
N ASP A 85 -9.96 0.70 -6.22
CA ASP A 85 -10.43 -0.19 -5.17
C ASP A 85 -11.83 -0.68 -5.45
N GLN A 86 -11.91 -1.96 -5.78
CA GLN A 86 -13.18 -2.63 -5.97
C GLN A 86 -13.31 -3.83 -5.02
N VAL A 87 -12.60 -3.76 -3.90
CA VAL A 87 -12.66 -4.83 -2.91
C VAL A 87 -13.75 -4.56 -1.89
N LYS A 88 -14.57 -5.56 -1.65
CA LYS A 88 -15.62 -5.48 -0.67
C LYS A 88 -15.16 -6.07 0.65
N THR A 89 -15.73 -5.56 1.71
CA THR A 89 -15.28 -5.91 3.04
C THR A 89 -16.34 -6.65 3.84
N ALA A 90 -17.54 -6.77 3.29
CA ALA A 90 -18.66 -7.43 3.96
C ALA A 90 -19.14 -6.63 5.18
N THR A 91 -18.19 -6.12 5.96
CA THR A 91 -18.47 -5.32 7.14
C THR A 91 -17.46 -4.19 7.26
N PRO A 92 -17.87 -3.12 7.93
CA PRO A 92 -17.02 -1.95 8.19
C PRO A 92 -15.91 -2.22 9.21
N ALA A 93 -14.68 -1.89 8.84
CA ALA A 93 -13.55 -1.95 9.77
C ALA A 93 -13.02 -0.55 10.01
N THR A 94 -11.99 -0.43 10.85
CA THR A 94 -11.36 0.86 11.09
C THR A 94 -10.44 1.22 9.94
N ALA A 95 -10.64 2.40 9.40
CA ALA A 95 -10.03 2.78 8.14
C ALA A 95 -8.61 3.30 8.30
N SER A 96 -7.91 3.46 7.19
CA SER A 96 -6.55 3.94 7.20
C SER A 96 -6.38 5.15 6.29
N GLN A 97 -5.34 5.91 6.56
CA GLN A 97 -4.92 7.02 5.73
C GLN A 97 -3.75 6.58 4.86
N PHE A 98 -3.55 7.24 3.76
CA PHE A 98 -2.45 6.92 2.87
C PHE A 98 -1.52 8.13 2.72
N TYR A 99 -0.26 7.95 3.09
CA TYR A 99 0.71 9.02 3.03
C TYR A 99 1.87 8.63 2.12
N THR A 100 2.17 9.45 1.13
CA THR A 100 3.26 9.17 0.22
C THR A 100 4.57 9.75 0.74
N VAL A 101 5.51 8.85 0.97
CA VAL A 101 6.85 9.22 1.43
C VAL A 101 7.59 10.06 0.40
N LYS A 102 8.17 11.15 0.87
CA LYS A 102 8.97 12.01 0.02
C LYS A 102 10.47 11.72 0.26
N SER A 103 11.31 12.27 -0.60
CA SER A 103 12.74 12.01 -0.52
C SER A 103 13.34 12.70 0.69
N GLY A 104 13.84 11.90 1.62
CA GLY A 104 14.43 12.44 2.84
C GLY A 104 13.59 12.13 4.06
N ASP A 105 12.37 11.64 3.83
CA ASP A 105 11.48 11.27 4.90
C ASP A 105 11.86 9.93 5.49
N THR A 106 11.76 9.83 6.79
CA THR A 106 11.89 8.55 7.47
C THR A 106 10.57 8.27 8.16
N LEU A 107 10.29 7.02 8.52
CA LEU A 107 8.95 6.65 8.98
C LEU A 107 8.51 7.50 10.18
N SER A 108 9.43 7.81 11.07
CA SER A 108 9.13 8.68 12.21
C SER A 108 8.72 10.07 11.73
N ALA A 109 9.50 10.61 10.80
CA ALA A 109 9.24 11.93 10.23
C ALA A 109 7.86 12.00 9.60
N ILE A 110 7.42 10.89 9.02
CA ILE A 110 6.13 10.85 8.36
C ILE A 110 5.03 10.55 9.36
N SER A 111 5.31 9.73 10.37
CA SER A 111 4.40 9.54 11.47
C SER A 111 4.13 10.90 12.15
N LYS A 112 5.15 11.72 12.25
CA LYS A 112 5.02 13.06 12.78
C LYS A 112 3.97 13.86 12.02
N GLN A 113 3.88 13.61 10.73
CA GLN A 113 2.90 14.28 9.88
C GLN A 113 1.51 13.75 10.17
N VAL A 114 1.41 12.45 9.92
CA VAL A 114 0.16 11.75 9.80
C VAL A 114 -0.51 11.50 11.15
N TYR A 115 0.31 11.36 12.18
CA TYR A 115 -0.18 11.10 13.52
C TYR A 115 -0.05 12.34 14.38
N GLY A 116 0.86 13.21 13.98
CA GLY A 116 1.19 14.35 14.79
C GLY A 116 2.32 14.02 15.75
N ASN A 117 2.71 12.76 15.75
CA ASN A 117 3.74 12.27 16.66
C ASN A 117 4.60 11.24 15.94
N ALA A 118 5.92 11.44 15.98
CA ALA A 118 6.84 10.61 15.22
C ALA A 118 6.98 9.23 15.83
N ASN A 119 6.72 9.12 17.13
CA ASN A 119 6.90 7.87 17.86
C ASN A 119 5.86 6.83 17.46
N LEU A 120 4.93 7.22 16.60
CA LEU A 120 3.88 6.33 16.17
C LEU A 120 4.23 5.71 14.83
N TYR A 121 5.50 5.82 14.46
CA TYR A 121 5.99 5.28 13.21
C TYR A 121 5.83 3.77 13.21
N ASN A 122 5.76 3.19 14.40
CA ASN A 122 5.63 1.76 14.56
C ASN A 122 4.30 1.28 14.02
N LYS A 123 3.23 2.00 14.37
CA LYS A 123 1.89 1.65 13.91
C LYS A 123 1.84 1.60 12.40
N ILE A 124 2.50 2.56 11.77
CA ILE A 124 2.57 2.59 10.33
C ILE A 124 3.41 1.43 9.84
N PHE A 125 4.65 1.33 10.34
CA PHE A 125 5.58 0.30 9.88
C PHE A 125 4.92 -1.08 9.86
N GLU A 126 4.33 -1.47 11.00
CA GLU A 126 3.74 -2.80 11.17
C GLU A 126 2.50 -2.98 10.29
N ALA A 127 2.04 -1.87 9.74
CA ALA A 127 0.81 -1.84 8.94
C ALA A 127 1.18 -1.85 7.48
N ASN A 128 2.38 -1.34 7.22
CA ASN A 128 2.94 -1.30 5.90
C ASN A 128 3.57 -2.66 5.62
N LYS A 129 3.66 -3.45 6.68
CA LYS A 129 4.17 -4.80 6.59
C LYS A 129 3.24 -5.67 5.75
N PRO A 130 3.78 -6.71 5.14
CA PRO A 130 5.20 -6.97 5.10
C PRO A 130 5.84 -6.47 3.80
N MET A 131 5.20 -5.50 3.15
CA MET A 131 5.74 -4.97 1.91
C MET A 131 6.77 -3.90 2.21
N LEU A 132 6.55 -3.17 3.30
CA LEU A 132 7.52 -2.20 3.75
C LEU A 132 8.68 -2.94 4.41
N LYS A 133 9.86 -2.67 3.89
CA LYS A 133 11.07 -3.35 4.30
C LYS A 133 11.48 -2.97 5.71
N SER A 134 11.44 -1.68 6.02
CA SER A 134 11.79 -1.20 7.35
C SER A 134 11.36 0.25 7.49
N PRO A 135 11.34 0.73 8.74
CA PRO A 135 10.98 2.11 9.06
C PRO A 135 12.01 3.08 8.51
N ASP A 136 13.18 2.54 8.21
CA ASP A 136 14.25 3.33 7.61
C ASP A 136 14.30 3.10 6.10
N LYS A 137 13.79 1.96 5.68
CA LYS A 137 13.86 1.55 4.29
C LYS A 137 12.61 1.95 3.50
N ILE A 138 12.00 3.05 3.87
CA ILE A 138 11.00 3.66 3.03
C ILE A 138 11.68 4.38 1.88
N TYR A 139 10.89 4.89 0.96
CA TYR A 139 11.43 5.48 -0.26
C TYR A 139 10.41 6.41 -0.89
N PRO A 140 10.93 7.38 -1.66
CA PRO A 140 10.11 8.35 -2.39
C PRO A 140 9.04 7.67 -3.24
N GLY A 141 7.80 7.81 -2.81
CA GLY A 141 6.70 7.16 -3.50
C GLY A 141 6.05 6.07 -2.67
N GLN A 142 6.56 5.86 -1.47
CA GLN A 142 6.02 4.85 -0.57
C GLN A 142 4.77 5.40 0.08
N VAL A 143 3.64 5.15 -0.51
CA VAL A 143 2.39 5.59 0.08
C VAL A 143 1.98 4.63 1.19
N LEU A 144 2.54 4.91 2.34
CA LEU A 144 2.38 4.13 3.55
C LEU A 144 0.94 4.09 4.01
N ARG A 145 0.53 2.93 4.50
CA ARG A 145 -0.79 2.78 5.07
C ARG A 145 -0.76 3.28 6.50
N ILE A 146 -1.49 4.34 6.75
CA ILE A 146 -1.53 4.99 8.04
C ILE A 146 -2.80 4.60 8.78
N PRO A 147 -2.73 3.62 9.67
CA PRO A 147 -3.90 3.19 10.43
C PRO A 147 -4.45 4.31 11.28
N GLU A 148 -5.73 4.26 11.54
CA GLU A 148 -6.37 5.33 12.27
C GLU A 148 -6.12 5.15 13.76
N GLU A 149 -5.45 6.12 14.34
CA GLU A 149 -5.16 6.11 15.75
C GLU A 149 -6.44 6.36 16.55
N LEU A 150 -7.09 5.27 16.92
CA LEU A 150 -8.31 5.34 17.71
C LEU A 150 -8.06 6.06 19.03
N GLU A 151 -8.99 6.95 19.38
CA GLU A 151 -8.88 7.78 20.58
C GLU A 151 -7.86 8.91 20.39
N HIS A 152 -6.92 8.69 19.46
CA HIS A 152 -5.88 9.66 19.16
C HIS A 152 -5.06 9.95 20.41
N HIS A 153 -5.12 11.19 20.89
CA HIS A 153 -4.46 11.59 22.15
C HIS A 153 -2.95 11.39 22.06
N HIS A 154 -2.42 11.26 20.85
CA HIS A 154 -1.00 11.04 20.63
C HIS A 154 -0.50 11.95 19.52
N HIS A 155 -0.31 13.22 19.82
CA HIS A 155 0.12 14.19 18.82
C HIS A 155 1.34 14.98 19.30
N HIS A 156 2.15 14.33 20.14
CA HIS A 156 3.42 14.90 20.62
C HIS A 156 3.20 16.06 21.59
N HIS A 157 3.85 15.98 22.73
CA HIS A 157 3.78 17.04 23.73
C HIS A 157 5.14 17.21 24.40
K K B . 3.66 2.69 -7.39
N MET A 1 -13.93 1.85 -3.34
CA MET A 1 -14.32 3.19 -2.87
C MET A 1 -13.20 4.20 -3.11
N GLY A 2 -13.16 4.75 -4.32
CA GLY A 2 -12.21 5.80 -4.62
C GLY A 2 -10.97 5.28 -5.33
N LEU A 3 -10.26 6.20 -5.97
CA LEU A 3 -9.01 5.89 -6.62
C LEU A 3 -7.87 6.40 -5.75
N PHE A 4 -6.72 5.75 -5.84
CA PHE A 4 -5.59 6.09 -5.00
C PHE A 4 -4.36 6.38 -5.87
N ASN A 5 -3.64 7.43 -5.52
CA ASN A 5 -2.48 7.84 -6.31
C ASN A 5 -1.18 7.29 -5.70
N PHE A 6 -0.42 6.59 -6.52
CA PHE A 6 0.88 6.07 -6.13
C PHE A 6 1.93 6.67 -7.06
N VAL A 7 3.20 6.57 -6.68
CA VAL A 7 4.25 7.06 -7.56
C VAL A 7 4.64 6.01 -8.58
N LYS A 8 4.42 6.35 -9.83
CA LYS A 8 4.56 5.43 -10.95
C LYS A 8 5.84 4.61 -10.90
N ASP A 9 6.97 5.30 -10.98
CA ASP A 9 8.29 4.67 -11.08
C ASP A 9 8.72 4.02 -9.77
N ALA A 10 8.07 4.41 -8.68
CA ALA A 10 8.49 3.95 -7.36
C ALA A 10 7.72 2.72 -6.93
N GLY A 11 8.42 1.79 -6.30
CA GLY A 11 7.78 0.59 -5.82
C GLY A 11 8.57 -0.65 -6.17
N GLU A 12 7.97 -1.81 -5.97
CA GLU A 12 8.62 -3.06 -6.30
C GLU A 12 8.81 -3.18 -7.80
N LYS A 13 10.00 -3.53 -8.21
CA LYS A 13 10.28 -3.70 -9.61
C LYS A 13 10.01 -5.12 -10.04
N LEU A 14 8.76 -5.34 -10.38
CA LEU A 14 8.29 -6.65 -10.78
C LEU A 14 8.59 -6.90 -12.25
N TRP A 15 8.52 -5.84 -13.04
CA TRP A 15 8.86 -5.90 -14.44
C TRP A 15 9.70 -4.70 -14.85
N ASP A 16 10.22 -4.00 -13.82
CA ASP A 16 11.04 -2.78 -14.01
C ASP A 16 10.24 -1.63 -14.60
N ALA A 17 9.01 -1.92 -15.02
CA ALA A 17 8.17 -0.95 -15.73
C ALA A 17 8.78 -0.59 -17.07
N VAL A 18 9.65 -1.45 -17.55
CA VAL A 18 10.40 -1.18 -18.76
C VAL A 18 10.13 -2.22 -19.84
N THR A 19 10.77 -3.38 -19.70
CA THR A 19 10.67 -4.42 -20.70
C THR A 19 10.43 -5.78 -20.05
N GLY A 20 10.32 -5.78 -18.72
CA GLY A 20 10.19 -7.01 -17.98
C GLY A 20 8.93 -7.77 -18.32
N GLN A 21 7.87 -7.04 -18.59
CA GLN A 21 6.58 -7.63 -18.85
C GLN A 21 6.05 -7.14 -20.20
N HIS A 22 5.27 -7.99 -20.87
CA HIS A 22 4.69 -7.66 -22.17
C HIS A 22 3.25 -8.13 -22.23
N ASP A 23 2.55 -8.03 -21.11
CA ASP A 23 1.19 -8.54 -21.02
C ASP A 23 0.45 -7.84 -19.90
N LYS A 24 -0.70 -7.28 -20.26
CA LYS A 24 -1.50 -6.48 -19.34
C LYS A 24 -2.01 -7.31 -18.15
N ASP A 25 -2.17 -8.60 -18.37
CA ASP A 25 -2.66 -9.50 -17.32
C ASP A 25 -1.50 -9.97 -16.46
N ASP A 26 -0.34 -10.12 -17.09
CA ASP A 26 0.86 -10.57 -16.41
C ASP A 26 1.32 -9.53 -15.40
N GLN A 27 1.05 -8.26 -15.71
CA GLN A 27 1.27 -7.18 -14.76
C GLN A 27 0.56 -7.48 -13.46
N ALA A 28 -0.75 -7.72 -13.57
CA ALA A 28 -1.58 -8.04 -12.43
C ALA A 28 -1.07 -9.29 -11.73
N LYS A 29 -0.56 -10.22 -12.52
CA LYS A 29 -0.01 -11.46 -12.00
C LYS A 29 1.17 -11.20 -11.06
N LYS A 30 2.19 -10.51 -11.57
CA LYS A 30 3.35 -10.13 -10.77
C LYS A 30 2.94 -9.36 -9.54
N VAL A 31 2.06 -8.41 -9.74
CA VAL A 31 1.62 -7.57 -8.66
C VAL A 31 0.92 -8.39 -7.59
N GLN A 32 0.22 -9.44 -8.01
CA GLN A 32 -0.41 -10.33 -7.09
C GLN A 32 0.58 -11.31 -6.48
N GLU A 33 1.44 -11.90 -7.30
CA GLU A 33 2.51 -12.76 -6.79
C GLU A 33 3.30 -12.01 -5.75
N HIS A 34 3.61 -10.77 -6.06
CA HIS A 34 4.29 -9.86 -5.15
C HIS A 34 3.60 -9.80 -3.78
N LEU A 35 2.26 -9.81 -3.76
CA LEU A 35 1.51 -9.94 -2.51
C LEU A 35 1.92 -11.19 -1.75
N ASN A 36 1.94 -12.30 -2.46
CA ASN A 36 2.23 -13.60 -1.85
C ASN A 36 3.70 -13.68 -1.43
N LYS A 37 4.55 -13.02 -2.22
CA LYS A 37 5.97 -12.97 -1.94
C LYS A 37 6.25 -12.20 -0.66
N THR A 38 5.59 -11.06 -0.50
CA THR A 38 5.71 -10.27 0.71
C THR A 38 5.01 -10.95 1.87
N GLY A 39 3.93 -11.66 1.55
CA GLY A 39 3.16 -12.32 2.57
C GLY A 39 1.92 -11.54 2.94
N ILE A 40 1.44 -10.72 2.02
CA ILE A 40 0.25 -9.92 2.24
C ILE A 40 -0.95 -10.84 2.37
N PRO A 41 -1.58 -10.86 3.54
CA PRO A 41 -2.75 -11.69 3.79
C PRO A 41 -3.95 -11.21 3.00
N ASP A 42 -4.82 -12.14 2.68
CA ASP A 42 -6.07 -11.87 1.96
C ASP A 42 -5.81 -11.40 0.53
N ALA A 43 -4.59 -11.59 0.03
CA ALA A 43 -4.27 -11.25 -1.34
C ALA A 43 -5.03 -12.17 -2.29
N ASP A 44 -5.44 -13.31 -1.76
CA ASP A 44 -6.18 -14.30 -2.51
C ASP A 44 -7.68 -14.00 -2.48
N LYS A 45 -8.07 -13.02 -1.68
CA LYS A 45 -9.46 -12.63 -1.59
C LYS A 45 -9.80 -11.65 -2.69
N VAL A 46 -8.79 -10.88 -3.09
CA VAL A 46 -8.98 -9.80 -4.03
C VAL A 46 -8.70 -10.24 -5.47
N ASN A 47 -8.70 -9.26 -6.35
CA ASN A 47 -8.44 -9.46 -7.76
C ASN A 47 -7.81 -8.21 -8.32
N ILE A 48 -6.86 -8.38 -9.20
CA ILE A 48 -6.06 -7.26 -9.66
C ILE A 48 -6.09 -7.10 -11.16
N GLN A 49 -6.22 -5.86 -11.57
CA GLN A 49 -6.15 -5.47 -12.96
C GLN A 49 -5.18 -4.34 -13.12
N ILE A 50 -4.54 -4.27 -14.25
CA ILE A 50 -3.57 -3.25 -14.48
C ILE A 50 -3.88 -2.46 -15.74
N ALA A 51 -3.99 -1.18 -15.57
CA ALA A 51 -4.28 -0.29 -16.66
C ALA A 51 -3.18 0.72 -16.82
N ASP A 52 -2.13 0.33 -17.56
CA ASP A 52 -0.94 1.17 -17.76
C ASP A 52 -0.15 1.28 -16.46
N GLY A 53 -0.73 1.95 -15.49
CA GLY A 53 -0.18 1.99 -14.16
C GLY A 53 -1.26 2.05 -13.10
N LYS A 54 -2.52 2.03 -13.54
CA LYS A 54 -3.63 2.04 -12.61
C LYS A 54 -4.07 0.61 -12.31
N ALA A 55 -3.65 0.11 -11.16
CA ALA A 55 -4.01 -1.22 -10.73
C ALA A 55 -5.37 -1.21 -10.07
N THR A 56 -6.29 -1.97 -10.61
CA THR A 56 -7.63 -2.03 -10.04
C THR A 56 -7.75 -3.26 -9.17
N VAL A 57 -8.21 -3.08 -7.94
CA VAL A 57 -8.34 -4.18 -7.03
C VAL A 57 -9.79 -4.45 -6.75
N THR A 58 -10.20 -5.66 -7.01
CA THR A 58 -11.56 -6.07 -6.75
C THR A 58 -11.55 -7.09 -5.63
N GLY A 59 -12.69 -7.28 -4.99
CA GLY A 59 -12.79 -8.32 -3.99
C GLY A 59 -14.00 -8.13 -3.13
N ASP A 60 -14.30 -9.10 -2.32
CA ASP A 60 -15.46 -9.02 -1.45
C ASP A 60 -15.33 -9.95 -0.28
N GLY A 61 -15.90 -9.52 0.81
CA GLY A 61 -16.07 -10.39 1.94
C GLY A 61 -14.87 -10.39 2.85
N LEU A 62 -13.93 -9.49 2.63
CA LEU A 62 -12.81 -9.38 3.53
C LEU A 62 -13.01 -8.20 4.47
N SER A 63 -12.02 -7.95 5.28
CA SER A 63 -12.08 -6.88 6.24
C SER A 63 -11.48 -5.61 5.66
N GLN A 64 -11.82 -4.48 6.25
CA GLN A 64 -11.33 -3.18 5.76
C GLN A 64 -9.81 -3.15 5.80
N GLU A 65 -9.25 -3.57 6.93
CA GLU A 65 -7.80 -3.60 7.11
C GLU A 65 -7.13 -4.49 6.07
N ALA A 66 -7.83 -5.53 5.63
CA ALA A 66 -7.30 -6.43 4.62
C ALA A 66 -7.26 -5.74 3.28
N LYS A 67 -8.36 -5.06 2.94
CA LYS A 67 -8.46 -4.37 1.67
C LYS A 67 -7.31 -3.37 1.51
N GLU A 68 -7.10 -2.56 2.54
CA GLU A 68 -6.03 -1.56 2.54
C GLU A 68 -4.68 -2.23 2.29
N LYS A 69 -4.46 -3.33 3.00
CA LYS A 69 -3.22 -4.10 2.91
C LYS A 69 -2.92 -4.46 1.46
N ILE A 70 -3.91 -5.01 0.77
CA ILE A 70 -3.76 -5.33 -0.64
C ILE A 70 -3.48 -4.08 -1.47
N LEU A 71 -4.32 -3.05 -1.28
CA LEU A 71 -4.19 -1.80 -2.03
C LEU A 71 -2.76 -1.27 -2.01
N VAL A 72 -2.11 -1.35 -0.86
CA VAL A 72 -0.73 -0.89 -0.72
C VAL A 72 0.20 -1.67 -1.63
N ALA A 73 0.23 -2.98 -1.42
CA ALA A 73 1.20 -3.83 -2.10
C ALA A 73 0.98 -3.82 -3.61
N VAL A 74 -0.27 -3.74 -4.01
CA VAL A 74 -0.64 -3.71 -5.42
C VAL A 74 -0.34 -2.34 -6.04
N GLY A 75 -0.44 -1.32 -5.21
CA GLY A 75 -0.17 0.02 -5.68
C GLY A 75 1.30 0.37 -5.66
N ASN A 76 2.01 -0.13 -4.66
CA ASN A 76 3.41 0.17 -4.49
C ASN A 76 4.28 -0.69 -5.39
N ILE A 77 3.95 -0.66 -6.68
CA ILE A 77 4.72 -1.34 -7.70
C ILE A 77 5.45 -0.31 -8.56
N SER A 78 6.63 -0.66 -9.01
CA SER A 78 7.34 0.15 -9.99
C SER A 78 6.71 -0.12 -11.35
N GLY A 79 5.80 0.76 -11.72
CA GLY A 79 5.00 0.55 -12.90
C GLY A 79 3.56 0.87 -12.63
N ILE A 80 3.23 1.00 -11.34
CA ILE A 80 1.90 1.32 -10.91
C ILE A 80 1.87 2.71 -10.30
N ALA A 81 0.94 3.53 -10.76
CA ALA A 81 0.84 4.90 -10.31
C ALA A 81 -0.49 5.16 -9.64
N SER A 82 -1.35 4.16 -9.65
CA SER A 82 -2.64 4.30 -9.02
C SER A 82 -3.30 2.97 -8.73
N VAL A 83 -4.24 2.98 -7.79
CA VAL A 83 -5.02 1.80 -7.46
C VAL A 83 -6.50 2.13 -7.39
N ASP A 84 -7.30 1.40 -8.15
CA ASP A 84 -8.74 1.62 -8.18
C ASP A 84 -9.40 0.57 -7.31
N ASP A 85 -9.83 0.97 -6.13
CA ASP A 85 -10.39 0.03 -5.17
C ASP A 85 -11.83 -0.35 -5.51
N GLN A 86 -12.01 -1.61 -5.84
CA GLN A 86 -13.32 -2.18 -6.13
C GLN A 86 -13.60 -3.33 -5.16
N VAL A 87 -12.92 -3.32 -4.02
CA VAL A 87 -13.05 -4.38 -3.04
C VAL A 87 -14.09 -4.00 -1.99
N LYS A 88 -14.92 -4.98 -1.65
CA LYS A 88 -15.93 -4.79 -0.63
C LYS A 88 -15.50 -5.45 0.66
N THR A 89 -16.24 -5.15 1.71
CA THR A 89 -15.90 -5.61 3.04
C THR A 89 -17.13 -6.16 3.75
N ALA A 90 -17.06 -7.41 4.17
CA ALA A 90 -18.17 -8.07 4.83
C ALA A 90 -18.12 -7.86 6.33
N THR A 91 -16.93 -7.59 6.83
CA THR A 91 -16.75 -7.36 8.25
C THR A 91 -16.23 -5.95 8.51
N PRO A 92 -16.57 -5.38 9.67
CA PRO A 92 -16.13 -4.05 10.06
C PRO A 92 -14.72 -4.07 10.65
N ALA A 93 -13.84 -3.25 10.10
CA ALA A 93 -12.46 -3.21 10.56
C ALA A 93 -11.92 -1.79 10.51
N THR A 94 -10.68 -1.64 10.96
CA THR A 94 -10.04 -0.33 10.97
C THR A 94 -9.80 0.16 9.55
N ALA A 95 -9.90 1.47 9.36
CA ALA A 95 -9.61 2.08 8.08
C ALA A 95 -8.28 2.79 8.16
N SER A 96 -7.67 3.04 7.01
CA SER A 96 -6.34 3.62 7.00
C SER A 96 -6.28 4.84 6.09
N GLN A 97 -5.29 5.67 6.37
CA GLN A 97 -4.89 6.73 5.47
C GLN A 97 -3.73 6.23 4.64
N PHE A 98 -3.61 6.76 3.45
CA PHE A 98 -2.54 6.40 2.57
C PHE A 98 -1.62 7.59 2.33
N TYR A 99 -0.41 7.49 2.85
CA TYR A 99 0.55 8.57 2.76
C TYR A 99 1.68 8.20 1.83
N THR A 100 1.90 9.00 0.80
CA THR A 100 3.01 8.77 -0.11
C THR A 100 4.28 9.42 0.43
N VAL A 101 5.26 8.59 0.69
CA VAL A 101 6.57 9.05 1.14
C VAL A 101 7.22 9.93 0.10
N LYS A 102 7.75 11.06 0.54
CA LYS A 102 8.43 11.97 -0.35
C LYS A 102 9.94 11.88 -0.15
N SER A 103 10.68 12.77 -0.79
CA SER A 103 12.12 12.78 -0.68
C SER A 103 12.56 13.33 0.67
N GLY A 104 13.33 12.55 1.41
CA GLY A 104 13.84 12.98 2.69
C GLY A 104 12.93 12.64 3.84
N ASP A 105 11.95 11.79 3.58
CA ASP A 105 11.00 11.39 4.61
C ASP A 105 11.43 10.10 5.29
N THR A 106 11.20 10.04 6.59
CA THR A 106 11.33 8.80 7.35
C THR A 106 10.02 8.56 8.08
N LEU A 107 9.81 7.35 8.61
CA LEU A 107 8.54 7.04 9.24
C LEU A 107 8.19 8.05 10.32
N SER A 108 9.18 8.40 11.14
CA SER A 108 8.98 9.40 12.19
C SER A 108 8.48 10.70 11.59
N ALA A 109 9.15 11.16 10.56
CA ALA A 109 8.79 12.40 9.90
C ALA A 109 7.37 12.35 9.34
N ILE A 110 6.98 11.20 8.81
CA ILE A 110 5.70 11.07 8.16
C ILE A 110 4.60 10.75 9.18
N SER A 111 4.92 9.96 10.20
CA SER A 111 4.02 9.73 11.31
C SER A 111 3.69 11.05 11.99
N LYS A 112 4.70 11.89 12.09
CA LYS A 112 4.54 13.23 12.63
C LYS A 112 3.50 14.03 11.84
N GLN A 113 3.35 13.72 10.56
CA GLN A 113 2.36 14.36 9.71
C GLN A 113 0.99 13.76 9.99
N VAL A 114 0.93 12.49 9.66
CA VAL A 114 -0.30 11.74 9.54
C VAL A 114 -0.95 11.47 10.89
N TYR A 115 -0.13 11.32 11.91
CA TYR A 115 -0.61 11.03 13.24
C TYR A 115 -0.59 12.28 14.09
N GLY A 116 0.29 13.20 13.72
CA GLY A 116 0.57 14.35 14.55
C GLY A 116 1.58 13.98 15.61
N ASN A 117 2.07 12.76 15.52
CA ASN A 117 3.01 12.21 16.48
C ASN A 117 4.01 11.31 15.77
N ALA A 118 5.29 11.66 15.82
CA ALA A 118 6.32 10.92 15.13
C ALA A 118 6.58 9.56 15.76
N ASN A 119 6.23 9.44 17.05
CA ASN A 119 6.51 8.24 17.82
C ASN A 119 5.67 7.06 17.34
N LEU A 120 4.77 7.30 16.40
CA LEU A 120 3.91 6.24 15.91
C LEU A 120 4.43 5.71 14.59
N TYR A 121 5.71 6.02 14.34
CA TYR A 121 6.40 5.58 13.14
C TYR A 121 6.36 4.06 13.03
N ASN A 122 6.41 3.41 14.20
CA ASN A 122 6.45 1.96 14.27
C ASN A 122 5.12 1.35 13.89
N LYS A 123 4.03 2.01 14.26
CA LYS A 123 2.70 1.49 13.96
C LYS A 123 2.48 1.48 12.47
N ILE A 124 3.01 2.49 11.80
CA ILE A 124 2.97 2.55 10.36
C ILE A 124 3.80 1.41 9.77
N PHE A 125 5.06 1.34 10.18
CA PHE A 125 5.98 0.33 9.65
C PHE A 125 5.34 -1.05 9.63
N GLU A 126 4.86 -1.48 10.80
CA GLU A 126 4.28 -2.82 10.95
C GLU A 126 3.00 -2.96 10.13
N ALA A 127 2.48 -1.84 9.69
CA ALA A 127 1.22 -1.80 8.97
C ALA A 127 1.50 -1.73 7.48
N ASN A 128 2.72 -1.36 7.17
CA ASN A 128 3.22 -1.33 5.81
C ASN A 128 3.91 -2.66 5.55
N LYS A 129 3.99 -3.48 6.58
CA LYS A 129 4.56 -4.81 6.47
C LYS A 129 3.60 -5.72 5.74
N PRO A 130 4.10 -6.84 5.22
CA PRO A 130 5.51 -7.15 5.23
C PRO A 130 6.21 -6.73 3.94
N MET A 131 5.71 -5.69 3.31
CA MET A 131 6.36 -5.20 2.10
C MET A 131 7.40 -4.15 2.44
N LEU A 132 7.12 -3.33 3.44
CA LEU A 132 8.08 -2.30 3.82
C LEU A 132 9.28 -2.95 4.47
N LYS A 133 10.45 -2.61 3.93
CA LYS A 133 11.71 -3.19 4.33
C LYS A 133 12.09 -2.79 5.75
N SER A 134 12.23 -1.49 5.98
CA SER A 134 12.53 -0.97 7.31
C SER A 134 12.11 0.49 7.39
N PRO A 135 11.94 1.00 8.62
CA PRO A 135 11.42 2.34 8.89
C PRO A 135 12.10 3.43 8.08
N ASP A 136 13.41 3.48 8.18
CA ASP A 136 14.19 4.50 7.48
C ASP A 136 14.46 4.07 6.05
N LYS A 137 14.06 2.85 5.71
CA LYS A 137 14.29 2.29 4.39
C LYS A 137 13.09 2.49 3.48
N ILE A 138 12.18 3.37 3.87
CA ILE A 138 11.14 3.81 2.95
C ILE A 138 11.76 4.56 1.76
N TYR A 139 10.92 4.96 0.84
CA TYR A 139 11.38 5.63 -0.37
C TYR A 139 10.29 6.48 -0.97
N PRO A 140 10.69 7.56 -1.65
CA PRO A 140 9.77 8.47 -2.34
C PRO A 140 8.88 7.73 -3.32
N GLY A 141 7.64 7.53 -2.93
CA GLY A 141 6.73 6.74 -3.71
C GLY A 141 6.11 5.63 -2.90
N GLN A 142 6.56 5.51 -1.65
CA GLN A 142 6.06 4.50 -0.74
C GLN A 142 4.76 4.97 -0.13
N VAL A 143 3.66 4.55 -0.70
CA VAL A 143 2.37 4.84 -0.11
C VAL A 143 2.16 3.95 1.11
N LEU A 144 2.43 4.54 2.24
CA LEU A 144 2.38 3.85 3.51
C LEU A 144 0.97 3.76 4.04
N ARG A 145 0.64 2.62 4.61
CA ARG A 145 -0.67 2.43 5.21
C ARG A 145 -0.67 3.04 6.59
N ILE A 146 -1.43 4.11 6.74
CA ILE A 146 -1.53 4.82 8.00
C ILE A 146 -2.81 4.42 8.72
N PRO A 147 -2.75 3.44 9.62
CA PRO A 147 -3.93 2.99 10.36
C PRO A 147 -4.48 4.10 11.24
N GLU A 148 -5.77 4.05 11.48
CA GLU A 148 -6.41 5.09 12.24
C GLU A 148 -6.14 4.91 13.73
N GLU A 149 -5.45 5.89 14.27
CA GLU A 149 -5.14 5.91 15.68
C GLU A 149 -6.20 6.71 16.41
N LEU A 150 -6.92 6.05 17.28
CA LEU A 150 -7.97 6.68 18.06
C LEU A 150 -7.38 7.43 19.25
N GLU A 151 -6.35 8.22 18.96
CA GLU A 151 -5.64 9.02 19.96
C GLU A 151 -4.93 8.14 20.98
N HIS A 152 -3.62 8.13 20.93
CA HIS A 152 -2.82 7.30 21.82
C HIS A 152 -2.64 7.98 23.17
N HIS A 153 -3.22 9.18 23.30
CA HIS A 153 -3.17 9.96 24.54
C HIS A 153 -1.76 10.44 24.83
N HIS A 154 -1.59 11.09 25.98
CA HIS A 154 -0.28 11.63 26.41
C HIS A 154 0.17 12.78 25.53
N HIS A 155 1.19 13.50 25.98
CA HIS A 155 1.69 14.65 25.25
C HIS A 155 2.89 14.24 24.41
N HIS A 156 2.98 14.78 23.20
CA HIS A 156 4.00 14.36 22.26
C HIS A 156 4.85 15.53 21.78
N HIS A 157 6.04 15.23 21.29
CA HIS A 157 6.96 16.24 20.79
C HIS A 157 7.90 15.61 19.76
K K B . 3.90 2.77 -7.01
N MET A 1 -14.60 8.87 -4.29
CA MET A 1 -13.79 8.14 -3.29
C MET A 1 -13.80 6.65 -3.61
N GLY A 2 -12.84 6.22 -4.41
CA GLY A 2 -12.76 4.84 -4.81
C GLY A 2 -11.43 4.51 -5.45
N LEU A 3 -10.95 5.42 -6.29
CA LEU A 3 -9.64 5.27 -6.90
C LEU A 3 -8.59 5.91 -6.02
N PHE A 4 -7.47 5.23 -5.89
CA PHE A 4 -6.37 5.73 -5.10
C PHE A 4 -5.16 5.97 -5.99
N ASN A 5 -4.60 7.16 -5.90
CA ASN A 5 -3.53 7.58 -6.79
C ASN A 5 -2.19 7.49 -6.07
N PHE A 6 -1.20 6.96 -6.77
CA PHE A 6 0.11 6.72 -6.19
C PHE A 6 1.17 7.37 -7.06
N VAL A 7 2.42 7.06 -6.78
CA VAL A 7 3.50 7.28 -7.72
C VAL A 7 3.41 6.15 -8.74
N LYS A 8 4.14 6.25 -9.83
CA LYS A 8 4.24 5.16 -10.77
C LYS A 8 5.58 4.44 -10.67
N ASP A 9 6.62 5.19 -10.95
CA ASP A 9 8.00 4.67 -10.97
C ASP A 9 8.44 4.11 -9.61
N ALA A 10 7.70 4.44 -8.55
CA ALA A 10 8.14 4.11 -7.20
C ALA A 10 7.38 2.91 -6.67
N GLY A 11 8.12 1.94 -6.15
CA GLY A 11 7.53 0.74 -5.61
C GLY A 11 8.37 -0.48 -5.89
N GLU A 12 7.83 -1.67 -5.62
CA GLU A 12 8.50 -2.91 -5.91
C GLU A 12 8.73 -3.05 -7.40
N LYS A 13 9.93 -3.41 -7.78
CA LYS A 13 10.25 -3.59 -9.19
C LYS A 13 9.85 -4.95 -9.67
N LEU A 14 8.65 -5.04 -10.20
CA LEU A 14 8.10 -6.31 -10.67
C LEU A 14 8.29 -6.46 -12.16
N TRP A 15 8.41 -5.33 -12.86
CA TRP A 15 8.57 -5.35 -14.31
C TRP A 15 9.53 -4.26 -14.79
N ASP A 16 9.02 -3.04 -14.92
CA ASP A 16 9.74 -1.93 -15.53
C ASP A 16 8.76 -0.77 -15.77
N ALA A 17 7.95 -0.89 -16.84
CA ALA A 17 7.01 0.17 -17.24
C ALA A 17 7.73 1.48 -17.49
N VAL A 18 9.01 1.37 -17.72
CA VAL A 18 9.84 2.51 -18.05
C VAL A 18 10.02 2.54 -19.54
N THR A 19 10.57 1.45 -20.04
CA THR A 19 10.62 1.21 -21.46
C THR A 19 9.67 0.07 -21.78
N GLY A 20 9.32 -0.68 -20.74
CA GLY A 20 8.33 -1.73 -20.84
C GLY A 20 8.95 -3.09 -21.04
N GLN A 21 8.28 -4.12 -20.56
CA GLN A 21 8.73 -5.50 -20.71
C GLN A 21 7.67 -6.30 -21.46
N HIS A 22 6.95 -5.62 -22.35
CA HIS A 22 5.77 -6.18 -23.02
C HIS A 22 4.78 -6.62 -21.95
N ASP A 23 4.53 -5.72 -21.02
CA ASP A 23 3.78 -6.02 -19.82
C ASP A 23 2.52 -5.18 -19.71
N LYS A 24 1.39 -5.85 -19.59
CA LYS A 24 0.11 -5.22 -19.32
C LYS A 24 -0.71 -6.10 -18.38
N ASP A 25 -1.19 -7.22 -18.91
CA ASP A 25 -1.89 -8.20 -18.08
C ASP A 25 -0.87 -8.99 -17.29
N ASP A 26 0.35 -8.99 -17.81
CA ASP A 26 1.48 -9.62 -17.13
C ASP A 26 1.75 -8.90 -15.81
N GLN A 27 1.49 -7.61 -15.79
CA GLN A 27 1.72 -6.79 -14.61
C GLN A 27 0.82 -7.24 -13.47
N ALA A 28 -0.38 -7.66 -13.78
CA ALA A 28 -1.28 -8.16 -12.75
C ALA A 28 -0.72 -9.46 -12.20
N LYS A 29 -0.32 -10.34 -13.09
CA LYS A 29 0.35 -11.55 -12.71
C LYS A 29 1.53 -11.23 -11.80
N LYS A 30 2.24 -10.16 -12.14
CA LYS A 30 3.37 -9.70 -11.38
C LYS A 30 2.98 -9.25 -9.98
N VAL A 31 1.98 -8.40 -9.88
CA VAL A 31 1.55 -7.89 -8.61
C VAL A 31 0.96 -9.00 -7.74
N GLN A 32 0.16 -9.88 -8.34
CA GLN A 32 -0.33 -11.06 -7.64
C GLN A 32 0.84 -11.83 -7.02
N GLU A 33 1.94 -11.95 -7.77
CA GLU A 33 3.13 -12.59 -7.22
C GLU A 33 3.65 -11.82 -6.03
N HIS A 34 3.86 -10.53 -6.23
CA HIS A 34 4.40 -9.66 -5.21
C HIS A 34 3.66 -9.80 -3.89
N LEU A 35 2.34 -9.62 -3.92
CA LEU A 35 1.52 -9.74 -2.72
C LEU A 35 1.66 -11.12 -2.06
N ASN A 36 1.72 -12.17 -2.85
CA ASN A 36 1.81 -13.52 -2.30
C ASN A 36 3.20 -13.81 -1.75
N LYS A 37 4.21 -13.25 -2.40
CA LYS A 37 5.58 -13.38 -1.98
C LYS A 37 5.85 -12.58 -0.70
N THR A 38 5.39 -11.34 -0.69
CA THR A 38 5.51 -10.48 0.50
C THR A 38 4.73 -11.09 1.67
N GLY A 39 3.61 -11.71 1.36
CA GLY A 39 2.78 -12.32 2.37
C GLY A 39 1.64 -11.41 2.79
N ILE A 40 1.23 -10.52 1.88
CA ILE A 40 0.15 -9.60 2.15
C ILE A 40 -1.10 -10.36 2.52
N PRO A 41 -1.65 -10.12 3.72
CA PRO A 41 -2.84 -10.83 4.18
C PRO A 41 -4.05 -10.57 3.30
N ASP A 42 -4.79 -11.64 3.07
CA ASP A 42 -5.99 -11.63 2.22
C ASP A 42 -5.71 -11.13 0.81
N ALA A 43 -4.44 -11.14 0.40
CA ALA A 43 -4.08 -10.81 -0.97
C ALA A 43 -4.51 -11.95 -1.88
N ASP A 44 -4.64 -13.12 -1.28
CA ASP A 44 -5.16 -14.29 -1.97
C ASP A 44 -6.67 -14.15 -2.16
N LYS A 45 -7.27 -13.23 -1.42
CA LYS A 45 -8.71 -13.09 -1.43
C LYS A 45 -9.13 -11.97 -2.37
N VAL A 46 -8.14 -11.34 -2.99
CA VAL A 46 -8.41 -10.26 -3.92
C VAL A 46 -8.01 -10.64 -5.34
N ASN A 47 -8.34 -9.77 -6.25
CA ASN A 47 -8.03 -9.93 -7.66
C ASN A 47 -7.53 -8.62 -8.23
N ILE A 48 -6.33 -8.61 -8.75
CA ILE A 48 -5.70 -7.39 -9.19
C ILE A 48 -5.59 -7.31 -10.70
N GLN A 49 -5.90 -6.15 -11.23
CA GLN A 49 -5.83 -5.90 -12.65
C GLN A 49 -4.97 -4.69 -12.92
N ILE A 50 -4.55 -4.53 -14.15
CA ILE A 50 -3.69 -3.42 -14.51
C ILE A 50 -4.10 -2.78 -15.81
N ALA A 51 -3.86 -1.50 -15.88
CA ALA A 51 -4.04 -0.74 -17.08
C ALA A 51 -2.82 0.13 -17.31
N ASP A 52 -1.68 -0.52 -17.53
CA ASP A 52 -0.40 0.16 -17.74
C ASP A 52 0.14 0.75 -16.45
N GLY A 53 -0.61 1.69 -15.89
CA GLY A 53 -0.24 2.30 -14.63
C GLY A 53 -1.29 2.07 -13.57
N LYS A 54 -2.55 2.19 -13.95
CA LYS A 54 -3.64 2.06 -13.00
C LYS A 54 -4.00 0.59 -12.78
N ALA A 55 -3.62 0.08 -11.62
CA ALA A 55 -4.02 -1.25 -11.21
C ALA A 55 -5.41 -1.18 -10.60
N THR A 56 -6.16 -2.25 -10.72
CA THR A 56 -7.45 -2.35 -10.06
C THR A 56 -7.44 -3.48 -9.06
N VAL A 57 -7.79 -3.21 -7.83
CA VAL A 57 -7.93 -4.24 -6.85
C VAL A 57 -9.38 -4.64 -6.76
N THR A 58 -9.65 -5.92 -6.62
CA THR A 58 -11.01 -6.37 -6.55
C THR A 58 -11.11 -7.54 -5.58
N GLY A 59 -12.31 -7.88 -5.21
CA GLY A 59 -12.54 -9.03 -4.36
C GLY A 59 -13.80 -8.85 -3.56
N ASP A 60 -14.18 -9.85 -2.79
CA ASP A 60 -15.36 -9.74 -1.96
C ASP A 60 -15.28 -10.63 -0.76
N GLY A 61 -15.83 -10.13 0.32
CA GLY A 61 -15.88 -10.89 1.53
C GLY A 61 -14.75 -10.57 2.48
N LEU A 62 -13.97 -9.55 2.14
CA LEU A 62 -12.84 -9.17 2.95
C LEU A 62 -13.24 -8.25 4.09
N SER A 63 -12.23 -7.77 4.77
CA SER A 63 -12.40 -6.83 5.85
C SER A 63 -11.68 -5.52 5.52
N GLN A 64 -12.25 -4.44 6.03
CA GLN A 64 -11.86 -3.07 5.70
C GLN A 64 -10.35 -2.79 5.83
N GLU A 65 -9.67 -3.41 6.78
CA GLU A 65 -8.26 -3.14 6.97
C GLU A 65 -7.43 -3.94 5.96
N ALA A 66 -7.80 -5.21 5.79
CA ALA A 66 -7.15 -6.07 4.80
C ALA A 66 -7.26 -5.46 3.42
N LYS A 67 -8.44 -4.91 3.14
CA LYS A 67 -8.72 -4.19 1.92
C LYS A 67 -7.65 -3.11 1.66
N GLU A 68 -7.33 -2.35 2.70
CA GLU A 68 -6.32 -1.29 2.60
C GLU A 68 -4.93 -1.92 2.48
N LYS A 69 -4.75 -3.05 3.15
CA LYS A 69 -3.50 -3.79 3.15
C LYS A 69 -3.08 -4.15 1.72
N ILE A 70 -4.03 -4.66 0.94
CA ILE A 70 -3.77 -4.96 -0.46
C ILE A 70 -3.56 -3.68 -1.28
N LEU A 71 -4.39 -2.66 -1.02
CA LEU A 71 -4.30 -1.38 -1.73
C LEU A 71 -2.86 -0.85 -1.77
N VAL A 72 -2.19 -0.83 -0.62
CA VAL A 72 -0.83 -0.34 -0.56
C VAL A 72 0.15 -1.31 -1.21
N ALA A 73 -0.12 -2.60 -1.12
CA ALA A 73 0.78 -3.61 -1.68
C ALA A 73 0.83 -3.50 -3.19
N VAL A 74 -0.33 -3.30 -3.81
CA VAL A 74 -0.43 -3.15 -5.25
C VAL A 74 -0.06 -1.73 -5.67
N GLY A 75 -0.38 -0.78 -4.82
CA GLY A 75 -0.08 0.60 -5.11
C GLY A 75 1.39 0.92 -5.04
N ASN A 76 2.14 0.08 -4.35
CA ASN A 76 3.58 0.30 -4.20
C ASN A 76 4.37 -0.60 -5.13
N ILE A 77 4.10 -0.47 -6.41
CA ILE A 77 4.85 -1.16 -7.44
C ILE A 77 5.57 -0.15 -8.32
N SER A 78 6.74 -0.51 -8.80
CA SER A 78 7.43 0.29 -9.79
C SER A 78 6.82 0.01 -11.15
N GLY A 79 5.86 0.83 -11.52
CA GLY A 79 5.12 0.63 -12.73
C GLY A 79 3.66 0.95 -12.54
N ILE A 80 3.19 0.75 -11.31
CA ILE A 80 1.83 1.05 -10.95
C ILE A 80 1.73 2.48 -10.51
N ALA A 81 0.80 3.22 -11.09
CA ALA A 81 0.62 4.63 -10.75
C ALA A 81 -0.56 4.83 -9.84
N SER A 82 -1.51 3.91 -9.87
CA SER A 82 -2.69 4.02 -9.06
C SER A 82 -3.36 2.67 -8.85
N VAL A 83 -4.29 2.61 -7.90
CA VAL A 83 -5.05 1.41 -7.61
C VAL A 83 -6.52 1.73 -7.46
N ASP A 84 -7.36 1.06 -8.24
CA ASP A 84 -8.79 1.28 -8.18
C ASP A 84 -9.40 0.27 -7.22
N ASP A 85 -9.95 0.76 -6.13
CA ASP A 85 -10.46 -0.10 -5.08
C ASP A 85 -11.82 -0.69 -5.45
N GLN A 86 -11.82 -1.97 -5.78
CA GLN A 86 -13.06 -2.69 -6.08
C GLN A 86 -13.21 -3.92 -5.20
N VAL A 87 -12.53 -3.91 -4.05
CA VAL A 87 -12.67 -4.99 -3.09
C VAL A 87 -13.84 -4.72 -2.17
N LYS A 88 -14.66 -5.74 -1.98
CA LYS A 88 -15.81 -5.63 -1.12
C LYS A 88 -15.51 -6.22 0.24
N THR A 89 -16.09 -5.62 1.23
CA THR A 89 -15.85 -6.01 2.60
C THR A 89 -17.11 -6.57 3.24
N ALA A 90 -17.05 -7.82 3.67
CA ALA A 90 -18.17 -8.48 4.32
C ALA A 90 -18.25 -8.05 5.77
N THR A 91 -17.10 -7.70 6.34
CA THR A 91 -17.05 -7.27 7.72
C THR A 91 -16.33 -5.94 7.84
N PRO A 92 -16.74 -5.14 8.83
CA PRO A 92 -16.17 -3.84 9.12
C PRO A 92 -14.81 -3.96 9.80
N ALA A 93 -13.95 -2.98 9.56
CA ALA A 93 -12.65 -2.93 10.21
C ALA A 93 -12.16 -1.49 10.23
N THR A 94 -10.89 -1.31 10.53
CA THR A 94 -10.31 0.03 10.54
C THR A 94 -9.85 0.41 9.14
N ALA A 95 -10.12 1.65 8.77
CA ALA A 95 -9.74 2.17 7.48
C ALA A 95 -8.46 2.96 7.62
N SER A 96 -7.67 3.03 6.58
CA SER A 96 -6.35 3.63 6.68
C SER A 96 -6.22 4.88 5.84
N GLN A 97 -5.34 5.75 6.27
CA GLN A 97 -4.91 6.87 5.50
C GLN A 97 -3.71 6.47 4.68
N PHE A 98 -3.57 7.07 3.54
CA PHE A 98 -2.50 6.71 2.65
C PHE A 98 -1.57 7.90 2.45
N TYR A 99 -0.36 7.75 2.98
CA TYR A 99 0.63 8.81 2.90
C TYR A 99 1.75 8.41 1.94
N THR A 100 2.00 9.25 0.95
CA THR A 100 3.08 8.97 0.01
C THR A 100 4.38 9.57 0.52
N VAL A 101 5.35 8.69 0.76
CA VAL A 101 6.68 9.09 1.21
C VAL A 101 7.35 9.97 0.18
N LYS A 102 7.91 11.09 0.64
CA LYS A 102 8.60 12.00 -0.23
C LYS A 102 10.11 11.87 -0.07
N SER A 103 10.86 12.63 -0.85
CA SER A 103 12.31 12.58 -0.79
C SER A 103 12.83 13.16 0.52
N GLY A 104 13.55 12.35 1.29
CA GLY A 104 14.14 12.84 2.52
C GLY A 104 13.28 12.49 3.72
N ASP A 105 12.23 11.73 3.49
CA ASP A 105 11.32 11.34 4.56
C ASP A 105 11.86 10.13 5.30
N THR A 106 11.70 10.14 6.62
CA THR A 106 11.96 8.97 7.43
C THR A 106 10.64 8.50 8.03
N LEU A 107 10.55 7.26 8.48
CA LEU A 107 9.29 6.74 8.98
C LEU A 107 8.76 7.62 10.11
N SER A 108 9.66 8.05 10.97
CA SER A 108 9.30 8.95 12.06
C SER A 108 8.83 10.29 11.50
N ALA A 109 9.59 10.84 10.55
CA ALA A 109 9.24 12.13 9.95
C ALA A 109 7.83 12.09 9.35
N ILE A 110 7.45 10.95 8.80
CA ILE A 110 6.16 10.83 8.17
C ILE A 110 5.08 10.54 9.21
N SER A 111 5.44 9.79 10.25
CA SER A 111 4.54 9.58 11.37
C SER A 111 4.18 10.92 12.02
N LYS A 112 5.14 11.83 12.02
CA LYS A 112 4.93 13.18 12.54
C LYS A 112 3.88 13.92 11.72
N GLN A 113 3.80 13.59 10.44
CA GLN A 113 2.83 14.22 9.55
C GLN A 113 1.45 13.68 9.83
N VAL A 114 1.38 12.39 9.70
CA VAL A 114 0.14 11.65 9.60
C VAL A 114 -0.53 11.45 10.96
N TYR A 115 0.27 11.39 12.00
CA TYR A 115 -0.22 11.20 13.35
C TYR A 115 -0.10 12.47 14.16
N GLY A 116 0.87 13.29 13.78
CA GLY A 116 1.21 14.44 14.58
C GLY A 116 2.28 14.09 15.59
N ASN A 117 2.65 12.81 15.59
CA ASN A 117 3.64 12.29 16.53
C ASN A 117 4.53 11.28 15.81
N ALA A 118 5.83 11.55 15.79
CA ALA A 118 6.77 10.71 15.04
C ALA A 118 7.07 9.41 15.77
N ASN A 119 6.75 9.37 17.06
CA ASN A 119 7.02 8.20 17.87
C ASN A 119 6.10 7.03 17.47
N LEU A 120 5.19 7.30 16.54
CA LEU A 120 4.24 6.29 16.10
C LEU A 120 4.67 5.69 14.79
N TYR A 121 5.93 5.91 14.44
CA TYR A 121 6.51 5.38 13.22
C TYR A 121 6.27 3.88 13.14
N ASN A 122 6.40 3.21 14.27
CA ASN A 122 6.27 1.76 14.34
C ASN A 122 4.83 1.32 14.06
N LYS A 123 3.87 2.14 14.44
CA LYS A 123 2.47 1.82 14.21
C LYS A 123 2.17 1.86 12.72
N ILE A 124 2.91 2.68 11.99
CA ILE A 124 2.82 2.70 10.56
C ILE A 124 3.54 1.50 9.98
N PHE A 125 4.81 1.34 10.36
CA PHE A 125 5.65 0.26 9.86
C PHE A 125 4.91 -1.07 9.83
N GLU A 126 4.44 -1.51 11.00
CA GLU A 126 3.83 -2.83 11.12
C GLU A 126 2.51 -2.91 10.37
N ALA A 127 2.01 -1.75 9.99
CA ALA A 127 0.76 -1.64 9.27
C ALA A 127 1.02 -1.68 7.78
N ASN A 128 2.19 -1.19 7.43
CA ASN A 128 2.63 -1.18 6.04
C ASN A 128 3.12 -2.57 5.69
N LYS A 129 3.35 -3.36 6.72
CA LYS A 129 3.80 -4.73 6.56
C LYS A 129 2.75 -5.57 5.85
N PRO A 130 3.18 -6.59 5.12
CA PRO A 130 4.59 -6.83 4.83
C PRO A 130 5.04 -6.13 3.55
N MET A 131 4.31 -5.11 3.14
CA MET A 131 4.66 -4.30 1.98
C MET A 131 5.93 -3.50 2.27
N LEU A 132 6.01 -2.98 3.49
CA LEU A 132 7.18 -2.24 3.93
C LEU A 132 8.21 -3.20 4.51
N LYS A 133 9.44 -3.07 4.03
CA LYS A 133 10.53 -3.95 4.40
C LYS A 133 11.14 -3.56 5.75
N SER A 134 11.50 -2.29 5.89
CA SER A 134 12.01 -1.78 7.16
C SER A 134 11.70 -0.30 7.27
N PRO A 135 11.63 0.21 8.51
CA PRO A 135 11.14 1.56 8.79
C PRO A 135 11.83 2.64 7.98
N ASP A 136 13.15 2.60 7.98
CA ASP A 136 13.95 3.62 7.29
C ASP A 136 14.21 3.20 5.86
N LYS A 137 13.76 2.00 5.51
CA LYS A 137 13.92 1.47 4.17
C LYS A 137 12.77 1.87 3.26
N ILE A 138 11.99 2.86 3.69
CA ILE A 138 11.01 3.49 2.83
C ILE A 138 11.68 4.15 1.64
N TYR A 139 10.86 4.68 0.75
CA TYR A 139 11.37 5.29 -0.47
C TYR A 139 10.38 6.30 -1.03
N PRO A 140 10.91 7.33 -1.70
CA PRO A 140 10.11 8.38 -2.32
C PRO A 140 9.09 7.82 -3.30
N GLY A 141 7.83 7.85 -2.89
CA GLY A 141 6.77 7.28 -3.68
C GLY A 141 6.03 6.20 -2.95
N GLN A 142 6.50 5.84 -1.77
CA GLN A 142 5.92 4.72 -1.05
C GLN A 142 4.73 5.18 -0.27
N VAL A 143 3.56 4.84 -0.76
CA VAL A 143 2.35 5.11 -0.03
C VAL A 143 2.23 4.15 1.15
N LEU A 144 2.46 4.72 2.32
CA LEU A 144 2.41 3.97 3.56
C LEU A 144 0.99 3.87 4.07
N ARG A 145 0.66 2.74 4.67
CA ARG A 145 -0.67 2.50 5.19
C ARG A 145 -0.76 3.08 6.59
N ILE A 146 -1.37 4.23 6.70
CA ILE A 146 -1.52 4.92 7.97
C ILE A 146 -2.80 4.50 8.65
N PRO A 147 -2.73 3.63 9.65
CA PRO A 147 -3.89 3.22 10.41
C PRO A 147 -4.43 4.38 11.21
N GLU A 148 -5.72 4.41 11.34
CA GLU A 148 -6.36 5.49 12.05
C GLU A 148 -5.95 5.47 13.50
N GLU A 149 -5.42 6.59 13.95
CA GLU A 149 -5.02 6.75 15.32
C GLU A 149 -6.26 6.87 16.20
N LEU A 150 -6.64 5.74 16.79
CA LEU A 150 -7.82 5.69 17.66
C LEU A 150 -7.58 6.48 18.94
N GLU A 151 -7.92 7.76 18.89
CA GLU A 151 -7.69 8.67 20.00
C GLU A 151 -6.21 8.77 20.33
N HIS A 152 -5.87 9.53 21.36
CA HIS A 152 -4.49 9.74 21.71
C HIS A 152 -4.27 9.68 23.22
N HIS A 153 -3.48 8.70 23.64
CA HIS A 153 -3.14 8.53 25.04
C HIS A 153 -1.66 8.76 25.26
N HIS A 154 -0.89 8.51 24.21
CA HIS A 154 0.56 8.74 24.24
C HIS A 154 0.86 10.18 23.84
N HIS A 155 0.85 11.07 24.81
CA HIS A 155 1.08 12.49 24.55
C HIS A 155 2.57 12.78 24.35
N HIS A 156 2.87 13.56 23.32
CA HIS A 156 4.24 13.97 23.04
C HIS A 156 4.29 15.45 22.72
N HIS A 157 5.50 15.99 22.64
CA HIS A 157 5.68 17.40 22.39
C HIS A 157 6.50 17.60 21.12
K K B . 3.60 2.95 -7.28
N MET A 1 -16.69 3.18 -8.25
CA MET A 1 -15.49 4.03 -8.40
C MET A 1 -14.76 4.18 -7.08
N GLY A 2 -13.47 4.49 -7.16
CA GLY A 2 -12.66 4.66 -5.97
C GLY A 2 -11.19 4.48 -6.29
N LEU A 3 -10.54 5.56 -6.71
CA LEU A 3 -9.16 5.48 -7.13
C LEU A 3 -8.23 6.08 -6.07
N PHE A 4 -7.12 5.40 -5.86
CA PHE A 4 -6.11 5.84 -4.90
C PHE A 4 -4.78 6.06 -5.62
N ASN A 5 -4.21 7.24 -5.44
CA ASN A 5 -3.04 7.67 -6.23
C ASN A 5 -1.74 7.23 -5.59
N PHE A 6 -0.80 6.82 -6.44
CA PHE A 6 0.53 6.39 -6.00
C PHE A 6 1.58 7.06 -6.87
N VAL A 7 2.85 6.91 -6.51
CA VAL A 7 3.93 7.37 -7.38
C VAL A 7 4.38 6.23 -8.28
N LYS A 8 4.00 6.33 -9.54
CA LYS A 8 4.13 5.24 -10.50
C LYS A 8 5.49 4.58 -10.48
N ASP A 9 6.51 5.38 -10.70
CA ASP A 9 7.89 4.89 -10.85
C ASP A 9 8.40 4.22 -9.56
N ALA A 10 7.71 4.49 -8.46
CA ALA A 10 8.18 4.06 -7.16
C ALA A 10 7.48 2.79 -6.72
N GLY A 11 8.23 1.88 -6.13
CA GLY A 11 7.65 0.66 -5.63
C GLY A 11 8.52 -0.53 -5.93
N GLU A 12 7.98 -1.73 -5.70
CA GLU A 12 8.67 -2.95 -6.00
C GLU A 12 8.91 -3.05 -7.49
N LYS A 13 10.13 -3.36 -7.87
CA LYS A 13 10.46 -3.55 -9.27
C LYS A 13 10.29 -4.99 -9.65
N LEU A 14 9.04 -5.38 -9.74
CA LEU A 14 8.69 -6.72 -10.18
C LEU A 14 9.19 -6.92 -11.61
N TRP A 15 8.81 -6.00 -12.47
CA TRP A 15 9.10 -6.12 -13.90
C TRP A 15 10.03 -5.02 -14.37
N ASP A 16 10.31 -4.04 -13.48
CA ASP A 16 11.07 -2.85 -13.83
C ASP A 16 10.28 -1.98 -14.80
N ALA A 17 9.70 -0.90 -14.28
CA ALA A 17 8.82 -0.02 -15.07
C ALA A 17 9.60 0.79 -16.09
N VAL A 18 10.89 0.57 -16.11
CA VAL A 18 11.75 1.16 -17.11
C VAL A 18 11.28 0.79 -18.52
N THR A 19 10.80 -0.44 -18.65
CA THR A 19 10.36 -0.95 -19.94
C THR A 19 8.97 -1.54 -19.84
N GLY A 20 8.71 -2.26 -18.74
CA GLY A 20 7.42 -2.88 -18.56
C GLY A 20 7.49 -4.38 -18.69
N GLN A 21 7.83 -4.86 -19.88
CA GLN A 21 8.02 -6.28 -20.15
C GLN A 21 6.73 -7.07 -19.93
N HIS A 22 5.95 -7.20 -20.99
CA HIS A 22 4.63 -7.83 -20.93
C HIS A 22 3.72 -7.01 -20.01
N ASP A 23 3.75 -5.70 -20.22
CA ASP A 23 3.08 -4.77 -19.34
C ASP A 23 1.56 -4.73 -19.56
N LYS A 24 0.87 -5.75 -19.07
CA LYS A 24 -0.59 -5.73 -19.01
C LYS A 24 -1.11 -6.72 -17.96
N ASP A 25 -1.54 -7.90 -18.41
CA ASP A 25 -2.10 -8.89 -17.51
C ASP A 25 -0.98 -9.52 -16.72
N ASP A 26 0.21 -9.46 -17.28
CA ASP A 26 1.39 -10.02 -16.65
C ASP A 26 1.78 -9.16 -15.45
N GLN A 27 1.47 -7.86 -15.52
CA GLN A 27 1.71 -6.98 -14.40
C GLN A 27 0.80 -7.35 -13.24
N ALA A 28 -0.47 -7.63 -13.55
CA ALA A 28 -1.45 -7.99 -12.53
C ALA A 28 -1.07 -9.30 -11.84
N LYS A 29 -0.37 -10.15 -12.55
CA LYS A 29 0.16 -11.36 -11.98
C LYS A 29 1.36 -11.02 -11.12
N LYS A 30 2.18 -10.12 -11.60
CA LYS A 30 3.41 -9.74 -10.94
C LYS A 30 3.15 -9.08 -9.62
N VAL A 31 2.24 -8.14 -9.61
CA VAL A 31 1.88 -7.43 -8.43
C VAL A 31 1.28 -8.38 -7.40
N GLN A 32 0.62 -9.42 -7.87
CA GLN A 32 0.04 -10.41 -7.00
C GLN A 32 1.11 -11.40 -6.50
N GLU A 33 1.99 -11.82 -7.40
CA GLU A 33 3.15 -12.59 -6.99
C GLU A 33 3.90 -11.82 -5.93
N HIS A 34 4.11 -10.53 -6.19
CA HIS A 34 4.66 -9.61 -5.22
C HIS A 34 3.95 -9.74 -3.87
N LEU A 35 2.63 -9.81 -3.91
CA LEU A 35 1.83 -9.95 -2.70
C LEU A 35 2.15 -11.25 -1.97
N ASN A 36 2.21 -12.34 -2.73
CA ASN A 36 2.50 -13.65 -2.15
C ASN A 36 3.94 -13.68 -1.61
N LYS A 37 4.84 -13.04 -2.35
CA LYS A 37 6.24 -12.94 -1.97
C LYS A 37 6.38 -12.19 -0.65
N THR A 38 5.86 -10.97 -0.61
CA THR A 38 5.87 -10.17 0.62
C THR A 38 5.07 -10.85 1.73
N GLY A 39 4.02 -11.55 1.34
CA GLY A 39 3.20 -12.27 2.30
C GLY A 39 1.96 -11.50 2.68
N ILE A 40 1.52 -10.59 1.79
CA ILE A 40 0.35 -9.76 2.04
C ILE A 40 -0.87 -10.64 2.29
N PRO A 41 -1.47 -10.56 3.49
CA PRO A 41 -2.63 -11.36 3.84
C PRO A 41 -3.87 -10.98 3.05
N ASP A 42 -4.68 -12.00 2.77
CA ASP A 42 -5.94 -11.84 2.04
C ASP A 42 -5.71 -11.34 0.60
N ALA A 43 -4.50 -11.52 0.08
CA ALA A 43 -4.21 -11.13 -1.29
C ALA A 43 -4.87 -12.10 -2.26
N ASP A 44 -5.26 -13.24 -1.72
CA ASP A 44 -5.95 -14.26 -2.49
C ASP A 44 -7.45 -14.00 -2.47
N LYS A 45 -7.87 -13.05 -1.64
CA LYS A 45 -9.28 -12.73 -1.53
C LYS A 45 -9.66 -11.70 -2.57
N VAL A 46 -8.65 -11.03 -3.10
CA VAL A 46 -8.85 -9.95 -4.05
C VAL A 46 -8.54 -10.39 -5.47
N ASN A 47 -8.65 -9.44 -6.39
CA ASN A 47 -8.41 -9.66 -7.81
C ASN A 47 -7.76 -8.44 -8.40
N ILE A 48 -6.62 -8.63 -9.02
CA ILE A 48 -5.82 -7.51 -9.48
C ILE A 48 -5.81 -7.40 -11.00
N GLN A 49 -5.90 -6.18 -11.46
CA GLN A 49 -5.81 -5.86 -12.89
C GLN A 49 -4.93 -4.66 -13.09
N ILE A 50 -4.34 -4.55 -14.26
CA ILE A 50 -3.44 -3.46 -14.54
C ILE A 50 -3.79 -2.80 -15.86
N ALA A 51 -3.79 -1.49 -15.83
CA ALA A 51 -4.03 -0.71 -17.01
C ALA A 51 -2.87 0.24 -17.22
N ASP A 52 -1.70 -0.33 -17.51
CA ASP A 52 -0.46 0.44 -17.67
C ASP A 52 0.01 0.98 -16.33
N GLY A 53 -0.75 1.91 -15.77
CA GLY A 53 -0.39 2.52 -14.51
C GLY A 53 -1.39 2.21 -13.41
N LYS A 54 -2.66 2.10 -13.76
CA LYS A 54 -3.69 1.88 -12.78
C LYS A 54 -3.95 0.40 -12.54
N ALA A 55 -3.67 -0.04 -11.33
CA ALA A 55 -3.98 -1.39 -10.90
C ALA A 55 -5.35 -1.43 -10.28
N THR A 56 -6.23 -2.26 -10.78
CA THR A 56 -7.55 -2.36 -10.21
C THR A 56 -7.62 -3.55 -9.28
N VAL A 57 -8.06 -3.33 -8.06
CA VAL A 57 -8.16 -4.40 -7.09
C VAL A 57 -9.59 -4.62 -6.70
N THR A 58 -10.09 -5.75 -7.07
CA THR A 58 -11.45 -6.12 -6.70
C THR A 58 -11.40 -7.13 -5.57
N GLY A 59 -12.52 -7.32 -4.92
CA GLY A 59 -12.60 -8.30 -3.88
C GLY A 59 -13.89 -8.18 -3.12
N ASP A 60 -14.25 -9.20 -2.39
CA ASP A 60 -15.50 -9.19 -1.65
C ASP A 60 -15.40 -10.08 -0.44
N GLY A 61 -16.02 -9.61 0.62
CA GLY A 61 -16.09 -10.38 1.82
C GLY A 61 -14.88 -10.18 2.71
N LEU A 62 -14.09 -9.16 2.39
CA LEU A 62 -12.91 -8.85 3.17
C LEU A 62 -13.22 -7.95 4.35
N SER A 63 -12.17 -7.57 5.04
CA SER A 63 -12.25 -6.63 6.13
C SER A 63 -11.42 -5.40 5.79
N GLN A 64 -11.87 -4.24 6.24
CA GLN A 64 -11.32 -2.95 5.83
C GLN A 64 -9.78 -2.91 5.93
N GLU A 65 -9.23 -3.36 7.06
CA GLU A 65 -7.79 -3.33 7.27
C GLU A 65 -7.05 -4.18 6.23
N ALA A 66 -7.58 -5.35 5.91
CA ALA A 66 -6.96 -6.24 4.93
C ALA A 66 -7.15 -5.69 3.53
N LYS A 67 -8.34 -5.14 3.29
CA LYS A 67 -8.67 -4.52 2.04
C LYS A 67 -7.60 -3.50 1.64
N GLU A 68 -7.28 -2.60 2.56
CA GLU A 68 -6.27 -1.56 2.30
C GLU A 68 -4.87 -2.17 2.25
N LYS A 69 -4.69 -3.32 2.90
CA LYS A 69 -3.42 -4.03 2.90
C LYS A 69 -3.02 -4.41 1.48
N ILE A 70 -3.99 -4.87 0.69
CA ILE A 70 -3.75 -5.19 -0.70
C ILE A 70 -3.47 -3.91 -1.50
N LEU A 71 -4.38 -2.93 -1.40
CA LEU A 71 -4.21 -1.63 -2.03
C LEU A 71 -2.77 -1.10 -2.02
N VAL A 72 -2.16 -1.02 -0.84
CA VAL A 72 -0.81 -0.49 -0.73
C VAL A 72 0.20 -1.33 -1.48
N ALA A 73 0.12 -2.64 -1.32
CA ALA A 73 1.15 -3.51 -1.85
C ALA A 73 1.07 -3.60 -3.37
N VAL A 74 -0.14 -3.54 -3.90
CA VAL A 74 -0.36 -3.53 -5.34
C VAL A 74 -0.13 -2.15 -5.92
N GLY A 75 -0.41 -1.15 -5.11
CA GLY A 75 -0.19 0.22 -5.53
C GLY A 75 1.28 0.59 -5.53
N ASN A 76 2.00 0.11 -4.54
CA ASN A 76 3.42 0.44 -4.38
C ASN A 76 4.31 -0.47 -5.22
N ILE A 77 3.99 -0.50 -6.51
CA ILE A 77 4.79 -1.21 -7.49
C ILE A 77 5.47 -0.19 -8.40
N SER A 78 6.67 -0.50 -8.84
CA SER A 78 7.33 0.31 -9.85
C SER A 78 6.64 0.07 -11.18
N GLY A 79 5.73 0.97 -11.53
CA GLY A 79 4.94 0.82 -12.73
C GLY A 79 3.50 1.16 -12.45
N ILE A 80 3.09 0.99 -11.21
CA ILE A 80 1.74 1.26 -10.81
C ILE A 80 1.60 2.67 -10.28
N ALA A 81 0.80 3.45 -10.95
CA ALA A 81 0.61 4.84 -10.60
C ALA A 81 -0.57 5.02 -9.67
N SER A 82 -1.50 4.08 -9.69
CA SER A 82 -2.66 4.18 -8.84
C SER A 82 -3.38 2.84 -8.72
N VAL A 83 -4.24 2.74 -7.71
CA VAL A 83 -5.06 1.56 -7.52
C VAL A 83 -6.53 1.91 -7.57
N ASP A 84 -7.26 1.24 -8.45
CA ASP A 84 -8.69 1.41 -8.53
C ASP A 84 -9.33 0.38 -7.62
N ASP A 85 -9.51 0.75 -6.38
CA ASP A 85 -9.99 -0.18 -5.37
C ASP A 85 -11.47 -0.51 -5.59
N GLN A 86 -11.72 -1.76 -5.90
CA GLN A 86 -13.04 -2.29 -6.10
C GLN A 86 -13.32 -3.41 -5.10
N VAL A 87 -12.61 -3.38 -3.97
CA VAL A 87 -12.74 -4.41 -2.96
C VAL A 87 -13.81 -4.03 -1.94
N LYS A 88 -14.67 -4.98 -1.64
CA LYS A 88 -15.74 -4.77 -0.68
C LYS A 88 -15.36 -5.36 0.66
N THR A 89 -16.19 -5.09 1.63
CA THR A 89 -15.95 -5.52 2.99
C THR A 89 -17.22 -6.09 3.61
N ALA A 90 -17.09 -7.27 4.22
CA ALA A 90 -18.22 -7.92 4.85
C ALA A 90 -18.44 -7.38 6.25
N THR A 91 -17.35 -7.08 6.93
CA THR A 91 -17.43 -6.54 8.27
C THR A 91 -16.78 -5.16 8.36
N PRO A 92 -17.25 -4.34 9.29
CA PRO A 92 -16.73 -2.99 9.50
C PRO A 92 -15.44 -3.01 10.32
N ALA A 93 -14.33 -2.73 9.68
CA ALA A 93 -13.04 -2.80 10.35
C ALA A 93 -12.39 -1.43 10.40
N THR A 94 -11.18 -1.37 10.95
CA THR A 94 -10.45 -0.13 11.03
C THR A 94 -10.14 0.41 9.65
N ALA A 95 -10.20 1.71 9.52
CA ALA A 95 -9.91 2.38 8.27
C ALA A 95 -8.57 3.07 8.36
N SER A 96 -7.90 3.20 7.23
CA SER A 96 -6.55 3.71 7.22
C SER A 96 -6.41 4.89 6.27
N GLN A 97 -5.55 5.81 6.65
CA GLN A 97 -5.14 6.88 5.79
C GLN A 97 -3.98 6.41 4.93
N PHE A 98 -3.84 6.99 3.78
CA PHE A 98 -2.76 6.67 2.87
C PHE A 98 -1.84 7.86 2.71
N TYR A 99 -0.59 7.69 3.07
CA TYR A 99 0.39 8.76 2.95
C TYR A 99 1.48 8.38 1.96
N THR A 100 1.82 9.29 1.07
CA THR A 100 2.88 9.05 0.12
C THR A 100 4.18 9.66 0.61
N VAL A 101 5.16 8.81 0.82
CA VAL A 101 6.48 9.22 1.25
C VAL A 101 7.16 10.09 0.20
N LYS A 102 7.68 11.23 0.62
CA LYS A 102 8.35 12.16 -0.27
C LYS A 102 9.85 11.90 -0.30
N SER A 103 10.57 12.78 -0.98
CA SER A 103 12.01 12.67 -1.13
C SER A 103 12.73 12.58 0.21
N GLY A 104 12.51 13.56 1.07
CA GLY A 104 13.22 13.63 2.33
C GLY A 104 12.39 13.13 3.50
N ASP A 105 11.73 12.00 3.31
CA ASP A 105 10.88 11.44 4.35
C ASP A 105 11.46 10.15 4.91
N THR A 106 11.50 10.05 6.23
CA THR A 106 11.77 8.80 6.91
C THR A 106 10.52 8.43 7.71
N LEU A 107 10.41 7.17 8.14
CA LEU A 107 9.16 6.66 8.73
C LEU A 107 8.68 7.55 9.88
N SER A 108 9.60 7.97 10.74
CA SER A 108 9.28 8.88 11.83
C SER A 108 8.74 10.19 11.30
N ALA A 109 9.43 10.75 10.33
CA ALA A 109 9.04 12.00 9.72
C ALA A 109 7.65 11.92 9.10
N ILE A 110 7.33 10.78 8.51
CA ILE A 110 6.04 10.60 7.87
C ILE A 110 4.96 10.35 8.91
N SER A 111 5.30 9.61 9.97
CA SER A 111 4.40 9.46 11.11
C SER A 111 4.10 10.84 11.71
N LYS A 112 5.12 11.67 11.77
CA LYS A 112 4.99 13.04 12.26
C LYS A 112 3.97 13.82 11.45
N GLN A 113 3.85 13.49 10.18
CA GLN A 113 2.90 14.14 9.29
C GLN A 113 1.49 13.68 9.61
N VAL A 114 1.35 12.37 9.49
CA VAL A 114 0.07 11.71 9.43
C VAL A 114 -0.60 11.60 10.79
N TYR A 115 0.23 11.45 11.83
CA TYR A 115 -0.26 11.29 13.17
C TYR A 115 -0.07 12.58 13.97
N GLY A 116 0.87 13.38 13.51
CA GLY A 116 1.29 14.54 14.26
C GLY A 116 2.34 14.13 15.29
N ASN A 117 2.66 12.86 15.28
CA ASN A 117 3.62 12.28 16.22
C ASN A 117 4.52 11.31 15.49
N ALA A 118 5.82 11.59 15.49
CA ALA A 118 6.77 10.78 14.75
C ALA A 118 6.98 9.42 15.40
N ASN A 119 6.69 9.34 16.70
CA ASN A 119 6.95 8.13 17.47
C ASN A 119 6.05 6.97 17.07
N LEU A 120 5.05 7.25 16.25
CA LEU A 120 4.11 6.22 15.86
C LEU A 120 4.54 5.57 14.56
N TYR A 121 5.78 5.82 14.20
CA TYR A 121 6.35 5.28 12.97
C TYR A 121 6.22 3.77 12.94
N ASN A 122 6.43 3.14 14.09
CA ASN A 122 6.37 1.69 14.19
C ASN A 122 4.97 1.18 13.86
N LYS A 123 3.95 1.91 14.28
CA LYS A 123 2.58 1.50 14.05
C LYS A 123 2.29 1.49 12.56
N ILE A 124 2.82 2.49 11.87
CA ILE A 124 2.72 2.56 10.43
C ILE A 124 3.47 1.40 9.81
N PHE A 125 4.74 1.24 10.20
CA PHE A 125 5.57 0.15 9.69
C PHE A 125 4.83 -1.18 9.71
N GLU A 126 4.37 -1.55 10.90
CA GLU A 126 3.75 -2.87 11.11
C GLU A 126 2.41 -2.95 10.39
N ALA A 127 1.94 -1.81 9.93
CA ALA A 127 0.68 -1.71 9.21
C ALA A 127 0.94 -1.76 7.72
N ASN A 128 2.12 -1.30 7.34
CA ASN A 128 2.57 -1.35 5.95
C ASN A 128 3.06 -2.75 5.67
N LYS A 129 3.29 -3.50 6.73
CA LYS A 129 3.71 -4.88 6.65
C LYS A 129 2.65 -5.72 5.95
N PRO A 130 3.06 -6.82 5.34
CA PRO A 130 4.46 -7.20 5.17
C PRO A 130 5.04 -6.63 3.88
N MET A 131 4.40 -5.58 3.38
CA MET A 131 4.87 -4.88 2.20
C MET A 131 6.15 -4.11 2.51
N LEU A 132 6.14 -3.37 3.61
CA LEU A 132 7.27 -2.51 3.94
C LEU A 132 8.45 -3.34 4.42
N LYS A 133 9.57 -3.11 3.73
CA LYS A 133 10.80 -3.82 3.99
C LYS A 133 11.38 -3.46 5.35
N SER A 134 11.58 -2.17 5.59
CA SER A 134 12.06 -1.69 6.89
C SER A 134 11.66 -0.24 7.08
N PRO A 135 11.60 0.22 8.33
CA PRO A 135 11.08 1.55 8.68
C PRO A 135 11.73 2.68 7.89
N ASP A 136 13.05 2.72 7.94
CA ASP A 136 13.79 3.80 7.28
C ASP A 136 13.99 3.48 5.81
N LYS A 137 13.66 2.25 5.44
CA LYS A 137 13.82 1.78 4.08
C LYS A 137 12.63 2.12 3.21
N ILE A 138 11.82 3.07 3.66
CA ILE A 138 10.83 3.66 2.77
C ILE A 138 11.52 4.41 1.65
N TYR A 139 10.73 4.97 0.76
CA TYR A 139 11.26 5.66 -0.40
C TYR A 139 10.20 6.55 -1.01
N PRO A 140 10.64 7.60 -1.70
CA PRO A 140 9.76 8.58 -2.36
C PRO A 140 8.79 7.91 -3.31
N GLY A 141 7.55 7.78 -2.87
CA GLY A 141 6.53 7.10 -3.63
C GLY A 141 5.87 5.97 -2.86
N GLN A 142 6.30 5.79 -1.62
CA GLN A 142 5.76 4.74 -0.77
C GLN A 142 4.49 5.22 -0.10
N VAL A 143 3.37 4.83 -0.66
CA VAL A 143 2.10 5.09 -0.03
C VAL A 143 1.88 4.08 1.08
N LEU A 144 2.03 4.53 2.30
CA LEU A 144 1.98 3.63 3.44
C LEU A 144 0.62 3.67 4.10
N ARG A 145 0.27 2.56 4.72
CA ARG A 145 -0.96 2.47 5.48
C ARG A 145 -0.82 3.22 6.77
N ILE A 146 -1.59 4.27 6.91
CA ILE A 146 -1.66 5.02 8.13
C ILE A 146 -2.92 4.64 8.88
N PRO A 147 -2.84 3.67 9.79
CA PRO A 147 -3.99 3.22 10.55
C PRO A 147 -4.58 4.32 11.39
N GLU A 148 -5.76 4.07 11.89
CA GLU A 148 -6.40 5.01 12.77
C GLU A 148 -5.62 5.06 14.06
N GLU A 149 -5.30 6.27 14.48
CA GLU A 149 -4.51 6.53 15.67
C GLU A 149 -5.13 5.91 16.92
N LEU A 150 -4.83 4.64 17.14
CA LEU A 150 -5.38 3.88 18.27
C LEU A 150 -4.54 4.06 19.52
N GLU A 151 -4.32 5.31 19.88
CA GLU A 151 -3.57 5.67 21.07
C GLU A 151 -3.89 7.10 21.43
N HIS A 152 -3.91 7.95 20.39
CA HIS A 152 -4.32 9.34 20.51
C HIS A 152 -3.32 10.17 21.31
N HIS A 153 -3.35 11.48 21.08
CA HIS A 153 -2.40 12.41 21.70
C HIS A 153 -1.00 12.21 21.11
N HIS A 154 -0.23 13.29 21.02
CA HIS A 154 1.13 13.21 20.52
C HIS A 154 2.02 12.51 21.53
N HIS A 155 1.94 11.19 21.54
CA HIS A 155 2.65 10.36 22.50
C HIS A 155 4.14 10.26 22.14
N HIS A 156 4.92 11.23 22.60
CA HIS A 156 6.36 11.20 22.38
C HIS A 156 7.10 11.05 23.71
N HIS A 157 6.34 10.75 24.75
CA HIS A 157 6.89 10.45 26.06
C HIS A 157 6.36 9.11 26.55
K K B . 3.70 2.95 -7.07
N MET A 1 -14.30 1.96 -9.37
CA MET A 1 -14.17 3.36 -8.96
C MET A 1 -13.73 3.46 -7.51
N GLY A 2 -13.30 4.64 -7.11
CA GLY A 2 -12.68 4.81 -5.81
C GLY A 2 -11.18 4.65 -5.93
N LEU A 3 -10.56 5.60 -6.59
CA LEU A 3 -9.17 5.48 -6.98
C LEU A 3 -8.25 6.03 -5.91
N PHE A 4 -7.14 5.35 -5.72
CA PHE A 4 -6.09 5.81 -4.84
C PHE A 4 -4.82 6.01 -5.65
N ASN A 5 -4.23 7.20 -5.55
CA ASN A 5 -3.10 7.57 -6.40
C ASN A 5 -1.77 7.22 -5.77
N PHE A 6 -0.86 6.68 -6.57
CA PHE A 6 0.45 6.27 -6.10
C PHE A 6 1.53 6.91 -6.98
N VAL A 7 2.79 6.78 -6.58
CA VAL A 7 3.88 7.23 -7.43
C VAL A 7 4.36 6.09 -8.30
N LYS A 8 3.99 6.15 -9.56
CA LYS A 8 4.17 5.07 -10.53
C LYS A 8 5.55 4.42 -10.44
N ASP A 9 6.57 5.23 -10.64
CA ASP A 9 7.96 4.77 -10.70
C ASP A 9 8.43 4.14 -9.39
N ALA A 10 7.69 4.38 -8.31
CA ALA A 10 8.13 3.97 -6.99
C ALA A 10 7.42 2.70 -6.55
N GLY A 11 8.17 1.76 -6.02
CA GLY A 11 7.59 0.51 -5.57
C GLY A 11 8.43 -0.66 -5.99
N GLU A 12 7.92 -1.86 -5.78
CA GLU A 12 8.64 -3.04 -6.15
C GLU A 12 8.74 -3.15 -7.67
N LYS A 13 9.95 -3.36 -8.14
CA LYS A 13 10.19 -3.43 -9.56
C LYS A 13 9.91 -4.84 -10.05
N LEU A 14 8.67 -5.04 -10.47
CA LEU A 14 8.20 -6.36 -10.86
C LEU A 14 8.48 -6.63 -12.33
N TRP A 15 8.46 -5.58 -13.14
CA TRP A 15 8.62 -5.74 -14.58
C TRP A 15 9.35 -4.55 -15.19
N ASP A 16 10.13 -3.85 -14.37
CA ASP A 16 10.92 -2.68 -14.81
C ASP A 16 10.05 -1.49 -15.16
N ALA A 17 8.75 -1.75 -15.34
CA ALA A 17 7.80 -0.75 -15.83
C ALA A 17 8.11 -0.39 -17.28
N VAL A 18 8.92 -1.22 -17.92
CA VAL A 18 9.37 -0.94 -19.28
C VAL A 18 9.26 -2.18 -20.17
N THR A 19 10.17 -3.12 -19.97
CA THR A 19 10.29 -4.27 -20.86
C THR A 19 10.15 -5.59 -20.12
N GLY A 20 10.02 -5.52 -18.81
CA GLY A 20 9.93 -6.72 -17.98
C GLY A 20 8.64 -7.48 -18.19
N GLN A 21 7.69 -6.83 -18.82
CA GLN A 21 6.39 -7.43 -19.10
C GLN A 21 5.87 -6.91 -20.44
N HIS A 22 5.05 -7.69 -21.12
CA HIS A 22 4.54 -7.29 -22.43
C HIS A 22 3.03 -7.50 -22.56
N ASP A 23 2.35 -7.68 -21.44
CA ASP A 23 0.89 -7.83 -21.45
C ASP A 23 0.30 -7.39 -20.12
N LYS A 24 -0.96 -6.94 -20.17
CA LYS A 24 -1.67 -6.45 -19.00
C LYS A 24 -1.83 -7.53 -17.93
N ASP A 25 -1.99 -8.77 -18.37
CA ASP A 25 -2.22 -9.85 -17.42
C ASP A 25 -0.93 -10.23 -16.72
N ASP A 26 0.20 -10.06 -17.40
CA ASP A 26 1.50 -10.30 -16.78
C ASP A 26 1.75 -9.28 -15.68
N GLN A 27 1.27 -8.07 -15.91
CA GLN A 27 1.35 -7.01 -14.90
C GLN A 27 0.62 -7.45 -13.64
N ALA A 28 -0.65 -7.79 -13.78
CA ALA A 28 -1.47 -8.23 -12.65
C ALA A 28 -0.89 -9.48 -12.01
N LYS A 29 -0.31 -10.34 -12.85
CA LYS A 29 0.30 -11.58 -12.39
C LYS A 29 1.43 -11.31 -11.42
N LYS A 30 2.38 -10.47 -11.83
CA LYS A 30 3.53 -10.13 -11.00
C LYS A 30 3.10 -9.48 -9.72
N VAL A 31 2.03 -8.72 -9.78
CA VAL A 31 1.52 -8.06 -8.60
C VAL A 31 0.91 -9.08 -7.64
N GLN A 32 0.17 -10.04 -8.21
CA GLN A 32 -0.35 -11.16 -7.43
C GLN A 32 0.79 -11.95 -6.79
N GLU A 33 1.78 -12.31 -7.60
CA GLU A 33 2.95 -13.01 -7.10
C GLU A 33 3.62 -12.20 -6.02
N HIS A 34 3.86 -10.93 -6.33
CA HIS A 34 4.46 -9.98 -5.39
C HIS A 34 3.71 -9.95 -4.06
N LEU A 35 2.38 -9.87 -4.12
CA LEU A 35 1.55 -9.96 -2.93
C LEU A 35 1.81 -11.22 -2.13
N ASN A 36 1.80 -12.36 -2.80
CA ASN A 36 2.01 -13.65 -2.13
C ASN A 36 3.45 -13.79 -1.64
N LYS A 37 4.39 -13.21 -2.39
CA LYS A 37 5.79 -13.19 -2.01
C LYS A 37 6.00 -12.42 -0.71
N THR A 38 5.60 -11.15 -0.72
CA THR A 38 5.68 -10.31 0.47
C THR A 38 4.95 -10.94 1.64
N GLY A 39 3.88 -11.64 1.33
CA GLY A 39 3.11 -12.31 2.34
C GLY A 39 1.92 -11.50 2.77
N ILE A 40 1.46 -10.62 1.88
CA ILE A 40 0.33 -9.78 2.14
C ILE A 40 -0.91 -10.63 2.43
N PRO A 41 -1.46 -10.55 3.64
CA PRO A 41 -2.63 -11.31 4.02
C PRO A 41 -3.86 -10.86 3.27
N ASP A 42 -4.66 -11.85 2.88
CA ASP A 42 -5.90 -11.64 2.13
C ASP A 42 -5.62 -11.10 0.72
N ALA A 43 -4.36 -11.14 0.31
CA ALA A 43 -3.98 -10.74 -1.04
C ALA A 43 -4.44 -11.77 -2.04
N ASP A 44 -4.63 -12.99 -1.55
CA ASP A 44 -5.15 -14.07 -2.38
C ASP A 44 -6.67 -13.97 -2.48
N LYS A 45 -7.28 -13.19 -1.60
CA LYS A 45 -8.72 -13.04 -1.59
C LYS A 45 -9.16 -12.09 -2.68
N VAL A 46 -8.24 -11.22 -3.11
CA VAL A 46 -8.55 -10.20 -4.09
C VAL A 46 -8.16 -10.64 -5.51
N ASN A 47 -8.34 -9.70 -6.43
CA ASN A 47 -8.01 -9.88 -7.84
C ASN A 47 -7.48 -8.58 -8.40
N ILE A 48 -6.32 -8.63 -9.05
CA ILE A 48 -5.71 -7.43 -9.57
C ILE A 48 -5.91 -7.28 -11.08
N GLN A 49 -6.03 -6.04 -11.51
CA GLN A 49 -6.04 -5.67 -12.92
C GLN A 49 -5.10 -4.51 -13.13
N ILE A 50 -4.50 -4.44 -14.29
CA ILE A 50 -3.55 -3.38 -14.55
C ILE A 50 -3.82 -2.70 -15.87
N ALA A 51 -3.88 -1.39 -15.80
CA ALA A 51 -4.06 -0.56 -16.98
C ALA A 51 -2.93 0.45 -17.05
N ASP A 52 -1.82 0.03 -17.67
CA ASP A 52 -0.59 0.83 -17.73
C ASP A 52 0.02 0.94 -16.34
N GLY A 53 -0.57 1.77 -15.50
CA GLY A 53 -0.18 1.86 -14.12
C GLY A 53 -1.37 1.93 -13.20
N LYS A 54 -2.56 2.01 -13.78
CA LYS A 54 -3.78 2.04 -13.03
C LYS A 54 -4.20 0.61 -12.69
N ALA A 55 -3.75 0.14 -11.56
CA ALA A 55 -4.11 -1.19 -11.10
C ALA A 55 -5.48 -1.15 -10.45
N THR A 56 -6.35 -2.06 -10.83
CA THR A 56 -7.62 -2.15 -10.18
C THR A 56 -7.64 -3.34 -9.24
N VAL A 57 -7.88 -3.07 -7.97
CA VAL A 57 -8.06 -4.14 -7.03
C VAL A 57 -9.52 -4.53 -6.98
N THR A 58 -9.78 -5.78 -6.79
CA THR A 58 -11.13 -6.23 -6.57
C THR A 58 -11.09 -7.42 -5.63
N GLY A 59 -12.23 -7.73 -5.09
CA GLY A 59 -12.36 -8.88 -4.22
C GLY A 59 -13.48 -8.68 -3.25
N ASP A 60 -13.63 -9.58 -2.31
CA ASP A 60 -14.65 -9.43 -1.29
C ASP A 60 -14.40 -10.34 -0.13
N GLY A 61 -14.91 -9.93 1.00
CA GLY A 61 -15.00 -10.81 2.12
C GLY A 61 -13.90 -10.62 3.13
N LEU A 62 -13.02 -9.68 2.89
CA LEU A 62 -11.97 -9.40 3.84
C LEU A 62 -12.33 -8.19 4.68
N SER A 63 -11.42 -7.80 5.53
CA SER A 63 -11.63 -6.67 6.41
C SER A 63 -11.09 -5.40 5.77
N GLN A 64 -11.55 -4.24 6.24
CA GLN A 64 -11.14 -2.96 5.65
C GLN A 64 -9.61 -2.85 5.67
N GLU A 65 -8.99 -3.30 6.76
CA GLU A 65 -7.57 -3.14 6.94
C GLU A 65 -6.81 -4.03 5.97
N ALA A 66 -7.37 -5.19 5.68
CA ALA A 66 -6.78 -6.08 4.70
C ALA A 66 -6.96 -5.48 3.31
N LYS A 67 -8.11 -4.88 3.11
CA LYS A 67 -8.45 -4.19 1.89
C LYS A 67 -7.42 -3.10 1.58
N GLU A 68 -7.11 -2.28 2.58
CA GLU A 68 -6.09 -1.23 2.44
C GLU A 68 -4.71 -1.88 2.24
N LYS A 69 -4.53 -3.05 2.86
CA LYS A 69 -3.27 -3.77 2.77
C LYS A 69 -2.99 -4.17 1.34
N ILE A 70 -4.00 -4.71 0.66
CA ILE A 70 -3.87 -5.03 -0.75
C ILE A 70 -3.71 -3.75 -1.57
N LEU A 71 -4.53 -2.74 -1.28
CA LEU A 71 -4.45 -1.44 -1.98
C LEU A 71 -3.01 -0.94 -2.06
N VAL A 72 -2.34 -0.90 -0.92
CA VAL A 72 -0.98 -0.38 -0.87
C VAL A 72 0.03 -1.34 -1.52
N ALA A 73 -0.14 -2.64 -1.31
CA ALA A 73 0.79 -3.61 -1.85
C ALA A 73 0.71 -3.70 -3.37
N VAL A 74 -0.50 -3.51 -3.90
CA VAL A 74 -0.74 -3.49 -5.33
C VAL A 74 -0.38 -2.13 -5.90
N GLY A 75 -0.50 -1.12 -5.08
CA GLY A 75 -0.18 0.23 -5.50
C GLY A 75 1.32 0.49 -5.51
N ASN A 76 2.01 0.00 -4.50
CA ASN A 76 3.44 0.24 -4.36
C ASN A 76 4.26 -0.69 -5.28
N ILE A 77 4.00 -0.56 -6.57
CA ILE A 77 4.75 -1.27 -7.60
C ILE A 77 5.51 -0.26 -8.44
N SER A 78 6.66 -0.67 -8.97
CA SER A 78 7.37 0.14 -9.94
C SER A 78 6.69 -0.05 -11.29
N GLY A 79 5.72 0.81 -11.56
CA GLY A 79 4.93 0.69 -12.75
C GLY A 79 3.49 1.06 -12.48
N ILE A 80 3.08 0.89 -11.24
CA ILE A 80 1.72 1.19 -10.85
C ILE A 80 1.61 2.61 -10.31
N ALA A 81 0.75 3.39 -10.93
CA ALA A 81 0.58 4.78 -10.59
C ALA A 81 -0.64 5.01 -9.74
N SER A 82 -1.58 4.07 -9.77
CA SER A 82 -2.78 4.21 -8.99
C SER A 82 -3.47 2.86 -8.81
N VAL A 83 -4.35 2.78 -7.82
CA VAL A 83 -5.14 1.58 -7.58
C VAL A 83 -6.62 1.93 -7.44
N ASP A 84 -7.45 1.27 -8.24
CA ASP A 84 -8.88 1.48 -8.18
C ASP A 84 -9.50 0.47 -7.24
N ASP A 85 -9.99 0.94 -6.12
CA ASP A 85 -10.48 0.06 -5.06
C ASP A 85 -11.84 -0.54 -5.40
N GLN A 86 -11.84 -1.79 -5.81
CA GLN A 86 -13.08 -2.52 -6.09
C GLN A 86 -13.19 -3.78 -5.24
N VAL A 87 -12.42 -3.84 -4.17
CA VAL A 87 -12.50 -4.97 -3.26
C VAL A 87 -13.40 -4.63 -2.07
N LYS A 88 -14.26 -5.58 -1.74
CA LYS A 88 -15.31 -5.37 -0.76
C LYS A 88 -14.93 -5.97 0.58
N THR A 89 -15.69 -5.62 1.58
CA THR A 89 -15.40 -6.04 2.94
C THR A 89 -16.59 -6.74 3.58
N ALA A 90 -16.33 -7.86 4.23
CA ALA A 90 -17.38 -8.61 4.90
C ALA A 90 -17.32 -8.38 6.41
N THR A 91 -16.17 -7.97 6.89
CA THR A 91 -15.98 -7.77 8.32
C THR A 91 -15.43 -6.38 8.62
N PRO A 92 -15.83 -5.85 9.79
CA PRO A 92 -15.46 -4.51 10.24
C PRO A 92 -13.98 -4.40 10.63
N ALA A 93 -13.44 -3.19 10.52
CA ALA A 93 -12.05 -2.93 10.88
C ALA A 93 -11.82 -1.43 10.98
N THR A 94 -10.67 -1.05 11.52
CA THR A 94 -10.32 0.35 11.61
C THR A 94 -9.78 0.83 10.28
N ALA A 95 -10.29 1.97 9.82
CA ALA A 95 -9.96 2.48 8.50
C ALA A 95 -8.64 3.23 8.53
N SER A 96 -7.94 3.26 7.40
CA SER A 96 -6.62 3.84 7.34
C SER A 96 -6.56 5.02 6.37
N GLN A 97 -5.54 5.84 6.53
CA GLN A 97 -5.20 6.88 5.60
C GLN A 97 -4.08 6.38 4.70
N PHE A 98 -3.86 7.05 3.60
CA PHE A 98 -2.75 6.72 2.72
C PHE A 98 -1.85 7.94 2.51
N TYR A 99 -0.59 7.80 2.92
CA TYR A 99 0.37 8.88 2.79
C TYR A 99 1.52 8.46 1.88
N THR A 100 1.89 9.32 0.93
CA THR A 100 3.00 9.01 0.05
C THR A 100 4.31 9.57 0.61
N VAL A 101 5.25 8.67 0.84
CA VAL A 101 6.58 9.04 1.30
C VAL A 101 7.26 9.95 0.28
N LYS A 102 7.78 11.07 0.76
CA LYS A 102 8.44 12.02 -0.13
C LYS A 102 9.94 11.81 -0.07
N SER A 103 10.67 12.50 -0.94
CA SER A 103 12.11 12.38 -0.99
C SER A 103 12.74 13.14 0.17
N GLY A 104 13.23 12.38 1.15
CA GLY A 104 13.82 12.98 2.32
C GLY A 104 12.97 12.77 3.56
N ASP A 105 12.08 11.79 3.50
CA ASP A 105 11.22 11.46 4.63
C ASP A 105 11.75 10.24 5.37
N THR A 106 11.55 10.24 6.68
CA THR A 106 11.79 9.07 7.49
C THR A 106 10.47 8.59 8.06
N LEU A 107 10.40 7.34 8.52
CA LEU A 107 9.15 6.82 9.07
C LEU A 107 8.67 7.74 10.20
N SER A 108 9.60 8.18 11.02
CA SER A 108 9.31 9.08 12.12
C SER A 108 8.81 10.42 11.60
N ALA A 109 9.50 10.95 10.60
CA ALA A 109 9.12 12.23 9.99
C ALA A 109 7.69 12.19 9.47
N ILE A 110 7.33 11.09 8.80
CA ILE A 110 6.02 10.99 8.21
C ILE A 110 4.98 10.69 9.29
N SER A 111 5.33 9.92 10.31
CA SER A 111 4.44 9.70 11.44
C SER A 111 4.12 11.03 12.12
N LYS A 112 5.14 11.85 12.29
CA LYS A 112 5.00 13.18 12.84
C LYS A 112 4.09 14.04 11.96
N GLN A 113 4.00 13.66 10.71
CA GLN A 113 3.28 14.38 9.72
C GLN A 113 1.81 13.97 9.70
N VAL A 114 1.59 12.66 9.77
CA VAL A 114 0.28 12.06 9.62
C VAL A 114 -0.44 11.92 10.96
N TYR A 115 0.33 11.75 12.02
CA TYR A 115 -0.20 11.57 13.35
C TYR A 115 -0.02 12.84 14.17
N GLY A 116 0.99 13.61 13.79
CA GLY A 116 1.44 14.72 14.61
C GLY A 116 2.43 14.22 15.65
N ASN A 117 2.60 12.91 15.66
CA ASN A 117 3.45 12.24 16.64
C ASN A 117 4.36 11.26 15.92
N ALA A 118 5.67 11.40 16.10
CA ALA A 118 6.63 10.56 15.40
C ALA A 118 6.76 9.19 16.06
N ASN A 119 6.32 9.08 17.30
CA ASN A 119 6.45 7.85 18.07
C ASN A 119 5.60 6.73 17.46
N LEU A 120 4.73 7.10 16.54
CA LEU A 120 3.80 6.16 15.95
C LEU A 120 4.32 5.65 14.63
N TYR A 121 5.60 5.92 14.39
CA TYR A 121 6.24 5.54 13.14
C TYR A 121 6.20 4.03 12.97
N ASN A 122 6.32 3.31 14.08
CA ASN A 122 6.33 1.86 14.03
C ASN A 122 4.96 1.36 13.62
N LYS A 123 3.90 1.98 14.14
CA LYS A 123 2.55 1.60 13.79
C LYS A 123 2.38 1.61 12.29
N ILE A 124 2.86 2.68 11.67
CA ILE A 124 2.74 2.83 10.23
C ILE A 124 3.53 1.76 9.51
N PHE A 125 4.78 1.55 9.92
CA PHE A 125 5.60 0.54 9.29
C PHE A 125 4.98 -0.84 9.42
N GLU A 126 4.57 -1.21 10.64
CA GLU A 126 3.94 -2.50 10.88
C GLU A 126 2.61 -2.62 10.12
N ALA A 127 2.00 -1.48 9.89
CA ALA A 127 0.71 -1.42 9.22
C ALA A 127 0.87 -1.74 7.76
N ASN A 128 2.00 -1.30 7.23
CA ASN A 128 2.32 -1.52 5.84
C ASN A 128 2.98 -2.87 5.62
N LYS A 129 3.26 -3.56 6.71
CA LYS A 129 3.73 -4.93 6.62
C LYS A 129 2.65 -5.84 6.04
N PRO A 130 3.06 -6.93 5.42
CA PRO A 130 4.47 -7.24 5.22
C PRO A 130 5.01 -6.64 3.92
N MET A 131 4.31 -5.65 3.41
CA MET A 131 4.74 -4.93 2.22
C MET A 131 5.96 -4.07 2.55
N LEU A 132 5.91 -3.37 3.68
CA LEU A 132 7.00 -2.50 4.06
C LEU A 132 8.15 -3.34 4.59
N LYS A 133 9.33 -3.07 4.07
CA LYS A 133 10.50 -3.87 4.34
C LYS A 133 11.14 -3.47 5.67
N SER A 134 11.16 -2.19 5.95
CA SER A 134 11.61 -1.67 7.23
C SER A 134 11.30 -0.20 7.35
N PRO A 135 11.22 0.29 8.58
CA PRO A 135 10.98 1.70 8.87
C PRO A 135 12.03 2.56 8.19
N ASP A 136 13.18 1.95 7.96
CA ASP A 136 14.29 2.61 7.30
C ASP A 136 14.22 2.38 5.80
N LYS A 137 13.68 1.23 5.43
CA LYS A 137 13.60 0.81 4.04
C LYS A 137 12.36 1.36 3.34
N ILE A 138 11.99 2.58 3.69
CA ILE A 138 10.99 3.31 2.95
C ILE A 138 11.63 3.95 1.73
N TYR A 139 10.82 4.58 0.91
CA TYR A 139 11.33 5.19 -0.31
C TYR A 139 10.36 6.24 -0.84
N PRO A 140 10.92 7.25 -1.51
CA PRO A 140 10.13 8.33 -2.12
C PRO A 140 9.16 7.77 -3.15
N GLY A 141 7.87 7.93 -2.88
CA GLY A 141 6.86 7.41 -3.75
C GLY A 141 6.14 6.22 -3.15
N GLN A 142 6.46 5.92 -1.89
CA GLN A 142 5.87 4.79 -1.22
C GLN A 142 4.67 5.23 -0.44
N VAL A 143 3.51 4.86 -0.90
CA VAL A 143 2.30 5.12 -0.14
C VAL A 143 2.25 4.20 1.07
N LEU A 144 2.22 4.81 2.23
CA LEU A 144 2.11 4.08 3.48
C LEU A 144 0.70 4.20 4.00
N ARG A 145 0.12 3.08 4.40
CA ARG A 145 -1.19 3.11 5.01
C ARG A 145 -1.06 3.58 6.45
N ILE A 146 -1.74 4.65 6.75
CA ILE A 146 -1.68 5.28 8.04
C ILE A 146 -2.88 4.86 8.87
N PRO A 147 -2.67 3.97 9.84
CA PRO A 147 -3.75 3.53 10.72
C PRO A 147 -4.34 4.70 11.47
N GLU A 148 -5.59 4.56 11.84
CA GLU A 148 -6.30 5.66 12.45
C GLU A 148 -6.02 5.72 13.93
N GLU A 149 -5.38 6.80 14.34
CA GLU A 149 -5.08 7.06 15.73
C GLU A 149 -6.24 7.79 16.36
N LEU A 150 -7.13 7.02 16.99
CA LEU A 150 -8.24 7.60 17.73
C LEU A 150 -7.70 8.42 18.89
N GLU A 151 -7.83 9.74 18.77
CA GLU A 151 -7.18 10.69 19.67
C GLU A 151 -7.25 10.26 21.13
N HIS A 152 -6.10 9.84 21.64
CA HIS A 152 -5.98 9.41 23.02
C HIS A 152 -5.86 10.63 23.93
N HIS A 153 -5.66 10.41 25.23
CA HIS A 153 -5.63 11.52 26.19
C HIS A 153 -4.42 12.44 25.96
N HIS A 154 -3.38 11.91 25.35
CA HIS A 154 -2.18 12.68 25.06
C HIS A 154 -1.92 12.67 23.55
N HIS A 155 -1.83 13.85 22.94
CA HIS A 155 -1.64 13.94 21.48
C HIS A 155 -0.37 13.21 21.04
N HIS A 156 0.79 13.79 21.32
CA HIS A 156 2.05 13.19 20.90
C HIS A 156 2.55 12.21 21.95
N HIS A 157 1.86 11.09 22.05
CA HIS A 157 2.24 10.01 22.98
C HIS A 157 3.37 9.18 22.41
K K B . 3.66 2.91 -7.10
N MET A 1 -15.81 3.13 -7.64
CA MET A 1 -16.10 4.38 -6.92
C MET A 1 -15.09 4.62 -5.80
N GLY A 2 -13.82 4.48 -6.12
CA GLY A 2 -12.78 4.68 -5.14
C GLY A 2 -11.40 4.48 -5.74
N LEU A 3 -10.78 5.57 -6.16
CA LEU A 3 -9.48 5.51 -6.80
C LEU A 3 -8.44 6.17 -5.90
N PHE A 4 -7.24 5.60 -5.92
CA PHE A 4 -6.15 6.12 -5.11
C PHE A 4 -4.95 6.41 -6.01
N ASN A 5 -4.38 7.59 -5.86
CA ASN A 5 -3.27 8.01 -6.69
C ASN A 5 -1.95 7.77 -5.99
N PHE A 6 -1.07 7.05 -6.65
CA PHE A 6 0.25 6.75 -6.12
C PHE A 6 1.30 7.39 -7.00
N VAL A 7 2.55 7.18 -6.65
CA VAL A 7 3.64 7.45 -7.56
C VAL A 7 3.58 6.40 -8.66
N LYS A 8 4.33 6.60 -9.73
CA LYS A 8 4.39 5.64 -10.80
C LYS A 8 5.68 4.81 -10.73
N ASP A 9 6.79 5.50 -10.86
CA ASP A 9 8.11 4.89 -10.86
C ASP A 9 8.46 4.25 -9.51
N ALA A 10 7.83 4.72 -8.45
CA ALA A 10 8.20 4.29 -7.11
C ALA A 10 7.39 3.09 -6.67
N GLY A 11 8.08 2.09 -6.17
CA GLY A 11 7.44 0.87 -5.74
C GLY A 11 8.35 -0.32 -5.96
N GLU A 12 7.85 -1.51 -5.68
CA GLU A 12 8.60 -2.72 -5.92
C GLU A 12 8.73 -2.95 -7.42
N LYS A 13 9.92 -3.26 -7.87
CA LYS A 13 10.15 -3.47 -9.28
C LYS A 13 9.83 -4.91 -9.65
N LEU A 14 8.65 -5.09 -10.22
CA LEU A 14 8.17 -6.41 -10.56
C LEU A 14 8.33 -6.69 -12.05
N TRP A 15 8.42 -5.62 -12.83
CA TRP A 15 8.55 -5.73 -14.27
C TRP A 15 9.44 -4.61 -14.81
N ASP A 16 10.39 -4.19 -13.99
CA ASP A 16 11.36 -3.15 -14.34
C ASP A 16 10.68 -1.82 -14.67
N ALA A 17 9.37 -1.76 -14.41
CA ALA A 17 8.56 -0.60 -14.75
C ALA A 17 8.66 -0.29 -16.24
N VAL A 18 9.03 -1.29 -17.00
CA VAL A 18 9.34 -1.11 -18.41
C VAL A 18 8.09 -1.30 -19.27
N THR A 19 7.01 -0.62 -18.88
CA THR A 19 5.74 -0.68 -19.60
C THR A 19 5.21 -2.12 -19.60
N GLY A 20 5.30 -2.77 -18.46
CA GLY A 20 4.94 -4.17 -18.36
C GLY A 20 6.03 -5.05 -18.90
N GLN A 21 5.99 -6.34 -18.57
CA GLN A 21 7.01 -7.25 -19.05
C GLN A 21 6.58 -7.89 -20.36
N HIS A 22 6.51 -7.04 -21.41
CA HIS A 22 6.07 -7.44 -22.75
C HIS A 22 4.57 -7.63 -22.80
N ASP A 23 3.95 -7.65 -21.64
CA ASP A 23 2.51 -7.85 -21.54
C ASP A 23 1.90 -6.74 -20.69
N LYS A 24 0.61 -6.86 -20.42
CA LYS A 24 -0.10 -5.94 -19.56
C LYS A 24 -0.91 -6.71 -18.53
N ASP A 25 -1.17 -7.97 -18.83
CA ASP A 25 -1.83 -8.86 -17.87
C ASP A 25 -0.81 -9.46 -16.93
N ASP A 26 0.46 -9.47 -17.37
CA ASP A 26 1.54 -10.00 -16.57
C ASP A 26 1.73 -9.14 -15.34
N GLN A 27 1.52 -7.84 -15.50
CA GLN A 27 1.67 -6.88 -14.42
C GLN A 27 0.72 -7.24 -13.27
N ALA A 28 -0.52 -7.56 -13.60
CA ALA A 28 -1.50 -7.94 -12.59
C ALA A 28 -1.06 -9.22 -11.90
N LYS A 29 -0.48 -10.12 -12.67
CA LYS A 29 0.09 -11.34 -12.14
C LYS A 29 1.29 -11.03 -11.23
N LYS A 30 2.18 -10.17 -11.73
CA LYS A 30 3.38 -9.77 -11.01
C LYS A 30 3.07 -9.21 -9.65
N VAL A 31 2.09 -8.32 -9.58
CA VAL A 31 1.72 -7.73 -8.32
C VAL A 31 1.18 -8.80 -7.38
N GLN A 32 0.32 -9.69 -7.88
CA GLN A 32 -0.15 -10.83 -7.09
C GLN A 32 1.01 -11.68 -6.60
N GLU A 33 1.98 -11.96 -7.48
CA GLU A 33 3.18 -12.68 -7.06
C GLU A 33 3.82 -11.95 -5.89
N HIS A 34 4.09 -10.68 -6.11
CA HIS A 34 4.65 -9.81 -5.09
C HIS A 34 3.84 -9.87 -3.79
N LEU A 35 2.52 -9.87 -3.91
CA LEU A 35 1.65 -9.93 -2.74
C LEU A 35 1.81 -11.25 -2.00
N ASN A 36 1.82 -12.35 -2.74
CA ASN A 36 1.94 -13.67 -2.15
C ASN A 36 3.33 -13.91 -1.61
N LYS A 37 4.33 -13.29 -2.24
CA LYS A 37 5.70 -13.39 -1.80
C LYS A 37 5.91 -12.59 -0.52
N THR A 38 5.42 -11.35 -0.52
CA THR A 38 5.51 -10.50 0.67
C THR A 38 4.74 -11.11 1.83
N GLY A 39 3.62 -11.74 1.49
CA GLY A 39 2.77 -12.33 2.49
C GLY A 39 1.63 -11.41 2.88
N ILE A 40 1.21 -10.57 1.93
CA ILE A 40 0.12 -9.64 2.15
C ILE A 40 -1.13 -10.38 2.59
N PRO A 41 -1.71 -10.01 3.74
CA PRO A 41 -2.89 -10.68 4.26
C PRO A 41 -4.08 -10.59 3.31
N ASP A 42 -4.77 -11.71 3.22
CA ASP A 42 -5.93 -11.87 2.35
C ASP A 42 -5.70 -11.39 0.92
N ALA A 43 -4.45 -11.43 0.46
CA ALA A 43 -4.14 -11.10 -0.91
C ALA A 43 -4.60 -12.22 -1.84
N ASP A 44 -4.77 -13.39 -1.27
CA ASP A 44 -5.31 -14.54 -1.99
C ASP A 44 -6.78 -14.31 -2.31
N LYS A 45 -7.41 -13.44 -1.53
CA LYS A 45 -8.84 -13.25 -1.61
C LYS A 45 -9.16 -12.09 -2.55
N VAL A 46 -8.10 -11.44 -3.00
CA VAL A 46 -8.23 -10.29 -3.88
C VAL A 46 -7.77 -10.65 -5.28
N ASN A 47 -7.81 -9.66 -6.15
CA ASN A 47 -7.49 -9.83 -7.56
C ASN A 47 -6.86 -8.54 -8.08
N ILE A 48 -6.01 -8.69 -9.08
CA ILE A 48 -5.29 -7.56 -9.64
C ILE A 48 -5.63 -7.34 -11.09
N GLN A 49 -5.65 -6.09 -11.50
CA GLN A 49 -5.72 -5.74 -12.89
C GLN A 49 -4.91 -4.49 -13.13
N ILE A 50 -4.14 -4.49 -14.19
CA ILE A 50 -3.24 -3.39 -14.42
C ILE A 50 -3.54 -2.71 -15.74
N ALA A 51 -3.82 -1.44 -15.64
CA ALA A 51 -4.13 -0.63 -16.78
C ALA A 51 -3.12 0.48 -16.91
N ASP A 52 -1.98 0.16 -17.53
CA ASP A 52 -0.89 1.12 -17.74
C ASP A 52 -0.22 1.48 -16.42
N GLY A 53 -0.96 2.17 -15.58
CA GLY A 53 -0.47 2.57 -14.29
C GLY A 53 -1.46 2.24 -13.20
N LYS A 54 -2.72 2.09 -13.58
CA LYS A 54 -3.76 1.87 -12.60
C LYS A 54 -3.92 0.39 -12.30
N ALA A 55 -3.70 0.05 -11.05
CA ALA A 55 -3.87 -1.30 -10.59
C ALA A 55 -5.21 -1.44 -9.88
N THR A 56 -6.13 -2.13 -10.52
CA THR A 56 -7.44 -2.31 -9.94
C THR A 56 -7.43 -3.47 -8.95
N VAL A 57 -7.83 -3.18 -7.73
CA VAL A 57 -7.89 -4.17 -6.70
C VAL A 57 -9.31 -4.68 -6.57
N THR A 58 -9.50 -5.95 -6.76
CA THR A 58 -10.84 -6.50 -6.80
C THR A 58 -11.00 -7.70 -5.88
N GLY A 59 -12.17 -7.87 -5.32
CA GLY A 59 -12.43 -9.01 -4.48
C GLY A 59 -13.64 -8.82 -3.61
N ASP A 60 -13.88 -9.75 -2.71
CA ASP A 60 -15.00 -9.66 -1.77
C ASP A 60 -14.78 -10.50 -0.57
N GLY A 61 -15.44 -10.12 0.49
CA GLY A 61 -15.45 -10.91 1.68
C GLY A 61 -14.25 -10.67 2.58
N LEU A 62 -13.50 -9.61 2.30
CA LEU A 62 -12.31 -9.32 3.08
C LEU A 62 -12.66 -8.51 4.31
N SER A 63 -11.64 -7.88 4.83
CA SER A 63 -11.76 -6.97 5.94
C SER A 63 -11.17 -5.63 5.55
N GLN A 64 -11.65 -4.55 6.15
CA GLN A 64 -11.22 -3.22 5.75
C GLN A 64 -9.70 -3.07 5.89
N GLU A 65 -9.16 -3.51 7.03
CA GLU A 65 -7.72 -3.45 7.28
C GLU A 65 -6.95 -4.14 6.17
N ALA A 66 -7.34 -5.37 5.86
CA ALA A 66 -6.63 -6.18 4.88
C ALA A 66 -6.79 -5.58 3.49
N LYS A 67 -7.99 -5.09 3.20
CA LYS A 67 -8.29 -4.47 1.91
C LYS A 67 -7.24 -3.41 1.58
N GLU A 68 -7.04 -2.48 2.52
CA GLU A 68 -6.09 -1.39 2.32
C GLU A 68 -4.67 -1.92 2.27
N LYS A 69 -4.45 -3.03 2.96
CA LYS A 69 -3.14 -3.65 3.01
C LYS A 69 -2.83 -4.35 1.68
N ILE A 70 -3.87 -4.72 0.94
CA ILE A 70 -3.69 -5.08 -0.46
C ILE A 70 -3.42 -3.82 -1.29
N LEU A 71 -4.35 -2.85 -1.23
CA LEU A 71 -4.19 -1.54 -1.87
C LEU A 71 -2.76 -1.00 -1.77
N VAL A 72 -2.21 -0.98 -0.56
CA VAL A 72 -0.90 -0.39 -0.31
C VAL A 72 0.21 -1.16 -1.04
N ALA A 73 0.13 -2.48 -1.06
CA ALA A 73 1.18 -3.29 -1.66
C ALA A 73 1.04 -3.35 -3.18
N VAL A 74 -0.20 -3.27 -3.65
CA VAL A 74 -0.51 -3.23 -5.08
C VAL A 74 -0.20 -1.87 -5.66
N GLY A 75 -0.40 -0.84 -4.86
CA GLY A 75 -0.13 0.51 -5.29
C GLY A 75 1.35 0.80 -5.33
N ASN A 76 2.08 0.26 -4.36
CA ASN A 76 3.51 0.51 -4.26
C ASN A 76 4.31 -0.44 -5.14
N ILE A 77 3.98 -0.43 -6.42
CA ILE A 77 4.73 -1.14 -7.43
C ILE A 77 5.43 -0.15 -8.34
N SER A 78 6.60 -0.51 -8.82
CA SER A 78 7.29 0.29 -9.82
C SER A 78 6.68 -0.03 -11.17
N GLY A 79 5.80 0.85 -11.61
CA GLY A 79 5.05 0.62 -12.81
C GLY A 79 3.58 0.87 -12.58
N ILE A 80 3.22 1.01 -11.32
CA ILE A 80 1.87 1.31 -10.92
C ILE A 80 1.81 2.77 -10.48
N ALA A 81 0.72 3.45 -10.78
CA ALA A 81 0.56 4.85 -10.44
C ALA A 81 -0.75 5.08 -9.70
N SER A 82 -1.63 4.10 -9.74
CA SER A 82 -2.91 4.24 -9.09
C SER A 82 -3.48 2.90 -8.70
N VAL A 83 -4.42 2.92 -7.77
CA VAL A 83 -5.13 1.72 -7.32
C VAL A 83 -6.62 1.97 -7.34
N ASP A 84 -7.36 1.16 -8.09
CA ASP A 84 -8.80 1.30 -8.14
C ASP A 84 -9.42 0.23 -7.26
N ASP A 85 -9.77 0.61 -6.06
CA ASP A 85 -10.29 -0.34 -5.07
C ASP A 85 -11.72 -0.75 -5.41
N GLN A 86 -11.86 -1.99 -5.86
CA GLN A 86 -13.16 -2.58 -6.18
C GLN A 86 -13.41 -3.81 -5.31
N VAL A 87 -12.64 -3.97 -4.25
CA VAL A 87 -12.74 -5.15 -3.41
C VAL A 87 -13.63 -4.87 -2.21
N LYS A 88 -14.47 -5.84 -1.90
CA LYS A 88 -15.49 -5.68 -0.89
C LYS A 88 -15.03 -6.25 0.44
N THR A 89 -15.68 -5.80 1.48
CA THR A 89 -15.36 -6.21 2.84
C THR A 89 -16.57 -6.81 3.53
N ALA A 90 -16.37 -7.93 4.19
CA ALA A 90 -17.46 -8.62 4.87
C ALA A 90 -17.54 -8.18 6.33
N THR A 91 -16.40 -7.85 6.91
CA THR A 91 -16.36 -7.48 8.32
C THR A 91 -16.04 -6.00 8.51
N PRO A 92 -16.55 -5.45 9.61
CA PRO A 92 -16.29 -4.07 10.02
C PRO A 92 -14.89 -3.93 10.62
N ALA A 93 -13.97 -3.33 9.88
CA ALA A 93 -12.61 -3.18 10.36
C ALA A 93 -12.14 -1.73 10.23
N THR A 94 -10.93 -1.47 10.71
CA THR A 94 -10.38 -0.12 10.69
C THR A 94 -10.17 0.38 9.27
N ALA A 95 -10.44 1.66 9.09
CA ALA A 95 -10.21 2.33 7.81
C ALA A 95 -9.10 3.35 7.99
N SER A 96 -8.23 3.45 7.00
CA SER A 96 -7.01 4.22 7.17
C SER A 96 -6.86 5.34 6.14
N GLN A 97 -5.93 6.22 6.46
CA GLN A 97 -5.48 7.28 5.60
C GLN A 97 -4.29 6.81 4.81
N PHE A 98 -3.97 7.49 3.73
CA PHE A 98 -2.86 7.09 2.88
C PHE A 98 -1.91 8.25 2.66
N TYR A 99 -0.63 8.03 2.94
CA TYR A 99 0.37 9.07 2.78
C TYR A 99 1.50 8.61 1.86
N THR A 100 1.82 9.42 0.88
CA THR A 100 2.93 9.14 -0.03
C THR A 100 4.21 9.75 0.53
N VAL A 101 5.21 8.93 0.79
CA VAL A 101 6.48 9.43 1.31
C VAL A 101 7.19 10.27 0.25
N LYS A 102 7.89 11.28 0.70
CA LYS A 102 8.61 12.19 -0.19
C LYS A 102 10.08 11.81 -0.22
N SER A 103 10.83 12.49 -1.09
CA SER A 103 12.25 12.24 -1.23
C SER A 103 13.01 12.71 0.01
N GLY A 104 13.53 11.75 0.77
CA GLY A 104 14.24 12.08 1.98
C GLY A 104 13.42 11.84 3.22
N ASP A 105 12.31 11.11 3.05
CA ASP A 105 11.43 10.79 4.17
C ASP A 105 11.78 9.45 4.78
N THR A 106 11.38 9.28 6.02
CA THR A 106 11.49 8.03 6.74
C THR A 106 10.18 7.79 7.47
N LEU A 107 9.92 6.57 7.90
CA LEU A 107 8.67 6.25 8.58
C LEU A 107 8.44 7.24 9.73
N SER A 108 9.47 7.45 10.53
CA SER A 108 9.41 8.41 11.61
C SER A 108 9.02 9.79 11.11
N ALA A 109 9.70 10.25 10.07
CA ALA A 109 9.44 11.56 9.50
C ALA A 109 8.00 11.68 9.03
N ILE A 110 7.45 10.61 8.46
CA ILE A 110 6.11 10.67 7.90
C ILE A 110 5.05 10.49 8.98
N SER A 111 5.30 9.62 9.95
CA SER A 111 4.39 9.46 11.08
C SER A 111 4.31 10.76 11.87
N LYS A 112 5.44 11.44 11.94
CA LYS A 112 5.54 12.73 12.59
C LYS A 112 4.60 13.75 11.95
N GLN A 113 4.26 13.52 10.69
CA GLN A 113 3.31 14.36 9.97
C GLN A 113 1.90 13.89 10.24
N VAL A 114 1.66 12.69 9.76
CA VAL A 114 0.35 12.09 9.69
C VAL A 114 -0.26 11.86 11.08
N TYR A 115 0.59 11.66 12.07
CA TYR A 115 0.14 11.48 13.43
C TYR A 115 0.54 12.66 14.30
N GLY A 116 1.47 13.45 13.79
CA GLY A 116 2.01 14.54 14.57
C GLY A 116 3.08 14.04 15.53
N ASN A 117 3.36 12.75 15.45
CA ASN A 117 4.34 12.12 16.32
C ASN A 117 5.09 11.02 15.57
N ALA A 118 6.41 11.16 15.50
CA ALA A 118 7.25 10.23 14.75
C ALA A 118 7.32 8.88 15.42
N ASN A 119 7.03 8.84 16.71
CA ASN A 119 7.11 7.60 17.47
C ASN A 119 5.97 6.66 17.10
N LEU A 120 5.08 7.13 16.22
CA LEU A 120 3.97 6.34 15.73
C LEU A 120 4.31 5.73 14.39
N TYR A 121 5.59 5.77 14.07
CA TYR A 121 6.08 5.19 12.83
C TYR A 121 5.82 3.69 12.81
N ASN A 122 5.76 3.10 14.00
CA ASN A 122 5.52 1.68 14.13
C ASN A 122 4.15 1.31 13.58
N LYS A 123 3.13 2.06 14.00
CA LYS A 123 1.75 1.73 13.64
C LYS A 123 1.60 1.66 12.14
N ILE A 124 2.22 2.61 11.44
CA ILE A 124 2.20 2.64 10.00
C ILE A 124 2.98 1.47 9.46
N PHE A 125 4.24 1.35 9.85
CA PHE A 125 5.12 0.32 9.30
C PHE A 125 4.47 -1.05 9.39
N GLU A 126 3.94 -1.38 10.57
CA GLU A 126 3.30 -2.67 10.82
C GLU A 126 2.05 -2.85 9.95
N ALA A 127 1.49 -1.73 9.53
CA ALA A 127 0.26 -1.72 8.75
C ALA A 127 0.61 -1.87 7.28
N ASN A 128 1.79 -1.39 6.95
CA ASN A 128 2.30 -1.45 5.60
C ASN A 128 2.95 -2.82 5.38
N LYS A 129 3.08 -3.57 6.47
CA LYS A 129 3.61 -4.92 6.45
C LYS A 129 2.65 -5.87 5.74
N PRO A 130 3.17 -6.99 5.24
CA PRO A 130 4.60 -7.26 5.17
C PRO A 130 5.22 -6.71 3.87
N MET A 131 4.55 -5.74 3.29
CA MET A 131 5.08 -5.05 2.11
C MET A 131 6.29 -4.21 2.50
N LEU A 132 6.16 -3.46 3.59
CA LEU A 132 7.25 -2.60 4.02
C LEU A 132 8.36 -3.43 4.62
N LYS A 133 9.56 -3.13 4.16
CA LYS A 133 10.74 -3.87 4.55
C LYS A 133 11.29 -3.38 5.88
N SER A 134 11.50 -2.07 6.00
CA SER A 134 11.85 -1.47 7.28
C SER A 134 11.46 0.01 7.30
N PRO A 135 11.19 0.55 8.48
CA PRO A 135 10.62 1.89 8.66
C PRO A 135 11.42 2.98 7.93
N ASP A 136 12.71 3.01 8.18
CA ASP A 136 13.58 4.04 7.62
C ASP A 136 14.02 3.61 6.23
N LYS A 137 13.52 2.46 5.80
CA LYS A 137 13.86 1.90 4.51
C LYS A 137 12.73 2.08 3.51
N ILE A 138 11.81 3.00 3.81
CA ILE A 138 10.83 3.42 2.84
C ILE A 138 11.51 4.08 1.65
N TYR A 139 10.74 4.31 0.61
CA TYR A 139 11.27 4.93 -0.59
C TYR A 139 10.32 5.98 -1.11
N PRO A 140 10.88 7.08 -1.62
CA PRO A 140 10.12 8.25 -2.06
C PRO A 140 9.03 7.89 -3.07
N GLY A 141 7.80 7.89 -2.60
CA GLY A 141 6.70 7.49 -3.44
C GLY A 141 5.85 6.41 -2.80
N GLN A 142 6.30 5.93 -1.64
CA GLN A 142 5.70 4.77 -1.03
C GLN A 142 4.46 5.17 -0.23
N VAL A 143 3.31 5.06 -0.84
CA VAL A 143 2.07 5.34 -0.14
C VAL A 143 1.91 4.38 1.02
N LEU A 144 2.15 4.90 2.21
CA LEU A 144 2.06 4.12 3.42
C LEU A 144 0.64 4.14 3.94
N ARG A 145 0.14 2.99 4.34
CA ARG A 145 -1.19 2.89 4.93
C ARG A 145 -1.15 3.50 6.32
N ILE A 146 -1.88 4.58 6.50
CA ILE A 146 -1.89 5.32 7.74
C ILE A 146 -3.16 5.01 8.52
N PRO A 147 -3.08 4.05 9.45
CA PRO A 147 -4.23 3.68 10.28
C PRO A 147 -4.68 4.84 11.13
N GLU A 148 -5.85 4.71 11.71
CA GLU A 148 -6.43 5.80 12.44
C GLU A 148 -5.81 5.91 13.83
N GLU A 149 -5.35 7.12 14.13
CA GLU A 149 -4.71 7.44 15.41
C GLU A 149 -5.67 7.20 16.57
N LEU A 150 -5.61 5.99 17.12
CA LEU A 150 -6.49 5.60 18.23
C LEU A 150 -5.73 5.46 19.55
N GLU A 151 -4.79 6.36 19.80
CA GLU A 151 -4.07 6.35 21.07
C GLU A 151 -4.86 7.08 22.15
N HIS A 152 -6.12 6.69 22.29
CA HIS A 152 -7.05 7.28 23.26
C HIS A 152 -7.39 8.73 22.87
N HIS A 153 -6.41 9.61 22.94
CA HIS A 153 -6.57 10.98 22.48
C HIS A 153 -5.39 11.36 21.60
N HIS A 154 -4.18 11.21 22.15
CA HIS A 154 -2.94 11.48 21.41
C HIS A 154 -1.75 11.22 22.31
N HIS A 155 -0.70 10.64 21.75
CA HIS A 155 0.55 10.43 22.48
C HIS A 155 1.73 10.92 21.66
N HIS A 156 2.74 11.46 22.34
CA HIS A 156 3.93 11.95 21.64
C HIS A 156 5.15 11.10 22.00
N HIS A 157 4.92 10.06 22.78
CA HIS A 157 5.99 9.14 23.17
C HIS A 157 5.38 7.95 23.90
K K B . 3.60 3.07 -7.36
N MET A 1 -12.54 4.04 -2.00
CA MET A 1 -13.91 4.51 -2.32
C MET A 1 -13.96 5.05 -3.74
N GLY A 2 -13.24 4.40 -4.65
CA GLY A 2 -13.22 4.84 -6.03
C GLY A 2 -11.87 4.63 -6.66
N LEU A 3 -10.90 5.42 -6.25
CA LEU A 3 -9.56 5.31 -6.81
C LEU A 3 -8.53 5.89 -5.86
N PHE A 4 -7.36 5.27 -5.84
CA PHE A 4 -6.27 5.70 -4.98
C PHE A 4 -5.05 6.03 -5.83
N ASN A 5 -4.29 7.04 -5.43
CA ASN A 5 -3.14 7.48 -6.21
C ASN A 5 -1.84 7.03 -5.57
N PHE A 6 -0.97 6.45 -6.39
CA PHE A 6 0.33 5.98 -5.94
C PHE A 6 1.39 6.51 -6.90
N VAL A 7 2.63 6.66 -6.42
CA VAL A 7 3.69 7.14 -7.28
C VAL A 7 4.19 6.00 -8.16
N LYS A 8 3.85 6.10 -9.44
CA LYS A 8 4.08 5.04 -10.42
C LYS A 8 5.44 4.38 -10.27
N ASP A 9 6.48 5.15 -10.50
CA ASP A 9 7.85 4.63 -10.55
C ASP A 9 8.30 4.03 -9.20
N ALA A 10 7.55 4.31 -8.15
CA ALA A 10 7.98 3.92 -6.81
C ALA A 10 7.29 2.66 -6.34
N GLY A 11 8.07 1.76 -5.78
CA GLY A 11 7.52 0.50 -5.30
C GLY A 11 8.32 -0.67 -5.78
N GLU A 12 7.78 -1.87 -5.62
CA GLU A 12 8.48 -3.08 -6.02
C GLU A 12 8.69 -3.10 -7.52
N LYS A 13 9.91 -3.40 -7.92
CA LYS A 13 10.28 -3.38 -9.32
C LYS A 13 10.04 -4.73 -9.95
N LEU A 14 8.78 -5.11 -9.94
CA LEU A 14 8.33 -6.34 -10.56
C LEU A 14 8.75 -6.35 -12.02
N TRP A 15 8.47 -5.24 -12.71
CA TRP A 15 8.82 -5.12 -14.12
C TRP A 15 9.67 -3.87 -14.36
N ASP A 16 10.21 -3.32 -13.29
CA ASP A 16 11.11 -2.15 -13.35
C ASP A 16 10.47 -0.98 -14.11
N ALA A 17 9.13 -0.95 -14.14
CA ALA A 17 8.38 0.07 -14.87
C ALA A 17 8.87 0.21 -16.30
N VAL A 18 9.30 -0.90 -16.87
CA VAL A 18 9.86 -0.91 -18.21
C VAL A 18 9.33 -2.09 -19.02
N THR A 19 9.21 -1.90 -20.33
CA THR A 19 8.82 -2.96 -21.28
C THR A 19 7.32 -3.24 -21.22
N GLY A 20 6.73 -3.17 -20.02
CA GLY A 20 5.31 -3.41 -19.89
C GLY A 20 5.01 -4.83 -19.46
N GLN A 21 6.07 -5.59 -19.20
CA GLN A 21 5.96 -6.96 -18.68
C GLN A 21 4.97 -7.79 -19.49
N HIS A 22 5.30 -8.01 -20.77
CA HIS A 22 4.48 -8.82 -21.67
C HIS A 22 3.15 -8.15 -21.99
N ASP A 23 2.26 -8.18 -21.03
CA ASP A 23 0.92 -7.65 -21.20
C ASP A 23 0.49 -6.95 -19.93
N LYS A 24 -0.53 -6.10 -20.01
CA LYS A 24 -1.03 -5.41 -18.83
C LYS A 24 -1.55 -6.42 -17.81
N ASP A 25 -2.16 -7.49 -18.32
CA ASP A 25 -2.68 -8.56 -17.49
C ASP A 25 -1.54 -9.31 -16.81
N ASP A 26 -0.38 -9.30 -17.43
CA ASP A 26 0.79 -9.99 -16.89
C ASP A 26 1.45 -9.14 -15.81
N GLN A 27 1.25 -7.82 -15.90
CA GLN A 27 1.66 -6.92 -14.83
C GLN A 27 0.84 -7.22 -13.58
N ALA A 28 -0.42 -7.55 -13.80
CA ALA A 28 -1.31 -7.94 -12.71
C ALA A 28 -0.88 -9.27 -12.12
N LYS A 29 -0.20 -10.06 -12.92
CA LYS A 29 0.36 -11.30 -12.46
C LYS A 29 1.49 -11.03 -11.47
N LYS A 30 2.39 -10.14 -11.85
CA LYS A 30 3.53 -9.79 -11.00
C LYS A 30 3.12 -9.17 -9.69
N VAL A 31 2.14 -8.29 -9.73
CA VAL A 31 1.65 -7.69 -8.54
C VAL A 31 0.95 -8.71 -7.65
N GLN A 32 0.23 -9.65 -8.27
CA GLN A 32 -0.31 -10.80 -7.57
C GLN A 32 0.80 -11.59 -6.89
N GLU A 33 1.80 -11.98 -7.68
CA GLU A 33 2.96 -12.69 -7.14
C GLU A 33 3.55 -11.90 -5.98
N HIS A 34 3.82 -10.63 -6.24
CA HIS A 34 4.36 -9.72 -5.26
C HIS A 34 3.57 -9.76 -3.94
N LEU A 35 2.25 -9.66 -4.03
CA LEU A 35 1.39 -9.76 -2.86
C LEU A 35 1.65 -11.04 -2.08
N ASN A 36 1.83 -12.14 -2.79
CA ASN A 36 2.08 -13.43 -2.14
C ASN A 36 3.50 -13.51 -1.62
N LYS A 37 4.43 -12.90 -2.36
CA LYS A 37 5.83 -12.86 -1.97
C LYS A 37 6.00 -12.18 -0.62
N THR A 38 5.41 -11.00 -0.51
CA THR A 38 5.46 -10.21 0.71
C THR A 38 4.68 -10.87 1.83
N GLY A 39 3.62 -11.58 1.44
CA GLY A 39 2.79 -12.26 2.41
C GLY A 39 1.65 -11.40 2.88
N ILE A 40 1.23 -10.46 2.03
CA ILE A 40 0.15 -9.55 2.33
C ILE A 40 -1.11 -10.34 2.70
N PRO A 41 -1.72 -10.03 3.84
CA PRO A 41 -2.95 -10.70 4.27
C PRO A 41 -4.09 -10.47 3.30
N ASP A 42 -4.84 -11.54 3.08
CA ASP A 42 -5.98 -11.53 2.16
C ASP A 42 -5.59 -11.12 0.74
N ALA A 43 -4.30 -11.20 0.41
CA ALA A 43 -3.83 -10.90 -0.93
C ALA A 43 -4.33 -11.94 -1.92
N ASP A 44 -4.66 -13.10 -1.39
CA ASP A 44 -5.16 -14.21 -2.20
C ASP A 44 -6.68 -14.10 -2.35
N LYS A 45 -7.29 -13.16 -1.62
CA LYS A 45 -8.73 -12.99 -1.66
C LYS A 45 -9.12 -12.09 -2.83
N VAL A 46 -8.17 -11.29 -3.26
CA VAL A 46 -8.43 -10.28 -4.26
C VAL A 46 -7.92 -10.70 -5.63
N ASN A 47 -8.28 -9.92 -6.62
CA ASN A 47 -7.81 -10.09 -7.97
C ASN A 47 -7.35 -8.75 -8.49
N ILE A 48 -6.22 -8.75 -9.14
CA ILE A 48 -5.64 -7.52 -9.63
C ILE A 48 -5.73 -7.42 -11.15
N GLN A 49 -5.81 -6.19 -11.62
CA GLN A 49 -5.77 -5.88 -13.02
C GLN A 49 -4.94 -4.64 -13.23
N ILE A 50 -4.19 -4.62 -14.31
CA ILE A 50 -3.28 -3.52 -14.53
C ILE A 50 -3.54 -2.88 -15.88
N ALA A 51 -3.59 -1.57 -15.85
CA ALA A 51 -3.78 -0.77 -17.04
C ALA A 51 -2.67 0.25 -17.14
N ASP A 52 -1.48 -0.21 -17.52
CA ASP A 52 -0.30 0.65 -17.63
C ASP A 52 0.19 1.09 -16.26
N GLY A 53 -0.59 1.93 -15.62
CA GLY A 53 -0.29 2.41 -14.30
C GLY A 53 -1.42 2.16 -13.35
N LYS A 54 -2.62 2.04 -13.88
CA LYS A 54 -3.79 1.87 -13.06
C LYS A 54 -4.03 0.41 -12.73
N ALA A 55 -3.90 0.10 -11.47
CA ALA A 55 -4.18 -1.24 -10.99
C ALA A 55 -5.60 -1.31 -10.47
N THR A 56 -6.31 -2.36 -10.77
CA THR A 56 -7.63 -2.54 -10.21
C THR A 56 -7.62 -3.73 -9.26
N VAL A 57 -8.19 -3.55 -8.09
CA VAL A 57 -8.25 -4.61 -7.12
C VAL A 57 -9.68 -5.04 -6.90
N THR A 58 -9.95 -6.32 -7.09
CA THR A 58 -11.29 -6.82 -6.92
C THR A 58 -11.34 -7.89 -5.84
N GLY A 59 -12.48 -8.02 -5.20
CA GLY A 59 -12.65 -9.07 -4.22
C GLY A 59 -13.91 -8.88 -3.41
N ASP A 60 -14.23 -9.84 -2.58
CA ASP A 60 -15.40 -9.74 -1.72
C ASP A 60 -15.22 -10.59 -0.49
N GLY A 61 -15.78 -10.11 0.59
CA GLY A 61 -15.76 -10.83 1.82
C GLY A 61 -14.56 -10.48 2.67
N LEU A 62 -13.85 -9.44 2.28
CA LEU A 62 -12.70 -8.99 3.02
C LEU A 62 -13.11 -8.03 4.11
N SER A 63 -12.10 -7.49 4.76
CA SER A 63 -12.27 -6.46 5.76
C SER A 63 -11.64 -5.17 5.25
N GLN A 64 -12.05 -4.04 5.80
CA GLN A 64 -11.60 -2.74 5.31
C GLN A 64 -10.08 -2.64 5.28
N GLU A 65 -9.44 -2.88 6.43
CA GLU A 65 -7.99 -2.82 6.51
C GLU A 65 -7.33 -3.78 5.53
N ALA A 66 -7.91 -4.96 5.37
CA ALA A 66 -7.40 -5.92 4.40
C ALA A 66 -7.37 -5.32 3.01
N LYS A 67 -8.45 -4.64 2.63
CA LYS A 67 -8.51 -3.99 1.34
C LYS A 67 -7.34 -3.02 1.18
N GLU A 68 -7.11 -2.23 2.21
CA GLU A 68 -6.01 -1.26 2.20
C GLU A 68 -4.67 -1.97 2.16
N LYS A 69 -4.59 -3.10 2.86
CA LYS A 69 -3.39 -3.92 2.88
C LYS A 69 -3.00 -4.33 1.46
N ILE A 70 -3.98 -4.77 0.68
CA ILE A 70 -3.75 -5.06 -0.71
C ILE A 70 -3.49 -3.77 -1.48
N LEU A 71 -4.36 -2.76 -1.32
CA LEU A 71 -4.22 -1.48 -2.01
C LEU A 71 -2.79 -0.96 -1.97
N VAL A 72 -2.18 -0.96 -0.80
CA VAL A 72 -0.85 -0.43 -0.65
C VAL A 72 0.20 -1.34 -1.29
N ALA A 73 0.02 -2.64 -1.18
CA ALA A 73 1.02 -3.58 -1.70
C ALA A 73 0.97 -3.64 -3.22
N VAL A 74 -0.23 -3.57 -3.77
CA VAL A 74 -0.43 -3.59 -5.21
C VAL A 74 -0.24 -2.21 -5.80
N GLY A 75 -0.54 -1.23 -4.99
CA GLY A 75 -0.32 0.14 -5.35
C GLY A 75 1.15 0.51 -5.35
N ASN A 76 1.89 0.03 -4.35
CA ASN A 76 3.31 0.32 -4.22
C ASN A 76 4.15 -0.55 -5.13
N ILE A 77 3.88 -0.47 -6.42
CA ILE A 77 4.65 -1.17 -7.44
C ILE A 77 5.36 -0.15 -8.31
N SER A 78 6.55 -0.49 -8.78
CA SER A 78 7.24 0.34 -9.75
C SER A 78 6.60 0.10 -11.11
N GLY A 79 5.62 0.94 -11.40
CA GLY A 79 4.82 0.78 -12.60
C GLY A 79 3.37 1.12 -12.32
N ILE A 80 2.96 0.94 -11.07
CA ILE A 80 1.59 1.20 -10.67
C ILE A 80 1.42 2.62 -10.13
N ALA A 81 0.46 3.33 -10.69
CA ALA A 81 0.24 4.72 -10.36
C ALA A 81 -1.09 4.91 -9.63
N SER A 82 -1.99 3.95 -9.77
CA SER A 82 -3.26 4.05 -9.11
C SER A 82 -3.83 2.68 -8.81
N VAL A 83 -4.77 2.62 -7.87
CA VAL A 83 -5.49 1.39 -7.58
C VAL A 83 -7.00 1.67 -7.49
N ASP A 84 -7.76 1.02 -8.35
CA ASP A 84 -9.20 1.16 -8.36
C ASP A 84 -9.77 0.12 -7.40
N ASP A 85 -10.15 0.55 -6.21
CA ASP A 85 -10.57 -0.38 -5.19
C ASP A 85 -11.97 -0.93 -5.50
N GLN A 86 -11.98 -2.18 -5.96
CA GLN A 86 -13.23 -2.85 -6.30
C GLN A 86 -13.41 -4.05 -5.40
N VAL A 87 -12.83 -3.99 -4.21
CA VAL A 87 -12.96 -5.06 -3.24
C VAL A 87 -14.04 -4.72 -2.24
N LYS A 88 -14.90 -5.68 -2.00
CA LYS A 88 -15.98 -5.51 -1.05
C LYS A 88 -15.54 -5.96 0.31
N THR A 89 -16.30 -5.56 1.29
CA THR A 89 -16.02 -5.91 2.67
C THR A 89 -17.24 -6.52 3.31
N ALA A 90 -17.13 -7.79 3.69
CA ALA A 90 -18.22 -8.48 4.39
C ALA A 90 -18.20 -8.07 5.85
N THR A 91 -17.00 -7.86 6.36
CA THR A 91 -16.82 -7.45 7.73
C THR A 91 -16.23 -6.06 7.80
N PRO A 92 -16.59 -5.30 8.84
CA PRO A 92 -16.14 -3.94 9.03
C PRO A 92 -14.76 -3.88 9.67
N ALA A 93 -14.01 -2.83 9.38
CA ALA A 93 -12.71 -2.65 9.99
C ALA A 93 -12.29 -1.20 9.96
N THR A 94 -11.09 -0.93 10.44
CA THR A 94 -10.55 0.42 10.44
C THR A 94 -10.33 0.91 9.02
N ALA A 95 -10.55 2.19 8.83
CA ALA A 95 -10.20 2.84 7.58
C ALA A 95 -9.05 3.79 7.83
N SER A 96 -8.05 3.70 7.00
CA SER A 96 -6.79 4.36 7.29
C SER A 96 -6.43 5.40 6.24
N GLN A 97 -5.44 6.21 6.59
CA GLN A 97 -4.89 7.22 5.72
C GLN A 97 -3.78 6.62 4.88
N PHE A 98 -3.58 7.22 3.73
CA PHE A 98 -2.53 6.81 2.81
C PHE A 98 -1.57 7.97 2.60
N TYR A 99 -0.34 7.81 3.06
CA TYR A 99 0.64 8.89 2.97
C TYR A 99 1.77 8.52 2.04
N THR A 100 2.03 9.35 1.04
CA THR A 100 3.10 9.11 0.13
C THR A 100 4.41 9.70 0.65
N VAL A 101 5.39 8.82 0.83
CA VAL A 101 6.71 9.20 1.27
C VAL A 101 7.38 10.13 0.26
N LYS A 102 7.84 11.27 0.72
CA LYS A 102 8.54 12.22 -0.12
C LYS A 102 10.04 11.96 -0.07
N SER A 103 10.79 12.63 -0.93
CA SER A 103 12.23 12.45 -1.01
C SER A 103 12.92 13.10 0.18
N GLY A 104 13.36 12.28 1.12
CA GLY A 104 14.00 12.79 2.32
C GLY A 104 13.20 12.50 3.57
N ASP A 105 12.07 11.82 3.39
CA ASP A 105 11.20 11.48 4.50
C ASP A 105 11.70 10.22 5.21
N THR A 106 11.66 10.27 6.53
CA THR A 106 11.92 9.10 7.34
C THR A 106 10.61 8.66 7.97
N LEU A 107 10.48 7.39 8.35
CA LEU A 107 9.21 6.88 8.88
C LEU A 107 8.74 7.74 10.05
N SER A 108 9.67 8.08 10.92
CA SER A 108 9.39 8.98 12.03
C SER A 108 8.88 10.32 11.52
N ALA A 109 9.59 10.89 10.57
CA ALA A 109 9.23 12.17 9.98
C ALA A 109 7.82 12.14 9.42
N ILE A 110 7.43 11.02 8.82
CA ILE A 110 6.14 10.92 8.18
C ILE A 110 5.05 10.60 9.20
N SER A 111 5.38 9.80 10.22
CA SER A 111 4.47 9.60 11.34
C SER A 111 4.20 10.95 12.01
N LYS A 112 5.24 11.75 12.08
CA LYS A 112 5.15 13.09 12.64
C LYS A 112 4.14 13.94 11.87
N GLN A 113 3.94 13.61 10.61
CA GLN A 113 2.95 14.28 9.78
C GLN A 113 1.56 13.74 10.08
N VAL A 114 1.45 12.45 9.82
CA VAL A 114 0.19 11.76 9.72
C VAL A 114 -0.45 11.49 11.08
N TYR A 115 0.39 11.34 12.09
CA TYR A 115 -0.06 11.11 13.45
C TYR A 115 0.13 12.35 14.29
N GLY A 116 0.95 13.26 13.78
CA GLY A 116 1.32 14.44 14.54
C GLY A 116 2.43 14.12 15.52
N ASN A 117 2.83 12.86 15.53
CA ASN A 117 3.86 12.37 16.43
C ASN A 117 4.72 11.35 15.72
N ALA A 118 6.03 11.59 15.70
CA ALA A 118 6.96 10.75 14.97
C ALA A 118 7.10 9.37 15.60
N ASN A 119 6.81 9.29 16.88
CA ASN A 119 7.05 8.08 17.65
C ASN A 119 6.12 6.94 17.19
N LEU A 120 5.09 7.30 16.44
CA LEU A 120 4.11 6.34 15.97
C LEU A 120 4.54 5.75 14.64
N TYR A 121 5.82 5.93 14.34
CA TYR A 121 6.38 5.44 13.09
C TYR A 121 6.22 3.93 13.03
N ASN A 122 6.40 3.27 14.16
CA ASN A 122 6.35 1.82 14.23
C ASN A 122 4.96 1.33 13.85
N LYS A 123 3.94 2.06 14.30
CA LYS A 123 2.56 1.64 14.06
C LYS A 123 2.27 1.65 12.57
N ILE A 124 2.89 2.60 11.87
CA ILE A 124 2.83 2.64 10.42
C ILE A 124 3.59 1.47 9.84
N PHE A 125 4.86 1.35 10.19
CA PHE A 125 5.71 0.30 9.65
C PHE A 125 5.02 -1.06 9.72
N GLU A 126 4.56 -1.43 10.91
CA GLU A 126 3.91 -2.72 11.14
C GLU A 126 2.62 -2.84 10.35
N ALA A 127 2.11 -1.70 9.90
CA ALA A 127 0.86 -1.64 9.16
C ALA A 127 1.13 -1.72 7.69
N ASN A 128 2.35 -1.33 7.34
CA ASN A 128 2.82 -1.39 5.98
C ASN A 128 3.35 -2.78 5.70
N LYS A 129 3.36 -3.58 6.75
CA LYS A 129 3.83 -4.97 6.68
C LYS A 129 2.75 -5.85 6.08
N PRO A 130 3.16 -7.00 5.53
CA PRO A 130 4.56 -7.33 5.38
C PRO A 130 5.14 -6.82 4.06
N MET A 131 4.58 -5.72 3.56
CA MET A 131 5.08 -5.08 2.35
C MET A 131 6.38 -4.33 2.63
N LEU A 132 6.39 -3.55 3.70
CA LEU A 132 7.52 -2.68 3.98
C LEU A 132 8.67 -3.48 4.59
N LYS A 133 9.86 -3.21 4.06
CA LYS A 133 11.08 -3.85 4.48
C LYS A 133 11.46 -3.42 5.90
N SER A 134 11.69 -2.13 6.08
CA SER A 134 12.06 -1.57 7.37
C SER A 134 11.72 -0.09 7.40
N PRO A 135 11.65 0.49 8.60
CA PRO A 135 11.24 1.88 8.80
C PRO A 135 12.02 2.86 7.91
N ASP A 136 13.34 2.75 7.97
CA ASP A 136 14.20 3.66 7.23
C ASP A 136 14.38 3.20 5.79
N LYS A 137 13.84 2.03 5.51
CA LYS A 137 13.95 1.43 4.19
C LYS A 137 12.79 1.86 3.29
N ILE A 138 12.04 2.85 3.74
CA ILE A 138 11.04 3.49 2.88
C ILE A 138 11.72 4.17 1.70
N TYR A 139 10.90 4.69 0.79
CA TYR A 139 11.42 5.31 -0.41
C TYR A 139 10.45 6.33 -0.98
N PRO A 140 11.00 7.35 -1.66
CA PRO A 140 10.22 8.43 -2.27
C PRO A 140 9.18 7.91 -3.25
N GLY A 141 7.92 7.99 -2.87
CA GLY A 141 6.85 7.50 -3.69
C GLY A 141 6.11 6.34 -3.06
N GLN A 142 6.51 6.00 -1.84
CA GLN A 142 5.93 4.87 -1.15
C GLN A 142 4.78 5.36 -0.30
N VAL A 143 3.58 5.12 -0.75
CA VAL A 143 2.45 5.47 0.04
C VAL A 143 2.23 4.44 1.14
N LEU A 144 2.47 4.87 2.35
CA LEU A 144 2.40 4.03 3.52
C LEU A 144 0.97 3.92 4.03
N ARG A 145 0.63 2.75 4.54
CA ARG A 145 -0.70 2.50 5.05
C ARG A 145 -0.77 3.06 6.47
N ILE A 146 -1.34 4.23 6.61
CA ILE A 146 -1.38 4.95 7.87
C ILE A 146 -2.65 4.61 8.63
N PRO A 147 -2.58 3.71 9.61
CA PRO A 147 -3.75 3.35 10.41
C PRO A 147 -4.34 4.54 11.13
N GLU A 148 -5.51 4.34 11.67
CA GLU A 148 -6.18 5.36 12.42
C GLU A 148 -5.61 5.41 13.83
N GLU A 149 -5.35 6.61 14.32
CA GLU A 149 -4.80 6.80 15.65
C GLU A 149 -5.87 6.59 16.72
N LEU A 150 -6.84 5.76 16.37
CA LEU A 150 -8.00 5.45 17.20
C LEU A 150 -8.73 6.71 17.64
N GLU A 151 -9.51 7.25 16.71
CA GLU A 151 -10.23 8.51 16.90
C GLU A 151 -9.27 9.66 17.16
N HIS A 152 -8.81 9.76 18.40
CA HIS A 152 -7.92 10.83 18.81
C HIS A 152 -7.36 10.51 20.19
N HIS A 153 -6.25 11.12 20.53
CA HIS A 153 -5.57 10.85 21.79
C HIS A 153 -4.71 12.04 22.20
N HIS A 154 -4.91 12.51 23.42
CA HIS A 154 -4.12 13.61 23.94
C HIS A 154 -2.74 13.10 24.38
N HIS A 155 -2.70 11.86 24.82
CA HIS A 155 -1.43 11.21 25.14
C HIS A 155 -0.77 10.81 23.83
N HIS A 156 0.21 11.61 23.39
CA HIS A 156 0.79 11.42 22.07
C HIS A 156 1.62 10.14 21.98
N HIS A 157 2.12 9.69 23.14
CA HIS A 157 3.01 8.53 23.23
C HIS A 157 4.40 8.89 22.74
K K B . 3.53 2.88 -6.94
N MET A 1 -15.33 0.51 -5.29
CA MET A 1 -15.13 1.87 -5.86
C MET A 1 -14.19 2.67 -4.98
N GLY A 2 -13.38 3.50 -5.61
CA GLY A 2 -12.45 4.32 -4.88
C GLY A 2 -11.07 4.26 -5.47
N LEU A 3 -10.59 5.39 -5.96
CA LEU A 3 -9.29 5.43 -6.60
C LEU A 3 -8.26 6.04 -5.67
N PHE A 4 -7.03 5.56 -5.79
CA PHE A 4 -5.94 6.02 -4.95
C PHE A 4 -4.76 6.38 -5.83
N ASN A 5 -4.10 7.50 -5.54
CA ASN A 5 -3.00 7.98 -6.36
C ASN A 5 -1.66 7.57 -5.77
N PHE A 6 -0.79 7.04 -6.61
CA PHE A 6 0.54 6.60 -6.19
C PHE A 6 1.59 7.15 -7.15
N VAL A 7 2.83 7.21 -6.71
CA VAL A 7 3.93 7.58 -7.60
C VAL A 7 4.24 6.43 -8.54
N LYS A 8 4.11 6.74 -9.81
CA LYS A 8 4.18 5.79 -10.91
C LYS A 8 5.47 4.98 -10.91
N ASP A 9 6.60 5.64 -10.85
CA ASP A 9 7.91 4.99 -10.95
C ASP A 9 8.30 4.30 -9.64
N ALA A 10 7.63 4.67 -8.56
CA ALA A 10 8.00 4.19 -7.24
C ALA A 10 7.31 2.86 -6.94
N GLY A 11 7.98 2.02 -6.17
CA GLY A 11 7.38 0.76 -5.76
C GLY A 11 8.27 -0.43 -6.09
N GLU A 12 7.74 -1.62 -5.88
CA GLU A 12 8.47 -2.84 -6.23
C GLU A 12 8.59 -2.98 -7.73
N LYS A 13 9.76 -3.34 -8.20
CA LYS A 13 10.00 -3.49 -9.61
C LYS A 13 9.79 -4.93 -10.02
N LEU A 14 8.54 -5.34 -9.92
CA LEU A 14 8.13 -6.66 -10.36
C LEU A 14 8.55 -6.89 -11.80
N TRP A 15 8.22 -5.92 -12.63
CA TRP A 15 8.48 -5.99 -14.07
C TRP A 15 9.55 -4.98 -14.48
N ASP A 16 9.92 -4.11 -13.54
CA ASP A 16 10.77 -2.94 -13.83
C ASP A 16 10.02 -1.96 -14.71
N ALA A 17 9.73 -0.78 -14.16
CA ALA A 17 8.94 0.22 -14.85
C ALA A 17 9.74 0.90 -15.95
N VAL A 18 10.94 0.38 -16.16
CA VAL A 18 11.78 0.72 -17.30
C VAL A 18 11.11 0.28 -18.61
N THR A 19 10.01 -0.46 -18.45
CA THR A 19 9.26 -1.08 -19.52
C THR A 19 9.72 -2.53 -19.71
N GLY A 20 9.76 -3.24 -18.60
CA GLY A 20 10.03 -4.67 -18.63
C GLY A 20 8.74 -5.45 -18.63
N GLN A 21 7.79 -4.95 -19.40
CA GLN A 21 6.42 -5.45 -19.37
C GLN A 21 5.70 -5.07 -20.67
N HIS A 22 4.49 -5.60 -20.84
CA HIS A 22 3.68 -5.30 -22.02
C HIS A 22 2.34 -6.02 -21.95
N ASP A 23 2.33 -7.14 -21.25
CA ASP A 23 1.17 -8.02 -21.21
C ASP A 23 0.05 -7.43 -20.38
N LYS A 24 0.41 -6.59 -19.41
CA LYS A 24 -0.54 -5.93 -18.50
C LYS A 24 -1.14 -6.92 -17.52
N ASP A 25 -1.77 -7.96 -18.03
CA ASP A 25 -2.32 -9.00 -17.18
C ASP A 25 -1.20 -9.71 -16.43
N ASP A 26 -0.04 -9.77 -17.08
CA ASP A 26 1.18 -10.30 -16.46
C ASP A 26 1.58 -9.45 -15.27
N GLN A 27 1.40 -8.15 -15.38
CA GLN A 27 1.71 -7.23 -14.30
C GLN A 27 0.82 -7.50 -13.11
N ALA A 28 -0.46 -7.75 -13.40
CA ALA A 28 -1.41 -8.11 -12.36
C ALA A 28 -1.06 -9.45 -11.75
N LYS A 29 -0.44 -10.29 -12.55
CA LYS A 29 0.10 -11.53 -12.07
C LYS A 29 1.26 -11.26 -11.10
N LYS A 30 2.18 -10.39 -11.52
CA LYS A 30 3.33 -10.05 -10.72
C LYS A 30 2.94 -9.41 -9.41
N VAL A 31 2.00 -8.48 -9.45
CA VAL A 31 1.56 -7.82 -8.26
C VAL A 31 0.86 -8.81 -7.31
N GLN A 32 0.11 -9.75 -7.88
CA GLN A 32 -0.47 -10.84 -7.11
C GLN A 32 0.62 -11.68 -6.47
N GLU A 33 1.58 -12.10 -7.29
CA GLU A 33 2.71 -12.88 -6.81
C GLU A 33 3.46 -12.11 -5.75
N HIS A 34 3.72 -10.84 -6.03
CA HIS A 34 4.34 -9.93 -5.10
C HIS A 34 3.66 -9.98 -3.74
N LEU A 35 2.33 -9.92 -3.74
CA LEU A 35 1.56 -9.96 -2.51
C LEU A 35 1.75 -11.29 -1.77
N ASN A 36 1.71 -12.38 -2.52
CA ASN A 36 1.85 -13.71 -1.92
C ASN A 36 3.28 -13.92 -1.43
N LYS A 37 4.25 -13.30 -2.12
CA LYS A 37 5.64 -13.39 -1.72
C LYS A 37 5.91 -12.57 -0.46
N THR A 38 5.50 -11.31 -0.48
CA THR A 38 5.65 -10.41 0.67
C THR A 38 4.96 -11.00 1.90
N GLY A 39 3.81 -11.60 1.68
CA GLY A 39 3.05 -12.20 2.76
C GLY A 39 1.87 -11.35 3.17
N ILE A 40 1.39 -10.53 2.24
CA ILE A 40 0.27 -9.65 2.49
C ILE A 40 -0.96 -10.47 2.84
N PRO A 41 -1.56 -10.24 4.01
CA PRO A 41 -2.76 -10.96 4.44
C PRO A 41 -3.95 -10.69 3.57
N ASP A 42 -4.73 -11.74 3.35
CA ASP A 42 -5.93 -11.73 2.50
C ASP A 42 -5.63 -11.22 1.10
N ALA A 43 -4.36 -11.25 0.70
CA ALA A 43 -3.97 -10.87 -0.65
C ALA A 43 -4.35 -11.97 -1.61
N ASP A 44 -4.66 -13.12 -1.04
CA ASP A 44 -5.18 -14.24 -1.80
C ASP A 44 -6.64 -14.01 -2.14
N LYS A 45 -7.28 -13.14 -1.37
CA LYS A 45 -8.71 -12.93 -1.48
C LYS A 45 -9.03 -11.81 -2.45
N VAL A 46 -7.99 -11.24 -3.03
CA VAL A 46 -8.15 -10.15 -3.97
C VAL A 46 -7.70 -10.55 -5.37
N ASN A 47 -7.91 -9.64 -6.30
CA ASN A 47 -7.65 -9.87 -7.71
C ASN A 47 -7.26 -8.55 -8.37
N ILE A 48 -6.05 -8.47 -8.86
CA ILE A 48 -5.54 -7.21 -9.39
C ILE A 48 -5.61 -7.15 -10.91
N GLN A 49 -5.70 -5.94 -11.42
CA GLN A 49 -5.61 -5.66 -12.84
C GLN A 49 -4.72 -4.47 -13.08
N ILE A 50 -3.89 -4.54 -14.09
CA ILE A 50 -2.98 -3.46 -14.36
C ILE A 50 -3.25 -2.86 -15.72
N ALA A 51 -3.27 -1.54 -15.76
CA ALA A 51 -3.57 -0.83 -16.99
C ALA A 51 -2.77 0.46 -17.09
N ASP A 52 -1.52 0.33 -17.56
CA ASP A 52 -0.66 1.48 -17.87
C ASP A 52 -0.23 2.27 -16.63
N GLY A 53 -0.77 1.89 -15.49
CA GLY A 53 -0.46 2.59 -14.27
C GLY A 53 -1.50 2.34 -13.21
N LYS A 54 -2.72 2.05 -13.63
CA LYS A 54 -3.80 1.85 -12.69
C LYS A 54 -3.96 0.37 -12.37
N ALA A 55 -3.65 0.03 -11.13
CA ALA A 55 -3.84 -1.32 -10.65
C ALA A 55 -5.20 -1.42 -9.98
N THR A 56 -6.05 -2.25 -10.52
CA THR A 56 -7.39 -2.38 -9.99
C THR A 56 -7.46 -3.58 -9.06
N VAL A 57 -7.81 -3.34 -7.82
CA VAL A 57 -7.87 -4.41 -6.85
C VAL A 57 -9.29 -4.81 -6.61
N THR A 58 -9.58 -6.03 -6.93
CA THR A 58 -10.92 -6.55 -6.78
C THR A 58 -10.95 -7.58 -5.66
N GLY A 59 -12.14 -7.86 -5.16
CA GLY A 59 -12.30 -8.90 -4.16
C GLY A 59 -13.64 -8.79 -3.49
N ASP A 60 -13.99 -9.78 -2.69
CA ASP A 60 -15.25 -9.75 -1.98
C ASP A 60 -15.19 -10.59 -0.73
N GLY A 61 -15.89 -10.11 0.27
CA GLY A 61 -15.99 -10.83 1.50
C GLY A 61 -14.85 -10.53 2.45
N LEU A 62 -14.08 -9.51 2.11
CA LEU A 62 -12.95 -9.11 2.93
C LEU A 62 -13.38 -8.16 4.03
N SER A 63 -12.40 -7.70 4.76
CA SER A 63 -12.60 -6.70 5.79
C SER A 63 -11.88 -5.42 5.38
N GLN A 64 -12.46 -4.31 5.79
CA GLN A 64 -11.93 -2.97 5.54
C GLN A 64 -10.46 -2.86 6.00
N GLU A 65 -10.08 -3.67 6.98
CA GLU A 65 -8.74 -3.69 7.51
C GLU A 65 -7.75 -4.23 6.47
N ALA A 66 -8.07 -5.40 5.92
CA ALA A 66 -7.18 -6.05 4.96
C ALA A 66 -7.32 -5.42 3.59
N LYS A 67 -8.49 -4.88 3.32
CA LYS A 67 -8.77 -4.23 2.06
C LYS A 67 -7.74 -3.14 1.75
N GLU A 68 -7.39 -2.33 2.76
CA GLU A 68 -6.39 -1.29 2.59
C GLU A 68 -4.99 -1.92 2.53
N LYS A 69 -4.83 -3.01 3.26
CA LYS A 69 -3.61 -3.77 3.32
C LYS A 69 -3.14 -4.18 1.92
N ILE A 70 -4.06 -4.71 1.12
CA ILE A 70 -3.74 -5.07 -0.26
C ILE A 70 -3.51 -3.82 -1.11
N LEU A 71 -4.40 -2.83 -1.01
CA LEU A 71 -4.32 -1.62 -1.81
C LEU A 71 -2.93 -0.97 -1.72
N VAL A 72 -2.39 -0.91 -0.51
CA VAL A 72 -1.10 -0.26 -0.30
C VAL A 72 0.04 -1.08 -0.91
N ALA A 73 -0.08 -2.39 -0.87
CA ALA A 73 0.99 -3.26 -1.35
C ALA A 73 1.03 -3.31 -2.88
N VAL A 74 -0.14 -3.31 -3.50
CA VAL A 74 -0.27 -3.26 -4.95
C VAL A 74 -0.05 -1.84 -5.45
N GLY A 75 -0.38 -0.88 -4.63
CA GLY A 75 -0.13 0.50 -4.98
C GLY A 75 1.34 0.81 -5.05
N ASN A 76 2.13 0.12 -4.25
CA ASN A 76 3.56 0.35 -4.23
C ASN A 76 4.30 -0.59 -5.17
N ILE A 77 3.88 -0.58 -6.42
CA ILE A 77 4.60 -1.27 -7.48
C ILE A 77 5.16 -0.26 -8.46
N SER A 78 6.39 -0.46 -8.87
CA SER A 78 7.03 0.40 -9.86
C SER A 78 6.38 0.15 -11.21
N GLY A 79 5.55 1.09 -11.63
CA GLY A 79 4.74 0.91 -12.80
C GLY A 79 3.29 1.16 -12.49
N ILE A 80 3.01 1.26 -11.19
CA ILE A 80 1.69 1.58 -10.71
C ILE A 80 1.61 3.03 -10.27
N ALA A 81 0.61 3.73 -10.75
CA ALA A 81 0.43 5.13 -10.43
C ALA A 81 -0.90 5.34 -9.72
N SER A 82 -1.74 4.33 -9.74
CA SER A 82 -3.00 4.41 -9.05
C SER A 82 -3.53 3.02 -8.72
N VAL A 83 -4.39 2.96 -7.71
CA VAL A 83 -5.09 1.74 -7.36
C VAL A 83 -6.59 1.96 -7.39
N ASP A 84 -7.28 1.16 -8.18
CA ASP A 84 -8.71 1.27 -8.31
C ASP A 84 -9.36 0.18 -7.47
N ASP A 85 -9.83 0.55 -6.30
CA ASP A 85 -10.35 -0.42 -5.35
C ASP A 85 -11.75 -0.90 -5.72
N GLN A 86 -11.85 -2.18 -6.03
CA GLN A 86 -13.12 -2.82 -6.33
C GLN A 86 -13.37 -3.95 -5.33
N VAL A 87 -12.64 -3.93 -4.21
CA VAL A 87 -12.77 -4.96 -3.21
C VAL A 87 -13.96 -4.69 -2.32
N LYS A 88 -14.74 -5.72 -2.10
CA LYS A 88 -15.92 -5.62 -1.28
C LYS A 88 -15.66 -6.17 0.09
N THR A 89 -16.23 -5.52 1.05
CA THR A 89 -15.99 -5.84 2.43
C THR A 89 -17.26 -6.35 3.11
N ALA A 90 -17.24 -7.62 3.48
CA ALA A 90 -18.37 -8.24 4.15
C ALA A 90 -18.55 -7.64 5.53
N THR A 91 -17.43 -7.27 6.14
CA THR A 91 -17.46 -6.69 7.46
C THR A 91 -16.59 -5.44 7.50
N PRO A 92 -16.99 -4.46 8.32
CA PRO A 92 -16.29 -3.19 8.46
C PRO A 92 -15.11 -3.30 9.41
N ALA A 93 -14.14 -2.40 9.26
CA ALA A 93 -12.98 -2.41 10.10
C ALA A 93 -12.32 -1.04 10.10
N THR A 94 -11.05 -0.99 10.42
CA THR A 94 -10.32 0.26 10.39
C THR A 94 -9.96 0.64 8.97
N ALA A 95 -10.31 1.85 8.61
CA ALA A 95 -9.96 2.40 7.33
C ALA A 95 -8.72 3.26 7.50
N SER A 96 -7.93 3.38 6.46
CA SER A 96 -6.62 3.97 6.60
C SER A 96 -6.46 5.26 5.82
N GLN A 97 -5.49 6.04 6.26
CA GLN A 97 -5.01 7.17 5.51
C GLN A 97 -3.85 6.69 4.65
N PHE A 98 -3.68 7.33 3.53
CA PHE A 98 -2.63 6.94 2.61
C PHE A 98 -1.69 8.11 2.34
N TYR A 99 -0.47 7.98 2.83
CA TYR A 99 0.51 9.05 2.76
C TYR A 99 1.66 8.67 1.82
N THR A 100 2.02 9.58 0.94
CA THR A 100 3.13 9.32 0.02
C THR A 100 4.43 9.86 0.56
N VAL A 101 5.39 8.95 0.74
CA VAL A 101 6.71 9.30 1.21
C VAL A 101 7.40 10.29 0.28
N LYS A 102 7.95 11.35 0.87
CA LYS A 102 8.65 12.37 0.11
C LYS A 102 10.15 12.14 0.21
N SER A 103 10.88 12.76 -0.69
CA SER A 103 12.32 12.58 -0.78
C SER A 103 13.04 13.18 0.43
N GLY A 104 13.44 12.31 1.35
CA GLY A 104 14.16 12.77 2.52
C GLY A 104 13.41 12.48 3.81
N ASP A 105 12.30 11.78 3.71
CA ASP A 105 11.51 11.45 4.88
C ASP A 105 11.80 10.05 5.37
N THR A 106 11.64 9.85 6.66
CA THR A 106 11.74 8.54 7.27
C THR A 106 10.40 8.17 7.86
N LEU A 107 10.19 6.90 8.21
CA LEU A 107 8.90 6.47 8.72
C LEU A 107 8.49 7.31 9.92
N SER A 108 9.46 7.62 10.77
CA SER A 108 9.27 8.49 11.91
C SER A 108 8.78 9.87 11.46
N ALA A 109 9.53 10.46 10.53
CA ALA A 109 9.22 11.78 10.01
C ALA A 109 7.82 11.83 9.42
N ILE A 110 7.40 10.77 8.75
CA ILE A 110 6.11 10.76 8.11
C ILE A 110 5.01 10.47 9.11
N SER A 111 5.30 9.61 10.10
CA SER A 111 4.38 9.39 11.21
C SER A 111 4.14 10.69 11.94
N LYS A 112 5.19 11.47 12.07
CA LYS A 112 5.14 12.76 12.72
C LYS A 112 4.17 13.70 12.02
N GLN A 113 3.92 13.43 10.75
CA GLN A 113 2.96 14.21 9.97
C GLN A 113 1.56 13.69 10.20
N VAL A 114 1.40 12.46 9.76
CA VAL A 114 0.12 11.79 9.66
C VAL A 114 -0.53 11.58 11.03
N TYR A 115 0.31 11.33 12.01
CA TYR A 115 -0.13 11.06 13.37
C TYR A 115 0.11 12.26 14.26
N GLY A 116 1.00 13.13 13.80
CA GLY A 116 1.44 14.23 14.63
C GLY A 116 2.52 13.78 15.58
N ASN A 117 2.77 12.48 15.56
CA ASN A 117 3.70 11.85 16.49
C ASN A 117 4.57 10.86 15.74
N ALA A 118 5.89 11.05 15.78
CA ALA A 118 6.81 10.20 15.03
C ALA A 118 6.93 8.83 15.66
N ASN A 119 6.56 8.74 16.92
CA ASN A 119 6.69 7.49 17.68
C ASN A 119 5.78 6.41 17.13
N LEU A 120 4.82 6.81 16.28
CA LEU A 120 3.83 5.90 15.75
C LEU A 120 4.27 5.35 14.41
N TYR A 121 5.54 5.56 14.10
CA TYR A 121 6.10 5.12 12.84
C TYR A 121 5.92 3.61 12.70
N ASN A 122 6.06 2.92 13.81
CA ASN A 122 5.95 1.47 13.83
C ASN A 122 4.55 1.03 13.43
N LYS A 123 3.53 1.77 13.87
CA LYS A 123 2.16 1.44 13.53
C LYS A 123 1.96 1.46 12.03
N ILE A 124 2.59 2.42 11.39
CA ILE A 124 2.54 2.53 9.96
C ILE A 124 3.26 1.35 9.35
N PHE A 125 4.51 1.11 9.78
CA PHE A 125 5.30 0.01 9.24
C PHE A 125 4.49 -1.26 9.22
N GLU A 126 3.93 -1.63 10.37
CA GLU A 126 3.20 -2.88 10.53
C GLU A 126 2.02 -2.96 9.57
N ALA A 127 1.61 -1.83 9.08
CA ALA A 127 0.45 -1.71 8.22
C ALA A 127 0.89 -1.67 6.77
N ASN A 128 2.14 -1.23 6.58
CA ASN A 128 2.75 -1.17 5.28
C ASN A 128 3.34 -2.54 4.97
N LYS A 129 4.09 -3.05 5.94
CA LYS A 129 4.69 -4.36 5.85
C LYS A 129 3.58 -5.41 5.84
N PRO A 130 3.86 -6.63 5.36
CA PRO A 130 5.20 -7.05 5.00
C PRO A 130 5.60 -6.74 3.55
N MET A 131 5.16 -5.62 3.00
CA MET A 131 5.74 -5.17 1.74
C MET A 131 6.83 -4.15 2.03
N LEU A 132 6.64 -3.36 3.07
CA LEU A 132 7.67 -2.44 3.50
C LEU A 132 8.82 -3.22 4.11
N LYS A 133 10.02 -2.89 3.66
CA LYS A 133 11.23 -3.60 4.05
C LYS A 133 11.69 -3.19 5.44
N SER A 134 11.89 -1.89 5.65
CA SER A 134 12.27 -1.38 6.96
C SER A 134 11.82 0.08 7.08
N PRO A 135 11.63 0.56 8.32
CA PRO A 135 11.03 1.86 8.59
C PRO A 135 11.71 3.00 7.84
N ASP A 136 13.02 3.07 7.97
CA ASP A 136 13.79 4.15 7.37
C ASP A 136 14.18 3.80 5.93
N LYS A 137 13.85 2.57 5.54
CA LYS A 137 14.14 2.09 4.21
C LYS A 137 13.03 2.43 3.23
N ILE A 138 12.06 3.21 3.68
CA ILE A 138 11.03 3.74 2.80
C ILE A 138 11.66 4.54 1.66
N TYR A 139 10.86 4.86 0.67
CA TYR A 139 11.37 5.49 -0.54
C TYR A 139 10.39 6.50 -1.09
N PRO A 140 10.93 7.54 -1.76
CA PRO A 140 10.15 8.61 -2.37
C PRO A 140 9.14 8.07 -3.37
N GLY A 141 7.88 8.10 -2.99
CA GLY A 141 6.82 7.58 -3.83
C GLY A 141 6.13 6.39 -3.22
N GLN A 142 6.52 6.06 -2.00
CA GLN A 142 5.95 4.92 -1.31
C GLN A 142 4.76 5.38 -0.50
N VAL A 143 3.58 5.15 -1.02
CA VAL A 143 2.37 5.45 -0.27
C VAL A 143 2.25 4.48 0.89
N LEU A 144 2.47 5.01 2.07
CA LEU A 144 2.40 4.25 3.30
C LEU A 144 0.97 4.18 3.79
N ARG A 145 0.55 2.99 4.18
CA ARG A 145 -0.76 2.83 4.76
C ARG A 145 -0.75 3.35 6.18
N ILE A 146 -1.44 4.44 6.41
CA ILE A 146 -1.52 5.06 7.70
C ILE A 146 -2.80 4.61 8.42
N PRO A 147 -2.68 3.69 9.37
CA PRO A 147 -3.82 3.27 10.20
C PRO A 147 -4.43 4.44 10.93
N GLU A 148 -5.62 4.23 11.44
CA GLU A 148 -6.32 5.27 12.15
C GLU A 148 -5.81 5.37 13.58
N GLU A 149 -5.44 6.58 13.96
CA GLU A 149 -4.95 6.88 15.28
C GLU A 149 -6.00 6.51 16.31
N LEU A 150 -5.78 5.37 16.96
CA LEU A 150 -6.72 4.86 17.96
C LEU A 150 -6.01 4.47 19.26
N GLU A 151 -4.91 5.15 19.56
CA GLU A 151 -4.16 4.86 20.78
C GLU A 151 -3.85 6.13 21.56
N HIS A 152 -4.17 7.28 20.97
CA HIS A 152 -4.00 8.58 21.61
C HIS A 152 -2.51 8.93 21.73
N HIS A 153 -2.22 10.04 22.42
CA HIS A 153 -0.85 10.50 22.63
C HIS A 153 -0.19 10.89 21.31
N HIS A 154 -0.40 12.14 20.90
CA HIS A 154 0.15 12.63 19.64
C HIS A 154 1.53 13.24 19.88
N HIS A 155 2.00 13.16 21.11
CA HIS A 155 3.35 13.57 21.45
C HIS A 155 3.90 12.64 22.52
N HIS A 156 4.58 11.59 22.09
CA HIS A 156 5.09 10.59 23.01
C HIS A 156 6.52 10.93 23.43
N HIS A 157 7.40 11.08 22.44
CA HIS A 157 8.82 11.32 22.66
C HIS A 157 9.48 10.09 23.28
K K B . 3.62 2.96 -7.19
N MET A 1 -13.77 7.82 -6.96
CA MET A 1 -13.59 8.16 -5.52
C MET A 1 -12.60 7.21 -4.87
N GLY A 2 -12.80 5.91 -5.09
CA GLY A 2 -11.96 4.91 -4.45
C GLY A 2 -10.66 4.68 -5.20
N LEU A 3 -10.00 5.75 -5.58
CA LEU A 3 -8.76 5.65 -6.30
C LEU A 3 -7.63 6.19 -5.44
N PHE A 4 -6.54 5.47 -5.44
CA PHE A 4 -5.40 5.79 -4.61
C PHE A 4 -4.19 6.11 -5.47
N ASN A 5 -3.67 7.32 -5.32
CA ASN A 5 -2.56 7.78 -6.15
C ASN A 5 -1.22 7.41 -5.56
N PHE A 6 -0.35 6.85 -6.39
CA PHE A 6 1.01 6.53 -5.99
C PHE A 6 1.99 7.19 -6.93
N VAL A 7 3.27 7.02 -6.66
CA VAL A 7 4.28 7.39 -7.62
C VAL A 7 4.63 6.19 -8.47
N LYS A 8 4.36 6.30 -9.76
CA LYS A 8 4.46 5.18 -10.69
C LYS A 8 5.76 4.39 -10.52
N ASP A 9 6.86 5.06 -10.80
CA ASP A 9 8.19 4.45 -10.80
C ASP A 9 8.64 3.98 -9.40
N ALA A 10 7.79 4.16 -8.40
CA ALA A 10 8.16 3.82 -7.03
C ALA A 10 7.45 2.54 -6.58
N GLY A 11 8.19 1.66 -5.94
CA GLY A 11 7.62 0.40 -5.50
C GLY A 11 8.46 -0.77 -5.93
N GLU A 12 7.89 -1.96 -5.87
CA GLU A 12 8.61 -3.16 -6.27
C GLU A 12 8.78 -3.20 -7.78
N LYS A 13 9.97 -3.56 -8.21
CA LYS A 13 10.28 -3.62 -9.63
C LYS A 13 9.92 -4.96 -10.19
N LEU A 14 8.65 -5.29 -10.04
CA LEU A 14 8.09 -6.51 -10.59
C LEU A 14 8.43 -6.61 -12.05
N TRP A 15 8.13 -5.55 -12.77
CA TRP A 15 8.32 -5.51 -14.20
C TRP A 15 9.07 -4.25 -14.60
N ASP A 16 9.25 -4.05 -15.89
CA ASP A 16 9.85 -2.84 -16.40
C ASP A 16 8.77 -1.87 -16.82
N ALA A 17 8.65 -0.77 -16.09
CA ALA A 17 7.59 0.22 -16.29
C ALA A 17 7.71 0.93 -17.64
N VAL A 18 8.64 0.46 -18.45
CA VAL A 18 8.84 0.97 -19.78
C VAL A 18 7.69 0.52 -20.71
N THR A 19 7.30 -0.74 -20.59
CA THR A 19 6.24 -1.31 -21.43
C THR A 19 5.42 -2.34 -20.67
N GLY A 20 5.81 -2.62 -19.43
CA GLY A 20 5.16 -3.66 -18.67
C GLY A 20 6.05 -4.88 -18.53
N GLN A 21 5.47 -6.03 -18.28
CA GLN A 21 6.25 -7.26 -18.18
C GLN A 21 6.21 -7.99 -19.51
N HIS A 22 5.37 -9.00 -19.61
CA HIS A 22 5.17 -9.71 -20.86
C HIS A 22 3.81 -9.40 -21.42
N ASP A 23 2.89 -9.11 -20.52
CA ASP A 23 1.52 -8.75 -20.90
C ASP A 23 1.02 -7.66 -19.96
N LYS A 24 -0.19 -7.18 -20.20
CA LYS A 24 -0.77 -6.16 -19.36
C LYS A 24 -1.34 -6.78 -18.10
N ASP A 25 -2.06 -7.89 -18.27
CA ASP A 25 -2.61 -8.62 -17.13
C ASP A 25 -1.50 -9.43 -16.47
N ASP A 26 -0.39 -9.60 -17.17
CA ASP A 26 0.79 -10.25 -16.61
C ASP A 26 1.42 -9.34 -15.57
N GLN A 27 1.21 -8.03 -15.73
CA GLN A 27 1.59 -7.08 -14.71
C GLN A 27 0.80 -7.34 -13.43
N ALA A 28 -0.50 -7.61 -13.60
CA ALA A 28 -1.36 -7.97 -12.48
C ALA A 28 -0.87 -9.25 -11.82
N LYS A 29 -0.40 -10.17 -12.66
CA LYS A 29 0.19 -11.40 -12.20
C LYS A 29 1.36 -11.11 -11.26
N LYS A 30 2.27 -10.26 -11.69
CA LYS A 30 3.43 -9.89 -10.89
C LYS A 30 3.03 -9.25 -9.58
N VAL A 31 1.96 -8.50 -9.60
CA VAL A 31 1.48 -7.88 -8.39
C VAL A 31 0.90 -8.93 -7.44
N GLN A 32 0.17 -9.90 -7.99
CA GLN A 32 -0.27 -11.05 -7.20
C GLN A 32 0.92 -11.81 -6.65
N GLU A 33 1.86 -12.13 -7.53
CA GLU A 33 3.10 -12.76 -7.12
C GLU A 33 3.75 -11.94 -6.01
N HIS A 34 3.89 -10.64 -6.26
CA HIS A 34 4.43 -9.70 -5.31
C HIS A 34 3.73 -9.78 -3.95
N LEU A 35 2.40 -9.74 -3.97
CA LEU A 35 1.59 -9.90 -2.77
C LEU A 35 1.94 -11.18 -2.03
N ASN A 36 2.07 -12.28 -2.77
CA ASN A 36 2.38 -13.57 -2.17
C ASN A 36 3.84 -13.62 -1.72
N LYS A 37 4.72 -12.97 -2.48
CA LYS A 37 6.11 -12.82 -2.12
C LYS A 37 6.24 -12.16 -0.76
N THR A 38 5.72 -10.94 -0.67
CA THR A 38 5.74 -10.16 0.55
C THR A 38 5.02 -10.88 1.69
N GLY A 39 3.89 -11.50 1.35
CA GLY A 39 3.11 -12.21 2.32
C GLY A 39 1.93 -11.38 2.79
N ILE A 40 1.44 -10.52 1.90
CA ILE A 40 0.33 -9.63 2.22
C ILE A 40 -0.91 -10.44 2.58
N PRO A 41 -1.46 -10.22 3.78
CA PRO A 41 -2.66 -10.90 4.22
C PRO A 41 -3.87 -10.61 3.35
N ASP A 42 -4.64 -11.65 3.11
CA ASP A 42 -5.86 -11.58 2.29
C ASP A 42 -5.57 -11.13 0.86
N ALA A 43 -4.32 -11.20 0.44
CA ALA A 43 -3.98 -10.90 -0.96
C ALA A 43 -4.52 -12.00 -1.83
N ASP A 44 -4.64 -13.18 -1.24
CA ASP A 44 -5.21 -14.35 -1.88
C ASP A 44 -6.71 -14.15 -2.11
N LYS A 45 -7.29 -13.18 -1.41
CA LYS A 45 -8.73 -12.97 -1.47
C LYS A 45 -9.08 -12.00 -2.58
N VAL A 46 -8.09 -11.25 -3.02
CA VAL A 46 -8.30 -10.15 -3.93
C VAL A 46 -7.90 -10.49 -5.35
N ASN A 47 -8.11 -9.51 -6.19
CA ASN A 47 -7.93 -9.60 -7.63
C ASN A 47 -7.31 -8.31 -8.15
N ILE A 48 -6.17 -8.41 -8.81
CA ILE A 48 -5.52 -7.25 -9.36
C ILE A 48 -5.76 -7.13 -10.86
N GLN A 49 -5.84 -5.90 -11.31
CA GLN A 49 -5.87 -5.57 -12.72
C GLN A 49 -4.91 -4.46 -12.98
N ILE A 50 -4.24 -4.51 -14.09
CA ILE A 50 -3.26 -3.50 -14.40
C ILE A 50 -3.52 -2.89 -15.75
N ALA A 51 -3.66 -1.59 -15.73
CA ALA A 51 -3.85 -0.81 -16.94
C ALA A 51 -2.69 0.14 -17.10
N ASP A 52 -1.59 -0.39 -17.63
CA ASP A 52 -0.36 0.38 -17.82
C ASP A 52 0.28 0.70 -16.47
N GLY A 53 -0.35 1.60 -15.72
CA GLY A 53 0.08 1.90 -14.38
C GLY A 53 -1.09 2.06 -13.43
N LYS A 54 -2.30 1.95 -13.96
CA LYS A 54 -3.48 2.04 -13.15
C LYS A 54 -3.91 0.65 -12.71
N ALA A 55 -3.49 0.26 -11.52
CA ALA A 55 -3.86 -1.03 -10.96
C ALA A 55 -5.24 -0.94 -10.35
N THR A 56 -6.06 -1.94 -10.60
CA THR A 56 -7.34 -2.02 -9.95
C THR A 56 -7.36 -3.18 -8.98
N VAL A 57 -7.82 -2.91 -7.78
CA VAL A 57 -8.04 -3.93 -6.80
C VAL A 57 -9.49 -4.34 -6.83
N THR A 58 -9.77 -5.62 -6.75
CA THR A 58 -11.14 -6.08 -6.73
C THR A 58 -11.27 -7.37 -5.96
N GLY A 59 -12.46 -7.64 -5.50
CA GLY A 59 -12.73 -8.86 -4.76
C GLY A 59 -13.91 -8.69 -3.85
N ASP A 60 -14.23 -9.70 -3.07
CA ASP A 60 -15.35 -9.61 -2.14
C ASP A 60 -15.16 -10.51 -0.95
N GLY A 61 -15.75 -10.08 0.15
CA GLY A 61 -15.78 -10.89 1.33
C GLY A 61 -14.60 -10.64 2.24
N LEU A 62 -13.89 -9.55 2.01
CA LEU A 62 -12.76 -9.20 2.82
C LEU A 62 -13.14 -8.31 3.99
N SER A 63 -12.14 -7.93 4.73
CA SER A 63 -12.27 -6.99 5.82
C SER A 63 -11.64 -5.68 5.40
N GLN A 64 -12.14 -4.57 5.94
CA GLN A 64 -11.65 -3.25 5.53
C GLN A 64 -10.13 -3.17 5.66
N GLU A 65 -9.63 -3.44 6.86
CA GLU A 65 -8.20 -3.40 7.14
C GLU A 65 -7.40 -4.24 6.16
N ALA A 66 -7.92 -5.42 5.84
CA ALA A 66 -7.27 -6.32 4.91
C ALA A 66 -7.20 -5.71 3.53
N LYS A 67 -8.33 -5.18 3.08
CA LYS A 67 -8.44 -4.70 1.72
C LYS A 67 -7.45 -3.57 1.43
N GLU A 68 -7.34 -2.60 2.34
CA GLU A 68 -6.40 -1.50 2.17
C GLU A 68 -4.96 -2.01 2.16
N LYS A 69 -4.71 -3.08 2.89
CA LYS A 69 -3.41 -3.71 2.88
C LYS A 69 -3.06 -4.14 1.45
N ILE A 70 -4.06 -4.70 0.77
CA ILE A 70 -3.93 -5.04 -0.65
C ILE A 70 -3.70 -3.77 -1.48
N LEU A 71 -4.60 -2.78 -1.36
CA LEU A 71 -4.45 -1.48 -2.00
C LEU A 71 -3.00 -0.99 -2.00
N VAL A 72 -2.36 -1.03 -0.83
CA VAL A 72 -0.98 -0.58 -0.72
C VAL A 72 -0.06 -1.41 -1.60
N ALA A 73 -0.02 -2.69 -1.32
CA ALA A 73 0.89 -3.60 -1.99
C ALA A 73 0.67 -3.65 -3.50
N VAL A 74 -0.56 -3.37 -3.93
CA VAL A 74 -0.93 -3.39 -5.33
C VAL A 74 -0.59 -2.07 -6.01
N GLY A 75 -0.90 -0.97 -5.36
CA GLY A 75 -0.54 0.32 -5.91
C GLY A 75 0.93 0.63 -5.79
N ASN A 76 1.58 0.09 -4.76
CA ASN A 76 3.01 0.33 -4.53
C ASN A 76 3.88 -0.57 -5.39
N ILE A 77 3.65 -0.53 -6.69
CA ILE A 77 4.47 -1.24 -7.66
C ILE A 77 5.27 -0.22 -8.46
N SER A 78 6.47 -0.59 -8.87
CA SER A 78 7.25 0.24 -9.76
C SER A 78 6.70 0.07 -11.17
N GLY A 79 5.72 0.89 -11.48
CA GLY A 79 4.99 0.77 -12.71
C GLY A 79 3.56 1.20 -12.50
N ILE A 80 3.10 1.05 -11.27
CA ILE A 80 1.76 1.42 -10.90
C ILE A 80 1.73 2.82 -10.28
N ALA A 81 0.87 3.66 -10.82
CA ALA A 81 0.77 5.05 -10.37
C ALA A 81 -0.47 5.27 -9.52
N SER A 82 -1.38 4.31 -9.52
CA SER A 82 -2.61 4.44 -8.78
C SER A 82 -3.29 3.09 -8.60
N VAL A 83 -4.08 2.95 -7.53
CA VAL A 83 -4.84 1.74 -7.31
C VAL A 83 -6.33 2.06 -7.18
N ASP A 84 -7.15 1.38 -7.96
CA ASP A 84 -8.59 1.59 -7.94
C ASP A 84 -9.22 0.51 -7.09
N ASP A 85 -9.61 0.87 -5.88
CA ASP A 85 -10.14 -0.10 -4.94
C ASP A 85 -11.56 -0.50 -5.28
N GLN A 86 -11.72 -1.76 -5.65
CA GLN A 86 -13.02 -2.34 -5.96
C GLN A 86 -13.22 -3.65 -5.21
N VAL A 87 -12.49 -3.82 -4.11
CA VAL A 87 -12.63 -5.01 -3.31
C VAL A 87 -13.62 -4.76 -2.17
N LYS A 88 -14.57 -5.66 -2.04
CA LYS A 88 -15.67 -5.49 -1.12
C LYS A 88 -15.34 -6.10 0.22
N THR A 89 -16.11 -5.70 1.20
CA THR A 89 -15.91 -6.14 2.57
C THR A 89 -17.18 -6.78 3.10
N ALA A 90 -17.04 -7.96 3.71
CA ALA A 90 -18.17 -8.67 4.26
C ALA A 90 -18.33 -8.37 5.74
N THR A 91 -17.22 -8.03 6.38
CA THR A 91 -17.21 -7.76 7.81
C THR A 91 -16.72 -6.35 8.10
N PRO A 92 -17.14 -5.79 9.25
CA PRO A 92 -16.78 -4.44 9.67
C PRO A 92 -15.38 -4.38 10.27
N ALA A 93 -14.54 -3.51 9.74
CA ALA A 93 -13.18 -3.39 10.22
C ALA A 93 -12.70 -1.94 10.20
N THR A 94 -11.50 -1.73 10.70
CA THR A 94 -10.91 -0.39 10.78
C THR A 94 -10.54 0.12 9.39
N ALA A 95 -10.56 1.44 9.25
CA ALA A 95 -10.16 2.10 8.01
C ALA A 95 -8.99 3.04 8.28
N SER A 96 -8.03 3.06 7.38
CA SER A 96 -6.80 3.81 7.61
C SER A 96 -6.63 4.95 6.61
N GLN A 97 -5.67 5.82 6.93
CA GLN A 97 -5.25 6.89 6.08
C GLN A 97 -4.11 6.41 5.18
N PHE A 98 -3.91 7.10 4.08
CA PHE A 98 -2.85 6.79 3.16
C PHE A 98 -1.96 8.00 2.94
N TYR A 99 -0.65 7.82 3.14
CA TYR A 99 0.30 8.90 2.95
C TYR A 99 1.40 8.46 2.01
N THR A 100 1.77 9.33 1.08
CA THR A 100 2.84 9.02 0.15
C THR A 100 4.15 9.61 0.61
N VAL A 101 5.11 8.74 0.85
CA VAL A 101 6.47 9.15 1.14
C VAL A 101 6.98 9.99 -0.02
N LYS A 102 7.41 11.20 0.27
CA LYS A 102 7.71 12.17 -0.77
C LYS A 102 9.12 12.03 -1.31
N SER A 103 10.12 12.21 -0.46
CA SER A 103 11.50 12.08 -0.91
C SER A 103 12.44 11.75 0.25
N GLY A 104 12.96 12.77 0.91
CA GLY A 104 13.90 12.56 2.00
C GLY A 104 13.19 12.35 3.31
N ASP A 105 12.11 11.60 3.26
CA ASP A 105 11.29 11.34 4.42
C ASP A 105 11.68 10.04 5.09
N THR A 106 11.61 10.02 6.40
CA THR A 106 11.73 8.78 7.14
C THR A 106 10.35 8.39 7.63
N LEU A 107 10.14 7.16 8.07
CA LEU A 107 8.82 6.78 8.52
C LEU A 107 8.43 7.61 9.73
N SER A 108 9.42 7.96 10.54
CA SER A 108 9.21 8.88 11.64
C SER A 108 8.73 10.23 11.12
N ALA A 109 9.42 10.76 10.12
CA ALA A 109 9.08 12.05 9.54
C ALA A 109 7.65 12.07 9.01
N ILE A 110 7.22 10.96 8.42
CA ILE A 110 5.90 10.89 7.83
C ILE A 110 4.84 10.60 8.89
N SER A 111 5.18 9.76 9.88
CA SER A 111 4.32 9.57 11.03
C SER A 111 4.08 10.89 11.74
N LYS A 112 5.13 11.69 11.82
CA LYS A 112 5.08 12.99 12.43
C LYS A 112 4.06 13.90 11.75
N GLN A 113 3.82 13.62 10.48
CA GLN A 113 2.81 14.35 9.71
C GLN A 113 1.43 13.83 10.04
N VAL A 114 1.29 12.57 9.72
CA VAL A 114 0.01 11.89 9.65
C VAL A 114 -0.58 11.64 11.04
N TYR A 115 0.29 11.50 12.03
CA TYR A 115 -0.12 11.28 13.40
C TYR A 115 0.14 12.51 14.26
N GLY A 116 1.02 13.37 13.76
CA GLY A 116 1.47 14.50 14.54
C GLY A 116 2.61 14.10 15.46
N ASN A 117 2.93 12.82 15.43
CA ASN A 117 3.97 12.24 16.27
C ASN A 117 4.81 11.27 15.45
N ALA A 118 6.12 11.49 15.42
CA ALA A 118 7.01 10.68 14.60
C ALA A 118 7.23 9.30 15.19
N ASN A 119 6.99 9.19 16.49
CA ASN A 119 7.27 7.94 17.22
C ASN A 119 6.29 6.85 16.79
N LEU A 120 5.22 7.25 16.11
CA LEU A 120 4.18 6.33 15.71
C LEU A 120 4.51 5.71 14.38
N TYR A 121 5.77 5.90 13.98
CA TYR A 121 6.28 5.37 12.72
C TYR A 121 6.14 3.85 12.70
N ASN A 122 6.30 3.25 13.87
CA ASN A 122 6.25 1.80 13.99
C ASN A 122 4.83 1.31 13.76
N LYS A 123 3.85 2.09 14.21
CA LYS A 123 2.46 1.74 14.03
C LYS A 123 2.13 1.65 12.55
N ILE A 124 2.65 2.61 11.79
CA ILE A 124 2.50 2.61 10.35
C ILE A 124 3.26 1.43 9.76
N PHE A 125 4.52 1.30 10.13
CA PHE A 125 5.38 0.25 9.61
C PHE A 125 4.71 -1.11 9.70
N GLU A 126 4.26 -1.48 10.91
CA GLU A 126 3.66 -2.80 11.15
C GLU A 126 2.36 -2.95 10.37
N ALA A 127 1.82 -1.83 9.93
CA ALA A 127 0.56 -1.80 9.21
C ALA A 127 0.82 -1.92 7.74
N ASN A 128 2.00 -1.45 7.34
CA ASN A 128 2.45 -1.52 5.97
C ASN A 128 2.98 -2.92 5.73
N LYS A 129 3.27 -3.61 6.81
CA LYS A 129 3.77 -4.99 6.77
C LYS A 129 2.77 -5.92 6.12
N PRO A 130 3.27 -6.99 5.48
CA PRO A 130 4.69 -7.21 5.28
C PRO A 130 5.19 -6.59 3.96
N MET A 131 4.48 -5.57 3.49
CA MET A 131 4.86 -4.88 2.28
C MET A 131 6.10 -4.03 2.52
N LEU A 132 6.14 -3.35 3.65
CA LEU A 132 7.26 -2.48 3.96
C LEU A 132 8.44 -3.30 4.47
N LYS A 133 9.61 -2.97 3.95
CA LYS A 133 10.85 -3.59 4.35
C LYS A 133 11.20 -3.21 5.78
N SER A 134 11.41 -1.92 6.01
CA SER A 134 11.69 -1.39 7.33
C SER A 134 11.37 0.09 7.38
N PRO A 135 11.17 0.64 8.58
CA PRO A 135 10.72 2.03 8.77
C PRO A 135 11.58 3.05 8.04
N ASP A 136 12.87 3.00 8.27
CA ASP A 136 13.78 3.96 7.66
C ASP A 136 14.18 3.50 6.26
N LYS A 137 13.58 2.40 5.83
CA LYS A 137 13.85 1.83 4.52
C LYS A 137 12.69 2.06 3.56
N ILE A 138 11.88 3.07 3.84
CA ILE A 138 10.88 3.53 2.89
C ILE A 138 11.55 4.21 1.70
N TYR A 139 10.74 4.62 0.74
CA TYR A 139 11.27 5.24 -0.47
C TYR A 139 10.25 6.20 -1.06
N PRO A 140 10.77 7.24 -1.74
CA PRO A 140 9.96 8.28 -2.38
C PRO A 140 8.94 7.70 -3.36
N GLY A 141 7.68 7.78 -2.98
CA GLY A 141 6.62 7.25 -3.80
C GLY A 141 5.90 6.10 -3.15
N GLN A 142 6.21 5.82 -1.89
CA GLN A 142 5.63 4.72 -1.18
C GLN A 142 4.44 5.19 -0.37
N VAL A 143 3.25 4.94 -0.88
CA VAL A 143 2.05 5.24 -0.10
C VAL A 143 1.92 4.21 1.02
N LEU A 144 2.09 4.70 2.22
CA LEU A 144 2.07 3.86 3.39
C LEU A 144 0.69 3.87 4.04
N ARG A 145 0.31 2.74 4.62
CA ARG A 145 -0.99 2.62 5.25
C ARG A 145 -0.92 3.19 6.65
N ILE A 146 -1.58 4.31 6.84
CA ILE A 146 -1.58 5.02 8.10
C ILE A 146 -2.80 4.64 8.91
N PRO A 147 -2.65 3.71 9.86
CA PRO A 147 -3.76 3.25 10.69
C PRO A 147 -4.43 4.38 11.45
N GLU A 148 -5.53 4.06 12.07
CA GLU A 148 -6.26 5.02 12.85
C GLU A 148 -5.62 5.20 14.21
N GLU A 149 -5.47 6.46 14.60
CA GLU A 149 -4.90 6.81 15.87
C GLU A 149 -5.86 6.52 17.00
N LEU A 150 -5.74 5.33 17.57
CA LEU A 150 -6.51 4.98 18.75
C LEU A 150 -5.75 5.39 20.00
N GLU A 151 -6.12 6.55 20.52
CA GLU A 151 -5.46 7.16 21.68
C GLU A 151 -4.02 7.55 21.36
N HIS A 152 -3.77 8.85 21.39
CA HIS A 152 -2.46 9.39 21.10
C HIS A 152 -1.58 9.36 22.34
N HIS A 153 -2.00 10.12 23.36
CA HIS A 153 -1.29 10.18 24.64
C HIS A 153 0.20 10.46 24.42
N HIS A 154 0.53 11.73 24.24
CA HIS A 154 1.91 12.10 23.92
C HIS A 154 2.86 11.77 25.08
N HIS A 155 3.53 10.64 24.95
CA HIS A 155 4.52 10.24 25.94
C HIS A 155 5.89 10.72 25.49
N HIS A 156 6.13 10.62 24.20
CA HIS A 156 7.37 11.10 23.61
C HIS A 156 7.22 12.57 23.26
N HIS A 157 8.28 13.34 23.45
CA HIS A 157 8.26 14.75 23.10
C HIS A 157 9.41 15.06 22.16
K K B . 3.70 2.91 -6.99
N MET A 1 -14.92 0.95 -3.02
CA MET A 1 -14.77 1.63 -4.32
C MET A 1 -13.97 2.92 -4.15
N GLY A 2 -13.11 3.22 -5.12
CA GLY A 2 -12.32 4.43 -5.06
C GLY A 2 -10.97 4.26 -5.72
N LEU A 3 -10.24 5.35 -5.89
CA LEU A 3 -8.93 5.29 -6.50
C LEU A 3 -7.90 5.87 -5.56
N PHE A 4 -6.71 5.28 -5.57
CA PHE A 4 -5.63 5.72 -4.71
C PHE A 4 -4.42 6.08 -5.55
N ASN A 5 -3.81 7.20 -5.24
CA ASN A 5 -2.70 7.73 -6.03
C ASN A 5 -1.36 7.24 -5.50
N PHE A 6 -0.55 6.71 -6.41
CA PHE A 6 0.80 6.27 -6.07
C PHE A 6 1.79 6.89 -7.04
N VAL A 7 3.07 6.82 -6.68
CA VAL A 7 4.13 7.14 -7.62
C VAL A 7 4.57 5.85 -8.30
N LYS A 8 4.44 5.80 -9.62
CA LYS A 8 4.73 4.58 -10.37
C LYS A 8 6.20 4.21 -10.29
N ASP A 9 7.06 5.22 -10.30
CA ASP A 9 8.49 5.00 -10.18
C ASP A 9 8.86 4.53 -8.77
N ALA A 10 7.86 4.46 -7.90
CA ALA A 10 8.08 4.04 -6.53
C ALA A 10 7.34 2.74 -6.27
N GLY A 11 7.71 2.07 -5.20
CA GLY A 11 7.08 0.81 -4.86
C GLY A 11 7.99 -0.36 -5.15
N GLU A 12 7.41 -1.55 -5.19
CA GLU A 12 8.16 -2.76 -5.49
C GLU A 12 8.64 -2.72 -6.92
N LYS A 13 9.92 -2.92 -7.15
CA LYS A 13 10.44 -2.99 -8.49
C LYS A 13 10.11 -4.33 -9.11
N LEU A 14 8.83 -4.51 -9.29
CA LEU A 14 8.24 -5.69 -9.81
C LEU A 14 8.51 -5.81 -11.29
N TRP A 15 8.39 -4.70 -11.98
CA TRP A 15 8.67 -4.64 -13.40
C TRP A 15 9.21 -3.26 -13.74
N ASP A 16 9.42 -3.00 -15.02
CA ASP A 16 9.88 -1.69 -15.46
C ASP A 16 9.03 -1.22 -16.62
N ALA A 17 8.07 -2.07 -17.01
CA ALA A 17 7.17 -1.84 -18.16
C ALA A 17 7.93 -2.00 -19.45
N VAL A 18 8.91 -1.15 -19.59
CA VAL A 18 9.86 -1.21 -20.67
C VAL A 18 10.63 -2.54 -20.65
N THR A 19 11.13 -2.91 -19.47
CA THR A 19 11.89 -4.14 -19.30
C THR A 19 11.66 -4.72 -17.91
N GLY A 20 10.61 -5.52 -17.76
CA GLY A 20 10.30 -6.08 -16.46
C GLY A 20 9.22 -7.14 -16.50
N GLN A 21 8.16 -6.88 -17.24
CA GLN A 21 7.03 -7.81 -17.29
C GLN A 21 6.83 -8.34 -18.70
N HIS A 22 6.13 -9.45 -18.82
CA HIS A 22 6.00 -10.14 -20.11
C HIS A 22 4.72 -9.78 -20.84
N ASP A 23 3.80 -9.11 -20.15
CA ASP A 23 2.54 -8.71 -20.77
C ASP A 23 1.78 -7.74 -19.87
N LYS A 24 0.71 -7.16 -20.37
CA LYS A 24 -0.09 -6.23 -19.60
C LYS A 24 -0.79 -6.94 -18.45
N ASP A 25 -1.41 -8.07 -18.77
CA ASP A 25 -2.09 -8.88 -17.76
C ASP A 25 -1.07 -9.60 -16.88
N ASP A 26 0.17 -9.65 -17.35
CA ASP A 26 1.27 -10.23 -16.59
C ASP A 26 1.66 -9.29 -15.46
N GLN A 27 1.41 -8.00 -15.64
CA GLN A 27 1.63 -7.01 -14.59
C GLN A 27 0.76 -7.36 -13.39
N ALA A 28 -0.53 -7.61 -13.64
CA ALA A 28 -1.45 -8.01 -12.59
C ALA A 28 -1.01 -9.31 -11.95
N LYS A 29 -0.51 -10.23 -12.75
CA LYS A 29 0.03 -11.48 -12.27
C LYS A 29 1.18 -11.23 -11.32
N LYS A 30 2.10 -10.36 -11.73
CA LYS A 30 3.27 -10.04 -10.93
C LYS A 30 2.88 -9.48 -9.60
N VAL A 31 1.78 -8.75 -9.59
CA VAL A 31 1.30 -8.16 -8.38
C VAL A 31 0.69 -9.21 -7.48
N GLN A 32 -0.03 -10.17 -8.07
CA GLN A 32 -0.51 -11.33 -7.34
C GLN A 32 0.68 -12.10 -6.76
N GLU A 33 1.65 -12.40 -7.62
CA GLU A 33 2.85 -13.08 -7.17
C GLU A 33 3.50 -12.29 -6.06
N HIS A 34 3.66 -11.00 -6.29
CA HIS A 34 4.21 -10.06 -5.33
C HIS A 34 3.48 -10.11 -3.99
N LEU A 35 2.15 -10.12 -4.03
CA LEU A 35 1.35 -10.25 -2.82
C LEU A 35 1.70 -11.54 -2.09
N ASN A 36 1.87 -12.61 -2.85
CA ASN A 36 2.23 -13.91 -2.29
C ASN A 36 3.69 -13.91 -1.83
N LYS A 37 4.53 -13.15 -2.55
CA LYS A 37 5.92 -12.94 -2.19
C LYS A 37 6.04 -12.30 -0.82
N THR A 38 5.53 -11.08 -0.74
CA THR A 38 5.57 -10.29 0.48
C THR A 38 4.85 -10.99 1.63
N GLY A 39 3.77 -11.68 1.29
CA GLY A 39 2.99 -12.37 2.29
C GLY A 39 1.83 -11.53 2.75
N ILE A 40 1.33 -10.66 1.87
CA ILE A 40 0.21 -9.79 2.18
C ILE A 40 -0.99 -10.65 2.56
N PRO A 41 -1.52 -10.46 3.78
CA PRO A 41 -2.66 -11.23 4.24
C PRO A 41 -3.91 -10.94 3.44
N ASP A 42 -4.68 -11.99 3.20
CA ASP A 42 -5.92 -11.92 2.43
C ASP A 42 -5.69 -11.45 1.00
N ALA A 43 -4.45 -11.59 0.52
CA ALA A 43 -4.12 -11.22 -0.85
C ALA A 43 -4.71 -12.23 -1.82
N ASP A 44 -5.05 -13.39 -1.29
CA ASP A 44 -5.71 -14.43 -2.05
C ASP A 44 -7.19 -14.10 -2.22
N LYS A 45 -7.68 -13.19 -1.37
CA LYS A 45 -9.09 -12.86 -1.34
C LYS A 45 -9.43 -11.84 -2.42
N VAL A 46 -8.39 -11.32 -3.06
CA VAL A 46 -8.56 -10.26 -4.04
C VAL A 46 -8.12 -10.69 -5.44
N ASN A 47 -8.19 -9.74 -6.37
CA ASN A 47 -7.80 -9.96 -7.74
C ASN A 47 -7.26 -8.67 -8.32
N ILE A 48 -6.17 -8.77 -9.04
CA ILE A 48 -5.50 -7.60 -9.57
C ILE A 48 -5.68 -7.45 -11.07
N GLN A 49 -5.79 -6.21 -11.50
CA GLN A 49 -5.82 -5.86 -12.90
C GLN A 49 -4.96 -4.62 -13.11
N ILE A 50 -4.20 -4.60 -14.18
CA ILE A 50 -3.30 -3.51 -14.43
C ILE A 50 -3.58 -2.83 -15.74
N ALA A 51 -3.72 -1.53 -15.66
CA ALA A 51 -3.89 -0.69 -16.82
C ALA A 51 -2.66 0.17 -16.99
N ASP A 52 -1.50 -0.47 -17.01
CA ASP A 52 -0.22 0.20 -17.19
C ASP A 52 0.18 0.98 -15.94
N GLY A 53 -0.57 2.04 -15.65
CA GLY A 53 -0.26 2.90 -14.52
C GLY A 53 -1.25 2.73 -13.40
N LYS A 54 -2.40 2.14 -13.71
CA LYS A 54 -3.42 1.95 -12.72
C LYS A 54 -3.63 0.47 -12.43
N ALA A 55 -3.64 0.13 -11.16
CA ALA A 55 -3.86 -1.23 -10.73
C ALA A 55 -5.21 -1.35 -10.06
N THR A 56 -6.09 -2.14 -10.64
CA THR A 56 -7.41 -2.32 -10.09
C THR A 56 -7.48 -3.57 -9.22
N VAL A 57 -7.97 -3.42 -7.99
CA VAL A 57 -8.12 -4.54 -7.09
C VAL A 57 -9.56 -4.93 -6.95
N THR A 58 -9.83 -6.19 -7.10
CA THR A 58 -11.17 -6.70 -6.93
C THR A 58 -11.21 -7.68 -5.76
N GLY A 59 -12.38 -7.89 -5.21
CA GLY A 59 -12.55 -8.89 -4.18
C GLY A 59 -13.84 -8.70 -3.41
N ASP A 60 -14.11 -9.57 -2.47
CA ASP A 60 -15.31 -9.47 -1.67
C ASP A 60 -15.13 -10.14 -0.33
N GLY A 61 -15.84 -9.62 0.64
CA GLY A 61 -15.86 -10.21 1.94
C GLY A 61 -14.62 -9.90 2.76
N LEU A 62 -13.84 -8.95 2.28
CA LEU A 62 -12.63 -8.53 2.98
C LEU A 62 -12.95 -7.70 4.22
N SER A 63 -11.91 -7.13 4.76
CA SER A 63 -12.01 -6.15 5.84
C SER A 63 -11.25 -4.91 5.43
N GLN A 64 -11.52 -3.78 6.08
CA GLN A 64 -10.79 -2.56 5.78
C GLN A 64 -9.29 -2.80 5.89
N GLU A 65 -8.87 -3.37 7.02
CA GLU A 65 -7.47 -3.63 7.30
C GLU A 65 -6.82 -4.40 6.15
N ALA A 66 -7.39 -5.56 5.87
CA ALA A 66 -6.90 -6.42 4.80
C ALA A 66 -6.99 -5.76 3.44
N LYS A 67 -8.12 -5.12 3.15
CA LYS A 67 -8.35 -4.57 1.83
C LYS A 67 -7.30 -3.52 1.48
N GLU A 68 -7.08 -2.58 2.39
CA GLU A 68 -6.10 -1.53 2.17
C GLU A 68 -4.71 -2.15 2.07
N LYS A 69 -4.47 -3.19 2.87
CA LYS A 69 -3.22 -3.94 2.84
C LYS A 69 -2.90 -4.37 1.41
N ILE A 70 -3.88 -5.00 0.77
CA ILE A 70 -3.77 -5.36 -0.63
C ILE A 70 -3.64 -4.11 -1.52
N LEU A 71 -4.57 -3.18 -1.38
CA LEU A 71 -4.59 -1.96 -2.20
C LEU A 71 -3.22 -1.31 -2.30
N VAL A 72 -2.55 -1.16 -1.16
CA VAL A 72 -1.22 -0.55 -1.14
C VAL A 72 -0.22 -1.44 -1.83
N ALA A 73 -0.22 -2.71 -1.45
CA ALA A 73 0.72 -3.67 -2.01
C ALA A 73 0.59 -3.75 -3.54
N VAL A 74 -0.62 -3.46 -4.02
CA VAL A 74 -0.92 -3.49 -5.44
C VAL A 74 -0.59 -2.15 -6.10
N GLY A 75 -1.00 -1.05 -5.47
CA GLY A 75 -0.67 0.26 -5.99
C GLY A 75 0.80 0.59 -5.89
N ASN A 76 1.50 0.01 -4.92
CA ASN A 76 2.90 0.28 -4.70
C ASN A 76 3.80 -0.63 -5.54
N ILE A 77 3.63 -0.57 -6.85
CA ILE A 77 4.52 -1.27 -7.77
C ILE A 77 5.30 -0.25 -8.57
N SER A 78 6.50 -0.64 -8.99
CA SER A 78 7.27 0.15 -9.94
C SER A 78 6.62 -0.01 -11.31
N GLY A 79 5.77 0.94 -11.62
CA GLY A 79 4.94 0.87 -12.80
C GLY A 79 3.53 1.34 -12.48
N ILE A 80 3.12 1.09 -11.23
CA ILE A 80 1.78 1.40 -10.79
C ILE A 80 1.74 2.73 -10.06
N ALA A 81 0.88 3.60 -10.52
CA ALA A 81 0.76 4.94 -9.99
C ALA A 81 -0.63 5.18 -9.44
N SER A 82 -1.45 4.16 -9.45
CA SER A 82 -2.77 4.25 -8.89
C SER A 82 -3.35 2.88 -8.59
N VAL A 83 -4.17 2.77 -7.55
CA VAL A 83 -4.88 1.53 -7.29
C VAL A 83 -6.38 1.81 -7.28
N ASP A 84 -7.13 1.04 -8.05
CA ASP A 84 -8.57 1.24 -8.15
C ASP A 84 -9.27 0.13 -7.38
N ASP A 85 -9.99 0.52 -6.37
CA ASP A 85 -10.57 -0.41 -5.43
C ASP A 85 -11.96 -0.90 -5.89
N GLN A 86 -12.01 -2.18 -6.27
CA GLN A 86 -13.23 -2.86 -6.67
C GLN A 86 -13.59 -3.92 -5.65
N VAL A 87 -12.72 -4.08 -4.67
CA VAL A 87 -12.88 -5.12 -3.68
C VAL A 87 -13.73 -4.64 -2.52
N LYS A 88 -14.55 -5.55 -2.04
CA LYS A 88 -15.55 -5.22 -1.03
C LYS A 88 -15.16 -5.75 0.32
N THR A 89 -15.91 -5.33 1.32
CA THR A 89 -15.64 -5.68 2.70
C THR A 89 -16.87 -6.25 3.36
N ALA A 90 -16.67 -7.26 4.20
CA ALA A 90 -17.76 -7.88 4.94
C ALA A 90 -17.55 -7.71 6.44
N THR A 91 -16.30 -7.72 6.86
CA THR A 91 -15.96 -7.64 8.27
C THR A 91 -15.47 -6.23 8.63
N PRO A 92 -15.68 -5.83 9.89
CA PRO A 92 -15.30 -4.51 10.37
C PRO A 92 -13.83 -4.41 10.78
N ALA A 93 -13.22 -3.26 10.52
CA ALA A 93 -11.84 -3.04 10.87
C ALA A 93 -11.57 -1.55 11.03
N THR A 94 -10.38 -1.22 11.52
CA THR A 94 -10.02 0.18 11.75
C THR A 94 -9.47 0.80 10.48
N ALA A 95 -10.02 1.94 10.11
CA ALA A 95 -9.72 2.55 8.82
C ALA A 95 -8.41 3.30 8.85
N SER A 96 -7.77 3.40 7.69
CA SER A 96 -6.47 4.03 7.59
C SER A 96 -6.45 5.11 6.51
N GLN A 97 -5.49 6.00 6.63
CA GLN A 97 -5.20 7.01 5.64
C GLN A 97 -4.06 6.51 4.76
N PHE A 98 -3.92 7.10 3.59
CA PHE A 98 -2.85 6.76 2.69
C PHE A 98 -1.91 7.94 2.51
N TYR A 99 -0.63 7.76 2.82
CA TYR A 99 0.33 8.83 2.71
C TYR A 99 1.47 8.46 1.76
N THR A 100 1.70 9.29 0.77
CA THR A 100 2.82 9.09 -0.14
C THR A 100 4.07 9.76 0.43
N VAL A 101 5.10 8.96 0.72
CA VAL A 101 6.33 9.52 1.25
C VAL A 101 6.98 10.41 0.21
N LYS A 102 7.62 11.46 0.67
CA LYS A 102 8.26 12.40 -0.22
C LYS A 102 9.75 12.14 -0.28
N SER A 103 10.44 12.88 -1.13
CA SER A 103 11.88 12.73 -1.29
C SER A 103 12.62 13.14 -0.02
N GLY A 104 13.28 12.16 0.61
CA GLY A 104 14.02 12.42 1.81
C GLY A 104 13.20 12.16 3.07
N ASP A 105 12.13 11.37 2.93
CA ASP A 105 11.29 11.03 4.07
C ASP A 105 11.76 9.73 4.72
N THR A 106 11.30 9.54 5.94
CA THR A 106 11.56 8.34 6.71
C THR A 106 10.35 8.13 7.61
N LEU A 107 10.16 6.93 8.12
CA LEU A 107 8.92 6.61 8.84
C LEU A 107 8.65 7.59 9.98
N SER A 108 9.69 7.93 10.73
CA SER A 108 9.57 8.88 11.83
C SER A 108 9.15 10.26 11.33
N ALA A 109 9.72 10.66 10.21
CA ALA A 109 9.39 11.93 9.59
C ALA A 109 7.94 11.97 9.16
N ILE A 110 7.46 10.87 8.59
CA ILE A 110 6.11 10.83 8.06
C ILE A 110 5.09 10.58 9.17
N SER A 111 5.42 9.80 10.20
CA SER A 111 4.52 9.62 11.34
C SER A 111 4.28 10.95 12.06
N LYS A 112 5.34 11.72 12.20
CA LYS A 112 5.26 13.06 12.77
C LYS A 112 4.35 13.95 11.93
N GLN A 113 4.27 13.59 10.66
CA GLN A 113 3.56 14.34 9.67
C GLN A 113 2.08 13.99 9.70
N VAL A 114 1.81 12.71 9.73
CA VAL A 114 0.48 12.17 9.58
C VAL A 114 -0.25 12.10 10.90
N TYR A 115 0.50 11.77 11.94
CA TYR A 115 -0.07 11.58 13.27
C TYR A 115 0.20 12.78 14.14
N GLY A 116 1.29 13.46 13.84
CA GLY A 116 1.75 14.53 14.71
C GLY A 116 2.71 13.99 15.74
N ASN A 117 2.91 12.68 15.71
CA ASN A 117 3.76 11.99 16.67
C ASN A 117 4.62 10.94 15.96
N ALA A 118 5.93 11.11 16.01
CA ALA A 118 6.85 10.22 15.31
C ALA A 118 6.97 8.88 16.01
N ASN A 119 6.53 8.82 17.26
CA ASN A 119 6.57 7.58 18.03
C ASN A 119 5.70 6.52 17.38
N LEU A 120 4.83 6.96 16.47
CA LEU A 120 3.88 6.07 15.83
C LEU A 120 4.41 5.59 14.50
N TYR A 121 5.71 5.83 14.27
CA TYR A 121 6.34 5.46 13.02
C TYR A 121 6.30 3.95 12.85
N ASN A 122 6.39 3.23 13.96
CA ASN A 122 6.33 1.78 13.91
C ASN A 122 4.94 1.33 13.47
N LYS A 123 3.91 1.92 14.06
CA LYS A 123 2.53 1.53 13.79
C LYS A 123 2.23 1.58 12.31
N ILE A 124 2.75 2.61 11.65
CA ILE A 124 2.61 2.75 10.22
C ILE A 124 3.34 1.61 9.54
N PHE A 125 4.64 1.52 9.76
CA PHE A 125 5.46 0.53 9.05
C PHE A 125 4.90 -0.88 9.23
N GLU A 126 4.48 -1.22 10.45
CA GLU A 126 3.92 -2.54 10.75
C GLU A 126 2.57 -2.74 10.06
N ALA A 127 2.02 -1.65 9.56
CA ALA A 127 0.72 -1.65 8.89
C ALA A 127 0.93 -1.59 7.40
N ASN A 128 2.11 -1.12 7.04
CA ASN A 128 2.56 -1.11 5.66
C ASN A 128 3.15 -2.47 5.35
N LYS A 129 3.33 -3.26 6.40
CA LYS A 129 3.76 -4.64 6.28
C LYS A 129 2.70 -5.46 5.58
N PRO A 130 3.06 -6.61 5.05
CA PRO A 130 4.45 -7.04 4.93
C PRO A 130 5.08 -6.69 3.58
N MET A 131 4.68 -5.57 3.00
CA MET A 131 5.29 -5.14 1.76
C MET A 131 6.42 -4.15 2.02
N LEU A 132 6.27 -3.34 3.07
CA LEU A 132 7.30 -2.39 3.40
C LEU A 132 8.52 -3.13 3.96
N LYS A 133 9.69 -2.75 3.47
CA LYS A 133 10.93 -3.37 3.87
C LYS A 133 11.28 -3.02 5.31
N SER A 134 11.53 -1.75 5.57
CA SER A 134 11.79 -1.29 6.94
C SER A 134 11.43 0.18 7.06
N PRO A 135 11.19 0.64 8.29
CA PRO A 135 10.69 2.00 8.56
C PRO A 135 11.53 3.09 7.89
N ASP A 136 12.83 3.03 8.11
CA ASP A 136 13.76 4.02 7.55
C ASP A 136 14.10 3.66 6.11
N LYS A 137 13.61 2.52 5.66
CA LYS A 137 13.90 2.03 4.32
C LYS A 137 12.75 2.29 3.35
N ILE A 138 11.95 3.31 3.63
CA ILE A 138 10.96 3.76 2.67
C ILE A 138 11.64 4.49 1.53
N TYR A 139 10.85 4.85 0.54
CA TYR A 139 11.37 5.50 -0.65
C TYR A 139 10.32 6.39 -1.27
N PRO A 140 10.74 7.52 -1.81
CA PRO A 140 9.85 8.61 -2.26
C PRO A 140 8.77 8.13 -3.21
N GLY A 141 7.54 8.07 -2.70
CA GLY A 141 6.44 7.55 -3.49
C GLY A 141 5.83 6.32 -2.87
N GLN A 142 6.33 5.96 -1.70
CA GLN A 142 5.90 4.78 -0.98
C GLN A 142 4.63 5.09 -0.20
N VAL A 143 3.47 4.91 -0.82
CA VAL A 143 2.21 5.17 -0.13
C VAL A 143 2.08 4.25 1.08
N LEU A 144 2.12 4.86 2.25
CA LEU A 144 2.07 4.16 3.51
C LEU A 144 0.66 4.17 4.07
N ARG A 145 0.27 3.06 4.70
CA ARG A 145 -1.00 3.00 5.40
C ARG A 145 -0.87 3.73 6.70
N ILE A 146 -1.68 4.75 6.88
CA ILE A 146 -1.70 5.50 8.10
C ILE A 146 -2.97 5.16 8.88
N PRO A 147 -2.94 4.09 9.67
CA PRO A 147 -4.10 3.65 10.44
C PRO A 147 -4.56 4.71 11.41
N GLU A 148 -5.76 4.54 11.90
CA GLU A 148 -6.37 5.50 12.78
C GLU A 148 -5.58 5.56 14.08
N GLU A 149 -5.08 6.74 14.38
CA GLU A 149 -4.27 6.98 15.57
C GLU A 149 -5.10 6.95 16.84
N LEU A 150 -5.35 5.77 17.37
CA LEU A 150 -5.97 5.62 18.67
C LEU A 150 -4.88 5.54 19.72
N GLU A 151 -4.35 6.69 20.11
CA GLU A 151 -3.25 6.73 21.06
C GLU A 151 -3.76 6.58 22.48
N HIS A 152 -4.06 5.34 22.80
CA HIS A 152 -4.54 4.94 24.11
C HIS A 152 -3.36 4.66 25.03
N HIS A 153 -2.19 4.51 24.42
CA HIS A 153 -0.97 4.23 25.16
C HIS A 153 -0.25 5.52 25.51
N HIS A 154 0.53 5.49 26.58
CA HIS A 154 1.27 6.65 27.03
C HIS A 154 2.46 6.90 26.12
N HIS A 155 2.74 8.17 25.87
CA HIS A 155 3.86 8.56 25.02
C HIS A 155 4.35 9.94 25.42
N HIS A 156 5.40 10.42 24.75
CA HIS A 156 5.96 11.73 25.03
C HIS A 156 4.94 12.83 24.69
N HIS A 157 4.78 13.10 23.40
CA HIS A 157 3.84 14.11 22.94
C HIS A 157 3.80 14.11 21.42
K K B . 3.81 2.64 -6.74
N MET A 1 -13.99 2.84 -10.07
CA MET A 1 -14.61 4.06 -9.51
C MET A 1 -13.83 4.54 -8.28
N GLY A 2 -13.65 3.66 -7.31
CA GLY A 2 -12.88 4.01 -6.12
C GLY A 2 -11.39 4.01 -6.40
N LEU A 3 -10.91 5.09 -6.97
CA LEU A 3 -9.52 5.17 -7.39
C LEU A 3 -8.66 5.77 -6.30
N PHE A 4 -7.42 5.32 -6.23
CA PHE A 4 -6.44 5.79 -5.27
C PHE A 4 -5.13 6.06 -5.99
N ASN A 5 -4.49 7.19 -5.71
CA ASN A 5 -3.28 7.59 -6.43
C ASN A 5 -2.03 7.05 -5.77
N PHE A 6 -1.12 6.54 -6.59
CA PHE A 6 0.17 6.03 -6.13
C PHE A 6 1.28 6.61 -7.01
N VAL A 7 2.54 6.53 -6.58
CA VAL A 7 3.62 7.06 -7.39
C VAL A 7 4.21 5.98 -8.29
N LYS A 8 3.92 6.08 -9.58
CA LYS A 8 4.24 5.05 -10.56
C LYS A 8 5.63 4.47 -10.40
N ASP A 9 6.62 5.33 -10.57
CA ASP A 9 8.03 4.95 -10.56
C ASP A 9 8.46 4.32 -9.23
N ALA A 10 7.67 4.50 -8.20
CA ALA A 10 8.06 4.11 -6.87
C ALA A 10 7.41 2.79 -6.47
N GLY A 11 8.17 1.94 -5.80
CA GLY A 11 7.62 0.68 -5.35
C GLY A 11 8.47 -0.50 -5.77
N GLU A 12 7.87 -1.66 -5.74
CA GLU A 12 8.53 -2.90 -6.13
C GLU A 12 8.87 -2.88 -7.61
N LYS A 13 10.11 -3.18 -7.94
CA LYS A 13 10.50 -3.32 -9.34
C LYS A 13 10.08 -4.67 -9.84
N LEU A 14 8.79 -4.83 -9.76
CA LEU A 14 8.09 -6.04 -9.96
C LEU A 14 8.23 -6.57 -11.38
N TRP A 15 8.27 -5.65 -12.35
CA TRP A 15 8.41 -6.05 -13.74
C TRP A 15 9.41 -5.15 -14.46
N ASP A 16 10.41 -4.68 -13.69
CA ASP A 16 11.47 -3.81 -14.20
C ASP A 16 10.94 -2.42 -14.55
N ALA A 17 9.63 -2.31 -14.73
CA ALA A 17 8.96 -1.04 -14.94
C ALA A 17 9.38 -0.39 -16.26
N VAL A 18 9.85 -1.20 -17.17
CA VAL A 18 10.34 -0.70 -18.44
C VAL A 18 9.19 -0.57 -19.44
N THR A 19 8.21 0.27 -19.07
CA THR A 19 7.02 0.52 -19.88
C THR A 19 6.09 -0.70 -19.87
N GLY A 20 6.61 -1.84 -20.30
CA GLY A 20 5.86 -3.06 -20.30
C GLY A 20 6.77 -4.25 -20.44
N GLN A 21 6.72 -5.15 -19.48
CA GLN A 21 7.63 -6.29 -19.44
C GLN A 21 7.25 -7.35 -20.46
N HIS A 22 5.95 -7.56 -20.63
CA HIS A 22 5.47 -8.59 -21.54
C HIS A 22 4.06 -8.27 -22.00
N ASP A 23 3.14 -8.26 -21.06
CA ASP A 23 1.74 -8.04 -21.35
C ASP A 23 1.02 -7.45 -20.14
N LYS A 24 -0.05 -6.75 -20.38
CA LYS A 24 -0.82 -6.09 -19.32
C LYS A 24 -1.24 -7.08 -18.23
N ASP A 25 -1.75 -8.25 -18.65
CA ASP A 25 -2.24 -9.24 -17.69
C ASP A 25 -1.09 -9.91 -16.96
N ASP A 26 0.11 -9.84 -17.54
CA ASP A 26 1.29 -10.35 -16.88
C ASP A 26 1.66 -9.46 -15.72
N GLN A 27 1.57 -8.15 -15.94
CA GLN A 27 1.88 -7.18 -14.90
C GLN A 27 0.90 -7.35 -13.75
N ALA A 28 -0.34 -7.68 -14.06
CA ALA A 28 -1.30 -8.01 -13.04
C ALA A 28 -0.84 -9.23 -12.27
N LYS A 29 -0.53 -10.30 -13.02
CA LYS A 29 -0.05 -11.55 -12.44
C LYS A 29 1.11 -11.31 -11.50
N LYS A 30 2.05 -10.47 -11.92
CA LYS A 30 3.21 -10.12 -11.11
C LYS A 30 2.80 -9.55 -9.77
N VAL A 31 1.71 -8.81 -9.75
CA VAL A 31 1.23 -8.23 -8.53
C VAL A 31 0.64 -9.30 -7.61
N GLN A 32 -0.08 -10.25 -8.19
CA GLN A 32 -0.54 -11.41 -7.43
C GLN A 32 0.64 -12.15 -6.82
N GLU A 33 1.65 -12.43 -7.64
CA GLU A 33 2.86 -13.07 -7.15
C GLU A 33 3.46 -12.24 -6.03
N HIS A 34 3.64 -10.96 -6.33
CA HIS A 34 4.18 -9.98 -5.40
C HIS A 34 3.48 -10.06 -4.03
N LEU A 35 2.16 -10.02 -4.05
CA LEU A 35 1.36 -10.16 -2.84
C LEU A 35 1.70 -11.44 -2.08
N ASN A 36 1.70 -12.55 -2.79
CA ASN A 36 1.94 -13.86 -2.17
C ASN A 36 3.39 -13.99 -1.73
N LYS A 37 4.29 -13.30 -2.41
CA LYS A 37 5.68 -13.25 -2.02
C LYS A 37 5.85 -12.50 -0.71
N THR A 38 5.41 -11.26 -0.70
CA THR A 38 5.46 -10.41 0.48
C THR A 38 4.66 -11.01 1.64
N GLY A 39 3.58 -11.71 1.29
CA GLY A 39 2.76 -12.35 2.29
C GLY A 39 1.62 -11.46 2.74
N ILE A 40 1.22 -10.55 1.86
CA ILE A 40 0.13 -9.62 2.15
C ILE A 40 -1.13 -10.39 2.50
N PRO A 41 -1.68 -10.18 3.71
CA PRO A 41 -2.86 -10.93 4.15
C PRO A 41 -4.08 -10.63 3.31
N ASP A 42 -4.81 -11.68 3.02
CA ASP A 42 -6.01 -11.63 2.20
C ASP A 42 -5.74 -11.16 0.78
N ALA A 43 -4.48 -11.20 0.36
CA ALA A 43 -4.13 -10.89 -1.02
C ALA A 43 -4.65 -11.99 -1.92
N ASP A 44 -4.75 -13.17 -1.34
CA ASP A 44 -5.35 -14.32 -1.98
C ASP A 44 -6.84 -14.10 -2.23
N LYS A 45 -7.42 -13.15 -1.52
CA LYS A 45 -8.85 -12.93 -1.59
C LYS A 45 -9.20 -11.89 -2.64
N VAL A 46 -8.17 -11.30 -3.22
CA VAL A 46 -8.35 -10.24 -4.21
C VAL A 46 -7.85 -10.65 -5.59
N ASN A 47 -8.11 -9.81 -6.57
CA ASN A 47 -7.72 -10.02 -7.96
C ASN A 47 -7.27 -8.69 -8.57
N ILE A 48 -6.09 -8.68 -9.16
CA ILE A 48 -5.53 -7.45 -9.69
C ILE A 48 -5.60 -7.37 -11.21
N GLN A 49 -5.82 -6.16 -11.69
CA GLN A 49 -5.71 -5.82 -13.10
C GLN A 49 -4.80 -4.63 -13.25
N ILE A 50 -4.30 -4.41 -14.44
CA ILE A 50 -3.41 -3.29 -14.69
C ILE A 50 -3.90 -2.48 -15.87
N ALA A 51 -3.62 -1.20 -15.84
CA ALA A 51 -3.97 -0.30 -16.91
C ALA A 51 -2.94 0.82 -16.97
N ASP A 52 -1.76 0.50 -17.51
CA ASP A 52 -0.64 1.45 -17.58
C ASP A 52 -0.10 1.73 -16.18
N GLY A 53 -0.92 2.35 -15.36
CA GLY A 53 -0.55 2.65 -14.00
C GLY A 53 -1.66 2.29 -13.03
N LYS A 54 -2.85 2.07 -13.54
CA LYS A 54 -3.99 1.78 -12.69
C LYS A 54 -4.12 0.28 -12.46
N ALA A 55 -3.74 -0.17 -11.28
CA ALA A 55 -3.98 -1.54 -10.89
C ALA A 55 -5.36 -1.63 -10.26
N THR A 56 -6.26 -2.35 -10.89
CA THR A 56 -7.59 -2.48 -10.34
C THR A 56 -7.66 -3.71 -9.46
N VAL A 57 -8.07 -3.52 -8.22
CA VAL A 57 -8.17 -4.63 -7.31
C VAL A 57 -9.61 -5.00 -7.12
N THR A 58 -9.86 -6.26 -7.20
CA THR A 58 -11.19 -6.80 -6.99
C THR A 58 -11.14 -7.83 -5.89
N GLY A 59 -12.25 -8.09 -5.24
CA GLY A 59 -12.28 -9.18 -4.29
C GLY A 59 -13.38 -9.04 -3.29
N ASP A 60 -13.50 -10.02 -2.42
CA ASP A 60 -14.51 -10.00 -1.39
C ASP A 60 -14.13 -10.88 -0.24
N GLY A 61 -14.62 -10.51 0.91
CA GLY A 61 -14.55 -11.39 2.05
C GLY A 61 -13.39 -11.08 2.96
N LEU A 62 -12.63 -10.05 2.65
CA LEU A 62 -11.54 -9.67 3.51
C LEU A 62 -11.97 -8.53 4.43
N SER A 63 -11.03 -8.07 5.22
CA SER A 63 -11.31 -7.04 6.19
C SER A 63 -10.88 -5.67 5.68
N GLN A 64 -11.44 -4.64 6.28
CA GLN A 64 -11.13 -3.26 5.93
C GLN A 64 -9.62 -3.00 5.92
N GLU A 65 -8.92 -3.43 6.97
CA GLU A 65 -7.48 -3.24 7.08
C GLU A 65 -6.75 -3.95 5.94
N ALA A 66 -7.23 -5.13 5.59
CA ALA A 66 -6.58 -5.96 4.60
C ALA A 66 -6.76 -5.39 3.21
N LYS A 67 -7.95 -4.86 2.94
CA LYS A 67 -8.23 -4.26 1.64
C LYS A 67 -7.22 -3.16 1.36
N GLU A 68 -6.99 -2.31 2.36
CA GLU A 68 -5.99 -1.25 2.25
C GLU A 68 -4.63 -1.86 1.98
N LYS A 69 -4.30 -2.89 2.77
CA LYS A 69 -3.04 -3.60 2.63
C LYS A 69 -2.79 -4.04 1.19
N ILE A 70 -3.80 -4.66 0.58
CA ILE A 70 -3.71 -5.05 -0.81
C ILE A 70 -3.55 -3.81 -1.71
N LEU A 71 -4.43 -2.82 -1.54
CA LEU A 71 -4.37 -1.59 -2.34
C LEU A 71 -2.97 -1.01 -2.36
N VAL A 72 -2.34 -0.96 -1.20
CA VAL A 72 -0.98 -0.45 -1.09
C VAL A 72 0.01 -1.38 -1.76
N ALA A 73 -0.11 -2.65 -1.43
CA ALA A 73 0.80 -3.66 -1.96
C ALA A 73 0.82 -3.66 -3.48
N VAL A 74 -0.36 -3.57 -4.09
CA VAL A 74 -0.50 -3.54 -5.52
C VAL A 74 -0.23 -2.15 -6.07
N GLY A 75 -0.57 -1.16 -5.28
CA GLY A 75 -0.33 0.22 -5.64
C GLY A 75 1.13 0.58 -5.63
N ASN A 76 1.87 0.01 -4.70
CA ASN A 76 3.29 0.31 -4.55
C ASN A 76 4.15 -0.57 -5.43
N ILE A 77 3.75 -0.72 -6.68
CA ILE A 77 4.60 -1.34 -7.69
C ILE A 77 5.30 -0.24 -8.45
N SER A 78 6.53 -0.49 -8.86
CA SER A 78 7.21 0.41 -9.77
C SER A 78 6.62 0.17 -11.15
N GLY A 79 5.64 0.99 -11.49
CA GLY A 79 4.85 0.79 -12.69
C GLY A 79 3.41 1.19 -12.44
N ILE A 80 2.97 1.01 -11.20
CA ILE A 80 1.61 1.31 -10.81
C ILE A 80 1.50 2.73 -10.26
N ALA A 81 0.56 3.49 -10.81
CA ALA A 81 0.38 4.88 -10.46
C ALA A 81 -0.93 5.11 -9.74
N SER A 82 -1.83 4.14 -9.80
CA SER A 82 -3.10 4.25 -9.13
C SER A 82 -3.74 2.88 -8.97
N VAL A 83 -4.67 2.77 -8.04
CA VAL A 83 -5.37 1.51 -7.80
C VAL A 83 -6.87 1.74 -7.73
N ASP A 84 -7.61 0.99 -8.52
CA ASP A 84 -9.06 1.09 -8.52
C ASP A 84 -9.63 0.03 -7.61
N ASP A 85 -10.09 0.44 -6.44
CA ASP A 85 -10.56 -0.50 -5.44
C ASP A 85 -11.96 -1.00 -5.76
N GLN A 86 -12.04 -2.25 -6.14
CA GLN A 86 -13.29 -2.93 -6.42
C GLN A 86 -13.49 -4.07 -5.43
N VAL A 87 -12.79 -3.99 -4.30
CA VAL A 87 -12.84 -5.04 -3.30
C VAL A 87 -13.91 -4.78 -2.27
N LYS A 88 -14.54 -5.86 -1.82
CA LYS A 88 -15.56 -5.78 -0.80
C LYS A 88 -14.99 -6.27 0.51
N THR A 89 -15.76 -6.09 1.56
CA THR A 89 -15.32 -6.44 2.89
C THR A 89 -16.40 -7.18 3.67
N ALA A 90 -16.08 -8.39 4.11
CA ALA A 90 -17.02 -9.22 4.85
C ALA A 90 -17.05 -8.80 6.31
N THR A 91 -15.90 -8.36 6.81
CA THR A 91 -15.79 -7.93 8.19
C THR A 91 -15.23 -6.51 8.27
N PRO A 92 -15.64 -5.77 9.30
CA PRO A 92 -15.22 -4.39 9.52
C PRO A 92 -13.87 -4.32 10.25
N ALA A 93 -13.17 -3.21 10.08
CA ALA A 93 -11.88 -3.00 10.72
C ALA A 93 -11.46 -1.55 10.66
N THR A 94 -10.20 -1.29 10.98
CA THR A 94 -9.66 0.06 10.95
C THR A 94 -9.34 0.49 9.52
N ALA A 95 -9.68 1.71 9.22
CA ALA A 95 -9.39 2.29 7.91
C ALA A 95 -8.13 3.11 8.00
N SER A 96 -7.42 3.25 6.90
CA SER A 96 -6.15 3.95 6.94
C SER A 96 -6.07 5.09 5.94
N GLN A 97 -5.28 6.07 6.31
CA GLN A 97 -4.92 7.15 5.43
C GLN A 97 -3.73 6.72 4.62
N PHE A 98 -3.61 7.28 3.44
CA PHE A 98 -2.55 6.91 2.54
C PHE A 98 -1.59 8.08 2.34
N TYR A 99 -0.44 7.98 2.97
CA TYR A 99 0.58 9.01 2.89
C TYR A 99 1.69 8.59 1.94
N THR A 100 2.02 9.43 0.98
CA THR A 100 3.10 9.14 0.06
C THR A 100 4.41 9.71 0.58
N VAL A 101 5.36 8.82 0.80
CA VAL A 101 6.69 9.18 1.29
C VAL A 101 7.40 10.12 0.33
N LYS A 102 7.96 11.19 0.87
CA LYS A 102 8.75 12.11 0.09
C LYS A 102 10.23 11.81 0.29
N SER A 103 11.08 12.46 -0.49
CA SER A 103 12.49 12.14 -0.49
C SER A 103 13.18 12.68 0.76
N GLY A 104 13.74 11.77 1.56
CA GLY A 104 14.48 12.18 2.74
C GLY A 104 13.71 11.94 4.02
N ASP A 105 12.50 11.41 3.90
CA ASP A 105 11.65 11.17 5.04
C ASP A 105 11.72 9.71 5.50
N THR A 106 11.48 9.53 6.79
CA THR A 106 11.30 8.20 7.38
C THR A 106 9.92 8.16 8.01
N LEU A 107 9.42 6.98 8.39
CA LEU A 107 8.09 6.97 8.98
C LEU A 107 8.05 7.65 10.33
N SER A 108 9.22 7.94 10.91
CA SER A 108 9.27 8.80 12.09
C SER A 108 9.00 10.23 11.69
N ALA A 109 9.68 10.67 10.65
CA ALA A 109 9.47 11.99 10.10
C ALA A 109 8.03 12.16 9.60
N ILE A 110 7.46 11.08 9.07
CA ILE A 110 6.12 11.14 8.51
C ILE A 110 5.06 10.86 9.57
N SER A 111 5.35 10.04 10.59
CA SER A 111 4.40 9.88 11.71
C SER A 111 4.22 11.21 12.41
N LYS A 112 5.31 11.94 12.56
CA LYS A 112 5.27 13.31 13.07
C LYS A 112 4.33 14.18 12.23
N GLN A 113 4.19 13.80 10.97
CA GLN A 113 3.46 14.54 10.00
C GLN A 113 1.99 14.14 9.99
N VAL A 114 1.77 12.84 10.02
CA VAL A 114 0.44 12.26 9.87
C VAL A 114 -0.27 12.11 11.21
N TYR A 115 0.51 11.83 12.25
CA TYR A 115 -0.02 11.64 13.58
C TYR A 115 0.24 12.85 14.43
N GLY A 116 1.35 13.50 14.15
CA GLY A 116 1.80 14.60 14.97
C GLY A 116 2.87 14.15 15.94
N ASN A 117 3.16 12.86 15.92
CA ASN A 117 4.13 12.28 16.83
C ASN A 117 5.00 11.25 16.11
N ALA A 118 6.31 11.47 16.12
CA ALA A 118 7.24 10.62 15.39
C ALA A 118 7.39 9.25 16.03
N ASN A 119 6.97 9.13 17.28
CA ASN A 119 7.09 7.88 18.01
C ASN A 119 6.10 6.85 17.47
N LEU A 120 5.21 7.30 16.58
CA LEU A 120 4.15 6.46 16.07
C LEU A 120 4.55 5.86 14.73
N TYR A 121 5.84 5.88 14.46
CA TYR A 121 6.37 5.36 13.22
C TYR A 121 6.20 3.84 13.16
N ASN A 122 6.17 3.21 14.34
CA ASN A 122 6.04 1.76 14.41
C ASN A 122 4.65 1.34 13.99
N LYS A 123 3.65 2.13 14.40
CA LYS A 123 2.26 1.89 14.05
C LYS A 123 2.11 1.90 12.54
N ILE A 124 2.85 2.79 11.90
CA ILE A 124 2.85 2.86 10.46
C ILE A 124 3.57 1.64 9.90
N PHE A 125 4.83 1.45 10.28
CA PHE A 125 5.61 0.30 9.80
C PHE A 125 4.80 -1.00 9.80
N GLU A 126 4.26 -1.37 10.96
CA GLU A 126 3.53 -2.64 11.12
C GLU A 126 2.27 -2.71 10.26
N ALA A 127 1.81 -1.54 9.90
CA ALA A 127 0.58 -1.40 9.14
C ALA A 127 0.88 -1.38 7.66
N ASN A 128 2.10 -0.98 7.35
CA ASN A 128 2.58 -0.98 6.00
C ASN A 128 3.01 -2.40 5.67
N LYS A 129 3.28 -3.14 6.73
CA LYS A 129 3.57 -4.56 6.67
C LYS A 129 2.44 -5.31 5.95
N PRO A 130 2.78 -6.41 5.30
CA PRO A 130 4.17 -6.83 5.09
C PRO A 130 4.78 -6.19 3.85
N MET A 131 4.04 -5.24 3.28
CA MET A 131 4.47 -4.52 2.08
C MET A 131 5.75 -3.74 2.35
N LEU A 132 5.83 -3.09 3.51
CA LEU A 132 6.99 -2.29 3.84
C LEU A 132 8.14 -3.17 4.31
N LYS A 133 9.27 -2.96 3.66
CA LYS A 133 10.51 -3.66 3.96
C LYS A 133 10.93 -3.40 5.40
N SER A 134 11.30 -2.16 5.70
CA SER A 134 11.71 -1.78 7.04
C SER A 134 11.41 -0.31 7.26
N PRO A 135 11.31 0.11 8.52
CA PRO A 135 10.85 1.45 8.90
C PRO A 135 11.59 2.57 8.17
N ASP A 136 12.90 2.53 8.22
CA ASP A 136 13.72 3.56 7.57
C ASP A 136 13.87 3.26 6.10
N LYS A 137 13.65 1.99 5.76
CA LYS A 137 13.84 1.50 4.41
C LYS A 137 12.69 1.83 3.47
N ILE A 138 11.89 2.83 3.83
CA ILE A 138 10.92 3.38 2.91
C ILE A 138 11.63 4.07 1.75
N TYR A 139 10.86 4.55 0.80
CA TYR A 139 11.42 5.20 -0.36
C TYR A 139 10.46 6.24 -0.93
N PRO A 140 11.03 7.25 -1.58
CA PRO A 140 10.28 8.38 -2.14
C PRO A 140 9.24 7.92 -3.16
N GLY A 141 7.98 8.04 -2.79
CA GLY A 141 6.90 7.59 -3.65
C GLY A 141 6.15 6.42 -3.04
N GLN A 142 6.56 5.99 -1.86
CA GLN A 142 5.95 4.86 -1.21
C GLN A 142 4.78 5.33 -0.37
N VAL A 143 3.60 5.16 -0.88
CA VAL A 143 2.42 5.48 -0.12
C VAL A 143 2.22 4.45 0.98
N LEU A 144 2.38 4.93 2.20
CA LEU A 144 2.31 4.12 3.39
C LEU A 144 0.91 4.12 3.98
N ARG A 145 0.61 3.08 4.73
CA ARG A 145 -0.67 2.99 5.41
C ARG A 145 -0.61 3.74 6.72
N ILE A 146 -1.46 4.74 6.85
CA ILE A 146 -1.55 5.50 8.07
C ILE A 146 -2.83 5.15 8.81
N PRO A 147 -2.78 4.19 9.74
CA PRO A 147 -3.92 3.81 10.55
C PRO A 147 -4.49 5.00 11.30
N GLU A 148 -5.75 4.90 11.66
CA GLU A 148 -6.46 6.01 12.25
C GLU A 148 -6.11 6.17 13.72
N GLU A 149 -5.43 7.25 14.03
CA GLU A 149 -5.03 7.57 15.39
C GLU A 149 -6.08 8.45 16.04
N LEU A 150 -7.33 8.07 15.86
CA LEU A 150 -8.46 8.84 16.36
C LEU A 150 -9.26 8.03 17.36
N GLU A 151 -8.55 7.26 18.18
CA GLU A 151 -9.19 6.43 19.20
C GLU A 151 -9.54 7.28 20.42
N HIS A 152 -10.25 8.37 20.19
CA HIS A 152 -10.68 9.28 21.26
C HIS A 152 -9.48 9.93 21.93
N HIS A 153 -8.36 9.93 21.24
CA HIS A 153 -7.13 10.56 21.72
C HIS A 153 -6.35 11.11 20.55
N HIS A 154 -6.02 12.39 20.62
CA HIS A 154 -5.24 13.04 19.57
C HIS A 154 -3.79 12.61 19.65
N HIS A 155 -3.36 12.21 20.84
CA HIS A 155 -2.08 11.52 21.03
C HIS A 155 -0.90 12.34 20.52
N HIS A 156 -0.61 13.43 21.21
CA HIS A 156 0.49 14.32 20.87
C HIS A 156 0.27 14.94 19.50
N HIS A 157 -0.87 15.59 19.33
CA HIS A 157 -1.21 16.23 18.07
C HIS A 157 -1.32 17.73 18.27
K K B . 3.66 2.85 -7.04
N MET A 1 -13.23 2.89 -0.83
CA MET A 1 -13.78 2.69 -2.18
C MET A 1 -13.60 3.94 -3.01
N GLY A 2 -12.81 3.83 -4.07
CA GLY A 2 -12.50 4.95 -4.91
C GLY A 2 -11.19 4.73 -5.63
N LEU A 3 -10.53 5.80 -6.03
CA LEU A 3 -9.23 5.67 -6.68
C LEU A 3 -8.14 6.22 -5.77
N PHE A 4 -7.02 5.52 -5.76
CA PHE A 4 -5.88 5.91 -4.95
C PHE A 4 -4.71 6.24 -5.86
N ASN A 5 -4.04 7.35 -5.57
CA ASN A 5 -2.93 7.80 -6.40
C ASN A 5 -1.59 7.42 -5.80
N PHE A 6 -0.79 6.72 -6.59
CA PHE A 6 0.54 6.30 -6.18
C PHE A 6 1.59 6.87 -7.14
N VAL A 7 2.85 6.74 -6.77
CA VAL A 7 3.96 7.09 -7.65
C VAL A 7 4.46 5.82 -8.34
N LYS A 8 4.28 5.76 -9.65
CA LYS A 8 4.54 4.55 -10.42
C LYS A 8 6.00 4.14 -10.34
N ASP A 9 6.90 5.11 -10.45
CA ASP A 9 8.34 4.83 -10.46
C ASP A 9 8.81 4.31 -9.09
N ALA A 10 7.92 4.29 -8.12
CA ALA A 10 8.27 3.87 -6.77
C ALA A 10 7.58 2.55 -6.44
N GLY A 11 8.30 1.65 -5.79
CA GLY A 11 7.72 0.40 -5.40
C GLY A 11 8.51 -0.79 -5.88
N GLU A 12 7.92 -1.98 -5.77
CA GLU A 12 8.58 -3.22 -6.14
C GLU A 12 8.79 -3.30 -7.64
N LYS A 13 9.98 -3.72 -8.04
CA LYS A 13 10.30 -3.88 -9.45
C LYS A 13 9.93 -5.26 -9.92
N LEU A 14 8.63 -5.48 -9.98
CA LEU A 14 8.09 -6.71 -10.51
C LEU A 14 8.48 -6.87 -11.98
N TRP A 15 8.21 -5.83 -12.74
CA TRP A 15 8.52 -5.84 -14.15
C TRP A 15 9.51 -4.72 -14.50
N ASP A 16 9.76 -4.50 -15.78
CA ASP A 16 10.74 -3.47 -16.21
C ASP A 16 10.36 -2.08 -15.71
N ALA A 17 9.08 -1.93 -15.36
CA ALA A 17 8.53 -0.66 -14.85
C ALA A 17 8.55 0.42 -15.92
N VAL A 18 8.69 0.00 -17.16
CA VAL A 18 8.76 0.92 -18.27
C VAL A 18 7.38 1.07 -18.91
N THR A 19 6.87 -0.02 -19.46
CA THR A 19 5.57 0.01 -20.12
C THR A 19 4.62 -1.03 -19.52
N GLY A 20 5.06 -2.27 -19.45
CA GLY A 20 4.22 -3.33 -18.95
C GLY A 20 4.93 -4.66 -18.84
N GLN A 21 5.75 -4.98 -19.83
CA GLN A 21 6.45 -6.26 -19.90
C GLN A 21 5.48 -7.40 -20.18
N HIS A 22 5.60 -7.96 -21.39
CA HIS A 22 4.72 -9.05 -21.87
C HIS A 22 3.33 -8.54 -22.17
N ASP A 23 2.63 -8.15 -21.12
CA ASP A 23 1.22 -7.76 -21.20
C ASP A 23 0.79 -7.14 -19.88
N LYS A 24 -0.26 -6.34 -19.93
CA LYS A 24 -0.75 -5.63 -18.74
C LYS A 24 -1.46 -6.58 -17.79
N ASP A 25 -1.83 -7.75 -18.27
CA ASP A 25 -2.36 -8.79 -17.39
C ASP A 25 -1.23 -9.54 -16.71
N ASP A 26 -0.05 -9.50 -17.33
CA ASP A 26 1.14 -10.09 -16.75
C ASP A 26 1.64 -9.21 -15.61
N GLN A 27 1.43 -7.91 -15.75
CA GLN A 27 1.68 -6.97 -14.65
C GLN A 27 0.80 -7.34 -13.47
N ALA A 28 -0.49 -7.55 -13.75
CA ALA A 28 -1.45 -7.94 -12.73
C ALA A 28 -1.01 -9.23 -12.07
N LYS A 29 -0.42 -10.10 -12.88
CA LYS A 29 0.09 -11.36 -12.41
C LYS A 29 1.25 -11.14 -11.44
N LYS A 30 2.21 -10.30 -11.82
CA LYS A 30 3.33 -9.99 -10.94
C LYS A 30 2.89 -9.38 -9.63
N VAL A 31 1.91 -8.49 -9.68
CA VAL A 31 1.46 -7.85 -8.47
C VAL A 31 0.82 -8.87 -7.53
N GLN A 32 0.08 -9.82 -8.09
CA GLN A 32 -0.42 -10.96 -7.31
C GLN A 32 0.74 -11.78 -6.77
N GLU A 33 1.71 -12.13 -7.63
CA GLU A 33 2.90 -12.83 -7.18
C GLU A 33 3.53 -12.07 -6.03
N HIS A 34 3.74 -10.78 -6.26
CA HIS A 34 4.25 -9.85 -5.29
C HIS A 34 3.50 -9.97 -3.97
N LEU A 35 2.17 -9.83 -4.04
CA LEU A 35 1.31 -10.00 -2.88
C LEU A 35 1.56 -11.34 -2.17
N ASN A 36 1.67 -12.41 -2.95
CA ASN A 36 1.84 -13.75 -2.38
C ASN A 36 3.23 -13.89 -1.76
N LYS A 37 4.25 -13.36 -2.45
CA LYS A 37 5.62 -13.40 -1.99
C LYS A 37 5.79 -12.65 -0.67
N THR A 38 5.38 -11.38 -0.68
CA THR A 38 5.47 -10.54 0.51
C THR A 38 4.68 -11.13 1.68
N GLY A 39 3.57 -11.77 1.35
CA GLY A 39 2.75 -12.38 2.37
C GLY A 39 1.61 -11.48 2.79
N ILE A 40 1.23 -10.56 1.90
CA ILE A 40 0.14 -9.63 2.16
C ILE A 40 -1.12 -10.40 2.52
N PRO A 41 -1.67 -10.18 3.71
CA PRO A 41 -2.87 -10.88 4.16
C PRO A 41 -4.07 -10.63 3.26
N ASP A 42 -4.81 -11.69 3.04
CA ASP A 42 -6.02 -11.67 2.22
C ASP A 42 -5.75 -11.19 0.79
N ALA A 43 -4.51 -11.30 0.33
CA ALA A 43 -4.18 -10.98 -1.04
C ALA A 43 -4.81 -12.02 -1.96
N ASP A 44 -5.01 -13.20 -1.41
CA ASP A 44 -5.67 -14.28 -2.10
C ASP A 44 -7.15 -13.99 -2.29
N LYS A 45 -7.67 -13.05 -1.50
CA LYS A 45 -9.09 -12.77 -1.49
C LYS A 45 -9.42 -11.65 -2.47
N VAL A 46 -8.41 -11.14 -3.14
CA VAL A 46 -8.59 -10.07 -4.10
C VAL A 46 -8.20 -10.51 -5.50
N ASN A 47 -8.21 -9.53 -6.39
CA ASN A 47 -7.93 -9.73 -7.80
C ASN A 47 -7.21 -8.51 -8.33
N ILE A 48 -6.31 -8.72 -9.26
CA ILE A 48 -5.49 -7.64 -9.81
C ILE A 48 -5.83 -7.35 -11.25
N GLN A 49 -5.76 -6.10 -11.60
CA GLN A 49 -5.83 -5.67 -12.99
C GLN A 49 -4.91 -4.51 -13.20
N ILE A 50 -4.18 -4.52 -14.28
CA ILE A 50 -3.22 -3.47 -14.53
C ILE A 50 -3.41 -2.87 -15.91
N ALA A 51 -3.27 -1.57 -15.95
CA ALA A 51 -3.35 -0.83 -17.18
C ALA A 51 -2.22 0.17 -17.25
N ASP A 52 -1.01 -0.33 -17.49
CA ASP A 52 0.20 0.49 -17.59
C ASP A 52 0.61 1.02 -16.21
N GLY A 53 -0.21 1.91 -15.67
CA GLY A 53 0.04 2.50 -14.37
C GLY A 53 -1.13 2.33 -13.44
N LYS A 54 -2.31 2.14 -14.02
CA LYS A 54 -3.52 2.00 -13.24
C LYS A 54 -3.71 0.56 -12.81
N ALA A 55 -3.72 0.33 -11.51
CA ALA A 55 -3.95 -1.00 -10.97
C ALA A 55 -5.36 -1.09 -10.39
N THR A 56 -6.02 -2.18 -10.69
CA THR A 56 -7.35 -2.41 -10.18
C THR A 56 -7.33 -3.58 -9.20
N VAL A 57 -8.12 -3.46 -8.16
CA VAL A 57 -8.09 -4.38 -7.03
C VAL A 57 -9.50 -4.81 -6.63
N THR A 58 -10.01 -5.84 -7.26
CA THR A 58 -11.35 -6.32 -6.97
C THR A 58 -11.36 -7.41 -5.92
N GLY A 59 -12.34 -7.36 -5.04
CA GLY A 59 -12.48 -8.35 -4.00
C GLY A 59 -13.71 -8.10 -3.19
N ASP A 60 -14.07 -9.05 -2.32
CA ASP A 60 -15.28 -8.93 -1.53
C ASP A 60 -15.21 -9.75 -0.28
N GLY A 61 -15.76 -9.18 0.78
CA GLY A 61 -15.94 -9.91 2.00
C GLY A 61 -14.76 -9.83 2.93
N LEU A 62 -13.78 -9.03 2.55
CA LEU A 62 -12.56 -8.88 3.32
C LEU A 62 -12.76 -8.00 4.55
N SER A 63 -11.63 -7.69 5.16
CA SER A 63 -11.57 -6.72 6.23
C SER A 63 -10.98 -5.44 5.67
N GLN A 64 -11.39 -4.28 6.18
CA GLN A 64 -10.87 -3.02 5.65
C GLN A 64 -9.35 -3.03 5.76
N GLU A 65 -8.84 -3.35 6.94
CA GLU A 65 -7.40 -3.35 7.18
C GLU A 65 -6.68 -4.31 6.24
N ALA A 66 -7.33 -5.41 5.91
CA ALA A 66 -6.78 -6.36 4.98
C ALA A 66 -6.73 -5.77 3.58
N LYS A 67 -7.86 -5.23 3.13
CA LYS A 67 -7.99 -4.73 1.78
C LYS A 67 -7.03 -3.57 1.51
N GLU A 68 -6.84 -2.74 2.52
CA GLU A 68 -5.92 -1.60 2.42
C GLU A 68 -4.49 -2.12 2.26
N LYS A 69 -4.22 -3.28 2.85
CA LYS A 69 -2.92 -3.93 2.71
C LYS A 69 -2.73 -4.39 1.27
N ILE A 70 -3.80 -4.88 0.66
CA ILE A 70 -3.77 -5.18 -0.75
C ILE A 70 -3.59 -3.89 -1.56
N LEU A 71 -4.39 -2.87 -1.24
CA LEU A 71 -4.32 -1.57 -1.93
C LEU A 71 -2.89 -1.06 -1.99
N VAL A 72 -2.22 -1.04 -0.84
CA VAL A 72 -0.87 -0.52 -0.77
C VAL A 72 0.12 -1.44 -1.50
N ALA A 73 -0.08 -2.74 -1.42
CA ALA A 73 0.83 -3.69 -2.05
C ALA A 73 0.67 -3.68 -3.56
N VAL A 74 -0.56 -3.48 -4.02
CA VAL A 74 -0.85 -3.37 -5.45
C VAL A 74 -0.43 -2.00 -5.95
N GLY A 75 -0.59 -1.01 -5.10
CA GLY A 75 -0.22 0.34 -5.44
C GLY A 75 1.26 0.55 -5.49
N ASN A 76 1.98 0.05 -4.48
CA ASN A 76 3.41 0.27 -4.37
C ASN A 76 4.21 -0.67 -5.26
N ILE A 77 3.88 -0.63 -6.54
CA ILE A 77 4.63 -1.34 -7.56
C ILE A 77 5.39 -0.34 -8.41
N SER A 78 6.57 -0.72 -8.86
CA SER A 78 7.29 0.09 -9.82
C SER A 78 6.64 -0.12 -11.19
N GLY A 79 5.81 0.85 -11.55
CA GLY A 79 4.97 0.73 -12.72
C GLY A 79 3.58 1.21 -12.41
N ILE A 80 3.15 0.98 -11.17
CA ILE A 80 1.79 1.27 -10.76
C ILE A 80 1.70 2.63 -10.09
N ALA A 81 0.77 3.44 -10.58
CA ALA A 81 0.63 4.80 -10.12
C ALA A 81 -0.77 5.05 -9.57
N SER A 82 -1.60 4.03 -9.57
CA SER A 82 -2.93 4.18 -9.04
C SER A 82 -3.58 2.84 -8.71
N VAL A 83 -4.51 2.88 -7.76
CA VAL A 83 -5.29 1.70 -7.38
C VAL A 83 -6.77 2.08 -7.30
N ASP A 84 -7.59 1.40 -8.09
CA ASP A 84 -9.00 1.79 -8.25
C ASP A 84 -9.90 1.05 -7.27
N ASP A 85 -9.37 0.86 -6.06
CA ASP A 85 -9.99 0.10 -4.95
C ASP A 85 -11.42 -0.36 -5.21
N GLN A 86 -11.58 -1.58 -5.73
CA GLN A 86 -12.93 -2.15 -5.90
C GLN A 86 -13.16 -3.27 -4.88
N VAL A 87 -12.20 -3.49 -4.02
CA VAL A 87 -12.28 -4.58 -3.06
C VAL A 87 -13.13 -4.16 -1.87
N LYS A 88 -14.06 -5.04 -1.52
CA LYS A 88 -15.04 -4.74 -0.50
C LYS A 88 -14.71 -5.45 0.80
N THR A 89 -15.52 -5.17 1.79
CA THR A 89 -15.30 -5.70 3.12
C THR A 89 -16.60 -6.21 3.72
N ALA A 90 -16.50 -7.27 4.50
CA ALA A 90 -17.65 -7.84 5.17
C ALA A 90 -17.40 -7.93 6.67
N THR A 91 -16.14 -7.83 7.07
CA THR A 91 -15.78 -7.96 8.46
C THR A 91 -15.29 -6.64 9.04
N PRO A 92 -15.50 -6.47 10.35
CA PRO A 92 -15.13 -5.25 11.08
C PRO A 92 -13.63 -5.03 11.12
N ALA A 93 -13.20 -3.84 10.76
CA ALA A 93 -11.80 -3.46 10.82
C ALA A 93 -11.66 -1.96 10.98
N THR A 94 -10.51 -1.51 11.48
CA THR A 94 -10.29 -0.09 11.70
C THR A 94 -9.70 0.55 10.46
N ALA A 95 -10.31 1.63 10.01
CA ALA A 95 -9.96 2.25 8.74
C ALA A 95 -8.65 3.01 8.82
N SER A 96 -7.96 3.10 7.69
CA SER A 96 -6.65 3.73 7.64
C SER A 96 -6.58 4.84 6.61
N GLN A 97 -5.69 5.77 6.85
CA GLN A 97 -5.32 6.80 5.90
C GLN A 97 -4.18 6.30 5.03
N PHE A 98 -3.96 6.95 3.91
CA PHE A 98 -2.85 6.62 3.03
C PHE A 98 -1.97 7.85 2.82
N TYR A 99 -0.66 7.69 2.99
CA TYR A 99 0.27 8.79 2.87
C TYR A 99 1.41 8.43 1.92
N THR A 100 1.73 9.32 0.99
CA THR A 100 2.81 9.06 0.04
C THR A 100 4.11 9.68 0.53
N VAL A 101 5.10 8.82 0.74
CA VAL A 101 6.42 9.23 1.16
C VAL A 101 7.09 10.14 0.14
N LYS A 102 7.70 11.21 0.62
CA LYS A 102 8.42 12.12 -0.25
C LYS A 102 9.92 11.84 -0.19
N SER A 103 10.69 12.66 -0.90
CA SER A 103 12.12 12.42 -1.05
C SER A 103 12.87 12.37 0.28
N GLY A 104 12.82 13.45 1.03
CA GLY A 104 13.62 13.55 2.24
C GLY A 104 12.81 13.28 3.50
N ASP A 105 11.87 12.36 3.42
CA ASP A 105 11.05 12.01 4.56
C ASP A 105 11.43 10.65 5.10
N THR A 106 11.35 10.51 6.41
CA THR A 106 11.53 9.22 7.06
C THR A 106 10.19 8.78 7.62
N LEU A 107 10.06 7.51 7.99
CA LEU A 107 8.78 7.02 8.49
C LEU A 107 8.37 7.80 9.73
N SER A 108 9.36 8.17 10.54
CA SER A 108 9.12 9.02 11.71
C SER A 108 8.60 10.39 11.27
N ALA A 109 9.25 10.97 10.27
CA ALA A 109 8.86 12.27 9.76
C ALA A 109 7.43 12.26 9.26
N ILE A 110 7.02 11.16 8.63
CA ILE A 110 5.70 11.09 8.04
C ILE A 110 4.64 10.71 9.06
N SER A 111 5.00 9.87 10.04
CA SER A 111 4.11 9.60 11.15
C SER A 111 3.86 10.89 11.91
N LYS A 112 4.89 11.70 12.03
CA LYS A 112 4.80 13.00 12.65
C LYS A 112 3.76 13.88 11.95
N GLN A 113 3.58 13.63 10.67
CA GLN A 113 2.59 14.38 9.88
C GLN A 113 1.20 13.87 10.18
N VAL A 114 1.05 12.60 9.89
CA VAL A 114 -0.24 11.93 9.82
C VAL A 114 -0.81 11.65 11.21
N TYR A 115 0.08 11.41 12.14
CA TYR A 115 -0.29 11.05 13.50
C TYR A 115 -0.15 12.24 14.43
N GLY A 116 0.64 13.19 13.99
CA GLY A 116 0.99 14.30 14.84
C GLY A 116 2.12 13.92 15.78
N ASN A 117 2.62 12.71 15.59
CA ASN A 117 3.70 12.19 16.43
C ASN A 117 4.59 11.25 15.61
N ALA A 118 5.89 11.55 15.60
CA ALA A 118 6.85 10.80 14.79
C ALA A 118 7.12 9.43 15.37
N ASN A 119 6.75 9.22 16.62
CA ASN A 119 7.05 7.96 17.29
C ASN A 119 6.03 6.89 16.88
N LEU A 120 5.10 7.26 16.02
CA LEU A 120 4.08 6.34 15.54
C LEU A 120 4.49 5.76 14.21
N TYR A 121 5.77 5.89 13.89
CA TYR A 121 6.31 5.37 12.65
C TYR A 121 6.20 3.86 12.62
N ASN A 122 6.32 3.24 13.78
CA ASN A 122 6.26 1.79 13.88
C ASN A 122 4.86 1.31 13.57
N LYS A 123 3.86 2.04 14.06
CA LYS A 123 2.47 1.65 13.88
C LYS A 123 2.08 1.72 12.41
N ILE A 124 2.73 2.61 11.67
CA ILE A 124 2.60 2.64 10.22
C ILE A 124 3.37 1.49 9.62
N PHE A 125 4.66 1.43 9.93
CA PHE A 125 5.56 0.43 9.37
C PHE A 125 4.93 -0.96 9.39
N GLU A 126 4.51 -1.39 10.56
CA GLU A 126 3.98 -2.74 10.76
C GLU A 126 2.65 -2.91 10.02
N ALA A 127 2.02 -1.79 9.69
CA ALA A 127 0.72 -1.79 9.03
C ALA A 127 0.92 -1.84 7.54
N ASN A 128 2.12 -1.45 7.11
CA ASN A 128 2.49 -1.49 5.72
C ASN A 128 3.14 -2.85 5.42
N LYS A 129 3.37 -3.61 6.48
CA LYS A 129 3.92 -4.95 6.39
C LYS A 129 2.92 -5.92 5.77
N PRO A 130 3.41 -7.05 5.26
CA PRO A 130 4.83 -7.34 5.18
C PRO A 130 5.47 -6.78 3.91
N MET A 131 4.81 -5.78 3.32
CA MET A 131 5.34 -5.09 2.16
C MET A 131 6.57 -4.26 2.54
N LEU A 132 6.46 -3.50 3.62
CA LEU A 132 7.53 -2.58 3.99
C LEU A 132 8.71 -3.32 4.56
N LYS A 133 9.89 -2.91 4.11
CA LYS A 133 11.14 -3.52 4.53
C LYS A 133 11.49 -3.10 5.96
N SER A 134 11.77 -1.82 6.15
CA SER A 134 12.04 -1.27 7.47
C SER A 134 11.68 0.20 7.52
N PRO A 135 11.44 0.74 8.72
CA PRO A 135 10.95 2.10 8.92
C PRO A 135 11.76 3.15 8.17
N ASP A 136 13.06 3.13 8.36
CA ASP A 136 13.94 4.12 7.75
C ASP A 136 14.25 3.72 6.31
N LYS A 137 13.71 2.58 5.90
CA LYS A 137 13.97 2.02 4.59
C LYS A 137 12.80 2.27 3.64
N ILE A 138 11.98 3.26 3.95
CA ILE A 138 10.96 3.73 3.02
C ILE A 138 11.60 4.35 1.79
N TYR A 139 10.79 4.77 0.86
CA TYR A 139 11.28 5.39 -0.36
C TYR A 139 10.25 6.34 -0.94
N PRO A 140 10.75 7.40 -1.60
CA PRO A 140 9.90 8.44 -2.21
C PRO A 140 8.91 7.86 -3.22
N GLY A 141 7.63 7.97 -2.90
CA GLY A 141 6.60 7.40 -3.75
C GLY A 141 5.91 6.22 -3.10
N GLN A 142 6.28 5.94 -1.86
CA GLN A 142 5.76 4.79 -1.14
C GLN A 142 4.54 5.21 -0.34
N VAL A 143 3.38 4.95 -0.88
CA VAL A 143 2.16 5.20 -0.13
C VAL A 143 2.07 4.22 1.03
N LEU A 144 2.14 4.74 2.23
CA LEU A 144 2.11 3.93 3.44
C LEU A 144 0.71 3.91 4.03
N ARG A 145 0.31 2.78 4.60
CA ARG A 145 -0.96 2.70 5.30
C ARG A 145 -0.84 3.42 6.62
N ILE A 146 -1.72 4.36 6.85
CA ILE A 146 -1.69 5.12 8.07
C ILE A 146 -2.90 4.77 8.91
N PRO A 147 -2.75 3.83 9.84
CA PRO A 147 -3.81 3.48 10.77
C PRO A 147 -4.26 4.69 11.58
N GLU A 148 -5.36 4.55 12.24
CA GLU A 148 -5.92 5.64 12.97
C GLU A 148 -5.22 5.83 14.31
N GLU A 149 -4.98 7.09 14.63
CA GLU A 149 -4.34 7.48 15.88
C GLU A 149 -5.17 7.01 17.08
N LEU A 150 -4.98 5.77 17.49
CA LEU A 150 -5.71 5.21 18.60
C LEU A 150 -5.02 5.52 19.92
N GLU A 151 -4.94 6.80 20.24
CA GLU A 151 -4.38 7.25 21.50
C GLU A 151 -5.45 7.90 22.35
N HIS A 152 -6.39 8.55 21.67
CA HIS A 152 -7.54 9.20 22.31
C HIS A 152 -7.10 10.45 23.08
N HIS A 153 -6.40 10.26 24.19
CA HIS A 153 -5.90 11.38 24.98
C HIS A 153 -4.55 11.01 25.59
N HIS A 154 -3.51 11.04 24.77
CA HIS A 154 -2.18 10.69 25.21
C HIS A 154 -1.18 11.72 24.71
N HIS A 155 -0.46 12.33 25.63
CA HIS A 155 0.60 13.26 25.27
C HIS A 155 1.74 12.50 24.63
N HIS A 156 2.15 12.94 23.45
CA HIS A 156 3.10 12.20 22.65
C HIS A 156 4.08 13.12 21.94
N HIS A 157 4.38 14.24 22.56
CA HIS A 157 5.31 15.19 21.98
C HIS A 157 6.51 15.38 22.90
K K B . 3.83 2.72 -6.83
N MET A 1 -14.21 7.26 -2.19
CA MET A 1 -13.12 7.19 -3.20
C MET A 1 -13.19 5.88 -3.97
N GLY A 2 -13.33 5.99 -5.29
CA GLY A 2 -13.36 4.80 -6.12
C GLY A 2 -11.99 4.44 -6.63
N LEU A 3 -11.22 5.46 -6.97
CA LEU A 3 -9.87 5.25 -7.46
C LEU A 3 -8.87 5.85 -6.48
N PHE A 4 -7.67 5.30 -6.44
CA PHE A 4 -6.64 5.75 -5.53
C PHE A 4 -5.35 5.99 -6.29
N ASN A 5 -4.73 7.14 -6.08
CA ASN A 5 -3.51 7.50 -6.81
C ASN A 5 -2.26 7.14 -6.03
N PHE A 6 -1.29 6.56 -6.72
CA PHE A 6 -0.01 6.17 -6.14
C PHE A 6 1.12 6.73 -7.00
N VAL A 7 2.36 6.65 -6.52
CA VAL A 7 3.51 7.09 -7.31
C VAL A 7 4.13 5.92 -8.05
N LYS A 8 3.97 5.89 -9.36
CA LYS A 8 4.35 4.74 -10.19
C LYS A 8 5.84 4.41 -10.10
N ASP A 9 6.67 5.42 -10.06
CA ASP A 9 8.13 5.22 -9.99
C ASP A 9 8.55 4.66 -8.64
N ALA A 10 7.61 4.59 -7.72
CA ALA A 10 7.88 4.09 -6.38
C ALA A 10 7.20 2.76 -6.17
N GLY A 11 7.86 1.85 -5.48
CA GLY A 11 7.24 0.57 -5.19
C GLY A 11 8.15 -0.60 -5.48
N GLU A 12 7.54 -1.74 -5.76
CA GLU A 12 8.27 -2.93 -6.07
C GLU A 12 8.56 -3.00 -7.56
N LYS A 13 9.80 -3.32 -7.89
CA LYS A 13 10.19 -3.47 -9.27
C LYS A 13 9.82 -4.84 -9.78
N LEU A 14 8.62 -4.89 -10.32
CA LEU A 14 8.04 -6.14 -10.78
C LEU A 14 8.26 -6.33 -12.27
N TRP A 15 8.16 -5.24 -13.03
CA TRP A 15 8.29 -5.33 -14.48
C TRP A 15 9.08 -4.14 -15.03
N ASP A 16 9.88 -3.54 -14.15
CA ASP A 16 10.78 -2.43 -14.49
C ASP A 16 10.05 -1.20 -15.04
N ALA A 17 8.72 -1.26 -15.06
CA ALA A 17 7.86 -0.13 -15.44
C ALA A 17 8.23 0.43 -16.79
N VAL A 18 8.77 -0.42 -17.64
CA VAL A 18 9.25 0.00 -18.94
C VAL A 18 8.11 0.35 -19.87
N THR A 19 7.39 -0.65 -20.33
CA THR A 19 6.33 -0.46 -21.29
C THR A 19 5.07 -1.22 -20.89
N GLY A 20 5.23 -2.50 -20.64
CA GLY A 20 4.13 -3.37 -20.29
C GLY A 20 4.50 -4.79 -20.57
N GLN A 21 5.59 -5.21 -19.95
CA GLN A 21 6.23 -6.50 -20.19
C GLN A 21 5.22 -7.65 -20.17
N HIS A 22 5.27 -8.45 -21.23
CA HIS A 22 4.35 -9.55 -21.47
C HIS A 22 2.94 -9.04 -21.79
N ASP A 23 2.11 -8.86 -20.77
CA ASP A 23 0.76 -8.36 -20.97
C ASP A 23 0.14 -7.94 -19.64
N LYS A 24 -1.10 -7.50 -19.70
CA LYS A 24 -1.81 -6.95 -18.56
C LYS A 24 -1.94 -7.99 -17.43
N ASP A 25 -2.36 -9.18 -17.79
CA ASP A 25 -2.59 -10.24 -16.81
C ASP A 25 -1.27 -10.69 -16.19
N ASP A 26 -0.18 -10.53 -16.92
CA ASP A 26 1.13 -10.90 -16.39
C ASP A 26 1.60 -9.86 -15.39
N GLN A 27 1.29 -8.59 -15.67
CA GLN A 27 1.58 -7.52 -14.74
C GLN A 27 0.76 -7.69 -13.46
N ALA A 28 -0.50 -8.05 -13.63
CA ALA A 28 -1.36 -8.37 -12.50
C ALA A 28 -0.83 -9.60 -11.77
N LYS A 29 -0.33 -10.55 -12.54
CA LYS A 29 0.31 -11.74 -12.00
C LYS A 29 1.50 -11.35 -11.15
N LYS A 30 2.31 -10.43 -11.66
CA LYS A 30 3.47 -9.92 -10.93
C LYS A 30 3.07 -9.40 -9.58
N VAL A 31 2.01 -8.63 -9.60
CA VAL A 31 1.48 -8.05 -8.40
C VAL A 31 0.96 -9.13 -7.48
N GLN A 32 0.23 -10.09 -8.03
CA GLN A 32 -0.25 -11.23 -7.25
C GLN A 32 0.92 -11.96 -6.61
N GLU A 33 1.97 -12.24 -7.37
CA GLU A 33 3.13 -12.90 -6.83
C GLU A 33 3.73 -12.07 -5.72
N HIS A 34 3.98 -10.81 -6.04
CA HIS A 34 4.54 -9.86 -5.09
C HIS A 34 3.76 -9.86 -3.77
N LEU A 35 2.44 -9.85 -3.86
CA LEU A 35 1.58 -9.85 -2.68
C LEU A 35 1.75 -11.13 -1.87
N ASN A 36 1.71 -12.27 -2.56
CA ASN A 36 1.84 -13.56 -1.91
C ASN A 36 3.24 -13.74 -1.33
N LYS A 37 4.24 -13.21 -2.03
CA LYS A 37 5.63 -13.29 -1.59
C LYS A 37 5.86 -12.47 -0.33
N THR A 38 5.43 -11.21 -0.35
CA THR A 38 5.55 -10.34 0.81
C THR A 38 4.76 -10.90 1.99
N GLY A 39 3.60 -11.47 1.68
CA GLY A 39 2.74 -12.01 2.70
C GLY A 39 1.64 -11.03 3.07
N ILE A 40 1.25 -10.20 2.11
CA ILE A 40 0.18 -9.24 2.31
C ILE A 40 -1.12 -9.97 2.63
N PRO A 41 -1.73 -9.68 3.78
CA PRO A 41 -2.97 -10.32 4.18
C PRO A 41 -4.10 -10.10 3.21
N ASP A 42 -4.83 -11.18 2.97
CA ASP A 42 -5.98 -11.21 2.04
C ASP A 42 -5.62 -10.77 0.63
N ALA A 43 -4.33 -10.62 0.35
CA ALA A 43 -3.90 -10.20 -0.97
C ALA A 43 -4.04 -11.35 -1.95
N ASP A 44 -4.18 -12.55 -1.41
CA ASP A 44 -4.40 -13.73 -2.21
C ASP A 44 -5.89 -13.89 -2.51
N LYS A 45 -6.71 -13.12 -1.79
CA LYS A 45 -8.15 -13.21 -1.92
C LYS A 45 -8.65 -12.40 -3.10
N VAL A 46 -7.91 -11.35 -3.42
CA VAL A 46 -8.30 -10.44 -4.48
C VAL A 46 -7.75 -10.85 -5.83
N ASN A 47 -8.17 -10.08 -6.81
CA ASN A 47 -7.76 -10.24 -8.18
C ASN A 47 -7.31 -8.89 -8.71
N ILE A 48 -6.08 -8.83 -9.18
CA ILE A 48 -5.53 -7.60 -9.71
C ILE A 48 -5.71 -7.53 -11.22
N GLN A 49 -5.88 -6.33 -11.72
CA GLN A 49 -5.88 -6.09 -13.15
C GLN A 49 -5.02 -4.90 -13.45
N ILE A 50 -4.10 -5.06 -14.35
CA ILE A 50 -3.18 -4.02 -14.69
C ILE A 50 -3.39 -3.57 -16.11
N ALA A 51 -3.49 -2.28 -16.28
CA ALA A 51 -3.60 -1.70 -17.59
C ALA A 51 -2.32 -0.99 -17.96
N ASP A 52 -2.11 0.16 -17.33
CA ASP A 52 -0.87 0.92 -17.44
C ASP A 52 -0.91 2.07 -16.48
N GLY A 53 -0.14 1.94 -15.43
CA GLY A 53 -0.24 2.85 -14.31
C GLY A 53 -1.47 2.57 -13.47
N LYS A 54 -2.46 1.95 -14.09
CA LYS A 54 -3.72 1.62 -13.46
C LYS A 54 -3.75 0.17 -13.04
N ALA A 55 -3.86 -0.05 -11.74
CA ALA A 55 -4.06 -1.38 -11.22
C ALA A 55 -5.42 -1.47 -10.57
N THR A 56 -6.14 -2.53 -10.83
CA THR A 56 -7.44 -2.72 -10.21
C THR A 56 -7.41 -3.85 -9.19
N VAL A 57 -8.02 -3.63 -8.05
CA VAL A 57 -8.23 -4.68 -7.08
C VAL A 57 -9.68 -5.12 -7.15
N THR A 58 -9.93 -6.39 -7.03
CA THR A 58 -11.28 -6.87 -6.91
C THR A 58 -11.33 -8.05 -5.98
N GLY A 59 -12.48 -8.28 -5.39
CA GLY A 59 -12.64 -9.39 -4.49
C GLY A 59 -13.85 -9.20 -3.60
N ASP A 60 -14.08 -10.15 -2.72
CA ASP A 60 -15.22 -10.10 -1.83
C ASP A 60 -14.95 -10.94 -0.60
N GLY A 61 -15.50 -10.47 0.50
CA GLY A 61 -15.38 -11.19 1.73
C GLY A 61 -14.21 -10.76 2.57
N LEU A 62 -13.54 -9.69 2.14
CA LEU A 62 -12.39 -9.17 2.86
C LEU A 62 -12.81 -8.26 4.00
N SER A 63 -11.83 -7.67 4.62
CA SER A 63 -12.04 -6.70 5.67
C SER A 63 -11.49 -5.35 5.23
N GLN A 64 -11.95 -4.28 5.87
CA GLN A 64 -11.59 -2.92 5.44
C GLN A 64 -10.07 -2.75 5.40
N GLU A 65 -9.40 -3.11 6.48
CA GLU A 65 -7.95 -3.02 6.57
C GLU A 65 -7.28 -3.87 5.49
N ALA A 66 -7.87 -5.02 5.21
CA ALA A 66 -7.35 -5.91 4.19
C ALA A 66 -7.42 -5.24 2.83
N LYS A 67 -8.54 -4.56 2.59
CA LYS A 67 -8.72 -3.79 1.37
C LYS A 67 -7.54 -2.84 1.18
N GLU A 68 -7.26 -2.05 2.20
CA GLU A 68 -6.16 -1.09 2.18
C GLU A 68 -4.83 -1.81 2.04
N LYS A 69 -4.74 -3.01 2.60
CA LYS A 69 -3.56 -3.84 2.45
C LYS A 69 -3.30 -4.10 0.96
N ILE A 70 -4.32 -4.55 0.25
CA ILE A 70 -4.17 -4.78 -1.18
C ILE A 70 -3.89 -3.47 -1.92
N LEU A 71 -4.79 -2.49 -1.82
CA LEU A 71 -4.62 -1.18 -2.45
C LEU A 71 -3.19 -0.66 -2.42
N VAL A 72 -2.57 -0.64 -1.24
CA VAL A 72 -1.23 -0.10 -1.10
C VAL A 72 -0.19 -1.02 -1.72
N ALA A 73 -0.28 -2.28 -1.37
CA ALA A 73 0.69 -3.27 -1.84
C ALA A 73 0.64 -3.44 -3.36
N VAL A 74 -0.55 -3.27 -3.92
CA VAL A 74 -0.76 -3.31 -5.37
C VAL A 74 -0.48 -1.94 -5.98
N GLY A 75 -0.77 -0.91 -5.22
CA GLY A 75 -0.53 0.44 -5.68
C GLY A 75 0.93 0.77 -5.73
N ASN A 76 1.67 0.35 -4.72
CA ASN A 76 3.09 0.62 -4.61
C ASN A 76 3.91 -0.36 -5.44
N ILE A 77 3.64 -0.37 -6.72
CA ILE A 77 4.46 -1.08 -7.69
C ILE A 77 5.23 -0.07 -8.52
N SER A 78 6.44 -0.41 -8.91
CA SER A 78 7.17 0.36 -9.88
C SER A 78 6.52 0.16 -11.25
N GLY A 79 5.57 1.04 -11.55
CA GLY A 79 4.78 0.92 -12.74
C GLY A 79 3.34 1.29 -12.49
N ILE A 80 2.92 1.15 -11.23
CA ILE A 80 1.54 1.41 -10.85
C ILE A 80 1.41 2.74 -10.14
N ALA A 81 0.50 3.57 -10.63
CA ALA A 81 0.28 4.87 -10.05
C ALA A 81 -1.18 5.06 -9.65
N SER A 82 -1.94 4.00 -9.70
CA SER A 82 -3.32 4.06 -9.28
C SER A 82 -3.89 2.68 -9.04
N VAL A 83 -4.79 2.58 -8.08
CA VAL A 83 -5.52 1.35 -7.82
C VAL A 83 -7.01 1.61 -7.78
N ASP A 84 -7.73 0.88 -8.60
CA ASP A 84 -9.19 0.99 -8.66
C ASP A 84 -9.77 -0.03 -7.71
N ASP A 85 -10.32 0.45 -6.60
CA ASP A 85 -10.79 -0.45 -5.55
C ASP A 85 -12.13 -1.07 -5.91
N GLN A 86 -12.10 -2.38 -6.16
CA GLN A 86 -13.31 -3.12 -6.50
C GLN A 86 -13.46 -4.35 -5.60
N VAL A 87 -12.81 -4.31 -4.44
CA VAL A 87 -12.89 -5.41 -3.51
C VAL A 87 -13.86 -5.08 -2.38
N LYS A 88 -14.71 -6.05 -2.06
CA LYS A 88 -15.74 -5.86 -1.06
C LYS A 88 -15.25 -6.30 0.30
N THR A 89 -16.05 -5.98 1.30
CA THR A 89 -15.69 -6.28 2.67
C THR A 89 -16.87 -6.92 3.40
N ALA A 90 -16.73 -8.21 3.71
CA ALA A 90 -17.76 -8.93 4.43
C ALA A 90 -17.76 -8.53 5.90
N THR A 91 -16.58 -8.21 6.41
CA THR A 91 -16.44 -7.81 7.79
C THR A 91 -15.79 -6.43 7.90
N PRO A 92 -16.20 -5.66 8.91
CA PRO A 92 -15.71 -4.30 9.12
C PRO A 92 -14.40 -4.26 9.89
N ALA A 93 -13.62 -3.21 9.68
CA ALA A 93 -12.32 -3.09 10.31
C ALA A 93 -11.89 -1.62 10.37
N THR A 94 -10.65 -1.39 10.77
CA THR A 94 -10.10 -0.05 10.84
C THR A 94 -9.94 0.54 9.44
N ALA A 95 -9.96 1.86 9.35
CA ALA A 95 -9.69 2.55 8.11
C ALA A 95 -8.43 3.38 8.27
N SER A 96 -7.61 3.42 7.24
CA SER A 96 -6.31 4.07 7.34
C SER A 96 -6.16 5.22 6.35
N GLN A 97 -5.46 6.24 6.81
CA GLN A 97 -5.05 7.35 5.98
C GLN A 97 -3.91 6.90 5.09
N PHE A 98 -3.75 7.56 3.97
CA PHE A 98 -2.70 7.24 3.03
C PHE A 98 -1.74 8.42 2.90
N TYR A 99 -0.47 8.18 3.21
CA TYR A 99 0.55 9.22 3.13
C TYR A 99 1.67 8.82 2.18
N THR A 100 1.85 9.57 1.11
CA THR A 100 2.94 9.33 0.19
C THR A 100 4.24 9.94 0.74
N VAL A 101 5.23 9.07 1.01
CA VAL A 101 6.50 9.54 1.52
C VAL A 101 7.22 10.36 0.46
N LYS A 102 8.00 11.33 0.91
CA LYS A 102 8.76 12.18 0.01
C LYS A 102 10.21 11.73 -0.04
N SER A 103 10.96 12.29 -0.99
CA SER A 103 12.36 11.94 -1.16
C SER A 103 13.17 12.39 0.04
N GLY A 104 13.61 11.44 0.86
CA GLY A 104 14.37 11.77 2.04
C GLY A 104 13.57 11.57 3.31
N ASP A 105 12.41 10.92 3.19
CA ASP A 105 11.59 10.64 4.36
C ASP A 105 11.89 9.27 4.96
N THR A 106 11.43 9.09 6.19
CA THR A 106 11.53 7.84 6.92
C THR A 106 10.28 7.68 7.76
N LEU A 107 9.98 6.49 8.26
CA LEU A 107 8.74 6.28 9.02
C LEU A 107 8.61 7.30 10.14
N SER A 108 9.69 7.57 10.86
CA SER A 108 9.68 8.56 11.93
C SER A 108 9.36 9.94 11.37
N ALA A 109 10.04 10.29 10.30
CA ALA A 109 9.83 11.58 9.66
C ALA A 109 8.39 11.74 9.22
N ILE A 110 7.75 10.66 8.78
CA ILE A 110 6.41 10.73 8.28
C ILE A 110 5.36 10.59 9.40
N SER A 111 5.64 9.74 10.41
CA SER A 111 4.74 9.62 11.55
C SER A 111 4.63 10.95 12.29
N LYS A 112 5.72 11.68 12.34
CA LYS A 112 5.74 13.02 12.92
C LYS A 112 4.76 13.96 12.19
N GLN A 113 4.45 13.65 10.95
CA GLN A 113 3.52 14.45 10.16
C GLN A 113 2.10 13.98 10.41
N VAL A 114 1.90 12.76 9.98
CA VAL A 114 0.59 12.13 9.90
C VAL A 114 -0.04 11.93 11.28
N TYR A 115 0.81 11.72 12.27
CA TYR A 115 0.37 11.50 13.63
C TYR A 115 0.72 12.68 14.52
N GLY A 116 1.65 13.49 14.05
CA GLY A 116 2.21 14.54 14.87
C GLY A 116 3.14 13.96 15.92
N ASN A 117 3.44 12.67 15.76
CA ASN A 117 4.21 11.91 16.74
C ASN A 117 5.05 10.86 16.03
N ALA A 118 6.38 11.01 16.09
CA ALA A 118 7.27 10.13 15.35
C ALA A 118 7.69 8.91 16.17
N ASN A 119 6.84 8.46 17.07
CA ASN A 119 7.09 7.22 17.77
C ASN A 119 6.21 6.16 17.14
N LEU A 120 5.27 6.66 16.37
CA LEU A 120 4.27 5.87 15.74
C LEU A 120 4.77 5.40 14.40
N TYR A 121 6.07 5.59 14.19
CA TYR A 121 6.71 5.10 13.01
C TYR A 121 6.58 3.58 12.99
N ASN A 122 6.51 3.01 14.18
CA ASN A 122 6.30 1.57 14.36
C ASN A 122 4.91 1.18 13.91
N LYS A 123 3.91 1.98 14.30
CA LYS A 123 2.53 1.69 13.96
C LYS A 123 2.37 1.64 12.45
N ILE A 124 3.04 2.55 11.77
CA ILE A 124 2.95 2.64 10.32
C ILE A 124 3.69 1.50 9.66
N PHE A 125 4.82 1.08 10.25
CA PHE A 125 5.52 -0.09 9.78
C PHE A 125 4.56 -1.27 9.76
N GLU A 126 4.04 -1.59 10.95
CA GLU A 126 3.20 -2.77 11.15
C GLU A 126 1.93 -2.69 10.33
N ALA A 127 1.70 -1.53 9.79
CA ALA A 127 0.49 -1.27 9.03
C ALA A 127 0.76 -1.46 7.56
N ASN A 128 2.00 -1.20 7.17
CA ASN A 128 2.40 -1.30 5.79
C ASN A 128 3.10 -2.62 5.50
N LYS A 129 3.86 -3.11 6.46
CA LYS A 129 4.49 -4.41 6.33
C LYS A 129 3.41 -5.47 6.13
N PRO A 130 3.76 -6.61 5.54
CA PRO A 130 5.12 -6.99 5.22
C PRO A 130 5.60 -6.59 3.83
N MET A 131 5.23 -5.41 3.35
CA MET A 131 5.88 -4.86 2.16
C MET A 131 6.85 -3.76 2.58
N LEU A 132 6.52 -3.07 3.66
CA LEU A 132 7.42 -2.09 4.24
C LEU A 132 8.61 -2.84 4.86
N LYS A 133 9.78 -2.58 4.29
CA LYS A 133 11.00 -3.26 4.69
C LYS A 133 11.47 -2.83 6.07
N SER A 134 11.70 -1.53 6.23
CA SER A 134 12.15 -0.98 7.51
C SER A 134 11.82 0.50 7.56
N PRO A 135 11.82 1.09 8.76
CA PRO A 135 11.46 2.49 8.98
C PRO A 135 12.27 3.44 8.10
N ASP A 136 13.57 3.23 8.09
CA ASP A 136 14.46 4.04 7.27
C ASP A 136 14.46 3.55 5.83
N LYS A 137 13.76 2.45 5.58
CA LYS A 137 13.78 1.81 4.28
C LYS A 137 12.50 2.02 3.49
N ILE A 138 11.69 2.99 3.87
CA ILE A 138 10.66 3.47 2.97
C ILE A 138 11.32 4.14 1.78
N TYR A 139 10.56 4.30 0.74
CA TYR A 139 11.09 4.86 -0.49
C TYR A 139 10.18 5.93 -1.03
N PRO A 140 10.81 6.99 -1.56
CA PRO A 140 10.12 8.21 -1.99
C PRO A 140 8.97 7.93 -2.94
N GLY A 141 7.76 8.04 -2.43
CA GLY A 141 6.60 7.71 -3.23
C GLY A 141 5.79 6.57 -2.64
N GLN A 142 6.18 6.14 -1.45
CA GLN A 142 5.54 5.00 -0.82
C GLN A 142 4.36 5.45 0.00
N VAL A 143 3.21 5.54 -0.63
CA VAL A 143 2.01 5.91 0.09
C VAL A 143 1.68 4.86 1.15
N LEU A 144 1.92 5.26 2.38
CA LEU A 144 1.88 4.39 3.52
C LEU A 144 0.49 4.34 4.16
N ARG A 145 0.12 3.15 4.64
CA ARG A 145 -1.08 2.96 5.42
C ARG A 145 -0.91 3.64 6.76
N ILE A 146 -1.63 4.72 6.96
CA ILE A 146 -1.60 5.47 8.19
C ILE A 146 -2.86 5.21 9.00
N PRO A 147 -2.81 4.22 9.90
CA PRO A 147 -3.96 3.87 10.73
C PRO A 147 -4.37 5.01 11.65
N GLU A 148 -5.45 4.79 12.32
CA GLU A 148 -5.96 5.73 13.30
C GLU A 148 -4.89 6.14 14.30
N GLU A 149 -4.79 7.44 14.52
CA GLU A 149 -3.87 8.02 15.48
C GLU A 149 -4.22 7.59 16.90
N LEU A 150 -3.64 6.49 17.33
CA LEU A 150 -3.86 5.98 18.68
C LEU A 150 -2.55 5.49 19.28
N GLU A 151 -2.02 6.27 20.21
CA GLU A 151 -0.81 5.88 20.91
C GLU A 151 -1.15 5.50 22.34
N HIS A 152 -1.02 4.20 22.63
CA HIS A 152 -1.47 3.69 23.92
C HIS A 152 -0.72 2.42 24.32
N HIS A 153 0.49 2.25 23.83
CA HIS A 153 1.27 1.06 24.15
C HIS A 153 1.76 1.16 25.59
N HIS A 154 2.63 2.12 25.87
CA HIS A 154 3.11 2.37 27.23
C HIS A 154 3.46 3.84 27.41
N HIS A 155 4.70 4.18 27.08
CA HIS A 155 5.17 5.55 27.14
C HIS A 155 5.91 5.89 25.86
N HIS A 156 5.16 5.95 24.76
CA HIS A 156 5.71 6.00 23.41
C HIS A 156 6.28 4.64 23.04
N HIS A 157 7.14 4.12 23.91
CA HIS A 157 7.68 2.78 23.78
C HIS A 157 6.95 1.84 24.72
K K B . 3.52 2.83 -6.88
N MET A 1 -12.36 5.92 -0.64
CA MET A 1 -12.93 4.71 -1.28
C MET A 1 -13.14 4.97 -2.77
N GLY A 2 -12.57 4.12 -3.60
CA GLY A 2 -12.67 4.30 -5.03
C GLY A 2 -11.32 4.22 -5.71
N LEU A 3 -10.82 5.34 -6.18
CA LEU A 3 -9.53 5.38 -6.84
C LEU A 3 -8.48 5.88 -5.85
N PHE A 4 -7.26 5.39 -6.00
CA PHE A 4 -6.17 5.70 -5.09
C PHE A 4 -4.90 5.99 -5.88
N ASN A 5 -4.37 7.19 -5.75
CA ASN A 5 -3.17 7.58 -6.47
C ASN A 5 -1.92 7.04 -5.78
N PHE A 6 -1.01 6.48 -6.57
CA PHE A 6 0.27 6.00 -6.06
C PHE A 6 1.40 6.59 -6.92
N VAL A 7 2.65 6.53 -6.46
CA VAL A 7 3.75 7.04 -7.27
C VAL A 7 4.28 5.95 -8.18
N LYS A 8 3.98 6.09 -9.45
CA LYS A 8 4.24 5.06 -10.47
C LYS A 8 5.60 4.41 -10.32
N ASP A 9 6.65 5.20 -10.47
CA ASP A 9 8.04 4.71 -10.45
C ASP A 9 8.39 3.96 -9.16
N ALA A 10 7.66 4.22 -8.09
CA ALA A 10 8.06 3.77 -6.75
C ALA A 10 7.38 2.47 -6.37
N GLY A 11 8.13 1.59 -5.75
CA GLY A 11 7.58 0.35 -5.26
C GLY A 11 8.45 -0.84 -5.59
N GLU A 12 7.85 -2.02 -5.62
CA GLU A 12 8.55 -3.23 -6.01
C GLU A 12 8.71 -3.29 -7.52
N LYS A 13 9.91 -3.61 -7.96
CA LYS A 13 10.17 -3.73 -9.38
C LYS A 13 9.83 -5.12 -9.86
N LEU A 14 8.55 -5.36 -10.01
CA LEU A 14 8.07 -6.59 -10.58
C LEU A 14 8.50 -6.70 -12.03
N TRP A 15 8.23 -5.64 -12.79
CA TRP A 15 8.60 -5.63 -14.19
C TRP A 15 9.79 -4.73 -14.46
N ASP A 16 9.57 -3.42 -14.50
CA ASP A 16 10.65 -2.48 -14.86
C ASP A 16 10.15 -1.04 -14.82
N ALA A 17 8.83 -0.90 -14.87
CA ALA A 17 8.16 0.40 -14.88
C ALA A 17 8.49 1.18 -16.14
N VAL A 18 8.86 0.44 -17.18
CA VAL A 18 9.24 1.06 -18.43
C VAL A 18 8.33 0.56 -19.54
N THR A 19 7.43 1.42 -19.97
CA THR A 19 6.49 1.15 -21.07
C THR A 19 5.77 -0.19 -20.89
N GLY A 20 5.47 -0.55 -19.65
CA GLY A 20 4.76 -1.78 -19.38
C GLY A 20 5.67 -2.99 -19.20
N GLN A 21 6.78 -2.99 -19.94
CA GLN A 21 7.76 -4.09 -19.91
C GLN A 21 7.25 -5.32 -20.65
N HIS A 22 6.04 -5.78 -20.31
CA HIS A 22 5.43 -6.89 -21.03
C HIS A 22 4.00 -6.58 -21.39
N ASP A 23 3.10 -6.80 -20.46
CA ASP A 23 1.68 -6.60 -20.70
C ASP A 23 0.98 -6.11 -19.45
N LYS A 24 -0.19 -5.51 -19.65
CA LYS A 24 -0.94 -4.91 -18.56
C LYS A 24 -1.51 -5.98 -17.64
N ASP A 25 -1.97 -7.08 -18.25
CA ASP A 25 -2.50 -8.19 -17.49
C ASP A 25 -1.37 -8.98 -16.83
N ASP A 26 -0.19 -8.85 -17.42
CA ASP A 26 1.02 -9.47 -16.86
C ASP A 26 1.45 -8.70 -15.62
N GLN A 27 1.33 -7.37 -15.70
CA GLN A 27 1.58 -6.52 -14.55
C GLN A 27 0.67 -6.94 -13.40
N ALA A 28 -0.63 -7.08 -13.69
CA ALA A 28 -1.59 -7.54 -12.71
C ALA A 28 -1.16 -8.86 -12.11
N LYS A 29 -0.67 -9.74 -12.97
CA LYS A 29 -0.16 -11.03 -12.55
C LYS A 29 1.00 -10.87 -11.57
N LYS A 30 1.97 -10.04 -11.91
CA LYS A 30 3.15 -9.84 -11.07
C LYS A 30 2.80 -9.21 -9.74
N VAL A 31 1.86 -8.29 -9.74
CA VAL A 31 1.49 -7.64 -8.51
C VAL A 31 0.79 -8.64 -7.58
N GLN A 32 -0.08 -9.47 -8.15
CA GLN A 32 -0.67 -10.59 -7.42
C GLN A 32 0.42 -11.49 -6.84
N GLU A 33 1.36 -11.91 -7.68
CA GLU A 33 2.49 -12.73 -7.24
C GLU A 33 3.19 -12.00 -6.11
N HIS A 34 3.55 -10.76 -6.39
CA HIS A 34 4.17 -9.86 -5.43
C HIS A 34 3.50 -9.93 -4.07
N LEU A 35 2.18 -9.85 -4.06
CA LEU A 35 1.41 -9.93 -2.82
C LEU A 35 1.65 -11.24 -2.10
N ASN A 36 1.58 -12.34 -2.83
CA ASN A 36 1.74 -13.67 -2.25
C ASN A 36 3.19 -13.89 -1.81
N LYS A 37 4.11 -13.28 -2.53
CA LYS A 37 5.52 -13.38 -2.24
C LYS A 37 5.87 -12.59 -0.98
N THR A 38 5.46 -11.33 -0.94
CA THR A 38 5.65 -10.51 0.26
C THR A 38 4.95 -11.12 1.46
N GLY A 39 3.82 -11.74 1.20
CA GLY A 39 3.05 -12.36 2.26
C GLY A 39 1.94 -11.47 2.76
N ILE A 40 1.44 -10.61 1.88
CA ILE A 40 0.34 -9.73 2.22
C ILE A 40 -0.89 -10.55 2.57
N PRO A 41 -1.43 -10.39 3.78
CA PRO A 41 -2.62 -11.12 4.20
C PRO A 41 -3.86 -10.70 3.43
N ASP A 42 -4.70 -11.70 3.18
CA ASP A 42 -5.94 -11.52 2.43
C ASP A 42 -5.70 -11.05 1.00
N ALA A 43 -4.46 -11.11 0.55
CA ALA A 43 -4.13 -10.76 -0.84
C ALA A 43 -4.53 -11.92 -1.74
N ASP A 44 -4.81 -13.04 -1.12
CA ASP A 44 -5.31 -14.21 -1.79
C ASP A 44 -6.80 -14.06 -2.09
N LYS A 45 -7.43 -13.11 -1.38
CA LYS A 45 -8.87 -12.91 -1.48
C LYS A 45 -9.19 -11.97 -2.63
N VAL A 46 -8.19 -11.22 -3.08
CA VAL A 46 -8.40 -10.20 -4.08
C VAL A 46 -7.95 -10.63 -5.48
N ASN A 47 -8.00 -9.67 -6.39
CA ASN A 47 -7.67 -9.87 -7.79
C ASN A 47 -7.05 -8.59 -8.32
N ILE A 48 -6.22 -8.69 -9.35
CA ILE A 48 -5.52 -7.52 -9.88
C ILE A 48 -5.84 -7.31 -11.35
N GLN A 49 -6.12 -6.07 -11.73
CA GLN A 49 -6.31 -5.72 -13.14
C GLN A 49 -5.72 -4.39 -13.46
N ILE A 50 -4.63 -4.44 -14.17
CA ILE A 50 -3.82 -3.27 -14.38
C ILE A 50 -3.86 -2.75 -15.80
N ALA A 51 -3.85 -1.44 -15.88
CA ALA A 51 -3.82 -0.74 -17.15
C ALA A 51 -2.64 0.21 -17.18
N ASP A 52 -1.49 -0.29 -17.68
CA ASP A 52 -0.27 0.50 -17.80
C ASP A 52 0.38 0.75 -16.45
N GLY A 53 -0.35 1.43 -15.57
CA GLY A 53 0.12 1.65 -14.23
C GLY A 53 -1.00 1.71 -13.22
N LYS A 54 -2.22 1.96 -13.67
CA LYS A 54 -3.33 1.94 -12.76
C LYS A 54 -3.76 0.50 -12.53
N ALA A 55 -3.46 -0.01 -11.36
CA ALA A 55 -3.81 -1.36 -10.99
C ALA A 55 -5.22 -1.38 -10.45
N THR A 56 -5.92 -2.49 -10.59
CA THR A 56 -7.22 -2.60 -9.99
C THR A 56 -7.25 -3.72 -9.00
N VAL A 57 -7.66 -3.43 -7.79
CA VAL A 57 -7.88 -4.46 -6.80
C VAL A 57 -9.34 -4.81 -6.81
N THR A 58 -9.63 -6.07 -6.74
CA THR A 58 -10.99 -6.51 -6.70
C THR A 58 -11.13 -7.68 -5.77
N GLY A 59 -12.34 -7.93 -5.34
CA GLY A 59 -12.62 -9.07 -4.50
C GLY A 59 -13.78 -8.81 -3.59
N ASP A 60 -14.02 -9.70 -2.65
CA ASP A 60 -15.07 -9.50 -1.67
C ASP A 60 -14.90 -10.44 -0.51
N GLY A 61 -15.36 -9.99 0.64
CA GLY A 61 -15.45 -10.85 1.76
C GLY A 61 -14.31 -10.69 2.73
N LEU A 62 -13.51 -9.64 2.56
CA LEU A 62 -12.44 -9.39 3.47
C LEU A 62 -12.75 -8.20 4.34
N SER A 63 -11.89 -7.94 5.30
CA SER A 63 -12.09 -6.88 6.27
C SER A 63 -11.51 -5.58 5.75
N GLN A 64 -12.09 -4.47 6.16
CA GLN A 64 -11.71 -3.17 5.61
C GLN A 64 -10.21 -2.91 5.72
N GLU A 65 -9.66 -3.12 6.91
CA GLU A 65 -8.23 -2.88 7.14
C GLU A 65 -7.37 -3.68 6.16
N ALA A 66 -7.75 -4.93 5.93
CA ALA A 66 -7.02 -5.79 5.02
C ALA A 66 -7.21 -5.33 3.59
N LYS A 67 -8.41 -4.83 3.30
CA LYS A 67 -8.73 -4.32 1.98
C LYS A 67 -7.78 -3.19 1.61
N GLU A 68 -7.55 -2.28 2.56
CA GLU A 68 -6.58 -1.19 2.37
C GLU A 68 -5.18 -1.78 2.25
N LYS A 69 -4.92 -2.79 3.06
CA LYS A 69 -3.62 -3.47 3.08
C LYS A 69 -3.22 -3.96 1.68
N ILE A 70 -4.15 -4.61 0.99
CA ILE A 70 -3.92 -5.03 -0.38
C ILE A 70 -3.61 -3.82 -1.26
N LEU A 71 -4.43 -2.76 -1.14
CA LEU A 71 -4.25 -1.54 -1.93
C LEU A 71 -2.81 -1.03 -1.83
N VAL A 72 -2.27 -1.03 -0.61
CA VAL A 72 -0.91 -0.54 -0.37
C VAL A 72 0.10 -1.32 -1.18
N ALA A 73 0.09 -2.63 -1.00
CA ALA A 73 1.07 -3.50 -1.63
C ALA A 73 0.90 -3.56 -3.15
N VAL A 74 -0.35 -3.51 -3.61
CA VAL A 74 -0.66 -3.49 -5.03
C VAL A 74 -0.32 -2.14 -5.65
N GLY A 75 -0.43 -1.11 -4.84
CA GLY A 75 -0.12 0.22 -5.29
C GLY A 75 1.36 0.49 -5.34
N ASN A 76 2.08 0.04 -4.31
CA ASN A 76 3.53 0.26 -4.24
C ASN A 76 4.28 -0.68 -5.16
N ILE A 77 4.03 -0.54 -6.44
CA ILE A 77 4.76 -1.26 -7.47
C ILE A 77 5.46 -0.27 -8.37
N SER A 78 6.67 -0.60 -8.80
CA SER A 78 7.35 0.18 -9.78
C SER A 78 6.68 -0.02 -11.13
N GLY A 79 5.85 0.93 -11.49
CA GLY A 79 5.06 0.84 -12.69
C GLY A 79 3.63 1.22 -12.41
N ILE A 80 3.20 0.97 -11.18
CA ILE A 80 1.85 1.22 -10.77
C ILE A 80 1.67 2.65 -10.24
N ALA A 81 0.77 3.38 -10.89
CA ALA A 81 0.55 4.78 -10.56
C ALA A 81 -0.70 4.96 -9.74
N SER A 82 -1.50 3.94 -9.66
CA SER A 82 -2.77 4.05 -9.00
C SER A 82 -3.39 2.69 -8.80
N VAL A 83 -4.48 2.68 -8.08
CA VAL A 83 -5.20 1.46 -7.76
C VAL A 83 -6.69 1.74 -7.70
N ASP A 84 -7.45 1.00 -8.48
CA ASP A 84 -8.90 1.11 -8.47
C ASP A 84 -9.45 0.10 -7.49
N ASP A 85 -9.82 0.58 -6.32
CA ASP A 85 -10.30 -0.30 -5.26
C ASP A 85 -11.69 -0.82 -5.57
N GLN A 86 -11.75 -2.07 -6.01
CA GLN A 86 -13.00 -2.71 -6.38
C GLN A 86 -13.24 -3.95 -5.51
N VAL A 87 -12.54 -4.03 -4.39
CA VAL A 87 -12.69 -5.17 -3.51
C VAL A 87 -13.62 -4.80 -2.35
N LYS A 88 -14.54 -5.70 -2.08
CA LYS A 88 -15.61 -5.44 -1.14
C LYS A 88 -15.24 -5.97 0.23
N THR A 89 -15.81 -5.33 1.22
CA THR A 89 -15.51 -5.65 2.60
C THR A 89 -16.73 -6.21 3.32
N ALA A 90 -16.52 -7.33 4.00
CA ALA A 90 -17.59 -8.03 4.68
C ALA A 90 -18.05 -7.27 5.90
N THR A 91 -17.12 -6.56 6.52
CA THR A 91 -17.42 -5.78 7.70
C THR A 91 -16.92 -4.36 7.58
N PRO A 92 -17.61 -3.43 8.25
CA PRO A 92 -17.25 -2.02 8.29
C PRO A 92 -16.07 -1.77 9.23
N ALA A 93 -14.97 -2.46 8.98
CA ALA A 93 -13.79 -2.33 9.82
C ALA A 93 -13.10 -0.99 9.60
N THR A 94 -12.00 -0.78 10.28
CA THR A 94 -11.29 0.48 10.22
C THR A 94 -10.73 0.75 8.83
N ALA A 95 -10.73 2.03 8.46
CA ALA A 95 -10.16 2.48 7.21
C ALA A 95 -8.87 3.22 7.49
N SER A 96 -8.04 3.40 6.48
CA SER A 96 -6.73 3.98 6.69
C SER A 96 -6.47 5.15 5.77
N GLN A 97 -5.55 5.99 6.18
CA GLN A 97 -5.03 7.05 5.35
C GLN A 97 -3.86 6.51 4.56
N PHE A 98 -3.62 7.09 3.42
CA PHE A 98 -2.53 6.69 2.56
C PHE A 98 -1.58 7.87 2.34
N TYR A 99 -0.41 7.79 2.93
CA TYR A 99 0.56 8.87 2.88
C TYR A 99 1.74 8.49 2.01
N THR A 100 1.98 9.26 0.97
CA THR A 100 3.10 9.02 0.10
C THR A 100 4.35 9.69 0.63
N VAL A 101 5.35 8.86 0.88
CA VAL A 101 6.65 9.33 1.31
C VAL A 101 7.29 10.23 0.26
N LYS A 102 7.75 11.38 0.71
CA LYS A 102 8.41 12.32 -0.17
C LYS A 102 9.93 12.23 0.02
N SER A 103 10.68 12.75 -0.93
CA SER A 103 12.12 12.67 -0.90
C SER A 103 12.67 13.46 0.29
N GLY A 104 13.23 12.74 1.24
CA GLY A 104 13.77 13.37 2.44
C GLY A 104 13.05 12.91 3.69
N ASP A 105 11.99 12.13 3.49
CA ASP A 105 11.18 11.67 4.59
C ASP A 105 11.69 10.35 5.16
N THR A 106 11.50 10.18 6.45
CA THR A 106 11.74 8.90 7.11
C THR A 106 10.46 8.52 7.85
N LEU A 107 10.32 7.25 8.23
CA LEU A 107 9.07 6.76 8.83
C LEU A 107 8.61 7.68 9.97
N SER A 108 9.55 8.09 10.81
CA SER A 108 9.23 8.95 11.94
C SER A 108 8.72 10.31 11.45
N ALA A 109 9.41 10.87 10.46
CA ALA A 109 9.04 12.16 9.91
C ALA A 109 7.63 12.13 9.35
N ILE A 110 7.26 11.01 8.73
CA ILE A 110 5.96 10.90 8.11
C ILE A 110 4.89 10.59 9.16
N SER A 111 5.25 9.80 10.17
CA SER A 111 4.36 9.58 11.29
C SER A 111 4.07 10.91 11.99
N LYS A 112 5.09 11.74 12.08
CA LYS A 112 4.99 13.04 12.69
C LYS A 112 3.96 13.91 11.97
N GLN A 113 3.78 13.62 10.69
CA GLN A 113 2.78 14.32 9.88
C GLN A 113 1.40 13.78 10.18
N VAL A 114 1.26 12.53 9.83
CA VAL A 114 0.00 11.85 9.73
C VAL A 114 -0.63 11.61 11.09
N TYR A 115 0.21 11.46 12.10
CA TYR A 115 -0.25 11.22 13.46
C TYR A 115 -0.03 12.45 14.33
N GLY A 116 0.86 13.31 13.87
CA GLY A 116 1.25 14.45 14.67
C GLY A 116 2.37 14.07 15.62
N ASN A 117 2.74 12.80 15.60
CA ASN A 117 3.76 12.27 16.48
C ASN A 117 4.62 11.24 15.74
N ALA A 118 5.92 11.50 15.68
CA ALA A 118 6.84 10.66 14.93
C ALA A 118 7.01 9.30 15.56
N ASN A 119 6.74 9.23 16.85
CA ASN A 119 6.96 8.01 17.62
C ASN A 119 6.00 6.89 17.21
N LEU A 120 5.07 7.20 16.32
CA LEU A 120 4.09 6.24 15.84
C LEU A 120 4.55 5.64 14.53
N TYR A 121 5.81 5.86 14.20
CA TYR A 121 6.36 5.39 12.94
C TYR A 121 6.31 3.88 12.88
N ASN A 122 6.38 3.25 14.04
CA ASN A 122 6.31 1.80 14.12
C ASN A 122 4.93 1.33 13.68
N LYS A 123 3.87 1.99 14.16
CA LYS A 123 2.51 1.57 13.84
C LYS A 123 2.31 1.56 12.34
N ILE A 124 2.81 2.60 11.70
CA ILE A 124 2.73 2.73 10.25
C ILE A 124 3.55 1.65 9.56
N PHE A 125 4.81 1.53 9.96
CA PHE A 125 5.71 0.55 9.37
C PHE A 125 5.09 -0.84 9.43
N GLU A 126 4.66 -1.23 10.62
CA GLU A 126 4.11 -2.57 10.84
C GLU A 126 2.77 -2.73 10.14
N ALA A 127 2.20 -1.63 9.73
CA ALA A 127 0.93 -1.62 9.02
C ALA A 127 1.16 -1.84 7.54
N ASN A 128 2.33 -1.42 7.10
CA ASN A 128 2.73 -1.59 5.72
C ASN A 128 3.43 -2.92 5.52
N LYS A 129 3.58 -3.67 6.60
CA LYS A 129 4.15 -4.99 6.55
C LYS A 129 3.17 -5.97 5.91
N PRO A 130 3.69 -7.05 5.31
CA PRO A 130 5.12 -7.26 5.12
C PRO A 130 5.63 -6.64 3.81
N MET A 131 4.90 -5.67 3.29
CA MET A 131 5.32 -4.96 2.09
C MET A 131 6.52 -4.09 2.40
N LEU A 132 6.44 -3.36 3.51
CA LEU A 132 7.51 -2.44 3.87
C LEU A 132 8.69 -3.23 4.42
N LYS A 133 9.87 -2.88 3.93
CA LYS A 133 11.09 -3.56 4.31
C LYS A 133 11.55 -3.13 5.70
N SER A 134 11.75 -1.83 5.88
CA SER A 134 12.10 -1.28 7.19
C SER A 134 11.74 0.19 7.25
N PRO A 135 11.46 0.66 8.47
CA PRO A 135 11.01 2.02 8.75
C PRO A 135 12.00 3.07 8.29
N ASP A 136 13.26 2.73 8.34
CA ASP A 136 14.32 3.61 7.87
C ASP A 136 14.58 3.38 6.39
N LYS A 137 13.89 2.39 5.84
CA LYS A 137 14.11 1.98 4.46
C LYS A 137 12.90 2.26 3.57
N ILE A 138 12.14 3.28 3.92
CA ILE A 138 11.11 3.77 3.01
C ILE A 138 11.76 4.43 1.81
N TYR A 139 10.94 4.87 0.88
CA TYR A 139 11.44 5.47 -0.33
C TYR A 139 10.41 6.43 -0.91
N PRO A 140 10.89 7.48 -1.60
CA PRO A 140 10.03 8.49 -2.22
C PRO A 140 9.03 7.86 -3.18
N GLY A 141 7.79 7.81 -2.73
CA GLY A 141 6.75 7.14 -3.48
C GLY A 141 6.12 6.03 -2.66
N GLN A 142 6.62 5.83 -1.46
CA GLN A 142 6.09 4.83 -0.55
C GLN A 142 4.83 5.36 0.09
N VAL A 143 3.72 5.06 -0.51
CA VAL A 143 2.45 5.45 0.07
C VAL A 143 2.09 4.47 1.18
N LEU A 144 2.55 4.85 2.36
CA LEU A 144 2.40 4.06 3.57
C LEU A 144 0.96 4.06 4.03
N ARG A 145 0.47 2.89 4.42
CA ARG A 145 -0.83 2.80 5.04
C ARG A 145 -0.78 3.43 6.41
N ILE A 146 -1.53 4.49 6.58
CA ILE A 146 -1.64 5.17 7.85
C ILE A 146 -2.92 4.73 8.53
N PRO A 147 -2.83 3.78 9.46
CA PRO A 147 -3.98 3.33 10.21
C PRO A 147 -4.60 4.46 11.00
N GLU A 148 -5.83 4.27 11.39
CA GLU A 148 -6.53 5.27 12.12
C GLU A 148 -6.08 5.24 13.57
N GLU A 149 -5.55 6.36 14.02
CA GLU A 149 -5.07 6.49 15.38
C GLU A 149 -6.22 6.32 16.37
N LEU A 150 -6.44 5.09 16.79
CA LEU A 150 -7.50 4.77 17.73
C LEU A 150 -6.94 4.67 19.15
N GLU A 151 -6.04 5.61 19.45
CA GLU A 151 -5.38 5.69 20.74
C GLU A 151 -4.35 4.56 20.92
N HIS A 152 -3.26 4.89 21.62
CA HIS A 152 -2.21 3.93 21.91
C HIS A 152 -1.28 4.53 22.95
N HIS A 153 -0.93 5.79 22.73
CA HIS A 153 -0.14 6.56 23.70
C HIS A 153 -0.65 7.99 23.74
N HIS A 154 -1.11 8.42 24.91
CA HIS A 154 -1.65 9.76 25.08
C HIS A 154 -0.55 10.80 24.95
N HIS A 155 0.62 10.49 25.49
CA HIS A 155 1.78 11.36 25.37
C HIS A 155 2.33 11.27 23.95
N HIS A 156 1.94 12.22 23.11
CA HIS A 156 2.34 12.19 21.71
C HIS A 156 2.91 13.54 21.28
N HIS A 157 3.15 14.41 22.24
CA HIS A 157 3.74 15.71 21.98
C HIS A 157 5.26 15.58 21.98
K K B . 3.68 2.80 -7.03
N MET A 1 -15.38 7.02 -2.09
CA MET A 1 -14.09 6.40 -2.44
C MET A 1 -14.21 5.60 -3.73
N GLY A 2 -13.09 5.12 -4.23
CA GLY A 2 -13.10 4.31 -5.43
C GLY A 2 -11.71 4.13 -5.99
N LEU A 3 -11.19 5.17 -6.62
CA LEU A 3 -9.83 5.12 -7.13
C LEU A 3 -8.90 5.81 -6.15
N PHE A 4 -7.88 5.08 -5.77
CA PHE A 4 -6.91 5.60 -4.84
C PHE A 4 -5.65 5.99 -5.61
N ASN A 5 -5.15 7.19 -5.34
CA ASN A 5 -4.02 7.72 -6.06
C ASN A 5 -2.71 7.32 -5.40
N PHE A 6 -1.75 6.93 -6.22
CA PHE A 6 -0.47 6.45 -5.74
C PHE A 6 0.66 7.16 -6.47
N VAL A 7 1.89 6.88 -6.07
CA VAL A 7 3.03 7.30 -6.84
C VAL A 7 3.10 6.42 -8.09
N LYS A 8 3.91 6.79 -9.06
CA LYS A 8 4.01 6.01 -10.29
C LYS A 8 5.30 5.19 -10.33
N ASP A 9 6.43 5.88 -10.30
CA ASP A 9 7.74 5.25 -10.38
C ASP A 9 8.03 4.42 -9.13
N ALA A 10 7.41 4.81 -8.03
CA ALA A 10 7.78 4.26 -6.73
C ALA A 10 7.03 2.98 -6.45
N GLY A 11 7.77 1.98 -6.01
CA GLY A 11 7.17 0.70 -5.70
C GLY A 11 8.05 -0.44 -6.15
N GLU A 12 7.59 -1.66 -5.95
CA GLU A 12 8.35 -2.83 -6.34
C GLU A 12 8.44 -2.92 -7.85
N LYS A 13 9.62 -3.22 -8.35
CA LYS A 13 9.86 -3.32 -9.78
C LYS A 13 9.68 -4.74 -10.23
N LEU A 14 8.47 -5.20 -10.03
CA LEU A 14 8.06 -6.54 -10.41
C LEU A 14 8.37 -6.81 -11.89
N TRP A 15 8.05 -5.84 -12.72
CA TRP A 15 8.25 -5.98 -14.16
C TRP A 15 9.24 -4.89 -14.65
N ASP A 16 9.29 -4.69 -15.96
CA ASP A 16 10.21 -3.72 -16.57
C ASP A 16 10.06 -2.33 -15.94
N ALA A 17 8.86 -2.03 -15.48
CA ALA A 17 8.50 -0.76 -14.86
C ALA A 17 8.58 0.40 -15.85
N VAL A 18 8.68 0.06 -17.13
CA VAL A 18 8.81 1.06 -18.17
C VAL A 18 7.49 1.27 -18.88
N THR A 19 6.96 0.21 -19.48
CA THR A 19 5.72 0.33 -20.24
C THR A 19 4.72 -0.76 -19.84
N GLY A 20 5.21 -1.97 -19.63
CA GLY A 20 4.33 -3.08 -19.33
C GLY A 20 4.79 -4.35 -20.00
N GLN A 21 5.75 -5.01 -19.38
CA GLN A 21 6.35 -6.23 -19.91
C GLN A 21 5.30 -7.26 -20.30
N HIS A 22 5.20 -7.51 -21.61
CA HIS A 22 4.30 -8.51 -22.17
C HIS A 22 2.84 -8.08 -22.11
N ASP A 23 2.19 -8.40 -21.01
CA ASP A 23 0.77 -8.18 -20.88
C ASP A 23 0.44 -7.48 -19.58
N LYS A 24 -0.67 -6.74 -19.59
CA LYS A 24 -1.10 -5.97 -18.44
C LYS A 24 -1.68 -6.88 -17.37
N ASP A 25 -2.28 -7.97 -17.81
CA ASP A 25 -2.79 -8.99 -16.90
C ASP A 25 -1.63 -9.76 -16.30
N ASP A 26 -0.50 -9.73 -17.00
CA ASP A 26 0.71 -10.37 -16.51
C ASP A 26 1.37 -9.48 -15.46
N GLN A 27 1.20 -8.17 -15.63
CA GLN A 27 1.60 -7.21 -14.60
C GLN A 27 0.75 -7.42 -13.36
N ALA A 28 -0.53 -7.69 -13.58
CA ALA A 28 -1.45 -8.01 -12.49
C ALA A 28 -0.97 -9.25 -11.76
N LYS A 29 -0.54 -10.23 -12.53
CA LYS A 29 0.06 -11.43 -11.99
C LYS A 29 1.30 -11.10 -11.20
N LYS A 30 2.11 -10.18 -11.71
CA LYS A 30 3.33 -9.75 -11.06
C LYS A 30 3.05 -9.20 -9.69
N VAL A 31 2.02 -8.39 -9.59
CA VAL A 31 1.64 -7.80 -8.34
C VAL A 31 1.08 -8.87 -7.40
N GLN A 32 0.34 -9.82 -7.97
CA GLN A 32 -0.11 -10.98 -7.21
C GLN A 32 1.07 -11.74 -6.64
N GLU A 33 2.07 -11.99 -7.49
CA GLU A 33 3.30 -12.61 -7.04
C GLU A 33 3.92 -11.80 -5.93
N HIS A 34 4.06 -10.50 -6.17
CA HIS A 34 4.56 -9.58 -5.19
C HIS A 34 3.85 -9.72 -3.85
N LEU A 35 2.52 -9.61 -3.88
CA LEU A 35 1.69 -9.77 -2.71
C LEU A 35 1.95 -11.10 -2.01
N ASN A 36 2.01 -12.16 -2.79
CA ASN A 36 2.13 -13.50 -2.24
C ASN A 36 3.55 -13.80 -1.77
N LYS A 37 4.54 -13.15 -2.38
CA LYS A 37 5.92 -13.26 -1.96
C LYS A 37 6.14 -12.51 -0.65
N THR A 38 5.68 -11.27 -0.61
CA THR A 38 5.78 -10.46 0.60
C THR A 38 4.98 -11.08 1.74
N GLY A 39 3.85 -11.68 1.39
CA GLY A 39 3.01 -12.32 2.37
C GLY A 39 1.91 -11.41 2.85
N ILE A 40 1.48 -10.49 1.98
CA ILE A 40 0.41 -9.57 2.31
C ILE A 40 -0.85 -10.35 2.64
N PRO A 41 -1.42 -10.15 3.84
CA PRO A 41 -2.63 -10.84 4.25
C PRO A 41 -3.81 -10.55 3.33
N ASP A 42 -4.56 -11.59 3.07
CA ASP A 42 -5.75 -11.54 2.21
C ASP A 42 -5.42 -11.11 0.78
N ALA A 43 -4.15 -11.19 0.39
CA ALA A 43 -3.76 -10.88 -0.97
C ALA A 43 -4.26 -11.95 -1.93
N ASP A 44 -4.51 -13.13 -1.39
CA ASP A 44 -5.02 -14.24 -2.18
C ASP A 44 -6.54 -14.14 -2.32
N LYS A 45 -7.14 -13.19 -1.59
CA LYS A 45 -8.58 -13.00 -1.63
C LYS A 45 -8.96 -12.02 -2.72
N VAL A 46 -7.99 -11.26 -3.18
CA VAL A 46 -8.22 -10.23 -4.17
C VAL A 46 -7.73 -10.62 -5.54
N ASN A 47 -7.94 -9.72 -6.47
CA ASN A 47 -7.60 -9.92 -7.87
C ASN A 47 -7.19 -8.58 -8.47
N ILE A 48 -5.99 -8.53 -9.02
CA ILE A 48 -5.46 -7.29 -9.56
C ILE A 48 -5.68 -7.22 -11.06
N GLN A 49 -5.92 -6.01 -11.55
CA GLN A 49 -5.97 -5.74 -12.97
C GLN A 49 -5.20 -4.49 -13.29
N ILE A 50 -4.18 -4.67 -14.09
CA ILE A 50 -3.28 -3.60 -14.38
C ILE A 50 -3.62 -2.96 -15.70
N ALA A 51 -3.79 -1.66 -15.65
CA ALA A 51 -4.06 -0.88 -16.83
C ALA A 51 -2.96 0.13 -17.03
N ASP A 52 -1.80 -0.36 -17.49
CA ASP A 52 -0.61 0.47 -17.68
C ASP A 52 -0.02 0.88 -16.34
N GLY A 53 -0.75 1.69 -15.59
CA GLY A 53 -0.33 2.05 -14.26
C GLY A 53 -1.47 2.05 -13.26
N LYS A 54 -2.70 1.93 -13.74
CA LYS A 54 -3.83 1.85 -12.84
C LYS A 54 -4.12 0.40 -12.50
N ALA A 55 -3.73 -0.01 -11.31
CA ALA A 55 -3.96 -1.36 -10.85
C ALA A 55 -5.31 -1.46 -10.15
N THR A 56 -6.14 -2.38 -10.57
CA THR A 56 -7.44 -2.53 -9.96
C THR A 56 -7.42 -3.64 -8.92
N VAL A 57 -7.86 -3.36 -7.72
CA VAL A 57 -7.97 -4.37 -6.70
C VAL A 57 -9.38 -4.81 -6.55
N THR A 58 -9.62 -6.01 -6.97
CA THR A 58 -10.93 -6.59 -6.86
C THR A 58 -10.91 -7.70 -5.85
N GLY A 59 -12.06 -8.13 -5.41
CA GLY A 59 -12.15 -9.29 -4.56
C GLY A 59 -13.33 -9.22 -3.65
N ASP A 60 -13.42 -10.15 -2.71
CA ASP A 60 -14.50 -10.15 -1.75
C ASP A 60 -14.16 -11.01 -0.57
N GLY A 61 -14.75 -10.66 0.56
CA GLY A 61 -14.70 -11.50 1.70
C GLY A 61 -13.68 -11.07 2.72
N LEU A 62 -13.01 -9.96 2.47
CA LEU A 62 -12.01 -9.47 3.39
C LEU A 62 -12.54 -8.31 4.20
N SER A 63 -11.68 -7.74 5.01
CA SER A 63 -12.03 -6.60 5.81
C SER A 63 -11.53 -5.32 5.15
N GLN A 64 -11.96 -4.18 5.66
CA GLN A 64 -11.51 -2.90 5.11
C GLN A 64 -10.02 -2.75 5.35
N GLU A 65 -9.58 -3.17 6.53
CA GLU A 65 -8.17 -3.10 6.91
C GLU A 65 -7.31 -3.96 5.98
N ALA A 66 -7.84 -5.13 5.63
CA ALA A 66 -7.16 -6.02 4.72
C ALA A 66 -7.15 -5.43 3.32
N LYS A 67 -8.24 -4.78 2.97
CA LYS A 67 -8.36 -4.15 1.66
C LYS A 67 -7.21 -3.17 1.44
N GLU A 68 -6.97 -2.33 2.44
CA GLU A 68 -5.91 -1.34 2.38
C GLU A 68 -4.56 -2.03 2.33
N LYS A 69 -4.42 -3.11 3.09
CA LYS A 69 -3.20 -3.91 3.08
C LYS A 69 -2.83 -4.29 1.65
N ILE A 70 -3.82 -4.77 0.90
CA ILE A 70 -3.64 -5.06 -0.51
C ILE A 70 -3.42 -3.78 -1.32
N LEU A 71 -4.27 -2.77 -1.10
CA LEU A 71 -4.19 -1.51 -1.86
C LEU A 71 -2.78 -0.96 -1.86
N VAL A 72 -2.10 -1.00 -0.72
CA VAL A 72 -0.74 -0.50 -0.63
C VAL A 72 0.20 -1.34 -1.48
N ALA A 73 0.19 -2.63 -1.22
CA ALA A 73 1.10 -3.55 -1.87
C ALA A 73 0.89 -3.60 -3.39
N VAL A 74 -0.33 -3.30 -3.82
CA VAL A 74 -0.67 -3.26 -5.23
C VAL A 74 -0.43 -1.88 -5.81
N GLY A 75 -0.58 -0.86 -4.99
CA GLY A 75 -0.34 0.49 -5.41
C GLY A 75 1.13 0.82 -5.41
N ASN A 76 1.87 0.23 -4.49
CA ASN A 76 3.30 0.44 -4.38
C ASN A 76 4.07 -0.47 -5.32
N ILE A 77 3.70 -0.42 -6.59
CA ILE A 77 4.41 -1.13 -7.64
C ILE A 77 5.04 -0.12 -8.59
N SER A 78 6.25 -0.39 -9.03
CA SER A 78 6.91 0.48 -9.99
C SER A 78 6.28 0.28 -11.35
N GLY A 79 5.54 1.27 -11.78
CA GLY A 79 4.78 1.16 -13.00
C GLY A 79 3.32 1.41 -12.74
N ILE A 80 2.96 1.42 -11.47
CA ILE A 80 1.62 1.66 -11.04
C ILE A 80 1.53 3.08 -10.50
N ALA A 81 0.41 3.75 -10.73
CA ALA A 81 0.24 5.11 -10.23
C ALA A 81 -1.06 5.26 -9.46
N SER A 82 -1.93 4.27 -9.54
CA SER A 82 -3.17 4.32 -8.81
C SER A 82 -3.78 2.93 -8.68
N VAL A 83 -4.68 2.79 -7.72
CA VAL A 83 -5.36 1.52 -7.50
C VAL A 83 -6.87 1.72 -7.48
N ASP A 84 -7.57 0.93 -8.27
CA ASP A 84 -9.02 1.01 -8.35
C ASP A 84 -9.62 -0.06 -7.47
N ASP A 85 -10.13 0.34 -6.33
CA ASP A 85 -10.68 -0.61 -5.37
C ASP A 85 -12.06 -1.11 -5.83
N GLN A 86 -12.09 -2.38 -6.20
CA GLN A 86 -13.32 -3.08 -6.57
C GLN A 86 -13.50 -4.32 -5.70
N VAL A 87 -12.81 -4.32 -4.57
CA VAL A 87 -12.84 -5.45 -3.66
C VAL A 87 -13.84 -5.19 -2.53
N LYS A 88 -14.60 -6.21 -2.21
CA LYS A 88 -15.65 -6.09 -1.21
C LYS A 88 -15.16 -6.50 0.15
N THR A 89 -15.91 -6.11 1.15
CA THR A 89 -15.60 -6.44 2.52
C THR A 89 -16.76 -7.16 3.18
N ALA A 90 -16.50 -8.35 3.71
CA ALA A 90 -17.53 -9.17 4.32
C ALA A 90 -18.02 -8.53 5.62
N THR A 91 -17.12 -7.83 6.28
CA THR A 91 -17.45 -7.18 7.54
C THR A 91 -16.84 -5.79 7.60
N PRO A 92 -17.40 -4.91 8.43
CA PRO A 92 -16.92 -3.53 8.59
C PRO A 92 -15.63 -3.48 9.38
N ALA A 93 -14.73 -2.58 8.98
CA ALA A 93 -13.45 -2.45 9.65
C ALA A 93 -12.94 -1.02 9.56
N THR A 94 -11.86 -0.75 10.28
CA THR A 94 -11.26 0.58 10.31
C THR A 94 -10.75 0.99 8.92
N ALA A 95 -10.81 2.28 8.65
CA ALA A 95 -10.30 2.85 7.41
C ALA A 95 -9.15 3.80 7.71
N SER A 96 -8.15 3.79 6.85
CA SER A 96 -6.91 4.52 7.11
C SER A 96 -6.60 5.52 6.00
N GLN A 97 -5.57 6.31 6.24
CA GLN A 97 -5.06 7.26 5.28
C GLN A 97 -3.93 6.61 4.48
N PHE A 98 -3.59 7.22 3.37
CA PHE A 98 -2.49 6.76 2.54
C PHE A 98 -1.52 7.91 2.26
N TYR A 99 -0.27 7.78 2.69
CA TYR A 99 0.70 8.84 2.55
C TYR A 99 1.93 8.39 1.75
N THR A 100 2.12 8.99 0.58
CA THR A 100 3.31 8.77 -0.22
C THR A 100 4.52 9.50 0.39
N VAL A 101 5.54 8.74 0.79
CA VAL A 101 6.73 9.33 1.39
C VAL A 101 7.47 10.17 0.36
N LYS A 102 8.17 11.19 0.83
CA LYS A 102 8.93 12.05 -0.05
C LYS A 102 10.41 11.67 0.00
N SER A 103 11.18 12.20 -0.93
CA SER A 103 12.59 11.85 -1.05
C SER A 103 13.39 12.47 0.08
N GLY A 104 13.81 11.63 1.02
CA GLY A 104 14.56 12.10 2.16
C GLY A 104 13.84 11.83 3.46
N ASP A 105 12.65 11.26 3.36
CA ASP A 105 11.85 10.97 4.55
C ASP A 105 12.17 9.62 5.15
N THR A 106 11.74 9.47 6.38
CA THR A 106 11.84 8.23 7.12
C THR A 106 10.49 7.97 7.76
N LEU A 107 10.21 6.77 8.21
CA LEU A 107 8.88 6.50 8.71
C LEU A 107 8.58 7.36 9.94
N SER A 108 9.60 7.62 10.75
CA SER A 108 9.45 8.52 11.88
C SER A 108 9.09 9.92 11.40
N ALA A 109 9.84 10.40 10.43
CA ALA A 109 9.62 11.72 9.84
C ALA A 109 8.21 11.84 9.27
N ILE A 110 7.72 10.78 8.63
CA ILE A 110 6.40 10.82 8.05
C ILE A 110 5.33 10.56 9.11
N SER A 111 5.59 9.69 10.08
CA SER A 111 4.68 9.52 11.20
C SER A 111 4.48 10.84 11.92
N LYS A 112 5.56 11.56 12.12
CA LYS A 112 5.52 12.88 12.76
C LYS A 112 4.73 13.86 11.92
N GLN A 113 4.60 13.52 10.67
CA GLN A 113 4.01 14.36 9.67
C GLN A 113 2.51 14.06 9.56
N VAL A 114 2.18 12.78 9.67
CA VAL A 114 0.83 12.31 9.48
C VAL A 114 0.07 12.22 10.80
N TYR A 115 0.79 11.94 11.87
CA TYR A 115 0.19 11.82 13.21
C TYR A 115 0.56 13.01 14.07
N GLY A 116 1.59 13.72 13.66
CA GLY A 116 2.16 14.76 14.50
C GLY A 116 3.09 14.15 15.54
N ASN A 117 3.17 12.84 15.52
CA ASN A 117 3.96 12.07 16.46
C ASN A 117 4.84 11.07 15.70
N ALA A 118 6.16 11.25 15.79
CA ALA A 118 7.08 10.40 15.05
C ALA A 118 7.14 8.99 15.61
N ASN A 119 6.75 8.86 16.87
CA ASN A 119 6.85 7.60 17.59
C ASN A 119 5.84 6.58 17.07
N LEU A 120 4.92 7.05 16.23
CA LEU A 120 3.88 6.22 15.69
C LEU A 120 4.33 5.57 14.39
N TYR A 121 5.62 5.67 14.12
CA TYR A 121 6.20 5.11 12.92
C TYR A 121 5.96 3.61 12.88
N ASN A 122 5.82 3.02 14.07
CA ASN A 122 5.60 1.59 14.19
C ASN A 122 4.20 1.22 13.70
N LYS A 123 3.20 2.05 14.04
CA LYS A 123 1.83 1.79 13.63
C LYS A 123 1.73 1.76 12.13
N ILE A 124 2.38 2.71 11.49
CA ILE A 124 2.38 2.80 10.05
C ILE A 124 3.16 1.64 9.45
N PHE A 125 4.32 1.34 10.02
CA PHE A 125 5.17 0.27 9.54
C PHE A 125 4.41 -1.05 9.49
N GLU A 126 3.82 -1.43 10.62
CA GLU A 126 3.10 -2.70 10.72
C GLU A 126 1.90 -2.74 9.78
N ALA A 127 1.38 -1.57 9.53
CA ALA A 127 0.22 -1.39 8.67
C ALA A 127 0.60 -1.67 7.23
N ASN A 128 1.83 -1.32 6.90
CA ASN A 128 2.36 -1.54 5.58
C ASN A 128 3.08 -2.88 5.49
N LYS A 129 3.16 -3.57 6.61
CA LYS A 129 3.68 -4.94 6.64
C LYS A 129 2.74 -5.89 5.91
N PRO A 130 3.29 -7.00 5.40
CA PRO A 130 4.73 -7.25 5.37
C PRO A 130 5.39 -6.66 4.12
N MET A 131 4.72 -5.71 3.50
CA MET A 131 5.27 -5.04 2.34
C MET A 131 6.44 -4.16 2.75
N LEU A 132 6.29 -3.42 3.85
CA LEU A 132 7.34 -2.54 4.30
C LEU A 132 8.46 -3.34 4.94
N LYS A 133 9.67 -3.02 4.54
CA LYS A 133 10.86 -3.75 4.98
C LYS A 133 11.22 -3.36 6.41
N SER A 134 11.48 -2.08 6.61
CA SER A 134 11.69 -1.53 7.94
C SER A 134 11.35 -0.05 7.92
N PRO A 135 11.02 0.52 9.07
CA PRO A 135 10.50 1.88 9.18
C PRO A 135 11.35 2.92 8.46
N ASP A 136 12.62 2.96 8.80
CA ASP A 136 13.51 3.95 8.22
C ASP A 136 14.07 3.44 6.91
N LYS A 137 13.57 2.29 6.49
CA LYS A 137 13.94 1.69 5.22
C LYS A 137 12.89 1.93 4.16
N ILE A 138 12.01 2.91 4.39
CA ILE A 138 11.08 3.34 3.35
C ILE A 138 11.85 3.86 2.14
N TYR A 139 11.12 4.11 1.09
CA TYR A 139 11.70 4.63 -0.14
C TYR A 139 10.84 5.74 -0.70
N PRO A 140 11.50 6.77 -1.24
CA PRO A 140 10.83 7.96 -1.78
C PRO A 140 9.70 7.62 -2.73
N GLY A 141 8.48 7.81 -2.25
CA GLY A 141 7.32 7.45 -3.02
C GLY A 141 6.57 6.29 -2.41
N GLN A 142 6.70 6.08 -1.11
CA GLN A 142 6.03 4.95 -0.50
C GLN A 142 4.73 5.38 0.12
N VAL A 143 3.65 5.22 -0.61
CA VAL A 143 2.34 5.56 -0.09
C VAL A 143 1.94 4.56 0.99
N LEU A 144 2.35 4.92 2.18
CA LEU A 144 2.19 4.11 3.37
C LEU A 144 0.77 4.18 3.87
N ARG A 145 0.23 3.02 4.20
CA ARG A 145 -1.05 2.95 4.88
C ARG A 145 -0.93 3.61 6.24
N ILE A 146 -1.53 4.77 6.38
CA ILE A 146 -1.50 5.53 7.62
C ILE A 146 -2.76 5.27 8.41
N PRO A 147 -2.69 4.37 9.40
CA PRO A 147 -3.82 4.04 10.25
C PRO A 147 -4.40 5.26 10.94
N GLU A 148 -5.55 5.08 11.54
CA GLU A 148 -6.24 6.16 12.20
C GLU A 148 -5.46 6.64 13.41
N GLU A 149 -5.46 7.95 13.61
CA GLU A 149 -4.72 8.57 14.69
C GLU A 149 -5.50 8.47 16.00
N LEU A 150 -5.21 7.42 16.76
CA LEU A 150 -5.81 7.22 18.07
C LEU A 150 -4.80 7.50 19.17
N GLU A 151 -4.68 8.76 19.55
CA GLU A 151 -3.83 9.12 20.68
C GLU A 151 -4.68 9.24 21.94
N HIS A 152 -4.54 8.26 22.82
CA HIS A 152 -5.29 8.25 24.06
C HIS A 152 -4.56 9.08 25.11
N HIS A 153 -4.53 10.39 24.89
CA HIS A 153 -3.77 11.31 25.74
C HIS A 153 -2.29 10.98 25.69
N HIS A 154 -1.80 10.67 24.49
CA HIS A 154 -0.41 10.30 24.30
C HIS A 154 0.41 11.52 23.93
N HIS A 155 1.60 11.63 24.49
CA HIS A 155 2.48 12.75 24.22
C HIS A 155 3.72 12.28 23.50
N HIS A 156 4.19 13.08 22.55
CA HIS A 156 5.39 12.75 21.80
C HIS A 156 6.58 13.55 22.30
N HIS A 157 6.34 14.34 23.32
CA HIS A 157 7.41 15.08 23.97
C HIS A 157 7.65 14.51 25.35
K K B . 3.39 3.03 -7.48
N MET A 1 -14.00 2.13 -2.02
CA MET A 1 -14.90 2.67 -3.06
C MET A 1 -14.30 3.93 -3.70
N GLY A 2 -13.31 3.75 -4.55
CA GLY A 2 -12.66 4.86 -5.18
C GLY A 2 -11.27 4.51 -5.68
N LEU A 3 -10.60 5.46 -6.30
CA LEU A 3 -9.26 5.25 -6.82
C LEU A 3 -8.22 5.74 -5.82
N PHE A 4 -7.16 4.98 -5.69
CA PHE A 4 -6.08 5.34 -4.79
C PHE A 4 -4.83 5.62 -5.62
N ASN A 5 -4.30 6.83 -5.51
CA ASN A 5 -3.18 7.25 -6.35
C ASN A 5 -1.85 6.99 -5.68
N PHE A 6 -0.92 6.48 -6.47
CA PHE A 6 0.43 6.16 -6.02
C PHE A 6 1.45 6.80 -6.96
N VAL A 7 2.73 6.65 -6.62
CA VAL A 7 3.81 7.08 -7.50
C VAL A 7 4.39 5.87 -8.20
N LYS A 8 4.20 5.81 -9.52
CA LYS A 8 4.53 4.62 -10.29
C LYS A 8 6.00 4.25 -10.25
N ASP A 9 6.87 5.26 -10.32
CA ASP A 9 8.31 5.03 -10.34
C ASP A 9 8.78 4.39 -9.04
N ALA A 10 7.93 4.41 -8.04
CA ALA A 10 8.29 3.94 -6.72
C ALA A 10 7.70 2.57 -6.43
N GLY A 11 8.49 1.71 -5.82
CA GLY A 11 7.99 0.41 -5.43
C GLY A 11 8.77 -0.74 -6.05
N GLU A 12 8.17 -1.92 -6.02
CA GLU A 12 8.78 -3.11 -6.55
C GLU A 12 8.99 -3.00 -8.06
N LYS A 13 10.19 -3.29 -8.52
CA LYS A 13 10.44 -3.36 -9.95
C LYS A 13 9.99 -4.72 -10.45
N LEU A 14 8.72 -4.89 -10.26
CA LEU A 14 8.03 -6.12 -10.42
C LEU A 14 7.99 -6.61 -11.86
N TRP A 15 8.26 -5.68 -12.77
CA TRP A 15 8.31 -5.98 -14.18
C TRP A 15 9.36 -5.11 -14.84
N ASP A 16 10.50 -5.01 -14.15
CA ASP A 16 11.65 -4.21 -14.59
C ASP A 16 11.29 -2.72 -14.66
N ALA A 17 10.07 -2.40 -14.23
CA ALA A 17 9.54 -1.04 -14.29
C ALA A 17 9.43 -0.55 -15.72
N VAL A 18 9.53 -1.49 -16.64
CA VAL A 18 9.51 -1.19 -18.06
C VAL A 18 8.05 -1.15 -18.58
N THR A 19 7.21 -0.47 -17.81
CA THR A 19 5.78 -0.29 -18.11
C THR A 19 5.09 -1.62 -18.44
N GLY A 20 5.54 -2.69 -17.82
CA GLY A 20 4.95 -3.99 -18.06
C GLY A 20 5.94 -4.95 -18.67
N GLN A 21 5.72 -6.24 -18.47
CA GLN A 21 6.63 -7.24 -18.97
C GLN A 21 6.19 -7.75 -20.34
N HIS A 22 6.00 -6.81 -21.28
CA HIS A 22 5.69 -7.11 -22.68
C HIS A 22 4.25 -7.60 -22.88
N ASP A 23 3.66 -8.21 -21.87
CA ASP A 23 2.36 -8.82 -22.00
C ASP A 23 1.26 -7.93 -21.43
N LYS A 24 1.64 -7.08 -20.47
CA LYS A 24 0.76 -6.04 -19.91
C LYS A 24 -0.23 -6.63 -18.91
N ASP A 25 -1.07 -7.55 -19.34
CA ASP A 25 -2.03 -8.16 -18.43
C ASP A 25 -1.33 -9.20 -17.56
N ASP A 26 -0.03 -9.37 -17.81
CA ASP A 26 0.80 -10.21 -16.96
C ASP A 26 1.25 -9.41 -15.74
N GLN A 27 1.19 -8.08 -15.87
CA GLN A 27 1.50 -7.17 -14.78
C GLN A 27 0.60 -7.47 -13.60
N ALA A 28 -0.66 -7.71 -13.89
CA ALA A 28 -1.60 -8.09 -12.86
C ALA A 28 -1.09 -9.31 -12.12
N LYS A 29 -0.77 -10.35 -12.88
CA LYS A 29 -0.25 -11.58 -12.33
C LYS A 29 0.98 -11.30 -11.46
N LYS A 30 1.88 -10.46 -11.97
CA LYS A 30 3.08 -10.05 -11.24
C LYS A 30 2.74 -9.55 -9.85
N VAL A 31 1.65 -8.83 -9.76
CA VAL A 31 1.23 -8.25 -8.51
C VAL A 31 0.70 -9.32 -7.58
N GLN A 32 -0.08 -10.27 -8.11
CA GLN A 32 -0.47 -11.42 -7.31
C GLN A 32 0.75 -12.17 -6.82
N GLU A 33 1.74 -12.35 -7.69
CA GLU A 33 3.00 -12.95 -7.29
C GLU A 33 3.59 -12.14 -6.16
N HIS A 34 3.74 -10.85 -6.41
CA HIS A 34 4.33 -9.91 -5.47
C HIS A 34 3.64 -9.95 -4.11
N LEU A 35 2.31 -10.01 -4.11
CA LEU A 35 1.55 -10.05 -2.88
C LEU A 35 1.83 -11.34 -2.11
N ASN A 36 1.95 -12.44 -2.84
CA ASN A 36 2.29 -13.72 -2.23
C ASN A 36 3.76 -13.73 -1.82
N LYS A 37 4.60 -13.01 -2.57
CA LYS A 37 6.00 -12.81 -2.25
C LYS A 37 6.15 -12.15 -0.90
N THR A 38 5.58 -10.95 -0.82
CA THR A 38 5.63 -10.14 0.38
C THR A 38 4.90 -10.82 1.54
N GLY A 39 3.84 -11.55 1.21
CA GLY A 39 3.08 -12.25 2.21
C GLY A 39 1.89 -11.46 2.67
N ILE A 40 1.40 -10.57 1.80
CA ILE A 40 0.26 -9.73 2.11
C ILE A 40 -0.94 -10.59 2.51
N PRO A 41 -1.46 -10.42 3.73
CA PRO A 41 -2.60 -11.20 4.19
C PRO A 41 -3.87 -10.86 3.46
N ASP A 42 -4.60 -11.90 3.14
CA ASP A 42 -5.84 -11.82 2.37
C ASP A 42 -5.61 -11.24 0.98
N ALA A 43 -4.38 -11.32 0.48
CA ALA A 43 -4.10 -10.91 -0.90
C ALA A 43 -4.50 -12.03 -1.83
N ASP A 44 -4.76 -13.18 -1.24
CA ASP A 44 -5.30 -14.32 -1.96
C ASP A 44 -6.80 -14.14 -2.14
N LYS A 45 -7.38 -13.24 -1.34
CA LYS A 45 -8.82 -13.00 -1.39
C LYS A 45 -9.15 -11.92 -2.42
N VAL A 46 -8.11 -11.38 -3.05
CA VAL A 46 -8.29 -10.29 -3.99
C VAL A 46 -7.84 -10.65 -5.39
N ASN A 47 -8.08 -9.72 -6.31
CA ASN A 47 -7.77 -9.90 -7.71
C ASN A 47 -7.27 -8.58 -8.31
N ILE A 48 -6.08 -8.59 -8.88
CA ILE A 48 -5.50 -7.40 -9.46
C ILE A 48 -5.67 -7.34 -10.98
N GLN A 49 -5.87 -6.13 -11.47
CA GLN A 49 -5.91 -5.85 -12.89
C GLN A 49 -5.02 -4.67 -13.19
N ILE A 50 -4.45 -4.65 -14.38
CA ILE A 50 -3.51 -3.62 -14.74
C ILE A 50 -3.79 -3.08 -16.13
N ALA A 51 -3.65 -1.79 -16.27
CA ALA A 51 -3.80 -1.14 -17.55
C ALA A 51 -2.48 -0.52 -17.98
N ASP A 52 -2.19 0.64 -17.42
CA ASP A 52 -0.90 1.29 -17.58
C ASP A 52 -0.76 2.40 -16.57
N GLY A 53 0.05 2.14 -15.57
CA GLY A 53 0.10 3.00 -14.41
C GLY A 53 -1.13 2.83 -13.53
N LYS A 54 -2.18 2.30 -14.12
CA LYS A 54 -3.42 2.06 -13.44
C LYS A 54 -3.57 0.58 -13.10
N ALA A 55 -3.80 0.31 -11.85
CA ALA A 55 -4.12 -1.04 -11.40
C ALA A 55 -5.51 -1.04 -10.81
N THR A 56 -6.24 -2.10 -11.00
CA THR A 56 -7.52 -2.26 -10.33
C THR A 56 -7.43 -3.43 -9.37
N VAL A 57 -7.94 -3.25 -8.17
CA VAL A 57 -8.00 -4.31 -7.23
C VAL A 57 -9.43 -4.72 -7.02
N THR A 58 -9.65 -5.99 -6.84
CA THR A 58 -10.96 -6.49 -6.50
C THR A 58 -10.81 -7.51 -5.39
N GLY A 59 -11.90 -7.84 -4.74
CA GLY A 59 -11.86 -8.88 -3.75
C GLY A 59 -13.19 -9.00 -3.08
N ASP A 60 -13.32 -9.95 -2.17
CA ASP A 60 -14.56 -10.12 -1.46
C ASP A 60 -14.36 -10.88 -0.19
N GLY A 61 -15.04 -10.41 0.84
CA GLY A 61 -15.11 -11.13 2.07
C GLY A 61 -13.98 -10.78 3.01
N LEU A 62 -13.17 -9.82 2.64
CA LEU A 62 -12.07 -9.43 3.51
C LEU A 62 -12.43 -8.20 4.31
N SER A 63 -11.49 -7.76 5.11
CA SER A 63 -11.70 -6.63 5.98
C SER A 63 -11.26 -5.33 5.30
N GLN A 64 -11.57 -4.21 5.92
CA GLN A 64 -11.21 -2.92 5.37
C GLN A 64 -9.68 -2.75 5.41
N GLU A 65 -9.09 -3.06 6.57
CA GLU A 65 -7.64 -2.98 6.73
C GLU A 65 -6.94 -3.89 5.72
N ALA A 66 -7.54 -5.04 5.44
CA ALA A 66 -7.00 -5.95 4.44
C ALA A 66 -7.06 -5.31 3.07
N LYS A 67 -8.24 -4.77 2.71
CA LYS A 67 -8.41 -4.06 1.45
C LYS A 67 -7.28 -3.06 1.25
N GLU A 68 -7.00 -2.25 2.27
CA GLU A 68 -5.94 -1.26 2.21
C GLU A 68 -4.59 -1.96 2.06
N LYS A 69 -4.36 -2.98 2.87
CA LYS A 69 -3.11 -3.73 2.83
C LYS A 69 -2.82 -4.25 1.43
N ILE A 70 -3.85 -4.73 0.74
CA ILE A 70 -3.72 -5.11 -0.66
C ILE A 70 -3.53 -3.88 -1.54
N LEU A 71 -4.41 -2.88 -1.38
CA LEU A 71 -4.34 -1.61 -2.16
C LEU A 71 -2.91 -1.10 -2.26
N VAL A 72 -2.25 -0.96 -1.14
CA VAL A 72 -0.94 -0.36 -1.08
C VAL A 72 0.10 -1.25 -1.73
N ALA A 73 0.04 -2.52 -1.43
CA ALA A 73 1.00 -3.48 -1.97
C ALA A 73 0.87 -3.59 -3.49
N VAL A 74 -0.36 -3.49 -3.97
CA VAL A 74 -0.65 -3.44 -5.41
C VAL A 74 -0.27 -2.08 -5.99
N GLY A 75 -0.42 -1.06 -5.19
CA GLY A 75 -0.13 0.28 -5.63
C GLY A 75 1.34 0.57 -5.72
N ASN A 76 2.11 0.07 -4.75
CA ASN A 76 3.52 0.36 -4.66
C ASN A 76 4.35 -0.54 -5.57
N ILE A 77 3.95 -0.64 -6.82
CA ILE A 77 4.74 -1.30 -7.84
C ILE A 77 5.45 -0.24 -8.67
N SER A 78 6.65 -0.52 -9.12
CA SER A 78 7.34 0.38 -10.02
C SER A 78 6.73 0.22 -11.41
N GLY A 79 5.69 1.00 -11.63
CA GLY A 79 4.87 0.87 -12.81
C GLY A 79 3.44 1.25 -12.51
N ILE A 80 3.05 1.06 -11.26
CA ILE A 80 1.69 1.35 -10.83
C ILE A 80 1.63 2.67 -10.08
N ALA A 81 0.75 3.54 -10.55
CA ALA A 81 0.56 4.84 -9.95
C ALA A 81 -0.87 5.02 -9.47
N SER A 82 -1.66 3.96 -9.58
CA SER A 82 -3.02 4.04 -9.11
C SER A 82 -3.62 2.66 -8.91
N VAL A 83 -4.49 2.54 -7.93
CA VAL A 83 -5.21 1.29 -7.68
C VAL A 83 -6.70 1.58 -7.51
N ASP A 84 -7.51 0.98 -8.37
CA ASP A 84 -8.95 1.14 -8.30
C ASP A 84 -9.53 0.13 -7.33
N ASP A 85 -9.99 0.60 -6.18
CA ASP A 85 -10.50 -0.29 -5.16
C ASP A 85 -11.85 -0.86 -5.54
N GLN A 86 -11.83 -2.13 -5.92
CA GLN A 86 -13.06 -2.88 -6.16
C GLN A 86 -13.16 -4.03 -5.18
N VAL A 87 -12.46 -3.92 -4.05
CA VAL A 87 -12.47 -4.96 -3.04
C VAL A 87 -13.71 -4.85 -2.18
N LYS A 88 -14.34 -5.99 -1.94
CA LYS A 88 -15.55 -6.06 -1.18
C LYS A 88 -15.24 -6.59 0.22
N THR A 89 -15.81 -5.93 1.21
CA THR A 89 -15.49 -6.22 2.59
C THR A 89 -16.64 -6.94 3.30
N ALA A 90 -16.28 -7.88 4.16
CA ALA A 90 -17.25 -8.61 4.95
C ALA A 90 -17.24 -8.15 6.39
N THR A 91 -16.05 -7.98 6.95
CA THR A 91 -15.92 -7.67 8.36
C THR A 91 -15.58 -6.21 8.58
N PRO A 92 -16.00 -5.69 9.74
CA PRO A 92 -15.71 -4.32 10.18
C PRO A 92 -14.28 -4.19 10.68
N ALA A 93 -13.51 -3.31 10.05
CA ALA A 93 -12.13 -3.11 10.45
C ALA A 93 -11.79 -1.63 10.45
N THR A 94 -10.53 -1.34 10.75
CA THR A 94 -10.05 0.03 10.77
C THR A 94 -9.96 0.61 9.36
N ALA A 95 -10.11 1.91 9.27
CA ALA A 95 -9.89 2.63 8.03
C ALA A 95 -8.74 3.61 8.24
N SER A 96 -7.81 3.60 7.31
CA SER A 96 -6.57 4.32 7.51
C SER A 96 -6.42 5.48 6.53
N GLN A 97 -5.51 6.37 6.88
CA GLN A 97 -5.07 7.44 6.02
C GLN A 97 -3.95 6.91 5.14
N PHE A 98 -3.78 7.53 4.00
CA PHE A 98 -2.75 7.13 3.07
C PHE A 98 -1.79 8.28 2.84
N TYR A 99 -0.56 8.12 3.31
CA TYR A 99 0.46 9.13 3.16
C TYR A 99 1.53 8.67 2.19
N THR A 100 1.84 9.48 1.20
CA THR A 100 2.88 9.14 0.25
C THR A 100 4.23 9.71 0.69
N VAL A 101 5.18 8.82 0.85
CA VAL A 101 6.55 9.20 1.20
C VAL A 101 7.11 10.15 0.15
N LYS A 102 7.73 11.22 0.61
CA LYS A 102 8.10 12.33 -0.26
C LYS A 102 9.52 12.22 -0.78
N SER A 103 10.49 12.21 0.11
CA SER A 103 11.88 12.17 -0.29
C SER A 103 12.73 11.43 0.74
N GLY A 104 13.56 12.15 1.47
CA GLY A 104 14.41 11.53 2.48
C GLY A 104 13.69 11.37 3.79
N ASP A 105 12.48 10.86 3.72
CA ASP A 105 11.63 10.70 4.88
C ASP A 105 11.82 9.33 5.52
N THR A 106 11.62 9.27 6.82
CA THR A 106 11.46 8.01 7.54
C THR A 106 10.01 7.94 7.99
N LEU A 107 9.48 6.79 8.35
CA LEU A 107 8.09 6.78 8.81
C LEU A 107 7.96 7.52 10.12
N SER A 108 9.07 7.78 10.80
CA SER A 108 9.07 8.67 11.96
C SER A 108 8.79 10.09 11.49
N ALA A 109 9.56 10.53 10.51
CA ALA A 109 9.38 11.85 9.94
C ALA A 109 7.97 12.03 9.39
N ILE A 110 7.39 10.95 8.86
CA ILE A 110 6.07 11.02 8.29
C ILE A 110 5.01 10.79 9.35
N SER A 111 5.30 9.95 10.35
CA SER A 111 4.43 9.82 11.51
C SER A 111 4.29 11.18 12.20
N LYS A 112 5.39 11.93 12.20
CA LYS A 112 5.40 13.26 12.76
C LYS A 112 4.42 14.18 12.04
N GLN A 113 4.16 13.86 10.79
CA GLN A 113 3.16 14.59 9.99
C GLN A 113 1.78 14.07 10.34
N VAL A 114 1.58 12.82 9.98
CA VAL A 114 0.29 12.19 9.92
C VAL A 114 -0.32 11.99 11.30
N TYR A 115 0.52 11.78 12.29
CA TYR A 115 0.06 11.56 13.65
C TYR A 115 0.35 12.78 14.51
N GLY A 116 1.27 13.60 14.04
CA GLY A 116 1.74 14.73 14.83
C GLY A 116 2.82 14.31 15.80
N ASN A 117 3.14 13.03 15.77
CA ASN A 117 4.16 12.47 16.65
C ASN A 117 4.96 11.42 15.88
N ALA A 118 6.26 11.64 15.79
CA ALA A 118 7.14 10.78 14.99
C ALA A 118 7.26 9.39 15.60
N ASN A 119 7.01 9.29 16.89
CA ASN A 119 7.22 8.04 17.62
C ASN A 119 6.11 7.03 17.37
N LEU A 120 5.28 7.29 16.38
CA LEU A 120 4.20 6.39 16.01
C LEU A 120 4.50 5.74 14.67
N TYR A 121 5.77 5.81 14.29
CA TYR A 121 6.23 5.28 13.01
C TYR A 121 6.06 3.76 12.95
N ASN A 122 6.11 3.12 14.11
CA ASN A 122 5.95 1.68 14.18
C ASN A 122 4.51 1.30 13.85
N LYS A 123 3.56 2.10 14.33
CA LYS A 123 2.16 1.87 14.02
C LYS A 123 1.94 1.94 12.51
N ILE A 124 2.76 2.74 11.85
CA ILE A 124 2.76 2.80 10.40
C ILE A 124 3.46 1.57 9.84
N PHE A 125 4.71 1.34 10.24
CA PHE A 125 5.46 0.17 9.80
C PHE A 125 4.62 -1.10 9.82
N GLU A 126 4.08 -1.45 10.99
CA GLU A 126 3.34 -2.71 11.15
C GLU A 126 2.06 -2.73 10.31
N ALA A 127 1.72 -1.57 9.81
CA ALA A 127 0.51 -1.40 9.01
C ALA A 127 0.86 -1.43 7.54
N ASN A 128 2.09 -1.05 7.24
CA ASN A 128 2.58 -1.07 5.88
C ASN A 128 3.05 -2.48 5.58
N LYS A 129 3.20 -3.25 6.66
CA LYS A 129 3.49 -4.67 6.59
C LYS A 129 2.41 -5.41 5.82
N PRO A 130 2.77 -6.54 5.21
CA PRO A 130 4.15 -7.00 5.12
C PRO A 130 4.84 -6.46 3.88
N MET A 131 4.19 -5.51 3.23
CA MET A 131 4.75 -4.85 2.06
C MET A 131 6.03 -4.12 2.42
N LEU A 132 5.98 -3.37 3.52
CA LEU A 132 7.10 -2.55 3.92
C LEU A 132 8.22 -3.42 4.48
N LYS A 133 9.39 -3.24 3.88
CA LYS A 133 10.57 -4.03 4.22
C LYS A 133 11.10 -3.68 5.61
N SER A 134 11.23 -2.40 5.88
CA SER A 134 11.61 -1.94 7.20
C SER A 134 11.20 -0.50 7.38
N PRO A 135 11.19 -0.03 8.62
CA PRO A 135 10.86 1.35 8.95
C PRO A 135 11.87 2.30 8.34
N ASP A 136 13.04 1.75 8.02
CA ASP A 136 14.11 2.54 7.42
C ASP A 136 14.07 2.44 5.90
N LYS A 137 13.48 1.37 5.41
CA LYS A 137 13.48 1.08 3.97
C LYS A 137 12.24 1.59 3.25
N ILE A 138 11.65 2.67 3.73
CA ILE A 138 10.64 3.35 2.94
C ILE A 138 11.30 4.14 1.83
N TYR A 139 10.50 4.59 0.89
CA TYR A 139 11.03 5.24 -0.30
C TYR A 139 10.05 6.25 -0.87
N PRO A 140 10.59 7.30 -1.49
CA PRO A 140 9.81 8.37 -2.11
C PRO A 140 8.84 7.82 -3.15
N GLY A 141 7.55 8.00 -2.90
CA GLY A 141 6.54 7.46 -3.78
C GLY A 141 5.80 6.30 -3.16
N GLN A 142 6.19 5.95 -1.94
CA GLN A 142 5.58 4.84 -1.24
C GLN A 142 4.44 5.33 -0.41
N VAL A 143 3.24 5.01 -0.82
CA VAL A 143 2.09 5.28 0.00
C VAL A 143 2.13 4.39 1.22
N LEU A 144 2.12 5.00 2.38
CA LEU A 144 2.16 4.30 3.64
C LEU A 144 0.77 4.26 4.26
N ARG A 145 0.42 3.10 4.80
CA ARG A 145 -0.84 2.95 5.52
C ARG A 145 -0.75 3.67 6.86
N ILE A 146 -1.56 4.69 7.03
CA ILE A 146 -1.60 5.44 8.26
C ILE A 146 -2.88 5.12 9.02
N PRO A 147 -2.83 4.12 9.89
CA PRO A 147 -3.99 3.71 10.67
C PRO A 147 -4.54 4.84 11.53
N GLU A 148 -5.72 4.61 12.05
CA GLU A 148 -6.40 5.61 12.83
C GLU A 148 -5.81 5.67 14.23
N GLU A 149 -5.36 6.85 14.61
CA GLU A 149 -4.72 7.06 15.90
C GLU A 149 -5.78 7.17 17.00
N LEU A 150 -6.65 6.18 17.06
CA LEU A 150 -7.67 6.10 18.08
C LEU A 150 -7.15 5.32 19.27
N GLU A 151 -5.88 5.54 19.57
CA GLU A 151 -5.20 4.82 20.63
C GLU A 151 -4.71 5.81 21.67
N HIS A 152 -4.84 5.44 22.93
CA HIS A 152 -4.47 6.34 24.02
C HIS A 152 -3.17 5.86 24.66
N HIS A 153 -2.08 6.01 23.94
CA HIS A 153 -0.77 5.68 24.45
C HIS A 153 0.11 6.93 24.45
N HIS A 154 0.78 7.17 25.57
CA HIS A 154 1.68 8.32 25.69
C HIS A 154 3.03 8.00 25.07
N HIS A 155 3.00 7.47 23.86
CA HIS A 155 4.19 6.98 23.18
C HIS A 155 4.94 8.11 22.49
N HIS A 156 5.33 9.09 23.27
CA HIS A 156 6.07 10.25 22.76
C HIS A 156 7.15 10.65 23.74
N HIS A 157 7.51 9.71 24.61
CA HIS A 157 8.52 9.95 25.62
C HIS A 157 9.48 8.78 25.67
K K B . 3.96 2.70 -6.93
N MET A 1 -16.15 5.27 -7.94
CA MET A 1 -15.23 6.41 -7.73
C MET A 1 -14.40 6.20 -6.48
N GLY A 2 -13.64 5.12 -6.46
CA GLY A 2 -12.78 4.83 -5.34
C GLY A 2 -11.37 4.54 -5.79
N LEU A 3 -10.71 5.56 -6.31
CA LEU A 3 -9.38 5.39 -6.84
C LEU A 3 -8.35 5.99 -5.91
N PHE A 4 -7.25 5.29 -5.74
CA PHE A 4 -6.16 5.75 -4.90
C PHE A 4 -4.97 6.09 -5.78
N ASN A 5 -4.26 7.16 -5.43
CA ASN A 5 -3.16 7.64 -6.26
C ASN A 5 -1.81 7.28 -5.66
N PHE A 6 -0.95 6.72 -6.49
CA PHE A 6 0.39 6.32 -6.08
C PHE A 6 1.43 6.97 -7.00
N VAL A 7 2.70 6.81 -6.66
CA VAL A 7 3.79 7.20 -7.54
C VAL A 7 4.33 5.94 -8.21
N LYS A 8 4.20 5.85 -9.53
CA LYS A 8 4.53 4.62 -10.23
C LYS A 8 6.02 4.32 -10.19
N ASP A 9 6.83 5.36 -10.27
CA ASP A 9 8.28 5.19 -10.28
C ASP A 9 8.79 4.79 -8.89
N ALA A 10 7.87 4.60 -7.96
CA ALA A 10 8.22 4.22 -6.62
C ALA A 10 7.50 2.93 -6.25
N GLY A 11 8.18 2.06 -5.50
CA GLY A 11 7.55 0.83 -5.07
C GLY A 11 8.38 -0.38 -5.40
N GLU A 12 7.78 -1.56 -5.26
CA GLU A 12 8.46 -2.80 -5.60
C GLU A 12 8.85 -2.78 -7.06
N LYS A 13 10.11 -3.05 -7.35
CA LYS A 13 10.54 -3.18 -8.73
C LYS A 13 10.16 -4.54 -9.24
N LEU A 14 8.86 -4.71 -9.24
CA LEU A 14 8.19 -5.94 -9.53
C LEU A 14 8.46 -6.38 -10.95
N TRP A 15 8.49 -5.41 -11.85
CA TRP A 15 8.72 -5.69 -13.25
C TRP A 15 9.62 -4.64 -13.89
N ASP A 16 10.16 -3.74 -13.06
CA ASP A 16 10.90 -2.58 -13.55
C ASP A 16 10.00 -1.70 -14.42
N ALA A 17 9.64 -0.54 -13.93
CA ALA A 17 8.73 0.35 -14.65
C ALA A 17 9.42 0.99 -15.83
N VAL A 18 9.62 0.20 -16.85
CA VAL A 18 10.31 0.64 -18.04
C VAL A 18 9.36 0.64 -19.23
N THR A 19 8.94 -0.55 -19.65
CA THR A 19 8.01 -0.67 -20.76
C THR A 19 6.68 -1.24 -20.29
N GLY A 20 6.69 -1.91 -19.13
CA GLY A 20 5.47 -2.49 -18.60
C GLY A 20 5.52 -4.00 -18.62
N GLN A 21 6.74 -4.54 -18.57
CA GLN A 21 6.98 -5.98 -18.53
C GLN A 21 6.62 -6.63 -19.87
N HIS A 22 5.34 -6.82 -20.10
CA HIS A 22 4.87 -7.51 -21.28
C HIS A 22 3.47 -7.05 -21.64
N ASP A 23 2.53 -7.41 -20.80
CA ASP A 23 1.13 -7.06 -21.02
C ASP A 23 0.48 -6.64 -19.71
N LYS A 24 -0.76 -6.18 -19.80
CA LYS A 24 -1.50 -5.72 -18.64
C LYS A 24 -1.68 -6.83 -17.61
N ASP A 25 -2.16 -7.98 -18.08
CA ASP A 25 -2.43 -9.11 -17.19
C ASP A 25 -1.13 -9.68 -16.63
N ASP A 26 -0.01 -9.41 -17.30
CA ASP A 26 1.29 -9.83 -16.80
C ASP A 26 1.69 -9.00 -15.60
N GLN A 27 1.35 -7.72 -15.65
CA GLN A 27 1.61 -6.83 -14.53
C GLN A 27 0.73 -7.20 -13.35
N ALA A 28 -0.56 -7.44 -13.63
CA ALA A 28 -1.48 -7.90 -12.58
C ALA A 28 -1.02 -9.23 -12.00
N LYS A 29 -0.41 -10.05 -12.84
CA LYS A 29 0.14 -11.32 -12.42
C LYS A 29 1.29 -11.11 -11.45
N LYS A 30 2.19 -10.20 -11.78
CA LYS A 30 3.31 -9.87 -10.94
C LYS A 30 2.84 -9.37 -9.59
N VAL A 31 1.78 -8.59 -9.61
CA VAL A 31 1.24 -8.05 -8.39
C VAL A 31 0.65 -9.16 -7.52
N GLN A 32 0.02 -10.13 -8.15
CA GLN A 32 -0.45 -11.32 -7.43
C GLN A 32 0.73 -12.06 -6.82
N GLU A 33 1.78 -12.28 -7.60
CA GLU A 33 3.00 -12.88 -7.09
C GLU A 33 3.51 -12.08 -5.91
N HIS A 34 3.62 -10.78 -6.14
CA HIS A 34 4.09 -9.83 -5.16
C HIS A 34 3.33 -9.94 -3.85
N LEU A 35 2.01 -9.94 -3.92
CA LEU A 35 1.15 -10.12 -2.76
C LEU A 35 1.45 -11.43 -2.05
N ASN A 36 1.56 -12.50 -2.81
CA ASN A 36 1.80 -13.83 -2.26
C ASN A 36 3.21 -13.93 -1.68
N LYS A 37 4.15 -13.21 -2.27
CA LYS A 37 5.52 -13.15 -1.80
C LYS A 37 5.61 -12.39 -0.49
N THR A 38 5.12 -11.16 -0.50
CA THR A 38 5.14 -10.30 0.68
C THR A 38 4.41 -10.94 1.85
N GLY A 39 3.38 -11.72 1.52
CA GLY A 39 2.62 -12.41 2.54
C GLY A 39 1.48 -11.57 3.05
N ILE A 40 1.01 -10.66 2.21
CA ILE A 40 -0.11 -9.81 2.54
C ILE A 40 -1.32 -10.68 2.89
N PRO A 41 -1.99 -10.40 4.01
CA PRO A 41 -3.19 -11.13 4.39
C PRO A 41 -4.33 -10.88 3.43
N ASP A 42 -5.03 -11.97 3.11
CA ASP A 42 -6.12 -11.97 2.12
C ASP A 42 -5.66 -11.49 0.75
N ALA A 43 -4.36 -11.56 0.50
CA ALA A 43 -3.79 -11.14 -0.77
C ALA A 43 -4.18 -12.09 -1.89
N ASP A 44 -4.57 -13.28 -1.50
CA ASP A 44 -5.02 -14.28 -2.45
C ASP A 44 -6.53 -14.16 -2.65
N LYS A 45 -7.20 -13.44 -1.76
CA LYS A 45 -8.65 -13.33 -1.80
C LYS A 45 -9.08 -12.22 -2.73
N VAL A 46 -8.09 -11.58 -3.34
CA VAL A 46 -8.34 -10.46 -4.23
C VAL A 46 -7.93 -10.79 -5.66
N ASN A 47 -8.14 -9.83 -6.54
CA ASN A 47 -7.79 -9.95 -7.94
C ASN A 47 -7.29 -8.61 -8.44
N ILE A 48 -6.21 -8.64 -9.18
CA ILE A 48 -5.59 -7.43 -9.67
C ILE A 48 -5.77 -7.25 -11.17
N GLN A 49 -5.90 -6.00 -11.58
CA GLN A 49 -5.87 -5.62 -12.96
C GLN A 49 -4.97 -4.42 -13.13
N ILE A 50 -4.20 -4.40 -14.19
CA ILE A 50 -3.25 -3.35 -14.39
C ILE A 50 -3.37 -2.73 -15.76
N ALA A 51 -3.48 -1.42 -15.76
CA ALA A 51 -3.52 -0.65 -16.99
C ALA A 51 -2.34 0.30 -17.04
N ASP A 52 -1.19 -0.23 -17.47
CA ASP A 52 0.06 0.53 -17.50
C ASP A 52 0.55 0.82 -16.08
N GLY A 53 -0.11 1.78 -15.43
CA GLY A 53 0.19 2.08 -14.05
C GLY A 53 -1.08 2.23 -13.24
N LYS A 54 -2.21 2.16 -13.91
CA LYS A 54 -3.49 2.24 -13.25
C LYS A 54 -3.94 0.84 -12.86
N ALA A 55 -3.82 0.54 -11.58
CA ALA A 55 -4.18 -0.78 -11.09
C ALA A 55 -5.62 -0.80 -10.62
N THR A 56 -6.20 -1.99 -10.60
CA THR A 56 -7.48 -2.20 -9.99
C THR A 56 -7.40 -3.38 -9.04
N VAL A 57 -7.95 -3.24 -7.86
CA VAL A 57 -8.08 -4.35 -6.96
C VAL A 57 -9.52 -4.76 -6.91
N THR A 58 -9.72 -6.04 -6.83
CA THR A 58 -11.04 -6.56 -6.64
C THR A 58 -10.95 -7.72 -5.67
N GLY A 59 -12.08 -8.14 -5.17
CA GLY A 59 -12.10 -9.30 -4.30
C GLY A 59 -13.28 -9.26 -3.38
N ASP A 60 -13.36 -10.21 -2.46
CA ASP A 60 -14.45 -10.27 -1.51
C ASP A 60 -14.11 -11.17 -0.36
N GLY A 61 -14.66 -10.81 0.78
CA GLY A 61 -14.58 -11.67 1.93
C GLY A 61 -13.43 -11.33 2.83
N LEU A 62 -12.85 -10.15 2.64
CA LEU A 62 -11.77 -9.70 3.50
C LEU A 62 -12.29 -8.74 4.55
N SER A 63 -11.36 -8.05 5.14
CA SER A 63 -11.65 -6.97 6.06
C SER A 63 -10.93 -5.73 5.54
N GLN A 64 -11.39 -4.54 5.88
CA GLN A 64 -10.87 -3.35 5.25
C GLN A 64 -9.36 -3.22 5.49
N GLU A 65 -8.91 -3.54 6.70
CA GLU A 65 -7.50 -3.48 7.05
C GLU A 65 -6.67 -4.35 6.12
N ALA A 66 -7.24 -5.51 5.76
CA ALA A 66 -6.59 -6.40 4.82
C ALA A 66 -6.68 -5.82 3.43
N LYS A 67 -7.84 -5.27 3.10
CA LYS A 67 -8.07 -4.71 1.77
C LYS A 67 -7.03 -3.67 1.43
N GLU A 68 -6.79 -2.74 2.34
CA GLU A 68 -5.86 -1.65 2.09
C GLU A 68 -4.44 -2.20 1.98
N LYS A 69 -4.18 -3.27 2.70
CA LYS A 69 -2.88 -3.95 2.60
C LYS A 69 -2.67 -4.48 1.19
N ILE A 70 -3.74 -5.03 0.60
CA ILE A 70 -3.70 -5.38 -0.82
C ILE A 70 -3.60 -4.12 -1.67
N LEU A 71 -4.53 -3.18 -1.46
CA LEU A 71 -4.58 -1.93 -2.23
C LEU A 71 -3.21 -1.27 -2.31
N VAL A 72 -2.53 -1.18 -1.17
CA VAL A 72 -1.25 -0.51 -1.12
C VAL A 72 -0.12 -1.37 -1.70
N ALA A 73 -0.22 -2.69 -1.52
CA ALA A 73 0.79 -3.59 -2.06
C ALA A 73 0.68 -3.66 -3.58
N VAL A 74 -0.53 -3.49 -4.07
CA VAL A 74 -0.80 -3.43 -5.50
C VAL A 74 -0.42 -2.05 -6.05
N GLY A 75 -0.66 -1.05 -5.23
CA GLY A 75 -0.36 0.31 -5.63
C GLY A 75 1.12 0.61 -5.62
N ASN A 76 1.80 0.15 -4.58
CA ASN A 76 3.21 0.44 -4.41
C ASN A 76 4.09 -0.47 -5.25
N ILE A 77 3.82 -0.51 -6.53
CA ILE A 77 4.68 -1.16 -7.49
C ILE A 77 5.45 -0.12 -8.28
N SER A 78 6.64 -0.47 -8.69
CA SER A 78 7.37 0.33 -9.65
C SER A 78 6.75 0.09 -11.02
N GLY A 79 5.78 0.93 -11.32
CA GLY A 79 4.96 0.78 -12.50
C GLY A 79 3.56 1.27 -12.24
N ILE A 80 3.10 1.08 -11.01
CA ILE A 80 1.75 1.40 -10.63
C ILE A 80 1.65 2.74 -9.93
N ALA A 81 0.73 3.58 -10.39
CA ALA A 81 0.56 4.90 -9.84
C ALA A 81 -0.88 5.13 -9.41
N SER A 82 -1.68 4.10 -9.43
CA SER A 82 -3.04 4.22 -8.96
C SER A 82 -3.66 2.86 -8.68
N VAL A 83 -4.67 2.84 -7.81
CA VAL A 83 -5.38 1.62 -7.50
C VAL A 83 -6.88 1.87 -7.41
N ASP A 84 -7.65 1.19 -8.23
CA ASP A 84 -9.10 1.27 -8.15
C ASP A 84 -9.62 0.16 -7.25
N ASP A 85 -10.24 0.53 -6.16
CA ASP A 85 -10.75 -0.45 -5.20
C ASP A 85 -12.12 -1.00 -5.63
N GLN A 86 -12.12 -2.24 -6.05
CA GLN A 86 -13.34 -2.96 -6.44
C GLN A 86 -13.51 -4.21 -5.59
N VAL A 87 -12.79 -4.26 -4.50
CA VAL A 87 -12.80 -5.41 -3.62
C VAL A 87 -13.73 -5.14 -2.42
N LYS A 88 -14.33 -6.19 -1.88
CA LYS A 88 -15.31 -6.04 -0.81
C LYS A 88 -14.76 -6.46 0.53
N THR A 89 -15.57 -6.31 1.54
CA THR A 89 -15.22 -6.68 2.90
C THR A 89 -16.38 -7.42 3.57
N ALA A 90 -16.06 -8.54 4.21
CA ALA A 90 -17.06 -9.33 4.89
C ALA A 90 -17.35 -8.74 6.27
N THR A 91 -16.31 -8.19 6.90
CA THR A 91 -16.45 -7.57 8.20
C THR A 91 -15.84 -6.17 8.21
N PRO A 92 -16.33 -5.34 9.13
CA PRO A 92 -15.82 -4.00 9.37
C PRO A 92 -14.42 -4.03 9.97
N ALA A 93 -13.65 -2.98 9.74
CA ALA A 93 -12.31 -2.89 10.28
C ALA A 93 -11.87 -1.43 10.37
N THR A 94 -10.67 -1.22 10.91
CA THR A 94 -10.14 0.13 11.10
C THR A 94 -9.67 0.71 9.78
N ALA A 95 -10.02 1.95 9.51
CA ALA A 95 -9.67 2.60 8.25
C ALA A 95 -8.41 3.44 8.40
N SER A 96 -7.75 3.73 7.28
CA SER A 96 -6.48 4.43 7.33
C SER A 96 -6.41 5.58 6.34
N GLN A 97 -5.46 6.47 6.60
CA GLN A 97 -5.04 7.49 5.66
C GLN A 97 -3.95 6.89 4.79
N PHE A 98 -3.75 7.47 3.64
CA PHE A 98 -2.71 7.02 2.73
C PHE A 98 -1.74 8.16 2.46
N TYR A 99 -0.52 8.03 2.98
CA TYR A 99 0.48 9.07 2.84
C TYR A 99 1.57 8.64 1.88
N THR A 100 1.84 9.46 0.88
CA THR A 100 2.94 9.19 -0.03
C THR A 100 4.21 9.87 0.48
N VAL A 101 5.25 9.07 0.75
CA VAL A 101 6.48 9.62 1.28
C VAL A 101 7.17 10.50 0.24
N LYS A 102 7.88 11.50 0.72
CA LYS A 102 8.61 12.41 -0.15
C LYS A 102 10.10 12.11 -0.13
N SER A 103 10.87 12.95 -0.79
CA SER A 103 12.31 12.74 -0.90
C SER A 103 12.98 12.83 0.48
N GLY A 104 13.72 11.79 0.83
CA GLY A 104 14.45 11.78 2.08
C GLY A 104 13.58 11.50 3.29
N ASP A 105 12.38 11.00 3.05
CA ASP A 105 11.46 10.70 4.14
C ASP A 105 11.83 9.39 4.82
N THR A 106 11.55 9.32 6.11
CA THR A 106 11.69 8.11 6.89
C THR A 106 10.37 7.82 7.56
N LEU A 107 10.14 6.58 8.00
CA LEU A 107 8.87 6.24 8.62
C LEU A 107 8.57 7.21 9.76
N SER A 108 9.60 7.50 10.55
CA SER A 108 9.48 8.46 11.64
C SER A 108 9.07 9.83 11.12
N ALA A 109 9.79 10.31 10.11
CA ALA A 109 9.52 11.62 9.53
C ALA A 109 8.09 11.74 9.04
N ILE A 110 7.56 10.65 8.48
CA ILE A 110 6.22 10.69 7.92
C ILE A 110 5.18 10.52 9.01
N SER A 111 5.47 9.68 10.01
CA SER A 111 4.61 9.59 11.17
C SER A 111 4.51 10.95 11.85
N LYS A 112 5.63 11.64 11.90
CA LYS A 112 5.70 12.97 12.49
C LYS A 112 4.78 13.95 11.78
N GLN A 113 4.44 13.63 10.55
CA GLN A 113 3.49 14.43 9.77
C GLN A 113 2.08 14.02 10.14
N VAL A 114 1.82 12.78 9.78
CA VAL A 114 0.48 12.22 9.75
C VAL A 114 -0.12 12.05 11.13
N TYR A 115 0.73 11.77 12.11
CA TYR A 115 0.29 11.59 13.48
C TYR A 115 0.65 12.80 14.32
N GLY A 116 1.57 13.61 13.77
CA GLY A 116 2.12 14.72 14.52
C GLY A 116 3.19 14.24 15.48
N ASN A 117 3.44 12.94 15.42
CA ASN A 117 4.38 12.28 16.31
C ASN A 117 5.14 11.21 15.54
N ALA A 118 6.46 11.34 15.54
CA ALA A 118 7.31 10.45 14.74
C ALA A 118 7.35 9.04 15.31
N ASN A 119 7.11 8.92 16.61
CA ASN A 119 7.29 7.64 17.29
C ASN A 119 6.21 6.64 16.90
N LEU A 120 5.17 7.15 16.25
CA LEU A 120 4.05 6.34 15.84
C LEU A 120 4.34 5.71 14.50
N TYR A 121 5.58 5.82 14.09
CA TYR A 121 6.02 5.26 12.82
C TYR A 121 5.86 3.75 12.85
N ASN A 122 5.99 3.17 14.04
CA ASN A 122 5.87 1.74 14.20
C ASN A 122 4.45 1.28 13.90
N LYS A 123 3.47 2.11 14.27
CA LYS A 123 2.07 1.78 14.04
C LYS A 123 1.76 1.86 12.56
N ILE A 124 2.51 2.70 11.86
CA ILE A 124 2.44 2.76 10.42
C ILE A 124 3.09 1.54 9.82
N PHE A 125 4.32 1.23 10.23
CA PHE A 125 5.05 0.10 9.68
C PHE A 125 4.17 -1.13 9.63
N GLU A 126 3.62 -1.51 10.79
CA GLU A 126 2.82 -2.73 10.94
C GLU A 126 1.63 -2.74 9.99
N ALA A 127 1.26 -1.57 9.55
CA ALA A 127 0.12 -1.41 8.70
C ALA A 127 0.55 -1.42 7.25
N ASN A 128 1.78 -1.03 7.03
CA ASN A 128 2.35 -1.05 5.70
C ASN A 128 2.85 -2.45 5.40
N LYS A 129 3.46 -3.06 6.41
CA LYS A 129 3.98 -4.40 6.29
C LYS A 129 2.84 -5.41 6.24
N PRO A 130 3.07 -6.59 5.66
CA PRO A 130 4.39 -7.02 5.22
C PRO A 130 4.78 -6.51 3.82
N MET A 131 4.15 -5.41 3.39
CA MET A 131 4.56 -4.76 2.15
C MET A 131 5.85 -3.98 2.38
N LEU A 132 5.92 -3.27 3.50
CA LEU A 132 7.08 -2.44 3.79
C LEU A 132 8.22 -3.29 4.34
N LYS A 133 9.37 -3.11 3.71
CA LYS A 133 10.59 -3.83 4.06
C LYS A 133 11.09 -3.44 5.44
N SER A 134 11.39 -2.15 5.62
CA SER A 134 11.85 -1.65 6.90
C SER A 134 11.51 -0.17 7.03
N PRO A 135 11.41 0.33 8.25
CA PRO A 135 10.91 1.69 8.54
C PRO A 135 11.67 2.76 7.77
N ASP A 136 12.98 2.71 7.87
CA ASP A 136 13.84 3.72 7.26
C ASP A 136 14.19 3.32 5.83
N LYS A 137 13.59 2.26 5.34
CA LYS A 137 13.84 1.78 4.00
C LYS A 137 12.70 2.13 3.06
N ILE A 138 11.85 3.06 3.48
CA ILE A 138 10.89 3.66 2.56
C ILE A 138 11.60 4.47 1.50
N TYR A 139 10.85 4.91 0.54
CA TYR A 139 11.39 5.62 -0.62
C TYR A 139 10.33 6.52 -1.21
N PRO A 140 10.74 7.68 -1.71
CA PRO A 140 9.85 8.75 -2.16
C PRO A 140 8.78 8.27 -3.13
N GLY A 141 7.58 8.09 -2.61
CA GLY A 141 6.50 7.55 -3.44
C GLY A 141 5.87 6.32 -2.81
N GLN A 142 6.39 5.95 -1.66
CA GLN A 142 5.94 4.77 -0.95
C GLN A 142 4.69 5.09 -0.13
N VAL A 143 3.53 4.92 -0.74
CA VAL A 143 2.29 5.20 -0.03
C VAL A 143 2.19 4.31 1.21
N LEU A 144 2.25 4.95 2.35
CA LEU A 144 2.19 4.26 3.62
C LEU A 144 0.80 4.35 4.20
N ARG A 145 0.26 3.22 4.61
CA ARG A 145 -1.04 3.20 5.25
C ARG A 145 -0.93 3.82 6.62
N ILE A 146 -1.70 4.86 6.84
CA ILE A 146 -1.70 5.57 8.09
C ILE A 146 -3.01 5.30 8.83
N PRO A 147 -3.07 4.24 9.62
CA PRO A 147 -4.30 3.85 10.30
C PRO A 147 -4.73 4.90 11.27
N GLU A 148 -6.00 4.93 11.53
CA GLU A 148 -6.58 5.96 12.36
C GLU A 148 -6.13 5.81 13.78
N GLU A 149 -5.52 6.86 14.30
CA GLU A 149 -5.09 6.89 15.67
C GLU A 149 -6.31 6.92 16.56
N LEU A 150 -6.60 5.79 17.17
CA LEU A 150 -7.72 5.66 18.08
C LEU A 150 -7.44 6.35 19.41
N GLU A 151 -6.91 7.56 19.31
CA GLU A 151 -6.60 8.41 20.45
C GLU A 151 -5.77 7.70 21.50
N HIS A 152 -4.46 7.81 21.35
CA HIS A 152 -3.56 7.18 22.29
C HIS A 152 -3.22 8.16 23.41
N HIS A 153 -4.18 8.39 24.28
CA HIS A 153 -4.03 9.38 25.35
C HIS A 153 -3.05 8.87 26.42
N HIS A 154 -2.83 7.58 26.43
CA HIS A 154 -1.90 6.98 27.38
C HIS A 154 -0.47 7.02 26.82
N HIS A 155 0.09 8.22 26.78
CA HIS A 155 1.45 8.47 26.28
C HIS A 155 1.56 8.27 24.77
N HIS A 156 1.79 9.37 24.07
CA HIS A 156 2.05 9.31 22.63
C HIS A 156 3.53 9.14 22.37
N HIS A 157 4.35 9.80 23.19
CA HIS A 157 5.79 9.83 22.98
C HIS A 157 6.51 9.31 24.22
K K B . 3.75 2.82 -6.58
N MET A 1 -16.80 4.95 -8.23
CA MET A 1 -15.37 4.72 -8.58
C MET A 1 -14.47 5.22 -7.46
N GLY A 2 -14.07 4.31 -6.58
CA GLY A 2 -13.17 4.65 -5.52
C GLY A 2 -11.73 4.49 -5.94
N LEU A 3 -11.17 5.53 -6.53
CA LEU A 3 -9.81 5.46 -7.03
C LEU A 3 -8.84 5.99 -5.98
N PHE A 4 -7.70 5.36 -5.91
CA PHE A 4 -6.66 5.74 -4.97
C PHE A 4 -5.39 6.05 -5.74
N ASN A 5 -4.82 7.22 -5.49
CA ASN A 5 -3.67 7.69 -6.25
C ASN A 5 -2.38 7.23 -5.60
N PHE A 6 -1.48 6.70 -6.41
CA PHE A 6 -0.17 6.25 -5.94
C PHE A 6 0.90 6.92 -6.79
N VAL A 7 2.15 6.83 -6.36
CA VAL A 7 3.24 7.35 -7.17
C VAL A 7 3.57 6.36 -8.26
N LYS A 8 3.65 6.84 -9.48
CA LYS A 8 3.84 5.99 -10.63
C LYS A 8 5.15 5.21 -10.58
N ASP A 9 6.25 5.92 -10.54
CA ASP A 9 7.59 5.33 -10.64
C ASP A 9 8.00 4.63 -9.35
N ALA A 10 7.35 4.99 -8.26
CA ALA A 10 7.76 4.53 -6.95
C ALA A 10 6.95 3.32 -6.52
N GLY A 11 7.65 2.27 -6.15
CA GLY A 11 7.00 1.06 -5.70
C GLY A 11 7.88 -0.14 -5.95
N GLU A 12 7.33 -1.33 -5.77
CA GLU A 12 8.07 -2.55 -6.02
C GLU A 12 8.37 -2.69 -7.50
N LYS A 13 9.60 -3.03 -7.80
CA LYS A 13 10.03 -3.21 -9.18
C LYS A 13 9.76 -4.61 -9.64
N LEU A 14 8.49 -4.88 -9.78
CA LEU A 14 8.02 -6.15 -10.30
C LEU A 14 8.43 -6.32 -11.75
N TRP A 15 8.05 -5.35 -12.57
CA TRP A 15 8.25 -5.47 -14.00
C TRP A 15 9.11 -4.36 -14.58
N ASP A 16 9.29 -3.28 -13.80
CA ASP A 16 10.01 -2.09 -14.30
C ASP A 16 9.20 -1.44 -15.41
N ALA A 17 8.39 -0.46 -15.03
CA ALA A 17 7.49 0.20 -15.98
C ALA A 17 8.26 0.97 -17.03
N VAL A 18 8.60 0.29 -18.10
CA VAL A 18 9.31 0.90 -19.19
C VAL A 18 8.52 0.75 -20.48
N THR A 19 8.45 -0.48 -20.99
CA THR A 19 7.69 -0.77 -22.19
C THR A 19 6.60 -1.79 -21.89
N GLY A 20 6.38 -2.04 -20.60
CA GLY A 20 5.44 -3.05 -20.19
C GLY A 20 6.13 -4.33 -19.85
N GLN A 21 7.20 -4.62 -20.63
CA GLN A 21 8.06 -5.78 -20.42
C GLN A 21 7.39 -7.08 -20.82
N HIS A 22 6.18 -7.30 -20.34
CA HIS A 22 5.39 -8.46 -20.70
C HIS A 22 3.93 -8.04 -20.87
N ASP A 23 3.03 -8.99 -20.96
CA ASP A 23 1.61 -8.67 -21.13
C ASP A 23 1.06 -7.89 -19.94
N LYS A 24 -0.09 -7.27 -20.16
CA LYS A 24 -0.73 -6.46 -19.13
C LYS A 24 -1.17 -7.36 -17.97
N ASP A 25 -1.64 -8.56 -18.31
CA ASP A 25 -2.05 -9.55 -17.32
C ASP A 25 -0.84 -10.03 -16.52
N ASP A 26 0.32 -10.02 -17.17
CA ASP A 26 1.56 -10.39 -16.50
C ASP A 26 1.92 -9.36 -15.45
N GLN A 27 1.74 -8.09 -15.78
CA GLN A 27 1.95 -7.01 -14.84
C GLN A 27 1.05 -7.19 -13.62
N ALA A 28 -0.20 -7.56 -13.87
CA ALA A 28 -1.11 -7.89 -12.79
C ALA A 28 -0.56 -9.06 -11.99
N LYS A 29 -0.20 -10.12 -12.70
CA LYS A 29 0.33 -11.33 -12.10
C LYS A 29 1.50 -11.03 -11.16
N LYS A 30 2.40 -10.14 -11.58
CA LYS A 30 3.53 -9.74 -10.75
C LYS A 30 3.09 -9.16 -9.43
N VAL A 31 1.95 -8.52 -9.42
CA VAL A 31 1.43 -7.95 -8.22
C VAL A 31 0.90 -9.06 -7.31
N GLN A 32 0.24 -10.07 -7.89
CA GLN A 32 -0.15 -11.26 -7.14
C GLN A 32 1.09 -11.94 -6.57
N GLU A 33 2.08 -12.16 -7.43
CA GLU A 33 3.35 -12.72 -6.99
C GLU A 33 3.91 -11.87 -5.87
N HIS A 34 4.02 -10.57 -6.12
CA HIS A 34 4.46 -9.61 -5.15
C HIS A 34 3.77 -9.77 -3.80
N LEU A 35 2.44 -9.77 -3.83
CA LEU A 35 1.64 -9.97 -2.62
C LEU A 35 2.03 -11.25 -1.89
N ASN A 36 2.20 -12.33 -2.63
CA ASN A 36 2.50 -13.62 -2.02
C ASN A 36 3.95 -13.70 -1.55
N LYS A 37 4.84 -13.04 -2.29
CA LYS A 37 6.24 -12.96 -1.93
C LYS A 37 6.40 -12.25 -0.60
N THR A 38 5.82 -11.06 -0.53
CA THR A 38 5.82 -10.28 0.70
C THR A 38 5.09 -11.02 1.82
N GLY A 39 3.98 -11.66 1.44
CA GLY A 39 3.17 -12.37 2.40
C GLY A 39 2.00 -11.55 2.86
N ILE A 40 1.52 -10.67 1.99
CA ILE A 40 0.41 -9.79 2.30
C ILE A 40 -0.83 -10.61 2.67
N PRO A 41 -1.39 -10.38 3.86
CA PRO A 41 -2.59 -11.08 4.29
C PRO A 41 -3.82 -10.69 3.49
N ASP A 42 -4.61 -11.71 3.19
CA ASP A 42 -5.83 -11.55 2.39
C ASP A 42 -5.52 -11.10 0.97
N ALA A 43 -4.29 -11.29 0.52
CA ALA A 43 -3.90 -10.90 -0.83
C ALA A 43 -4.44 -11.88 -1.84
N ASP A 44 -4.67 -13.10 -1.38
CA ASP A 44 -5.21 -14.15 -2.22
C ASP A 44 -6.73 -14.04 -2.29
N LYS A 45 -7.29 -13.19 -1.44
CA LYS A 45 -8.72 -13.02 -1.38
C LYS A 45 -9.15 -12.02 -2.43
N VAL A 46 -8.17 -11.48 -3.11
CA VAL A 46 -8.40 -10.42 -4.07
C VAL A 46 -7.83 -10.77 -5.44
N ASN A 47 -8.03 -9.86 -6.36
CA ASN A 47 -7.69 -10.01 -7.76
C ASN A 47 -7.17 -8.70 -8.31
N ILE A 48 -5.97 -8.72 -8.88
CA ILE A 48 -5.36 -7.52 -9.43
C ILE A 48 -5.47 -7.46 -10.94
N GLN A 49 -5.69 -6.26 -11.44
CA GLN A 49 -5.62 -5.95 -12.85
C GLN A 49 -4.77 -4.73 -13.06
N ILE A 50 -4.33 -4.52 -14.28
CA ILE A 50 -3.48 -3.39 -14.58
C ILE A 50 -3.95 -2.65 -15.80
N ALA A 51 -4.00 -1.34 -15.67
CA ALA A 51 -4.34 -0.48 -16.77
C ALA A 51 -3.19 0.44 -17.08
N ASP A 52 -2.00 -0.16 -17.22
CA ASP A 52 -0.76 0.57 -17.51
C ASP A 52 -0.27 1.33 -16.28
N GLY A 53 -1.11 2.21 -15.74
CA GLY A 53 -0.77 2.93 -14.55
C GLY A 53 -1.72 2.63 -13.41
N LYS A 54 -2.93 2.26 -13.73
CA LYS A 54 -3.92 2.00 -12.71
C LYS A 54 -4.13 0.52 -12.53
N ALA A 55 -3.74 0.00 -11.39
CA ALA A 55 -4.02 -1.37 -11.05
C ALA A 55 -5.43 -1.45 -10.48
N THR A 56 -6.26 -2.28 -11.06
CA THR A 56 -7.61 -2.42 -10.52
C THR A 56 -7.66 -3.60 -9.58
N VAL A 57 -8.08 -3.34 -8.37
CA VAL A 57 -8.22 -4.36 -7.39
C VAL A 57 -9.67 -4.81 -7.33
N THR A 58 -9.90 -6.09 -7.30
CA THR A 58 -11.25 -6.60 -7.19
C THR A 58 -11.27 -7.87 -6.38
N GLY A 59 -12.40 -8.18 -5.81
CA GLY A 59 -12.51 -9.38 -4.99
C GLY A 59 -13.61 -9.26 -3.97
N ASP A 60 -13.67 -10.20 -3.05
CA ASP A 60 -14.71 -10.23 -2.03
C ASP A 60 -14.28 -10.99 -0.81
N GLY A 61 -14.84 -10.56 0.31
CA GLY A 61 -14.67 -11.29 1.54
C GLY A 61 -13.58 -10.73 2.42
N LEU A 62 -13.04 -9.59 2.04
CA LEU A 62 -11.97 -8.97 2.80
C LEU A 62 -12.50 -8.09 3.92
N SER A 63 -11.60 -7.40 4.56
CA SER A 63 -11.93 -6.48 5.62
C SER A 63 -11.45 -5.09 5.25
N GLN A 64 -11.99 -4.08 5.90
CA GLN A 64 -11.64 -2.68 5.61
C GLN A 64 -10.12 -2.46 5.61
N GLU A 65 -9.44 -2.88 6.66
CA GLU A 65 -7.99 -2.69 6.74
C GLU A 65 -7.26 -3.59 5.76
N ALA A 66 -7.74 -4.82 5.63
CA ALA A 66 -7.18 -5.78 4.69
C ALA A 66 -7.25 -5.25 3.27
N LYS A 67 -8.38 -4.65 2.93
CA LYS A 67 -8.58 -4.09 1.61
C LYS A 67 -7.50 -3.06 1.31
N GLU A 68 -7.19 -2.22 2.28
CA GLU A 68 -6.16 -1.21 2.13
C GLU A 68 -4.79 -1.86 2.07
N LYS A 69 -4.63 -2.97 2.79
CA LYS A 69 -3.38 -3.73 2.76
C LYS A 69 -3.11 -4.19 1.34
N ILE A 70 -4.14 -4.71 0.70
CA ILE A 70 -4.08 -5.04 -0.71
C ILE A 70 -3.88 -3.77 -1.55
N LEU A 71 -4.74 -2.76 -1.35
CA LEU A 71 -4.64 -1.50 -2.11
C LEU A 71 -3.20 -0.96 -2.11
N VAL A 72 -2.55 -0.98 -0.95
CA VAL A 72 -1.22 -0.42 -0.83
C VAL A 72 -0.17 -1.34 -1.48
N ALA A 73 -0.31 -2.66 -1.32
CA ALA A 73 0.66 -3.58 -1.86
C ALA A 73 0.52 -3.67 -3.38
N VAL A 74 -0.70 -3.51 -3.85
CA VAL A 74 -1.03 -3.49 -5.27
C VAL A 74 -0.75 -2.12 -5.85
N GLY A 75 -0.88 -1.11 -5.01
CA GLY A 75 -0.62 0.24 -5.42
C GLY A 75 0.85 0.58 -5.44
N ASN A 76 1.58 0.13 -4.42
CA ASN A 76 2.99 0.42 -4.29
C ASN A 76 3.84 -0.44 -5.23
N ILE A 77 3.53 -0.33 -6.51
CA ILE A 77 4.32 -0.96 -7.55
C ILE A 77 5.02 0.12 -8.36
N SER A 78 6.20 -0.18 -8.85
CA SER A 78 6.89 0.71 -9.76
C SER A 78 6.28 0.55 -11.14
N GLY A 79 5.24 1.30 -11.39
CA GLY A 79 4.45 1.14 -12.59
C GLY A 79 2.98 1.40 -12.30
N ILE A 80 2.65 1.41 -11.03
CA ILE A 80 1.29 1.64 -10.62
C ILE A 80 1.14 3.02 -10.00
N ALA A 81 0.37 3.85 -10.67
CA ALA A 81 0.14 5.21 -10.26
C ALA A 81 -1.20 5.36 -9.57
N SER A 82 -2.02 4.33 -9.60
CA SER A 82 -3.30 4.37 -8.97
C SER A 82 -3.90 2.96 -8.83
N VAL A 83 -4.82 2.79 -7.90
CA VAL A 83 -5.52 1.54 -7.71
C VAL A 83 -7.02 1.78 -7.67
N ASP A 84 -7.75 1.08 -8.53
CA ASP A 84 -9.19 1.24 -8.60
C ASP A 84 -9.85 0.21 -7.70
N ASP A 85 -10.31 0.66 -6.54
CA ASP A 85 -10.85 -0.26 -5.54
C ASP A 85 -12.19 -0.85 -5.97
N GLN A 86 -12.14 -2.12 -6.34
CA GLN A 86 -13.34 -2.87 -6.71
C GLN A 86 -13.43 -4.15 -5.91
N VAL A 87 -12.72 -4.19 -4.80
CA VAL A 87 -12.74 -5.34 -3.92
C VAL A 87 -13.68 -5.09 -2.73
N LYS A 88 -14.48 -6.09 -2.42
CA LYS A 88 -15.51 -5.93 -1.39
C LYS A 88 -14.97 -6.29 -0.02
N THR A 89 -15.80 -6.04 0.96
CA THR A 89 -15.46 -6.31 2.33
C THR A 89 -16.59 -7.04 3.03
N ALA A 90 -16.26 -8.18 3.63
CA ALA A 90 -17.23 -8.99 4.35
C ALA A 90 -17.43 -8.43 5.75
N THR A 91 -16.34 -7.96 6.34
CA THR A 91 -16.37 -7.45 7.70
C THR A 91 -15.79 -6.03 7.78
N PRO A 92 -16.26 -5.25 8.76
CA PRO A 92 -15.81 -3.87 8.98
C PRO A 92 -14.53 -3.83 9.82
N ALA A 93 -13.76 -2.77 9.66
CA ALA A 93 -12.50 -2.62 10.37
C ALA A 93 -12.08 -1.17 10.42
N THR A 94 -10.83 -0.94 10.78
CA THR A 94 -10.28 0.40 10.83
C THR A 94 -9.72 0.80 9.47
N ALA A 95 -9.95 2.03 9.09
CA ALA A 95 -9.48 2.56 7.82
C ALA A 95 -8.23 3.38 8.03
N SER A 96 -7.42 3.50 6.99
CA SER A 96 -6.15 4.17 7.11
C SER A 96 -6.00 5.29 6.07
N GLN A 97 -5.18 6.26 6.43
CA GLN A 97 -4.78 7.30 5.51
C GLN A 97 -3.64 6.78 4.65
N PHE A 98 -3.51 7.32 3.48
CA PHE A 98 -2.45 6.91 2.57
C PHE A 98 -1.46 8.05 2.36
N TYR A 99 -0.24 7.84 2.82
CA TYR A 99 0.80 8.85 2.72
C TYR A 99 1.96 8.36 1.87
N THR A 100 2.18 9.00 0.74
CA THR A 100 3.33 8.71 -0.10
C THR A 100 4.55 9.43 0.45
N VAL A 101 5.57 8.66 0.84
CA VAL A 101 6.79 9.24 1.37
C VAL A 101 7.53 10.00 0.27
N LYS A 102 8.35 10.95 0.69
CA LYS A 102 9.17 11.71 -0.25
C LYS A 102 10.63 11.27 -0.16
N SER A 103 11.47 11.86 -0.99
CA SER A 103 12.88 11.53 -1.01
C SER A 103 13.57 12.09 0.22
N GLY A 104 14.11 11.20 1.03
CA GLY A 104 14.75 11.63 2.26
C GLY A 104 13.88 11.37 3.46
N ASP A 105 12.67 10.88 3.22
CA ASP A 105 11.74 10.57 4.30
C ASP A 105 12.17 9.33 5.06
N THR A 106 11.69 9.24 6.28
CA THR A 106 11.90 8.10 7.15
C THR A 106 10.60 7.79 7.87
N LEU A 107 10.43 6.58 8.38
CA LEU A 107 9.16 6.19 9.00
C LEU A 107 8.77 7.22 10.07
N SER A 108 9.75 7.66 10.84
CA SER A 108 9.52 8.68 11.86
C SER A 108 9.06 9.98 11.23
N ALA A 109 9.79 10.42 10.20
CA ALA A 109 9.49 11.67 9.51
C ALA A 109 8.08 11.67 8.94
N ILE A 110 7.66 10.54 8.38
CA ILE A 110 6.36 10.45 7.76
C ILE A 110 5.28 10.33 8.84
N SER A 111 5.54 9.59 9.93
CA SER A 111 4.63 9.53 11.05
C SER A 111 4.43 10.91 11.67
N LYS A 112 5.51 11.69 11.68
CA LYS A 112 5.49 13.05 12.18
C LYS A 112 4.45 13.89 11.45
N GLN A 113 4.25 13.56 10.18
CA GLN A 113 3.31 14.28 9.33
C GLN A 113 1.89 13.81 9.61
N VAL A 114 1.74 12.53 9.41
CA VAL A 114 0.47 11.87 9.33
C VAL A 114 -0.21 11.74 10.70
N TYR A 115 0.59 11.59 11.73
CA TYR A 115 0.07 11.45 13.07
C TYR A 115 0.29 12.72 13.88
N GLY A 116 1.27 13.51 13.44
CA GLY A 116 1.68 14.66 14.20
C GLY A 116 2.73 14.28 15.22
N ASN A 117 3.10 13.01 15.20
CA ASN A 117 4.04 12.46 16.16
C ASN A 117 4.85 11.35 15.50
N ALA A 118 6.17 11.49 15.54
CA ALA A 118 7.07 10.55 14.87
C ALA A 118 7.21 9.26 15.66
N ASN A 119 6.85 9.32 16.93
CA ASN A 119 6.95 8.16 17.81
C ASN A 119 5.94 7.08 17.42
N LEU A 120 5.08 7.41 16.46
CA LEU A 120 4.04 6.50 16.03
C LEU A 120 4.45 5.82 14.74
N TYR A 121 5.73 5.95 14.42
CA TYR A 121 6.30 5.41 13.19
C TYR A 121 6.13 3.89 13.15
N ASN A 122 6.14 3.27 14.32
CA ASN A 122 6.05 1.83 14.41
C ASN A 122 4.68 1.35 13.95
N LYS A 123 3.64 2.10 14.27
CA LYS A 123 2.29 1.74 13.88
C LYS A 123 2.20 1.58 12.38
N ILE A 124 2.72 2.59 11.69
CA ILE A 124 2.70 2.61 10.24
C ILE A 124 3.58 1.49 9.69
N PHE A 125 4.76 1.33 10.28
CA PHE A 125 5.67 0.27 9.90
C PHE A 125 4.96 -1.09 9.92
N GLU A 126 4.36 -1.41 11.06
CA GLU A 126 3.72 -2.71 11.27
C GLU A 126 2.41 -2.82 10.49
N ALA A 127 1.97 -1.70 9.96
CA ALA A 127 0.70 -1.60 9.26
C ALA A 127 0.89 -1.84 7.78
N ASN A 128 2.10 -1.55 7.35
CA ASN A 128 2.49 -1.74 5.97
C ASN A 128 3.28 -3.01 5.81
N LYS A 129 3.15 -3.88 6.79
CA LYS A 129 3.77 -5.19 6.74
C LYS A 129 2.92 -6.14 5.90
N PRO A 130 3.53 -7.21 5.39
CA PRO A 130 4.97 -7.43 5.47
C PRO A 130 5.73 -6.88 4.26
N MET A 131 5.14 -5.95 3.51
CA MET A 131 5.83 -5.40 2.35
C MET A 131 6.83 -4.35 2.80
N LEU A 132 6.52 -3.67 3.89
CA LEU A 132 7.46 -2.76 4.51
C LEU A 132 8.45 -3.57 5.32
N LYS A 133 9.72 -3.43 4.98
CA LYS A 133 10.76 -4.19 5.62
C LYS A 133 11.16 -3.58 6.94
N SER A 134 11.50 -2.31 6.93
CA SER A 134 11.94 -1.61 8.12
C SER A 134 11.69 -0.11 7.98
N PRO A 135 11.65 0.60 9.11
CA PRO A 135 11.33 2.03 9.16
C PRO A 135 12.19 2.86 8.22
N ASP A 136 13.50 2.68 8.31
CA ASP A 136 14.45 3.42 7.49
C ASP A 136 14.54 2.83 6.09
N LYS A 137 13.82 1.73 5.90
CA LYS A 137 13.86 1.02 4.63
C LYS A 137 12.65 1.34 3.75
N ILE A 138 11.96 2.43 4.06
CA ILE A 138 10.98 2.97 3.13
C ILE A 138 11.70 3.49 1.91
N TYR A 139 10.94 3.86 0.91
CA TYR A 139 11.51 4.38 -0.32
C TYR A 139 10.71 5.55 -0.83
N PRO A 140 11.40 6.56 -1.36
CA PRO A 140 10.79 7.80 -1.83
C PRO A 140 9.65 7.55 -2.79
N GLY A 141 8.45 7.71 -2.28
CA GLY A 141 7.27 7.34 -3.03
C GLY A 141 6.66 6.07 -2.49
N GLN A 142 6.65 5.93 -1.19
CA GLN A 142 6.01 4.77 -0.60
C GLN A 142 4.76 5.19 0.14
N VAL A 143 3.63 5.12 -0.53
CA VAL A 143 2.38 5.46 0.11
C VAL A 143 2.01 4.39 1.12
N LEU A 144 2.18 4.77 2.38
CA LEU A 144 2.01 3.86 3.48
C LEU A 144 0.63 3.97 4.08
N ARG A 145 0.16 2.87 4.63
CA ARG A 145 -1.09 2.84 5.36
C ARG A 145 -0.89 3.53 6.68
N ILE A 146 -1.60 4.63 6.86
CA ILE A 146 -1.59 5.37 8.09
C ILE A 146 -2.87 5.09 8.86
N PRO A 147 -2.89 4.02 9.67
CA PRO A 147 -4.10 3.59 10.36
C PRO A 147 -4.68 4.68 11.22
N GLU A 148 -5.98 4.70 11.31
CA GLU A 148 -6.67 5.71 12.07
C GLU A 148 -6.41 5.50 13.55
N GLU A 149 -5.72 6.45 14.14
CA GLU A 149 -5.32 6.35 15.52
C GLU A 149 -6.35 6.99 16.43
N LEU A 150 -7.19 6.16 17.03
CA LEU A 150 -8.22 6.63 17.95
C LEU A 150 -7.69 6.65 19.37
N GLU A 151 -7.64 7.85 19.95
CA GLU A 151 -7.24 8.04 21.34
C GLU A 151 -5.89 7.43 21.64
N HIS A 152 -4.84 8.04 21.12
CA HIS A 152 -3.49 7.55 21.32
C HIS A 152 -2.48 8.53 20.73
N HIS A 153 -2.85 9.80 20.68
CA HIS A 153 -1.97 10.83 20.17
C HIS A 153 -1.16 11.43 21.32
N HIS A 154 -0.46 10.57 22.04
CA HIS A 154 0.35 11.00 23.17
C HIS A 154 1.73 10.39 23.07
N HIS A 155 2.63 10.82 23.97
CA HIS A 155 3.98 10.30 24.05
C HIS A 155 4.76 10.61 22.78
N HIS A 156 5.32 11.79 22.73
CA HIS A 156 6.09 12.25 21.59
C HIS A 156 7.52 12.56 22.02
N HIS A 157 8.09 11.67 22.83
CA HIS A 157 9.47 11.81 23.28
C HIS A 157 10.26 10.55 22.94
K K B . 3.16 3.02 -6.64
#